data_6Y8W
#
_entry.id   6Y8W
#
_entity_poly.entity_id   1
_entity_poly.type   'polypeptide(L)'
_entity_poly.pdbx_seq_one_letter_code
;GPGSMCMAKVVLTKADGGRVEIGDVLEVRAEGGAVRVTTLFDEEHAFPGLAIGRVDLRSGVISLIEEQNR
;
_entity_poly.pdbx_strand_id   A,B
#
# COMPACT_ATOMS: atom_id res chain seq x y z
N GLY A 1 -20.40 -8.21 0.89
CA GLY A 1 -19.17 -8.16 1.72
C GLY A 1 -19.51 -8.09 3.21
N PRO A 2 -18.66 -7.43 4.02
CA PRO A 2 -18.88 -7.22 5.47
C PRO A 2 -20.17 -6.43 5.80
N GLY A 3 -20.64 -6.54 7.04
CA GLY A 3 -21.87 -5.90 7.55
C GLY A 3 -21.82 -4.37 7.66
N SER A 4 -20.64 -3.76 7.53
CA SER A 4 -20.41 -2.31 7.58
C SER A 4 -19.20 -1.93 6.69
N MET A 5 -18.80 -0.64 6.68
CA MET A 5 -17.67 -0.14 5.89
C MET A 5 -16.86 0.92 6.64
N CYS A 6 -15.53 0.83 6.50
CA CYS A 6 -14.52 1.71 7.09
C CYS A 6 -13.34 1.90 6.11
N MET A 7 -12.58 3.00 6.29
CA MET A 7 -11.28 3.19 5.64
C MET A 7 -10.21 2.24 6.22
N ALA A 8 -9.03 2.19 5.59
CA ALA A 8 -7.91 1.36 6.02
C ALA A 8 -7.29 1.82 7.35
N LYS A 9 -6.38 0.98 7.88
CA LYS A 9 -5.51 1.27 9.05
C LYS A 9 -4.06 0.90 8.77
N VAL A 10 -3.13 1.67 9.32
CA VAL A 10 -1.67 1.44 9.23
C VAL A 10 -1.14 0.84 10.53
N VAL A 11 -0.14 -0.06 10.44
CA VAL A 11 0.62 -0.62 11.57
C VAL A 11 2.12 -0.66 11.26
N LEU A 12 2.95 -0.37 12.26
CA LEU A 12 4.42 -0.30 12.15
C LEU A 12 5.14 -0.63 13.47
N THR A 13 6.43 -0.99 13.36
CA THR A 13 7.36 -1.17 14.49
C THR A 13 8.47 -0.10 14.43
N LYS A 14 8.75 0.55 15.56
CA LYS A 14 9.79 1.58 15.72
C LYS A 14 11.19 0.96 15.92
N ALA A 15 12.23 1.77 15.71
CA ALA A 15 13.61 1.44 16.11
C ALA A 15 13.76 1.28 17.65
N ASP A 16 12.83 1.82 18.43
CA ASP A 16 12.70 1.63 19.89
C ASP A 16 12.23 0.21 20.29
N GLY A 17 11.78 -0.60 19.32
CA GLY A 17 11.16 -1.92 19.53
C GLY A 17 9.67 -1.89 19.89
N GLY A 18 9.11 -0.70 20.18
CA GLY A 18 7.67 -0.48 20.37
C GLY A 18 6.90 -0.42 19.05
N ARG A 19 5.57 -0.45 19.11
CA ARG A 19 4.66 -0.45 17.94
C ARG A 19 3.64 0.70 17.97
N VAL A 20 3.21 1.12 16.78
CA VAL A 20 2.26 2.23 16.53
C VAL A 20 1.21 1.81 15.50
N GLU A 21 -0.03 2.25 15.69
CA GLU A 21 -1.16 2.04 14.77
C GLU A 21 -1.89 3.36 14.47
N ILE A 22 -2.35 3.53 13.23
CA ILE A 22 -3.08 4.73 12.76
C ILE A 22 -4.36 4.31 12.04
N GLY A 23 -5.52 4.64 12.61
CA GLY A 23 -6.84 4.33 12.05
C GLY A 23 -7.39 5.42 11.13
N ASP A 24 -8.39 5.06 10.32
CA ASP A 24 -9.17 5.96 9.45
C ASP A 24 -8.32 6.80 8.47
N VAL A 25 -7.29 6.17 7.87
CA VAL A 25 -6.38 6.83 6.94
C VAL A 25 -7.04 7.10 5.57
N LEU A 26 -6.82 8.30 5.03
CA LEU A 26 -7.24 8.69 3.68
C LEU A 26 -6.16 8.40 2.63
N GLU A 27 -4.88 8.41 3.02
CA GLU A 27 -3.76 8.11 2.12
C GLU A 27 -2.49 7.69 2.90
N VAL A 28 -1.66 6.85 2.26
CA VAL A 28 -0.32 6.44 2.72
C VAL A 28 0.66 6.51 1.53
N ARG A 29 1.88 7.02 1.74
CA ARG A 29 2.93 7.17 0.70
C ARG A 29 4.31 6.75 1.21
N ALA A 30 5.08 6.02 0.41
CA ALA A 30 6.52 5.81 0.63
C ALA A 30 7.30 6.89 -0.13
N GLU A 31 8.09 7.71 0.56
CA GLU A 31 8.73 8.90 0.00
C GLU A 31 9.97 9.33 0.82
N GLY A 32 11.11 9.60 0.15
CA GLY A 32 12.30 10.21 0.78
C GLY A 32 12.99 9.39 1.87
N GLY A 33 12.86 8.06 1.83
CA GLY A 33 13.36 7.15 2.88
C GLY A 33 12.46 7.07 4.13
N ALA A 34 11.20 7.46 3.99
CA ALA A 34 10.19 7.47 5.05
C ALA A 34 8.81 7.01 4.52
N VAL A 35 7.88 6.73 5.43
CA VAL A 35 6.43 6.63 5.11
C VAL A 35 5.66 7.82 5.68
N ARG A 36 4.88 8.48 4.83
CA ARG A 36 3.88 9.49 5.20
C ARG A 36 2.47 8.88 5.21
N VAL A 37 1.59 9.35 6.09
CA VAL A 37 0.19 8.90 6.15
C VAL A 37 -0.72 9.98 6.72
N THR A 38 -1.91 10.14 6.12
CA THR A 38 -2.86 11.25 6.39
C THR A 38 -4.24 10.71 6.75
N THR A 39 -4.97 11.39 7.64
CA THR A 39 -6.25 10.92 8.22
C THR A 39 -7.41 11.90 7.99
N LEU A 40 -8.66 11.44 8.19
CA LEU A 40 -9.85 12.30 8.18
C LEU A 40 -9.95 13.29 9.38
N PHE A 41 -9.03 13.22 10.35
CA PHE A 41 -8.89 14.20 11.43
C PHE A 41 -8.12 15.47 10.99
N ASP A 42 -7.78 15.58 9.70
CA ASP A 42 -6.86 16.56 9.11
C ASP A 42 -5.42 16.48 9.67
N GLU A 43 -5.08 15.39 10.38
CA GLU A 43 -3.74 15.11 10.88
C GLU A 43 -2.90 14.33 9.87
N GLU A 44 -1.59 14.58 9.84
CA GLU A 44 -0.62 13.87 9.00
C GLU A 44 0.61 13.45 9.82
N HIS A 45 1.02 12.19 9.66
CA HIS A 45 2.14 11.54 10.34
C HIS A 45 3.28 11.23 9.36
N ALA A 46 4.51 11.14 9.87
CA ALA A 46 5.70 10.73 9.13
C ALA A 46 6.60 9.80 9.97
N PHE A 47 7.08 8.72 9.34
CA PHE A 47 7.84 7.65 9.97
C PHE A 47 9.11 7.33 9.16
N PRO A 48 10.26 7.96 9.48
CA PRO A 48 11.51 7.75 8.76
C PRO A 48 12.10 6.34 8.98
N GLY A 49 12.77 5.83 7.95
CA GLY A 49 13.38 4.49 7.94
C GLY A 49 12.43 3.35 7.57
N LEU A 50 11.20 3.67 7.16
CA LEU A 50 10.17 2.69 6.74
C LEU A 50 9.90 2.72 5.23
N ALA A 51 9.26 1.66 4.75
CA ALA A 51 8.57 1.53 3.45
C ALA A 51 7.26 0.74 3.60
N ILE A 52 6.33 0.86 2.65
CA ILE A 52 5.08 0.08 2.61
C ILE A 52 5.42 -1.37 2.22
N GLY A 53 5.17 -2.34 3.13
CA GLY A 53 5.52 -3.74 2.93
C GLY A 53 4.37 -4.62 2.42
N ARG A 54 3.14 -4.39 2.91
CA ARG A 54 1.96 -5.22 2.62
C ARG A 54 0.66 -4.41 2.72
N VAL A 55 -0.31 -4.74 1.88
CA VAL A 55 -1.67 -4.18 1.86
C VAL A 55 -2.66 -5.34 1.73
N ASP A 56 -3.44 -5.60 2.78
CA ASP A 56 -4.39 -6.73 2.87
C ASP A 56 -5.84 -6.23 2.85
N LEU A 57 -6.43 -6.14 1.65
CA LEU A 57 -7.76 -5.56 1.40
C LEU A 57 -8.92 -6.40 1.97
N ARG A 58 -8.65 -7.65 2.39
CA ARG A 58 -9.61 -8.51 3.10
C ARG A 58 -10.03 -7.91 4.46
N SER A 59 -9.14 -7.13 5.08
CA SER A 59 -9.32 -6.50 6.40
C SER A 59 -9.00 -4.99 6.42
N GLY A 60 -8.45 -4.43 5.34
CA GLY A 60 -8.05 -3.02 5.24
C GLY A 60 -6.75 -2.67 6.00
N VAL A 61 -5.86 -3.64 6.21
CA VAL A 61 -4.61 -3.46 6.97
C VAL A 61 -3.43 -3.14 6.04
N ILE A 62 -2.72 -2.04 6.35
CA ILE A 62 -1.48 -1.62 5.70
C ILE A 62 -0.31 -1.84 6.68
N SER A 63 0.58 -2.78 6.37
CA SER A 63 1.76 -3.08 7.21
C SER A 63 3.01 -2.43 6.64
N LEU A 64 3.69 -1.61 7.45
CA LEU A 64 4.99 -1.01 7.12
C LEU A 64 6.14 -1.90 7.60
N ILE A 65 7.28 -1.81 6.90
CA ILE A 65 8.52 -2.55 7.19
C ILE A 65 9.72 -1.60 7.17
N GLU A 66 10.76 -1.92 7.93
CA GLU A 66 12.01 -1.15 7.96
C GLU A 66 12.79 -1.31 6.65
N GLU A 67 13.18 -0.19 6.02
CA GLU A 67 13.94 -0.19 4.75
C GLU A 67 15.43 -0.53 4.95
N GLN A 68 15.95 -0.34 6.17
CA GLN A 68 17.24 -0.87 6.63
C GLN A 68 17.07 -2.12 7.50
N ASN A 69 18.06 -3.03 7.48
CA ASN A 69 18.09 -4.27 8.29
C ASN A 69 19.33 -4.36 9.21
N ARG A 70 20.12 -3.27 9.30
CA ARG A 70 21.35 -3.16 10.12
C ARG A 70 21.05 -3.06 11.62
N GLY B 1 -25.00 -2.67 6.13
CA GLY B 1 -25.93 -3.12 5.08
C GLY B 1 -27.26 -2.37 5.20
N PRO B 2 -27.55 -1.37 4.33
CA PRO B 2 -26.72 -0.87 3.21
C PRO B 2 -25.33 -0.34 3.60
N GLY B 3 -24.42 -0.27 2.63
CA GLY B 3 -23.00 0.00 2.84
C GLY B 3 -22.19 -1.25 3.23
N SER B 4 -21.07 -1.47 2.55
CA SER B 4 -20.18 -2.63 2.72
C SER B 4 -18.78 -2.33 2.12
N MET B 5 -17.73 -2.97 2.63
CA MET B 5 -16.36 -2.82 2.12
C MET B 5 -16.19 -3.38 0.69
N CYS B 6 -15.20 -2.85 -0.05
CA CYS B 6 -14.88 -3.24 -1.43
C CYS B 6 -13.36 -3.18 -1.69
N MET B 7 -12.86 -4.04 -2.59
CA MET B 7 -11.45 -4.19 -2.93
C MET B 7 -10.84 -2.96 -3.64
N ALA B 8 -9.51 -2.79 -3.49
CA ALA B 8 -8.70 -1.80 -4.20
C ALA B 8 -8.41 -2.21 -5.66
N LYS B 9 -7.66 -1.35 -6.38
CA LYS B 9 -7.07 -1.64 -7.70
C LYS B 9 -5.63 -1.12 -7.80
N VAL B 10 -4.76 -1.86 -8.49
CA VAL B 10 -3.33 -1.54 -8.68
C VAL B 10 -3.08 -0.91 -10.05
N VAL B 11 -2.13 0.02 -10.15
CA VAL B 11 -1.58 0.55 -11.41
C VAL B 11 -0.05 0.60 -11.39
N LEU B 12 0.59 0.33 -12.54
CA LEU B 12 2.05 0.38 -12.75
C LEU B 12 2.41 0.79 -14.18
N THR B 13 3.62 1.35 -14.35
CA THR B 13 4.18 1.74 -15.66
C THR B 13 5.34 0.82 -16.05
N LYS B 14 5.33 0.32 -17.30
CA LYS B 14 6.36 -0.55 -17.90
C LYS B 14 7.58 0.24 -18.40
N ALA B 15 8.70 -0.44 -18.61
CA ALA B 15 9.91 0.14 -19.24
C ALA B 15 9.69 0.61 -20.69
N ASP B 16 8.69 0.06 -21.38
CA ASP B 16 8.24 0.50 -22.72
C ASP B 16 7.45 1.83 -22.72
N GLY B 17 7.11 2.37 -21.55
CA GLY B 17 6.27 3.56 -21.38
C GLY B 17 4.75 3.30 -21.38
N GLY B 18 4.32 2.07 -21.66
CA GLY B 18 2.93 1.62 -21.49
C GLY B 18 2.57 1.38 -20.02
N ARG B 19 1.27 1.19 -19.72
CA ARG B 19 0.75 1.00 -18.37
C ARG B 19 -0.13 -0.25 -18.24
N VAL B 20 -0.19 -0.79 -17.03
CA VAL B 20 -0.91 -2.03 -16.67
C VAL B 20 -1.69 -1.79 -15.37
N GLU B 21 -2.89 -2.35 -15.28
CA GLU B 21 -3.76 -2.29 -14.10
C GLU B 21 -4.25 -3.69 -13.68
N ILE B 22 -4.49 -3.86 -12.37
CA ILE B 22 -5.07 -5.07 -11.78
C ILE B 22 -6.24 -4.67 -10.89
N GLY B 23 -7.46 -5.04 -11.29
CA GLY B 23 -8.71 -4.67 -10.59
C GLY B 23 -9.11 -5.65 -9.47
N ASP B 24 -9.87 -5.14 -8.49
CA ASP B 24 -10.53 -5.91 -7.42
C ASP B 24 -9.56 -6.84 -6.64
N VAL B 25 -8.41 -6.30 -6.23
CA VAL B 25 -7.35 -7.05 -5.55
C VAL B 25 -7.69 -7.36 -4.09
N LEU B 26 -7.45 -8.60 -3.66
CA LEU B 26 -7.55 -9.04 -2.26
C LEU B 26 -6.31 -8.66 -1.45
N GLU B 27 -5.13 -8.62 -2.08
CA GLU B 27 -3.85 -8.39 -1.41
C GLU B 27 -2.74 -7.92 -2.37
N VAL B 28 -1.83 -7.08 -1.87
CA VAL B 28 -0.60 -6.64 -2.54
C VAL B 28 0.58 -6.72 -1.55
N ARG B 29 1.75 -7.19 -2.01
CA ARG B 29 2.97 -7.45 -1.22
C ARG B 29 4.19 -6.87 -1.92
N ALA B 30 5.12 -6.29 -1.16
CA ALA B 30 6.46 -5.90 -1.63
C ALA B 30 7.55 -6.76 -0.96
N GLU B 31 8.56 -7.16 -1.73
CA GLU B 31 9.72 -7.94 -1.27
C GLU B 31 11.07 -7.26 -1.58
N GLY B 32 11.02 -5.94 -1.83
CA GLY B 32 12.15 -5.08 -2.17
C GLY B 32 12.58 -5.21 -3.64
N GLY B 33 12.89 -6.44 -4.09
CA GLY B 33 13.25 -6.76 -5.47
C GLY B 33 12.05 -6.90 -6.43
N ALA B 34 10.82 -6.99 -5.91
CA ALA B 34 9.59 -7.14 -6.69
C ALA B 34 8.33 -6.75 -5.89
N VAL B 35 7.21 -6.56 -6.62
CA VAL B 35 5.84 -6.56 -6.08
C VAL B 35 5.07 -7.79 -6.55
N ARG B 36 4.18 -8.31 -5.69
CA ARG B 36 3.23 -9.42 -5.98
C ARG B 36 1.81 -9.02 -5.56
N VAL B 37 0.80 -9.52 -6.25
CA VAL B 37 -0.61 -9.12 -6.03
C VAL B 37 -1.61 -10.21 -6.43
N THR B 38 -2.68 -10.36 -5.65
CA THR B 38 -3.70 -11.42 -5.80
C THR B 38 -5.10 -10.85 -5.97
N THR B 39 -5.88 -11.41 -6.90
CA THR B 39 -7.26 -11.01 -7.24
C THR B 39 -8.33 -11.93 -6.62
N LEU B 40 -9.59 -11.49 -6.65
CA LEU B 40 -10.77 -12.29 -6.26
C LEU B 40 -11.03 -13.50 -7.18
N PHE B 41 -10.39 -13.57 -8.35
CA PHE B 41 -10.47 -14.71 -9.29
C PHE B 41 -9.58 -15.91 -8.89
N ASP B 42 -8.90 -15.83 -7.73
CA ASP B 42 -7.81 -16.74 -7.30
C ASP B 42 -6.60 -16.74 -8.27
N GLU B 43 -6.44 -15.66 -9.04
CA GLU B 43 -5.30 -15.40 -9.93
C GLU B 43 -4.29 -14.46 -9.26
N GLU B 44 -3.00 -14.78 -9.37
CA GLU B 44 -1.89 -14.03 -8.77
C GLU B 44 -0.88 -13.56 -9.83
N HIS B 45 -0.28 -12.39 -9.58
CA HIS B 45 0.63 -11.67 -10.49
C HIS B 45 1.93 -11.29 -9.77
N ALA B 46 3.00 -11.10 -10.54
CA ALA B 46 4.32 -10.68 -10.04
C ALA B 46 5.02 -9.70 -11.01
N PHE B 47 5.69 -8.68 -10.45
CA PHE B 47 6.30 -7.57 -11.16
C PHE B 47 7.68 -7.22 -10.57
N PRO B 48 8.78 -7.80 -11.08
CA PRO B 48 10.14 -7.49 -10.65
C PRO B 48 10.55 -6.03 -10.89
N GLY B 49 11.42 -5.53 -10.00
CA GLY B 49 11.98 -4.18 -10.03
C GLY B 49 11.05 -3.09 -9.48
N LEU B 50 9.86 -3.44 -8.99
CA LEU B 50 8.90 -2.51 -8.37
C LEU B 50 8.89 -2.59 -6.85
N ALA B 51 8.32 -1.56 -6.23
CA ALA B 51 7.90 -1.44 -4.83
C ALA B 51 6.58 -0.66 -4.74
N ILE B 52 5.82 -0.82 -3.65
CA ILE B 52 4.56 -0.08 -3.42
C ILE B 52 4.88 1.40 -3.14
N GLY B 53 4.38 2.30 -3.99
CA GLY B 53 4.63 3.74 -3.91
C GLY B 53 3.62 4.49 -3.04
N ARG B 54 2.32 4.23 -3.25
CA ARG B 54 1.22 4.86 -2.50
C ARG B 54 -0.05 4.00 -2.44
N VAL B 55 -0.89 4.30 -1.46
CA VAL B 55 -2.25 3.75 -1.28
C VAL B 55 -3.19 4.94 -1.02
N ASP B 56 -4.07 5.26 -1.97
CA ASP B 56 -5.05 6.33 -1.87
C ASP B 56 -6.46 5.79 -1.55
N LEU B 57 -6.88 5.87 -0.29
CA LEU B 57 -8.17 5.35 0.19
C LEU B 57 -9.38 6.21 -0.21
N ARG B 58 -9.15 7.44 -0.72
CA ARG B 58 -10.19 8.30 -1.30
C ARG B 58 -10.76 7.75 -2.61
N SER B 59 -9.97 6.96 -3.35
CA SER B 59 -10.31 6.39 -4.67
C SER B 59 -10.14 4.86 -4.77
N GLY B 60 -9.42 4.24 -3.83
CA GLY B 60 -9.08 2.81 -3.84
C GLY B 60 -7.90 2.46 -4.75
N VAL B 61 -7.10 3.45 -5.18
CA VAL B 61 -5.94 3.23 -6.07
C VAL B 61 -4.66 2.96 -5.27
N ILE B 62 -4.02 1.82 -5.54
CA ILE B 62 -2.64 1.49 -5.18
C ILE B 62 -1.76 1.79 -6.40
N SER B 63 -0.64 2.49 -6.21
CA SER B 63 0.30 2.80 -7.30
C SER B 63 1.69 2.28 -6.99
N LEU B 64 2.32 1.61 -7.96
CA LEU B 64 3.66 1.05 -7.85
C LEU B 64 4.72 1.96 -8.50
N ILE B 65 5.94 1.92 -7.96
CA ILE B 65 7.12 2.69 -8.41
C ILE B 65 8.35 1.80 -8.53
N GLU B 66 9.36 2.23 -9.28
CA GLU B 66 10.62 1.46 -9.42
C GLU B 66 11.44 1.49 -8.12
N GLU B 67 11.95 0.34 -7.69
CA GLU B 67 12.65 0.17 -6.40
C GLU B 67 14.08 0.77 -6.36
N GLN B 68 14.72 0.92 -7.53
CA GLN B 68 15.93 1.73 -7.75
C GLN B 68 15.61 2.96 -8.60
N ASN B 69 16.30 4.07 -8.36
CA ASN B 69 16.14 5.36 -9.10
C ASN B 69 17.49 5.83 -9.70
N ARG B 70 18.33 4.87 -10.10
CA ARG B 70 19.74 5.05 -10.55
C ARG B 70 20.16 4.02 -11.60
N GLY A 1 -18.05 -6.53 19.07
CA GLY A 1 -17.42 -6.68 17.75
C GLY A 1 -17.02 -5.34 17.14
N PRO A 2 -16.04 -5.32 16.21
CA PRO A 2 -15.49 -4.09 15.62
C PRO A 2 -16.40 -3.42 14.58
N GLY A 3 -17.43 -4.12 14.07
CA GLY A 3 -18.31 -3.62 12.99
C GLY A 3 -17.65 -3.61 11.61
N SER A 4 -18.29 -2.95 10.64
CA SER A 4 -17.82 -2.86 9.25
C SER A 4 -16.54 -2.02 9.13
N MET A 5 -15.61 -2.46 8.27
CA MET A 5 -14.38 -1.71 7.93
C MET A 5 -14.67 -0.46 7.09
N CYS A 6 -13.76 0.51 7.15
CA CYS A 6 -13.77 1.73 6.32
C CYS A 6 -12.33 2.21 6.07
N MET A 7 -12.03 2.68 4.86
CA MET A 7 -10.70 3.07 4.38
C MET A 7 -9.64 1.99 4.69
N ALA A 8 -8.59 2.31 5.44
CA ALA A 8 -7.57 1.35 5.92
C ALA A 8 -7.08 1.66 7.34
N LYS A 9 -6.33 0.72 7.91
CA LYS A 9 -5.59 0.83 9.18
C LYS A 9 -4.12 0.45 8.98
N VAL A 10 -3.23 1.29 9.52
CA VAL A 10 -1.76 1.19 9.38
C VAL A 10 -1.14 0.55 10.63
N VAL A 11 -0.10 -0.26 10.42
CA VAL A 11 0.79 -0.79 11.47
C VAL A 11 2.27 -0.73 11.04
N LEU A 12 3.16 -0.40 11.98
CA LEU A 12 4.59 -0.22 11.76
C LEU A 12 5.43 -0.43 13.03
N THR A 13 6.75 -0.50 12.86
CA THR A 13 7.74 -0.44 13.94
C THR A 13 8.71 0.72 13.69
N LYS A 14 8.88 1.60 14.69
CA LYS A 14 9.78 2.76 14.62
C LYS A 14 11.27 2.38 14.70
N ALA A 15 12.16 3.31 14.36
CA ALA A 15 13.61 3.16 14.50
C ALA A 15 14.07 2.96 15.97
N ASP A 16 13.29 3.42 16.96
CA ASP A 16 13.52 3.19 18.40
C ASP A 16 13.05 1.80 18.90
N GLY A 17 12.47 0.99 18.02
CA GLY A 17 11.99 -0.39 18.30
C GLY A 17 10.55 -0.48 18.83
N GLY A 18 9.87 0.64 19.11
CA GLY A 18 8.46 0.68 19.53
C GLY A 18 7.49 0.56 18.34
N ARG A 19 6.43 -0.23 18.47
CA ARG A 19 5.37 -0.36 17.45
C ARG A 19 4.32 0.75 17.54
N VAL A 20 3.69 1.07 16.41
CA VAL A 20 2.62 2.08 16.28
C VAL A 20 1.49 1.54 15.39
N GLU A 21 0.24 1.83 15.75
CA GLU A 21 -0.98 1.45 15.02
C GLU A 21 -1.92 2.65 14.88
N ILE A 22 -2.49 2.87 13.69
CA ILE A 22 -3.31 4.05 13.33
C ILE A 22 -4.55 3.61 12.53
N GLY A 23 -5.75 3.96 13.01
CA GLY A 23 -7.03 3.69 12.33
C GLY A 23 -7.54 4.88 11.49
N ASP A 24 -8.58 4.62 10.68
CA ASP A 24 -9.26 5.62 9.82
C ASP A 24 -8.33 6.40 8.88
N VAL A 25 -7.33 5.70 8.32
CA VAL A 25 -6.30 6.25 7.44
C VAL A 25 -6.88 6.51 6.04
N LEU A 26 -6.94 7.78 5.66
CA LEU A 26 -7.51 8.28 4.41
C LEU A 26 -6.50 8.23 3.24
N GLU A 27 -5.20 8.33 3.51
CA GLU A 27 -4.11 8.21 2.52
C GLU A 27 -2.74 7.86 3.16
N VAL A 28 -1.89 7.12 2.44
CA VAL A 28 -0.49 6.86 2.79
C VAL A 28 0.44 7.09 1.60
N ARG A 29 1.69 7.55 1.83
CA ARG A 29 2.74 7.74 0.81
C ARG A 29 4.13 7.38 1.34
N ALA A 30 4.90 6.59 0.61
CA ALA A 30 6.35 6.51 0.75
C ALA A 30 7.04 7.65 -0.04
N GLU A 31 8.18 8.14 0.44
CA GLU A 31 8.93 9.27 -0.14
C GLU A 31 10.44 9.04 -0.27
N GLY A 32 10.82 7.79 -0.56
CA GLY A 32 12.20 7.40 -0.91
C GLY A 32 13.18 7.38 0.27
N GLY A 33 12.68 7.05 1.46
CA GLY A 33 13.45 7.02 2.72
C GLY A 33 12.60 7.16 3.99
N ALA A 34 11.32 7.48 3.85
CA ALA A 34 10.33 7.59 4.93
C ALA A 34 8.91 7.26 4.41
N VAL A 35 7.98 6.99 5.33
CA VAL A 35 6.52 6.92 5.04
C VAL A 35 5.76 7.99 5.81
N ARG A 36 4.73 8.58 5.18
CA ARG A 36 3.78 9.54 5.76
C ARG A 36 2.36 9.01 5.62
N VAL A 37 1.53 9.22 6.65
CA VAL A 37 0.14 8.73 6.71
C VAL A 37 -0.81 9.79 7.26
N THR A 38 -2.00 9.90 6.68
CA THR A 38 -2.99 10.94 7.00
C THR A 38 -4.36 10.31 7.28
N THR A 39 -5.00 10.71 8.37
CA THR A 39 -6.38 10.30 8.73
C THR A 39 -7.40 11.36 8.31
N LEU A 40 -8.68 10.99 8.20
CA LEU A 40 -9.76 11.94 7.90
C LEU A 40 -10.07 12.97 9.00
N PHE A 41 -9.41 12.87 10.16
CA PHE A 41 -9.45 13.87 11.24
C PHE A 41 -8.52 15.08 11.01
N ASP A 42 -7.88 15.16 9.83
CA ASP A 42 -6.79 16.09 9.48
C ASP A 42 -5.50 15.91 10.30
N GLU A 43 -5.40 14.83 11.09
CA GLU A 43 -4.16 14.42 11.78
C GLU A 43 -3.25 13.65 10.81
N GLU A 44 -1.96 13.99 10.80
CA GLU A 44 -0.93 13.42 9.92
C GLU A 44 0.32 13.04 10.73
N HIS A 45 0.98 11.95 10.30
CA HIS A 45 2.19 11.39 10.94
C HIS A 45 3.26 11.07 9.88
N ALA A 46 4.53 11.05 10.32
CA ALA A 46 5.69 10.75 9.48
C ALA A 46 6.69 9.84 10.23
N PHE A 47 7.24 8.85 9.52
CA PHE A 47 8.09 7.80 10.08
C PHE A 47 9.30 7.52 9.16
N PRO A 48 10.48 8.09 9.46
CA PRO A 48 11.72 7.84 8.73
C PRO A 48 12.20 6.38 8.81
N GLY A 49 12.88 5.94 7.75
CA GLY A 49 13.51 4.61 7.65
C GLY A 49 12.58 3.49 7.17
N LEU A 50 11.37 3.81 6.74
CA LEU A 50 10.34 2.88 6.31
C LEU A 50 9.95 3.05 4.84
N ALA A 51 9.31 2.01 4.30
CA ALA A 51 8.59 1.95 3.02
C ALA A 51 7.34 1.06 3.18
N ILE A 52 6.33 1.21 2.31
CA ILE A 52 5.11 0.38 2.35
C ILE A 52 5.46 -1.04 1.88
N GLY A 53 5.16 -2.06 2.71
CA GLY A 53 5.53 -3.45 2.48
C GLY A 53 4.37 -4.35 2.02
N ARG A 54 3.16 -4.16 2.57
CA ARG A 54 1.99 -5.02 2.32
C ARG A 54 0.68 -4.26 2.47
N VAL A 55 -0.30 -4.60 1.64
CA VAL A 55 -1.67 -4.07 1.66
C VAL A 55 -2.66 -5.22 1.47
N ASP A 56 -3.60 -5.42 2.41
CA ASP A 56 -4.53 -6.55 2.42
C ASP A 56 -5.98 -6.08 2.64
N LEU A 57 -6.73 -6.01 1.53
CA LEU A 57 -8.07 -5.42 1.46
C LEU A 57 -9.16 -6.32 2.09
N ARG A 58 -8.84 -7.58 2.40
CA ARG A 58 -9.73 -8.51 3.12
C ARG A 58 -10.01 -8.05 4.56
N SER A 59 -9.11 -7.26 5.14
CA SER A 59 -9.20 -6.68 6.50
C SER A 59 -8.86 -5.18 6.55
N GLY A 60 -8.55 -4.56 5.41
CA GLY A 60 -8.16 -3.13 5.30
C GLY A 60 -6.79 -2.80 5.90
N VAL A 61 -5.87 -3.78 6.01
CA VAL A 61 -4.56 -3.60 6.67
C VAL A 61 -3.51 -3.05 5.71
N ILE A 62 -2.75 -2.07 6.16
CA ILE A 62 -1.51 -1.55 5.56
C ILE A 62 -0.36 -1.80 6.53
N SER A 63 0.75 -2.36 6.04
CA SER A 63 1.93 -2.72 6.86
C SER A 63 3.21 -2.16 6.25
N LEU A 64 4.01 -1.47 7.07
CA LEU A 64 5.28 -0.86 6.67
C LEU A 64 6.46 -1.78 7.03
N ILE A 65 7.54 -1.67 6.25
CA ILE A 65 8.82 -2.40 6.41
C ILE A 65 10.00 -1.44 6.35
N GLU A 66 11.17 -1.83 6.89
CA GLU A 66 12.39 -1.01 6.83
C GLU A 66 12.91 -0.89 5.39
N GLU A 67 13.26 0.33 4.98
CA GLU A 67 13.58 0.66 3.56
C GLU A 67 14.95 0.16 3.07
N GLN A 68 15.84 -0.25 3.99
CA GLN A 68 17.08 -1.00 3.73
C GLN A 68 17.25 -2.13 4.75
N ASN A 69 17.70 -3.30 4.27
CA ASN A 69 17.85 -4.54 5.07
C ASN A 69 19.21 -5.26 4.83
N ARG A 70 20.11 -4.62 4.07
CA ARG A 70 21.47 -5.10 3.74
C ARG A 70 22.45 -5.06 4.93
N GLY B 1 -21.49 -5.81 -3.71
CA GLY B 1 -20.39 -6.22 -2.80
C GLY B 1 -20.91 -6.49 -1.38
N PRO B 2 -20.01 -6.82 -0.43
CA PRO B 2 -20.37 -7.19 0.94
C PRO B 2 -21.06 -6.07 1.77
N GLY B 3 -20.78 -4.81 1.45
CA GLY B 3 -21.31 -3.64 2.16
C GLY B 3 -20.77 -2.32 1.57
N SER B 4 -20.47 -1.35 2.45
CA SER B 4 -19.82 -0.07 2.07
C SER B 4 -18.38 -0.26 1.56
N MET B 5 -17.67 -1.28 2.08
CA MET B 5 -16.31 -1.65 1.65
C MET B 5 -16.26 -2.23 0.22
N CYS B 6 -15.06 -2.19 -0.39
CA CYS B 6 -14.78 -2.72 -1.72
C CYS B 6 -13.28 -3.06 -1.90
N MET B 7 -12.96 -3.88 -2.91
CA MET B 7 -11.58 -4.21 -3.30
C MET B 7 -10.89 -3.05 -4.02
N ALA B 8 -9.57 -2.96 -3.87
CA ALA B 8 -8.71 -1.96 -4.50
C ALA B 8 -8.46 -2.24 -6.01
N LYS B 9 -7.83 -1.26 -6.67
CA LYS B 9 -7.15 -1.44 -7.96
C LYS B 9 -5.68 -1.02 -7.88
N VAL B 10 -4.80 -1.76 -8.53
CA VAL B 10 -3.35 -1.50 -8.62
C VAL B 10 -3.02 -0.81 -9.94
N VAL B 11 -2.08 0.16 -9.92
CA VAL B 11 -1.47 0.77 -11.11
C VAL B 11 0.06 0.70 -11.05
N LEU B 12 0.70 0.40 -12.18
CA LEU B 12 2.16 0.21 -12.31
C LEU B 12 2.70 0.60 -13.70
N THR B 13 4.02 0.85 -13.76
CA THR B 13 4.76 1.09 -14.99
C THR B 13 5.69 -0.10 -15.28
N LYS B 14 5.66 -0.62 -16.51
CA LYS B 14 6.52 -1.71 -17.01
C LYS B 14 7.94 -1.23 -17.32
N ALA B 15 8.88 -2.18 -17.44
CA ALA B 15 10.25 -1.93 -17.92
C ALA B 15 10.31 -1.35 -19.36
N ASP B 16 9.27 -1.62 -20.17
CA ASP B 16 9.07 -1.06 -21.52
C ASP B 16 8.56 0.41 -21.51
N GLY B 17 8.26 0.98 -20.34
CA GLY B 17 7.74 2.35 -20.16
C GLY B 17 6.21 2.51 -20.33
N GLY B 18 5.50 1.45 -20.75
CA GLY B 18 4.03 1.41 -20.77
C GLY B 18 3.44 1.20 -19.37
N ARG B 19 2.14 1.48 -19.19
CA ARG B 19 1.43 1.35 -17.91
C ARG B 19 0.29 0.35 -17.95
N VAL B 20 -0.01 -0.23 -16.78
CA VAL B 20 -0.99 -1.31 -16.58
C VAL B 20 -1.84 -1.01 -15.34
N GLU B 21 -3.14 -1.34 -15.40
CA GLU B 21 -4.07 -1.28 -14.27
C GLU B 21 -4.74 -2.66 -14.03
N ILE B 22 -4.95 -3.00 -12.75
CA ILE B 22 -5.46 -4.31 -12.30
C ILE B 22 -6.55 -4.06 -11.25
N GLY B 23 -7.82 -4.30 -11.59
CA GLY B 23 -8.96 -4.16 -10.67
C GLY B 23 -9.16 -5.40 -9.77
N ASP B 24 -10.17 -5.33 -8.88
CA ASP B 24 -10.67 -6.48 -8.08
C ASP B 24 -9.59 -7.15 -7.19
N VAL B 25 -8.64 -6.36 -6.70
CA VAL B 25 -7.48 -6.81 -5.91
C VAL B 25 -7.84 -7.09 -4.44
N LEU B 26 -7.54 -8.31 -3.98
CA LEU B 26 -7.62 -8.71 -2.56
C LEU B 26 -6.36 -8.32 -1.77
N GLU B 27 -5.17 -8.44 -2.37
CA GLU B 27 -3.91 -8.28 -1.64
C GLU B 27 -2.74 -7.88 -2.55
N VAL B 28 -1.79 -7.11 -1.99
CA VAL B 28 -0.54 -6.70 -2.61
C VAL B 28 0.63 -6.87 -1.62
N ARG B 29 1.77 -7.40 -2.09
CA ARG B 29 2.98 -7.66 -1.27
C ARG B 29 4.25 -7.24 -2.02
N ALA B 30 5.06 -6.38 -1.41
CA ALA B 30 6.44 -6.10 -1.85
C ALA B 30 7.43 -7.02 -1.12
N GLU B 31 8.28 -7.73 -1.86
CA GLU B 31 9.27 -8.67 -1.29
C GLU B 31 10.45 -8.94 -2.24
N GLY B 32 11.65 -9.17 -1.68
CA GLY B 32 12.89 -9.46 -2.42
C GLY B 32 13.40 -8.29 -3.28
N GLY B 33 12.79 -8.11 -4.44
CA GLY B 33 13.02 -7.04 -5.41
C GLY B 33 11.84 -6.82 -6.36
N ALA B 34 10.62 -7.20 -5.93
CA ALA B 34 9.41 -7.26 -6.74
C ALA B 34 8.15 -6.91 -5.95
N VAL B 35 7.06 -6.64 -6.67
CA VAL B 35 5.70 -6.60 -6.11
C VAL B 35 4.83 -7.70 -6.72
N ARG B 36 4.03 -8.37 -5.86
CA ARG B 36 3.04 -9.40 -6.23
C ARG B 36 1.62 -8.94 -5.86
N VAL B 37 0.63 -9.41 -6.61
CA VAL B 37 -0.80 -9.05 -6.48
C VAL B 37 -1.69 -10.29 -6.54
N THR B 38 -2.76 -10.33 -5.75
CA THR B 38 -3.79 -11.37 -5.78
C THR B 38 -5.18 -10.76 -6.00
N THR B 39 -5.96 -11.32 -6.92
CA THR B 39 -7.34 -10.89 -7.24
C THR B 39 -8.41 -11.80 -6.65
N LEU B 40 -9.67 -11.33 -6.60
CA LEU B 40 -10.82 -12.14 -6.12
C LEU B 40 -11.14 -13.37 -6.99
N PHE B 41 -10.60 -13.44 -8.22
CA PHE B 41 -10.67 -14.61 -9.11
C PHE B 41 -9.69 -15.74 -8.73
N ASP B 42 -8.93 -15.56 -7.64
CA ASP B 42 -7.80 -16.40 -7.22
C ASP B 42 -6.63 -16.45 -8.23
N GLU B 43 -6.59 -15.48 -9.15
CA GLU B 43 -5.46 -15.24 -10.07
C GLU B 43 -4.38 -14.39 -9.40
N GLU B 44 -3.12 -14.68 -9.71
CA GLU B 44 -1.94 -14.00 -9.14
C GLU B 44 -1.05 -13.39 -10.23
N HIS B 45 -0.40 -12.27 -9.89
CA HIS B 45 0.51 -11.52 -10.78
C HIS B 45 1.80 -11.14 -10.07
N ALA B 46 2.88 -10.95 -10.82
CA ALA B 46 4.22 -10.58 -10.31
C ALA B 46 4.92 -9.56 -11.22
N PHE B 47 5.58 -8.57 -10.61
CA PHE B 47 6.19 -7.41 -11.27
C PHE B 47 7.56 -7.08 -10.64
N PRO B 48 8.68 -7.64 -11.16
CA PRO B 48 10.02 -7.36 -10.65
C PRO B 48 10.48 -5.93 -10.97
N GLY B 49 11.32 -5.38 -10.08
CA GLY B 49 11.87 -4.01 -10.16
C GLY B 49 10.97 -2.93 -9.54
N LEU B 50 9.86 -3.31 -8.91
CA LEU B 50 8.90 -2.41 -8.27
C LEU B 50 8.90 -2.49 -6.74
N ALA B 51 8.33 -1.46 -6.12
CA ALA B 51 7.93 -1.35 -4.71
C ALA B 51 6.60 -0.56 -4.61
N ILE B 52 5.86 -0.72 -3.51
CA ILE B 52 4.60 0.02 -3.28
C ILE B 52 4.94 1.49 -2.94
N GLY B 53 4.42 2.44 -3.72
CA GLY B 53 4.71 3.87 -3.61
C GLY B 53 3.70 4.66 -2.76
N ARG B 54 2.41 4.45 -2.97
CA ARG B 54 1.32 5.09 -2.19
C ARG B 54 0.00 4.30 -2.25
N VAL B 55 -0.93 4.61 -1.33
CA VAL B 55 -2.32 4.12 -1.37
C VAL B 55 -3.29 5.27 -1.08
N ASP B 56 -4.21 5.53 -2.01
CA ASP B 56 -5.23 6.57 -1.91
C ASP B 56 -6.57 5.96 -1.51
N LEU B 57 -6.85 5.83 -0.19
CA LEU B 57 -8.12 5.26 0.31
C LEU B 57 -9.33 6.15 0.01
N ARG B 58 -9.11 7.40 -0.44
CA ARG B 58 -10.10 8.29 -1.06
C ARG B 58 -10.74 7.71 -2.34
N SER B 59 -10.05 6.80 -3.03
CA SER B 59 -10.44 6.23 -4.34
C SER B 59 -10.25 4.71 -4.45
N GLY B 60 -9.48 4.09 -3.56
CA GLY B 60 -9.13 2.66 -3.59
C GLY B 60 -7.97 2.32 -4.53
N VAL B 61 -7.11 3.28 -4.85
CA VAL B 61 -5.96 3.12 -5.76
C VAL B 61 -4.68 2.80 -4.97
N ILE B 62 -4.06 1.65 -5.29
CA ILE B 62 -2.69 1.29 -4.90
C ILE B 62 -1.76 1.63 -6.05
N SER B 63 -0.69 2.38 -5.79
CA SER B 63 0.26 2.84 -6.81
C SER B 63 1.66 2.26 -6.57
N LEU B 64 2.23 1.60 -7.58
CA LEU B 64 3.57 1.00 -7.57
C LEU B 64 4.57 1.90 -8.32
N ILE B 65 5.81 1.93 -7.84
CA ILE B 65 6.95 2.72 -8.35
C ILE B 65 8.21 1.86 -8.45
N GLU B 66 9.20 2.29 -9.23
CA GLU B 66 10.46 1.57 -9.39
C GLU B 66 11.28 1.54 -8.08
N GLU B 67 11.76 0.37 -7.68
CA GLU B 67 12.50 0.17 -6.40
C GLU B 67 13.90 0.80 -6.37
N GLN B 68 14.41 1.21 -7.54
CA GLN B 68 15.53 2.15 -7.72
C GLN B 68 15.14 3.19 -8.78
N ASN B 69 15.43 4.47 -8.53
CA ASN B 69 15.00 5.59 -9.38
C ASN B 69 15.94 5.90 -10.57
N ARG B 70 16.98 5.09 -10.79
CA ARG B 70 18.00 5.22 -11.85
C ARG B 70 18.52 3.86 -12.35
N GLY A 1 -27.27 8.23 0.45
CA GLY A 1 -26.38 7.97 -0.70
C GLY A 1 -25.63 6.64 -0.53
N PRO A 2 -24.35 6.56 -0.96
CA PRO A 2 -23.54 5.34 -0.85
C PRO A 2 -23.21 4.98 0.60
N GLY A 3 -22.97 3.69 0.86
CA GLY A 3 -22.57 3.16 2.17
C GLY A 3 -21.05 3.21 2.44
N SER A 4 -20.24 3.31 1.37
CA SER A 4 -18.77 3.27 1.36
C SER A 4 -18.15 1.93 1.83
N MET A 5 -16.92 1.66 1.37
CA MET A 5 -16.07 0.59 1.91
C MET A 5 -15.37 0.95 3.23
N CYS A 6 -15.45 2.23 3.60
CA CYS A 6 -14.79 2.89 4.75
C CYS A 6 -13.25 2.86 4.71
N MET A 7 -12.62 3.72 5.52
CA MET A 7 -11.17 3.86 5.60
C MET A 7 -10.47 2.62 6.19
N ALA A 8 -9.22 2.40 5.76
CA ALA A 8 -8.31 1.39 6.32
C ALA A 8 -7.66 1.86 7.65
N LYS A 9 -6.69 1.08 8.14
CA LYS A 9 -5.70 1.52 9.14
C LYS A 9 -4.27 1.20 8.70
N VAL A 10 -3.29 1.94 9.20
CA VAL A 10 -1.85 1.67 9.02
C VAL A 10 -1.27 1.00 10.28
N VAL A 11 -0.30 0.11 10.12
CA VAL A 11 0.50 -0.47 11.22
C VAL A 11 2.00 -0.48 10.88
N LEU A 12 2.85 -0.21 11.87
CA LEU A 12 4.32 -0.18 11.74
C LEU A 12 5.03 -0.68 13.00
N THR A 13 6.27 -1.16 12.84
CA THR A 13 7.14 -1.63 13.94
C THR A 13 8.31 -0.68 14.14
N LYS A 14 8.56 -0.27 15.39
CA LYS A 14 9.65 0.62 15.81
C LYS A 14 10.98 -0.13 15.95
N ALA A 15 12.10 0.60 15.98
CA ALA A 15 13.43 0.06 16.25
C ALA A 15 13.57 -0.55 17.67
N ASP A 16 12.72 -0.14 18.61
CA ASP A 16 12.60 -0.72 19.96
C ASP A 16 11.86 -2.08 19.99
N GLY A 17 11.31 -2.54 18.86
CA GLY A 17 10.52 -3.78 18.73
C GLY A 17 9.03 -3.63 19.09
N GLY A 18 8.62 -2.47 19.62
CA GLY A 18 7.21 -2.11 19.84
C GLY A 18 6.49 -1.73 18.54
N ARG A 19 5.16 -1.60 18.57
CA ARG A 19 4.32 -1.33 17.39
C ARG A 19 3.38 -0.14 17.59
N VAL A 20 3.03 0.50 16.48
CA VAL A 20 2.18 1.71 16.38
C VAL A 20 1.11 1.50 15.29
N GLU A 21 -0.11 1.98 15.53
CA GLU A 21 -1.25 1.90 14.61
C GLU A 21 -1.90 3.28 14.38
N ILE A 22 -2.43 3.50 13.17
CA ILE A 22 -3.08 4.75 12.76
C ILE A 22 -4.43 4.42 12.10
N GLY A 23 -5.53 4.59 12.83
CA GLY A 23 -6.89 4.28 12.37
C GLY A 23 -7.47 5.32 11.42
N ASP A 24 -8.45 4.89 10.62
CA ASP A 24 -9.27 5.72 9.71
C ASP A 24 -8.43 6.59 8.74
N VAL A 25 -7.42 5.98 8.12
CA VAL A 25 -6.48 6.63 7.20
C VAL A 25 -7.12 6.95 5.83
N LEU A 26 -6.87 8.16 5.32
CA LEU A 26 -7.31 8.60 4.00
C LEU A 26 -6.27 8.31 2.90
N GLU A 27 -4.98 8.49 3.19
CA GLU A 27 -3.91 8.37 2.19
C GLU A 27 -2.57 8.00 2.82
N VAL A 28 -1.75 7.23 2.10
CA VAL A 28 -0.39 6.81 2.47
C VAL A 28 0.55 6.95 1.28
N ARG A 29 1.78 7.45 1.50
CA ARG A 29 2.82 7.66 0.47
C ARG A 29 4.18 7.16 0.94
N ALA A 30 4.93 6.49 0.08
CA ALA A 30 6.28 6.00 0.33
C ALA A 30 7.26 6.52 -0.74
N GLU A 31 8.29 7.25 -0.31
CA GLU A 31 9.27 7.90 -1.17
C GLU A 31 10.60 8.15 -0.43
N GLY A 32 11.74 7.98 -1.10
CA GLY A 32 13.06 8.30 -0.55
C GLY A 32 13.45 7.53 0.73
N GLY A 33 12.82 6.38 1.00
CA GLY A 33 12.98 5.60 2.24
C GLY A 33 12.23 6.18 3.46
N ALA A 34 11.16 6.95 3.24
CA ALA A 34 10.28 7.47 4.30
C ALA A 34 8.79 7.37 3.92
N VAL A 35 7.94 7.06 4.89
CA VAL A 35 6.48 6.94 4.70
C VAL A 35 5.73 8.12 5.34
N ARG A 36 4.74 8.66 4.63
CA ARG A 36 3.81 9.72 5.06
C ARG A 36 2.38 9.19 5.12
N VAL A 37 1.56 9.74 6.02
CA VAL A 37 0.18 9.28 6.31
C VAL A 37 -0.75 10.49 6.52
N THR A 38 -2.00 10.42 6.04
CA THR A 38 -3.03 11.47 6.20
C THR A 38 -4.34 10.86 6.73
N THR A 39 -5.00 11.48 7.71
CA THR A 39 -6.21 10.96 8.37
C THR A 39 -7.40 11.92 8.33
N LEU A 40 -8.60 11.42 8.66
CA LEU A 40 -9.87 12.17 8.63
C LEU A 40 -9.95 13.38 9.59
N PHE A 41 -9.03 13.49 10.55
CA PHE A 41 -8.92 14.64 11.46
C PHE A 41 -8.21 15.86 10.84
N ASP A 42 -7.89 15.81 9.54
CA ASP A 42 -7.01 16.75 8.82
C ASP A 42 -5.58 16.81 9.38
N GLU A 43 -5.14 15.71 10.02
CA GLU A 43 -3.78 15.51 10.53
C GLU A 43 -2.89 14.76 9.52
N GLU A 44 -1.58 15.02 9.62
CA GLU A 44 -0.53 14.39 8.80
C GLU A 44 0.62 13.89 9.67
N HIS A 45 1.22 12.76 9.26
CA HIS A 45 2.26 12.01 9.99
C HIS A 45 3.37 11.56 9.05
N ALA A 46 4.59 11.39 9.55
CA ALA A 46 5.75 10.98 8.77
C ALA A 46 6.73 10.09 9.58
N PHE A 47 7.30 9.08 8.91
CA PHE A 47 8.10 8.00 9.49
C PHE A 47 9.29 7.64 8.58
N PRO A 48 10.48 8.21 8.82
CA PRO A 48 11.72 7.84 8.12
C PRO A 48 12.15 6.39 8.40
N GLY A 49 12.85 5.79 7.42
CA GLY A 49 13.40 4.43 7.49
C GLY A 49 12.41 3.31 7.12
N LEU A 50 11.24 3.66 6.59
CA LEU A 50 10.17 2.73 6.24
C LEU A 50 9.80 2.76 4.74
N ALA A 51 9.13 1.69 4.31
CA ALA A 51 8.41 1.55 3.04
C ALA A 51 7.15 0.70 3.25
N ILE A 52 6.14 0.80 2.36
CA ILE A 52 4.93 -0.02 2.43
C ILE A 52 5.28 -1.47 2.07
N GLY A 53 5.11 -2.39 3.02
CA GLY A 53 5.43 -3.82 2.88
C GLY A 53 4.27 -4.65 2.31
N ARG A 54 3.01 -4.33 2.66
CA ARG A 54 1.81 -4.90 2.04
C ARG A 54 0.58 -4.02 2.25
N VAL A 55 -0.44 -4.23 1.42
CA VAL A 55 -1.82 -3.75 1.67
C VAL A 55 -2.79 -4.93 1.50
N ASP A 56 -3.59 -5.20 2.54
CA ASP A 56 -4.52 -6.31 2.61
C ASP A 56 -5.96 -5.79 2.72
N LEU A 57 -6.72 -5.94 1.64
CA LEU A 57 -8.07 -5.42 1.49
C LEU A 57 -9.14 -6.32 2.13
N ARG A 58 -8.78 -7.56 2.50
CA ARG A 58 -9.66 -8.51 3.22
C ARG A 58 -9.85 -8.07 4.67
N SER A 59 -8.78 -7.60 5.31
CA SER A 59 -8.77 -7.05 6.68
C SER A 59 -8.87 -5.51 6.74
N GLY A 60 -8.50 -4.82 5.66
CA GLY A 60 -8.47 -3.35 5.59
C GLY A 60 -7.23 -2.75 6.26
N VAL A 61 -6.05 -3.35 6.07
CA VAL A 61 -4.79 -2.98 6.76
C VAL A 61 -3.65 -2.69 5.77
N ILE A 62 -2.99 -1.55 5.97
CA ILE A 62 -1.71 -1.16 5.34
C ILE A 62 -0.59 -1.48 6.35
N SER A 63 0.44 -2.20 5.93
CA SER A 63 1.56 -2.62 6.80
C SER A 63 2.89 -2.05 6.29
N LEU A 64 3.66 -1.39 7.16
CA LEU A 64 4.97 -0.83 6.84
C LEU A 64 6.12 -1.72 7.34
N ILE A 65 7.24 -1.73 6.60
CA ILE A 65 8.46 -2.48 6.87
C ILE A 65 9.70 -1.58 6.72
N GLU A 66 10.85 -1.98 7.29
CA GLU A 66 12.10 -1.23 7.18
C GLU A 66 12.64 -1.26 5.74
N GLU A 67 12.94 -0.08 5.18
CA GLU A 67 13.29 0.08 3.75
C GLU A 67 14.61 -0.62 3.34
N GLN A 68 15.56 -0.75 4.27
CA GLN A 68 16.78 -1.55 4.14
C GLN A 68 17.10 -2.28 5.47
N ASN A 69 17.60 -3.51 5.38
CA ASN A 69 17.84 -4.40 6.52
C ASN A 69 19.08 -5.32 6.36
N ARG A 70 19.94 -5.07 5.36
CA ARG A 70 21.12 -5.87 4.98
C ARG A 70 22.24 -5.01 4.37
N GLY B 1 -23.57 -6.65 2.47
CA GLY B 1 -23.06 -5.29 2.75
C GLY B 1 -23.52 -4.28 1.70
N PRO B 2 -22.91 -3.07 1.67
CA PRO B 2 -23.26 -2.01 0.72
C PRO B 2 -23.07 -2.39 -0.76
N GLY B 3 -23.90 -1.82 -1.64
CA GLY B 3 -23.74 -1.93 -3.10
C GLY B 3 -22.64 -1.02 -3.67
N SER B 4 -22.28 0.04 -2.96
CA SER B 4 -21.20 0.98 -3.30
C SER B 4 -19.79 0.42 -2.99
N MET B 5 -18.82 0.77 -3.84
CA MET B 5 -17.38 0.50 -3.72
C MET B 5 -16.98 -1.01 -3.76
N CYS B 6 -15.68 -1.26 -3.91
CA CYS B 6 -15.08 -2.60 -4.09
C CYS B 6 -13.60 -2.62 -3.68
N MET B 7 -12.99 -3.81 -3.65
CA MET B 7 -11.56 -4.03 -3.37
C MET B 7 -10.64 -3.34 -4.40
N ALA B 8 -9.34 -3.22 -4.07
CA ALA B 8 -8.46 -2.25 -4.72
C ALA B 8 -8.14 -2.54 -6.20
N LYS B 9 -7.68 -1.49 -6.88
CA LYS B 9 -7.03 -1.58 -8.20
C LYS B 9 -5.60 -1.04 -8.11
N VAL B 10 -4.64 -1.84 -8.59
CA VAL B 10 -3.20 -1.53 -8.60
C VAL B 10 -2.79 -1.08 -10.01
N VAL B 11 -1.93 -0.06 -10.12
CA VAL B 11 -1.33 0.43 -11.38
C VAL B 11 0.19 0.57 -11.32
N LEU B 12 0.87 0.30 -12.44
CA LEU B 12 2.32 0.40 -12.61
C LEU B 12 2.72 0.81 -14.04
N THR B 13 3.93 1.35 -14.20
CA THR B 13 4.53 1.70 -15.50
C THR B 13 5.76 0.86 -15.78
N LYS B 14 5.84 0.29 -16.98
CA LYS B 14 6.93 -0.59 -17.48
C LYS B 14 8.13 0.21 -18.01
N ALA B 15 9.28 -0.45 -18.11
CA ALA B 15 10.50 0.11 -18.71
C ALA B 15 10.37 0.42 -20.23
N ASP B 16 9.44 -0.25 -20.93
CA ASP B 16 9.12 0.01 -22.35
C ASP B 16 8.21 1.25 -22.57
N GLY B 17 7.79 1.92 -21.49
CA GLY B 17 6.92 3.11 -21.51
C GLY B 17 5.42 2.83 -21.49
N GLY B 18 4.99 1.56 -21.57
CA GLY B 18 3.60 1.14 -21.38
C GLY B 18 3.19 1.05 -19.89
N ARG B 19 1.90 0.85 -19.64
CA ARG B 19 1.33 0.69 -18.29
C ARG B 19 0.50 -0.59 -18.14
N VAL B 20 0.38 -1.08 -16.91
CA VAL B 20 -0.33 -2.32 -16.53
C VAL B 20 -1.20 -2.05 -15.30
N GLU B 21 -2.41 -2.64 -15.27
CA GLU B 21 -3.37 -2.53 -14.17
C GLU B 21 -3.92 -3.91 -13.76
N ILE B 22 -4.21 -4.09 -12.47
CA ILE B 22 -4.84 -5.29 -11.90
C ILE B 22 -6.00 -4.85 -10.99
N GLY B 23 -7.21 -5.30 -11.29
CA GLY B 23 -8.44 -5.00 -10.53
C GLY B 23 -8.86 -6.10 -9.53
N ASP B 24 -9.80 -5.76 -8.64
CA ASP B 24 -10.34 -6.64 -7.58
C ASP B 24 -9.24 -7.30 -6.71
N VAL B 25 -8.20 -6.53 -6.39
CA VAL B 25 -7.04 -6.98 -5.59
C VAL B 25 -7.44 -7.20 -4.14
N LEU B 26 -7.31 -8.45 -3.66
CA LEU B 26 -7.48 -8.83 -2.25
C LEU B 26 -6.23 -8.46 -1.43
N GLU B 27 -5.05 -8.57 -2.01
CA GLU B 27 -3.76 -8.24 -1.37
C GLU B 27 -2.67 -7.87 -2.39
N VAL B 28 -1.84 -6.88 -2.04
CA VAL B 28 -0.59 -6.54 -2.72
C VAL B 28 0.57 -6.56 -1.71
N ARG B 29 1.74 -7.07 -2.12
CA ARG B 29 2.88 -7.39 -1.25
C ARG B 29 4.19 -6.92 -1.90
N ALA B 30 5.13 -6.39 -1.12
CA ALA B 30 6.41 -5.86 -1.57
C ALA B 30 7.56 -6.42 -0.73
N GLU B 31 8.53 -7.05 -1.39
CA GLU B 31 9.64 -7.77 -0.73
C GLU B 31 10.80 -8.03 -1.69
N GLY B 32 12.04 -7.95 -1.21
CA GLY B 32 13.26 -8.27 -1.97
C GLY B 32 13.49 -7.39 -3.21
N GLY B 33 12.90 -6.18 -3.27
CA GLY B 33 12.93 -5.29 -4.43
C GLY B 33 11.96 -5.67 -5.55
N ALA B 34 10.86 -6.37 -5.24
CA ALA B 34 9.82 -6.76 -6.19
C ALA B 34 8.41 -6.72 -5.55
N VAL B 35 7.37 -6.60 -6.38
CA VAL B 35 5.95 -6.60 -5.94
C VAL B 35 5.17 -7.79 -6.48
N ARG B 36 4.21 -8.29 -5.72
CA ARG B 36 3.22 -9.31 -6.10
C ARG B 36 1.78 -8.87 -5.75
N VAL B 37 0.80 -9.37 -6.49
CA VAL B 37 -0.65 -9.13 -6.27
C VAL B 37 -1.44 -10.45 -6.27
N THR B 38 -2.57 -10.46 -5.57
CA THR B 38 -3.55 -11.56 -5.55
C THR B 38 -4.97 -11.00 -5.75
N THR B 39 -5.70 -11.54 -6.73
CA THR B 39 -7.05 -11.06 -7.10
C THR B 39 -8.18 -11.86 -6.41
N LEU B 40 -9.41 -11.35 -6.56
CA LEU B 40 -10.69 -11.99 -6.21
C LEU B 40 -10.85 -13.42 -6.78
N PHE B 41 -10.23 -13.68 -7.93
CA PHE B 41 -10.29 -14.96 -8.64
C PHE B 41 -9.13 -15.92 -8.27
N ASP B 42 -8.37 -15.60 -7.21
CA ASP B 42 -7.13 -16.26 -6.79
C ASP B 42 -6.01 -16.27 -7.84
N GLU B 43 -6.08 -15.38 -8.85
CA GLU B 43 -5.02 -15.18 -9.83
C GLU B 43 -3.86 -14.35 -9.22
N GLU B 44 -2.62 -14.67 -9.59
CA GLU B 44 -1.42 -13.99 -9.11
C GLU B 44 -0.58 -13.40 -10.26
N HIS B 45 0.05 -12.25 -10.00
CA HIS B 45 1.03 -11.59 -10.87
C HIS B 45 2.20 -11.04 -10.06
N ALA B 46 3.38 -10.90 -10.67
CA ALA B 46 4.61 -10.44 -10.04
C ALA B 46 5.45 -9.51 -10.94
N PHE B 47 6.11 -8.52 -10.33
CA PHE B 47 6.75 -7.39 -11.01
C PHE B 47 8.08 -7.01 -10.33
N PRO B 48 9.23 -7.50 -10.84
CA PRO B 48 10.55 -7.16 -10.33
C PRO B 48 10.91 -5.67 -10.50
N GLY B 49 11.70 -5.14 -9.58
CA GLY B 49 12.20 -3.75 -9.58
C GLY B 49 11.21 -2.71 -9.01
N LEU B 50 10.06 -3.14 -8.47
CA LEU B 50 9.01 -2.29 -7.91
C LEU B 50 8.91 -2.38 -6.38
N ALA B 51 8.23 -1.38 -5.80
CA ALA B 51 7.73 -1.33 -4.43
C ALA B 51 6.38 -0.59 -4.40
N ILE B 52 5.55 -0.82 -3.37
CA ILE B 52 4.25 -0.11 -3.22
C ILE B 52 4.54 1.36 -2.88
N GLY B 53 4.01 2.29 -3.69
CA GLY B 53 4.37 3.71 -3.67
C GLY B 53 3.33 4.65 -3.06
N ARG B 54 2.05 4.48 -3.40
CA ARG B 54 0.96 5.35 -2.93
C ARG B 54 -0.35 4.60 -2.82
N VAL B 55 -1.17 4.93 -1.82
CA VAL B 55 -2.44 4.29 -1.51
C VAL B 55 -3.46 5.37 -1.15
N ASP B 56 -4.65 5.32 -1.75
CA ASP B 56 -5.74 6.28 -1.50
C ASP B 56 -7.07 5.57 -1.25
N LEU B 57 -7.53 5.66 0.01
CA LEU B 57 -8.71 4.94 0.54
C LEU B 57 -10.03 5.64 0.18
N ARG B 58 -9.98 6.89 -0.28
CA ARG B 58 -11.14 7.66 -0.78
C ARG B 58 -11.63 7.16 -2.15
N SER B 59 -10.74 6.52 -2.92
CA SER B 59 -10.99 6.01 -4.28
C SER B 59 -10.73 4.51 -4.44
N GLY B 60 -10.04 3.85 -3.49
CA GLY B 60 -9.66 2.43 -3.58
C GLY B 60 -8.52 2.15 -4.58
N VAL B 61 -7.63 3.11 -4.79
CA VAL B 61 -6.52 3.05 -5.76
C VAL B 61 -5.17 2.82 -5.04
N ILE B 62 -4.35 1.96 -5.64
CA ILE B 62 -2.95 1.70 -5.25
C ILE B 62 -2.05 1.94 -6.47
N SER B 63 -0.89 2.59 -6.25
CA SER B 63 0.12 2.86 -7.28
C SER B 63 1.50 2.37 -6.86
N LEU B 64 2.20 1.67 -7.76
CA LEU B 64 3.57 1.18 -7.57
C LEU B 64 4.62 2.16 -8.11
N ILE B 65 5.82 2.12 -7.52
CA ILE B 65 7.00 2.91 -7.91
C ILE B 65 8.23 2.01 -8.05
N GLU B 66 9.25 2.48 -8.78
CA GLU B 66 10.55 1.78 -8.89
C GLU B 66 11.31 1.82 -7.56
N GLU B 67 11.83 0.68 -7.10
CA GLU B 67 12.44 0.53 -5.76
C GLU B 67 13.78 1.29 -5.61
N GLN B 68 14.37 1.73 -6.73
CA GLN B 68 15.32 2.83 -6.82
C GLN B 68 14.86 3.80 -7.92
N ASN B 69 14.78 5.10 -7.60
CA ASN B 69 14.19 6.13 -8.47
C ASN B 69 14.94 7.49 -8.41
N ARG B 70 16.20 7.46 -7.93
CA ARG B 70 17.10 8.63 -7.77
C ARG B 70 17.55 9.22 -9.11
N GLY A 1 -18.55 8.70 10.83
CA GLY A 1 -19.38 8.69 9.60
C GLY A 1 -20.39 7.53 9.58
N PRO A 2 -21.04 7.27 8.43
CA PRO A 2 -22.03 6.20 8.28
C PRO A 2 -21.46 4.80 8.55
N GLY A 3 -22.28 3.91 9.12
CA GLY A 3 -21.87 2.54 9.50
C GLY A 3 -21.56 1.62 8.31
N SER A 4 -22.05 1.94 7.11
CA SER A 4 -21.76 1.23 5.87
C SER A 4 -20.36 1.52 5.30
N MET A 5 -19.82 2.72 5.60
CA MET A 5 -18.51 3.18 5.15
C MET A 5 -17.35 2.70 6.06
N CYS A 6 -16.15 2.61 5.50
CA CYS A 6 -14.91 2.28 6.21
C CYS A 6 -13.66 2.83 5.50
N MET A 7 -12.61 3.07 6.28
CA MET A 7 -11.26 3.43 5.84
C MET A 7 -10.23 2.40 6.32
N ALA A 8 -9.03 2.41 5.74
CA ALA A 8 -7.93 1.52 6.13
C ALA A 8 -7.28 1.94 7.46
N LYS A 9 -6.36 1.12 7.99
CA LYS A 9 -5.39 1.51 9.02
C LYS A 9 -3.96 1.16 8.60
N VAL A 10 -2.99 1.94 9.05
CA VAL A 10 -1.54 1.68 8.89
C VAL A 10 -0.93 1.17 10.19
N VAL A 11 -0.04 0.18 10.11
CA VAL A 11 0.76 -0.34 11.23
C VAL A 11 2.24 -0.46 10.86
N LEU A 12 3.13 -0.23 11.82
CA LEU A 12 4.59 -0.34 11.67
C LEU A 12 5.28 -0.89 12.93
N THR A 13 6.46 -1.49 12.75
CA THR A 13 7.35 -1.94 13.83
C THR A 13 8.68 -1.18 13.78
N LYS A 14 9.08 -0.59 14.91
CA LYS A 14 10.33 0.15 15.09
C LYS A 14 11.55 -0.77 15.29
N ALA A 15 12.75 -0.22 15.17
CA ALA A 15 14.02 -0.95 15.35
C ALA A 15 14.23 -1.51 16.78
N ASP A 16 13.61 -0.90 17.80
CA ASP A 16 13.60 -1.38 19.20
C ASP A 16 12.54 -2.48 19.49
N GLY A 17 11.75 -2.88 18.48
CA GLY A 17 10.68 -3.86 18.60
C GLY A 17 9.31 -3.30 19.05
N GLY A 18 9.19 -2.01 19.34
CA GLY A 18 7.91 -1.34 19.61
C GLY A 18 7.06 -1.17 18.34
N ARG A 19 5.75 -0.95 18.51
CA ARG A 19 4.76 -0.82 17.41
C ARG A 19 3.89 0.42 17.52
N VAL A 20 3.45 0.92 16.36
CA VAL A 20 2.63 2.13 16.19
C VAL A 20 1.52 1.87 15.17
N GLU A 21 0.31 2.40 15.43
CA GLU A 21 -0.86 2.28 14.54
C GLU A 21 -1.52 3.64 14.27
N ILE A 22 -2.07 3.81 13.07
CA ILE A 22 -2.78 5.00 12.59
C ILE A 22 -4.11 4.54 11.96
N GLY A 23 -5.23 4.84 12.62
CA GLY A 23 -6.57 4.41 12.19
C GLY A 23 -7.28 5.36 11.23
N ASP A 24 -8.26 4.83 10.49
CA ASP A 24 -9.18 5.58 9.60
C ASP A 24 -8.45 6.50 8.57
N VAL A 25 -7.49 5.89 7.87
CA VAL A 25 -6.60 6.47 6.87
C VAL A 25 -7.34 6.76 5.55
N LEU A 26 -7.24 8.00 5.07
CA LEU A 26 -7.65 8.40 3.70
C LEU A 26 -6.53 8.23 2.66
N GLU A 27 -5.26 8.36 3.07
CA GLU A 27 -4.10 8.37 2.18
C GLU A 27 -2.83 7.92 2.89
N VAL A 28 -1.98 7.14 2.20
CA VAL A 28 -0.62 6.79 2.62
C VAL A 28 0.33 6.77 1.42
N ARG A 29 1.60 7.12 1.61
CA ARG A 29 2.63 7.11 0.56
C ARG A 29 4.05 6.95 1.09
N ALA A 30 4.87 6.17 0.38
CA ALA A 30 6.32 6.09 0.54
C ALA A 30 6.98 7.10 -0.42
N GLU A 31 7.70 8.07 0.14
CA GLU A 31 8.07 9.31 -0.54
C GLU A 31 9.35 9.93 0.06
N GLY A 32 10.44 10.00 -0.71
CA GLY A 32 11.68 10.66 -0.30
C GLY A 32 12.44 9.96 0.84
N GLY A 33 12.30 8.64 0.99
CA GLY A 33 12.91 7.85 2.07
C GLY A 33 12.14 7.85 3.40
N ALA A 34 10.86 8.24 3.36
CA ALA A 34 9.95 8.23 4.51
C ALA A 34 8.53 7.81 4.08
N VAL A 35 7.74 7.23 4.99
CA VAL A 35 6.28 7.09 4.80
C VAL A 35 5.55 8.28 5.41
N ARG A 36 4.51 8.78 4.72
CA ARG A 36 3.57 9.81 5.21
C ARG A 36 2.14 9.30 5.08
N VAL A 37 1.27 9.67 6.03
CA VAL A 37 -0.10 9.15 6.15
C VAL A 37 -1.07 10.23 6.67
N THR A 38 -2.31 10.21 6.16
CA THR A 38 -3.36 11.20 6.44
C THR A 38 -4.66 10.51 6.88
N THR A 39 -5.26 10.97 7.97
CA THR A 39 -6.53 10.45 8.53
C THR A 39 -7.75 11.26 8.09
N LEU A 40 -8.96 10.75 8.35
CA LEU A 40 -10.23 11.45 8.11
C LEU A 40 -10.41 12.77 8.91
N PHE A 41 -9.60 13.00 9.94
CA PHE A 41 -9.56 14.25 10.72
C PHE A 41 -8.77 15.38 10.02
N ASP A 42 -8.18 15.10 8.85
CA ASP A 42 -7.11 15.90 8.21
C ASP A 42 -5.82 16.02 9.05
N GLU A 43 -5.68 15.19 10.09
CA GLU A 43 -4.42 15.01 10.85
C GLU A 43 -3.45 14.11 10.08
N GLU A 44 -2.15 14.38 10.20
CA GLU A 44 -1.07 13.75 9.44
C GLU A 44 0.08 13.24 10.32
N HIS A 45 0.78 12.21 9.83
CA HIS A 45 1.95 11.60 10.48
C HIS A 45 3.05 11.27 9.47
N ALA A 46 4.30 11.21 9.92
CA ALA A 46 5.49 10.90 9.10
C ALA A 46 6.46 9.96 9.83
N PHE A 47 7.06 9.03 9.09
CA PHE A 47 7.91 7.95 9.58
C PHE A 47 9.12 7.73 8.65
N PRO A 48 10.27 8.39 8.90
CA PRO A 48 11.49 8.25 8.10
C PRO A 48 12.12 6.85 8.22
N GLY A 49 12.77 6.40 7.15
CA GLY A 49 13.42 5.09 7.02
C GLY A 49 12.47 3.94 6.63
N LEU A 50 11.17 4.21 6.44
CA LEU A 50 10.16 3.22 6.06
C LEU A 50 9.75 3.29 4.58
N ALA A 51 9.12 2.23 4.10
CA ALA A 51 8.32 2.13 2.88
C ALA A 51 7.07 1.26 3.12
N ILE A 52 6.06 1.34 2.26
CA ILE A 52 4.85 0.48 2.35
C ILE A 52 5.22 -0.96 1.98
N GLY A 53 5.01 -1.91 2.90
CA GLY A 53 5.43 -3.31 2.80
C GLY A 53 4.35 -4.24 2.28
N ARG A 54 3.12 -4.16 2.82
CA ARG A 54 1.97 -5.01 2.46
C ARG A 54 0.66 -4.27 2.62
N VAL A 55 -0.38 -4.70 1.90
CA VAL A 55 -1.78 -4.28 2.13
C VAL A 55 -2.72 -5.47 1.97
N ASP A 56 -3.55 -5.72 2.98
CA ASP A 56 -4.61 -6.74 3.00
C ASP A 56 -5.99 -6.09 2.84
N LEU A 57 -6.50 -5.99 1.60
CA LEU A 57 -7.79 -5.35 1.31
C LEU A 57 -8.99 -6.15 1.85
N ARG A 58 -8.79 -7.44 2.16
CA ARG A 58 -9.75 -8.31 2.87
C ARG A 58 -10.09 -7.78 4.28
N SER A 59 -9.16 -7.03 4.91
CA SER A 59 -9.26 -6.55 6.29
C SER A 59 -9.02 -5.03 6.46
N GLY A 60 -8.57 -4.34 5.41
CA GLY A 60 -8.25 -2.91 5.43
C GLY A 60 -6.93 -2.56 6.14
N VAL A 61 -6.00 -3.52 6.29
CA VAL A 61 -4.73 -3.33 7.01
C VAL A 61 -3.56 -3.07 6.05
N ILE A 62 -2.92 -1.91 6.17
CA ILE A 62 -1.65 -1.54 5.54
C ILE A 62 -0.52 -1.78 6.55
N SER A 63 0.58 -2.38 6.12
CA SER A 63 1.76 -2.67 6.97
C SER A 63 3.04 -2.12 6.35
N LEU A 64 3.84 -1.39 7.14
CA LEU A 64 5.09 -0.78 6.69
C LEU A 64 6.32 -1.63 7.04
N ILE A 65 7.40 -1.46 6.27
CA ILE A 65 8.71 -2.12 6.45
C ILE A 65 9.84 -1.09 6.34
N GLU A 66 11.01 -1.37 6.91
CA GLU A 66 12.20 -0.52 6.77
C GLU A 66 12.85 -0.65 5.39
N GLU A 67 13.19 0.49 4.78
CA GLU A 67 13.75 0.57 3.41
C GLU A 67 15.27 0.32 3.34
N GLN A 68 15.94 0.27 4.50
CA GLN A 68 17.35 -0.11 4.67
C GLN A 68 17.45 -1.38 5.52
N ASN A 69 18.31 -2.33 5.10
CA ASN A 69 18.41 -3.68 5.69
C ASN A 69 19.87 -4.03 6.08
N ARG A 70 20.65 -3.02 6.47
CA ARG A 70 22.11 -3.06 6.72
C ARG A 70 22.47 -3.88 7.98
N GLY B 1 -24.98 -9.48 -2.25
CA GLY B 1 -24.15 -10.67 -1.98
C GLY B 1 -23.64 -11.32 -3.27
N PRO B 2 -23.17 -12.58 -3.22
CA PRO B 2 -23.05 -13.43 -2.02
C PRO B 2 -21.91 -13.01 -1.07
N GLY B 3 -20.87 -12.38 -1.60
CA GLY B 3 -19.76 -11.80 -0.82
C GLY B 3 -20.08 -10.44 -0.21
N SER B 4 -19.19 -9.95 0.66
CA SER B 4 -19.34 -8.68 1.40
C SER B 4 -18.05 -7.83 1.45
N MET B 5 -16.96 -8.29 0.85
CA MET B 5 -15.69 -7.54 0.71
C MET B 5 -15.78 -6.42 -0.33
N CYS B 6 -14.86 -5.46 -0.26
CA CYS B 6 -14.64 -4.43 -1.27
C CYS B 6 -13.12 -4.27 -1.51
N MET B 7 -12.73 -4.13 -2.78
CA MET B 7 -11.34 -4.29 -3.25
C MET B 7 -10.76 -3.03 -3.88
N ALA B 8 -9.43 -2.93 -3.83
CA ALA B 8 -8.63 -1.90 -4.51
C ALA B 8 -8.39 -2.25 -6.00
N LYS B 9 -7.73 -1.33 -6.71
CA LYS B 9 -7.08 -1.53 -8.01
C LYS B 9 -5.61 -1.11 -7.96
N VAL B 10 -4.75 -1.81 -8.70
CA VAL B 10 -3.30 -1.52 -8.81
C VAL B 10 -2.99 -0.87 -10.16
N VAL B 11 -2.06 0.07 -10.20
CA VAL B 11 -1.50 0.69 -11.43
C VAL B 11 0.03 0.83 -11.34
N LEU B 12 0.71 0.59 -12.48
CA LEU B 12 2.16 0.62 -12.62
C LEU B 12 2.63 0.96 -14.05
N THR B 13 3.88 1.41 -14.19
CA THR B 13 4.58 1.61 -15.47
C THR B 13 5.75 0.63 -15.58
N LYS B 14 5.83 -0.11 -16.69
CA LYS B 14 6.87 -1.09 -17.01
C LYS B 14 8.18 -0.43 -17.47
N ALA B 15 9.29 -1.17 -17.46
CA ALA B 15 10.59 -0.73 -17.97
C ALA B 15 10.58 -0.35 -19.47
N ASP B 16 9.67 -0.95 -20.25
CA ASP B 16 9.42 -0.62 -21.67
C ASP B 16 8.58 0.67 -21.88
N GLY B 17 8.14 1.32 -20.81
CA GLY B 17 7.33 2.55 -20.81
C GLY B 17 5.82 2.35 -20.98
N GLY B 18 5.36 1.11 -21.20
CA GLY B 18 3.92 0.76 -21.21
C GLY B 18 3.33 0.66 -19.81
N ARG B 19 2.01 0.87 -19.65
CA ARG B 19 1.30 0.82 -18.36
C ARG B 19 0.36 -0.38 -18.23
N VAL B 20 0.18 -0.83 -17.00
CA VAL B 20 -0.64 -1.99 -16.60
C VAL B 20 -1.55 -1.60 -15.43
N GLU B 21 -2.80 -2.08 -15.47
CA GLU B 21 -3.79 -1.92 -14.41
C GLU B 21 -4.45 -3.27 -14.05
N ILE B 22 -4.75 -3.49 -12.76
CA ILE B 22 -5.35 -4.73 -12.23
C ILE B 22 -6.54 -4.35 -11.32
N GLY B 23 -7.73 -4.88 -11.60
CA GLY B 23 -8.93 -4.69 -10.79
C GLY B 23 -9.20 -5.80 -9.77
N ASP B 24 -10.10 -5.52 -8.83
CA ASP B 24 -10.59 -6.45 -7.79
C ASP B 24 -9.46 -7.10 -6.96
N VAL B 25 -8.49 -6.29 -6.54
CA VAL B 25 -7.29 -6.72 -5.80
C VAL B 25 -7.61 -7.01 -4.34
N LEU B 26 -7.37 -8.26 -3.91
CA LEU B 26 -7.49 -8.71 -2.51
C LEU B 26 -6.25 -8.35 -1.66
N GLU B 27 -5.05 -8.32 -2.26
CA GLU B 27 -3.79 -8.19 -1.51
C GLU B 27 -2.65 -7.67 -2.41
N VAL B 28 -1.73 -6.89 -1.83
CA VAL B 28 -0.43 -6.53 -2.43
C VAL B 28 0.71 -6.66 -1.42
N ARG B 29 1.92 -6.90 -1.91
CA ARG B 29 3.17 -6.94 -1.12
C ARG B 29 4.36 -6.38 -1.91
N ALA B 30 5.13 -5.48 -1.32
CA ALA B 30 6.52 -5.22 -1.68
C ALA B 30 7.39 -6.28 -0.99
N GLU B 31 7.76 -7.34 -1.72
CA GLU B 31 8.34 -8.57 -1.17
C GLU B 31 9.28 -9.28 -2.17
N GLY B 32 10.44 -9.74 -1.71
CA GLY B 32 11.41 -10.49 -2.53
C GLY B 32 12.06 -9.69 -3.67
N GLY B 33 12.16 -8.36 -3.54
CA GLY B 33 12.66 -7.47 -4.60
C GLY B 33 11.65 -7.20 -5.73
N ALA B 34 10.36 -7.40 -5.47
CA ALA B 34 9.26 -7.26 -6.42
C ALA B 34 7.98 -6.74 -5.74
N VAL B 35 6.99 -6.33 -6.53
CA VAL B 35 5.60 -6.25 -6.04
C VAL B 35 4.78 -7.47 -6.47
N ARG B 36 4.19 -8.17 -5.50
CA ARG B 36 3.13 -9.17 -5.68
C ARG B 36 1.74 -8.52 -5.63
N VAL B 37 0.79 -9.08 -6.38
CA VAL B 37 -0.65 -8.74 -6.35
C VAL B 37 -1.48 -10.02 -6.36
N THR B 38 -2.61 -10.06 -5.65
CA THR B 38 -3.59 -11.16 -5.66
C THR B 38 -4.99 -10.62 -5.99
N THR B 39 -5.70 -11.26 -6.91
CA THR B 39 -7.05 -10.86 -7.36
C THR B 39 -8.17 -11.69 -6.73
N LEU B 40 -9.41 -11.19 -6.86
CA LEU B 40 -10.67 -11.84 -6.47
C LEU B 40 -10.82 -13.28 -6.99
N PHE B 41 -10.20 -13.59 -8.13
CA PHE B 41 -10.24 -14.88 -8.82
C PHE B 41 -9.18 -15.89 -8.32
N ASP B 42 -8.48 -15.57 -7.22
CA ASP B 42 -7.34 -16.31 -6.64
C ASP B 42 -6.10 -16.42 -7.57
N GLU B 43 -6.06 -15.63 -8.65
CA GLU B 43 -4.86 -15.43 -9.48
C GLU B 43 -3.87 -14.45 -8.84
N GLU B 44 -2.62 -14.50 -9.31
CA GLU B 44 -1.51 -13.66 -8.83
C GLU B 44 -0.69 -13.06 -9.98
N HIS B 45 -0.07 -11.91 -9.69
CA HIS B 45 0.90 -11.21 -10.55
C HIS B 45 2.17 -10.87 -9.74
N ALA B 46 3.31 -10.73 -10.42
CA ALA B 46 4.57 -10.31 -9.82
C ALA B 46 5.35 -9.37 -10.76
N PHE B 47 5.90 -8.29 -10.18
CA PHE B 47 6.57 -7.20 -10.89
C PHE B 47 7.93 -6.88 -10.23
N PRO B 48 9.03 -7.51 -10.68
CA PRO B 48 10.36 -7.30 -10.11
C PRO B 48 10.87 -5.86 -10.28
N GLY B 49 11.58 -5.36 -9.27
CA GLY B 49 12.17 -4.02 -9.19
C GLY B 49 11.21 -2.93 -8.68
N LEU B 50 9.95 -3.25 -8.36
CA LEU B 50 8.97 -2.31 -7.79
C LEU B 50 8.84 -2.39 -6.25
N ALA B 51 8.23 -1.35 -5.67
CA ALA B 51 7.62 -1.31 -4.35
C ALA B 51 6.31 -0.50 -4.38
N ILE B 52 5.47 -0.61 -3.35
CA ILE B 52 4.22 0.15 -3.22
C ILE B 52 4.55 1.62 -2.89
N GLY B 53 4.11 2.55 -3.76
CA GLY B 53 4.42 3.98 -3.64
C GLY B 53 3.34 4.80 -2.93
N ARG B 54 2.06 4.49 -3.16
CA ARG B 54 0.89 5.22 -2.66
C ARG B 54 -0.33 4.30 -2.52
N VAL B 55 -1.15 4.52 -1.50
CA VAL B 55 -2.54 4.03 -1.46
C VAL B 55 -3.48 5.20 -1.16
N ASP B 56 -4.50 5.41 -2.00
CA ASP B 56 -5.45 6.52 -1.91
C ASP B 56 -6.87 5.99 -1.69
N LEU B 57 -7.25 5.82 -0.42
CA LEU B 57 -8.47 5.15 0.04
C LEU B 57 -9.75 5.94 -0.30
N ARG B 58 -9.62 7.20 -0.73
CA ARG B 58 -10.72 8.01 -1.29
C ARG B 58 -11.28 7.42 -2.60
N SER B 59 -10.47 6.66 -3.33
CA SER B 59 -10.80 6.04 -4.63
C SER B 59 -10.49 4.53 -4.68
N GLY B 60 -9.60 4.02 -3.82
CA GLY B 60 -9.15 2.62 -3.78
C GLY B 60 -8.01 2.32 -4.75
N VAL B 61 -7.22 3.32 -5.14
CA VAL B 61 -6.07 3.16 -6.06
C VAL B 61 -4.78 2.89 -5.28
N ILE B 62 -4.07 1.83 -5.66
CA ILE B 62 -2.69 1.51 -5.28
C ILE B 62 -1.79 1.88 -6.46
N SER B 63 -0.79 2.74 -6.24
CA SER B 63 0.21 3.13 -7.25
C SER B 63 1.60 2.60 -6.89
N LEU B 64 2.26 1.92 -7.83
CA LEU B 64 3.61 1.35 -7.63
C LEU B 64 4.72 2.26 -8.19
N ILE B 65 5.92 2.15 -7.61
CA ILE B 65 7.14 2.87 -7.97
C ILE B 65 8.34 1.92 -8.02
N GLU B 66 9.43 2.28 -8.72
CA GLU B 66 10.66 1.47 -8.69
C GLU B 66 11.40 1.61 -7.36
N GLU B 67 11.81 0.48 -6.77
CA GLU B 67 12.71 0.43 -5.60
C GLU B 67 14.18 0.27 -6.02
N GLN B 68 14.44 -0.11 -7.27
CA GLN B 68 15.74 -0.05 -7.95
C GLN B 68 16.16 1.39 -8.31
N ASN B 69 17.37 1.55 -8.83
CA ASN B 69 17.94 2.80 -9.32
C ASN B 69 17.93 3.96 -8.29
N ARG B 70 18.17 3.62 -7.01
CA ARG B 70 18.20 4.56 -5.87
C ARG B 70 19.30 5.62 -6.00
N GLY A 1 -15.96 13.69 -2.24
CA GLY A 1 -17.17 13.55 -3.08
C GLY A 1 -17.97 12.29 -2.75
N PRO A 2 -19.17 12.13 -3.32
CA PRO A 2 -20.02 10.95 -3.14
C PRO A 2 -19.40 9.69 -3.78
N GLY A 3 -19.85 8.51 -3.33
CA GLY A 3 -19.39 7.20 -3.82
C GLY A 3 -18.03 6.74 -3.26
N SER A 4 -17.53 7.39 -2.20
CA SER A 4 -16.29 7.00 -1.51
C SER A 4 -16.42 5.64 -0.79
N MET A 5 -15.28 5.01 -0.47
CA MET A 5 -15.16 3.76 0.29
C MET A 5 -14.32 3.98 1.56
N CYS A 6 -14.46 3.09 2.53
CA CYS A 6 -14.01 3.32 3.91
C CYS A 6 -12.50 3.09 4.11
N MET A 7 -11.92 3.87 5.02
CA MET A 7 -10.50 3.96 5.30
C MET A 7 -9.87 2.68 5.87
N ALA A 8 -8.58 2.49 5.59
CA ALA A 8 -7.72 1.47 6.20
C ALA A 8 -7.13 1.95 7.56
N LYS A 9 -6.36 1.07 8.19
CA LYS A 9 -5.46 1.35 9.32
C LYS A 9 -4.02 0.95 9.02
N VAL A 10 -3.04 1.71 9.52
CA VAL A 10 -1.59 1.47 9.34
C VAL A 10 -1.00 0.82 10.60
N VAL A 11 -0.05 -0.10 10.43
CA VAL A 11 0.86 -0.61 11.48
C VAL A 11 2.32 -0.53 11.05
N LEU A 12 3.22 -0.21 12.00
CA LEU A 12 4.67 -0.14 11.81
C LEU A 12 5.43 -0.59 13.06
N THR A 13 6.70 -0.95 12.91
CA THR A 13 7.58 -1.42 14.00
C THR A 13 8.82 -0.53 14.13
N LYS A 14 9.10 -0.04 15.33
CA LYS A 14 10.25 0.80 15.68
C LYS A 14 11.55 -0.01 15.84
N ALA A 15 12.69 0.68 15.90
CA ALA A 15 14.02 0.07 16.02
C ALA A 15 14.23 -0.74 17.34
N ASP A 16 13.47 -0.43 18.40
CA ASP A 16 13.46 -1.18 19.67
C ASP A 16 12.50 -2.38 19.67
N GLY A 17 11.81 -2.65 18.56
CA GLY A 17 10.83 -3.73 18.39
C GLY A 17 9.41 -3.40 18.88
N GLY A 18 9.14 -2.20 19.41
CA GLY A 18 7.80 -1.74 19.77
C GLY A 18 6.99 -1.32 18.54
N ARG A 19 5.69 -1.65 18.50
CA ARG A 19 4.80 -1.32 17.37
C ARG A 19 3.94 -0.07 17.61
N VAL A 20 3.57 0.59 16.53
CA VAL A 20 2.74 1.81 16.48
C VAL A 20 1.67 1.65 15.40
N GLU A 21 0.48 2.24 15.62
CA GLU A 21 -0.67 2.16 14.69
C GLU A 21 -1.31 3.53 14.45
N ILE A 22 -1.92 3.71 13.25
CA ILE A 22 -2.68 4.90 12.85
C ILE A 22 -4.01 4.46 12.23
N GLY A 23 -5.14 4.83 12.87
CA GLY A 23 -6.48 4.51 12.40
C GLY A 23 -7.05 5.50 11.38
N ASP A 24 -8.01 5.04 10.56
CA ASP A 24 -8.81 5.85 9.63
C ASP A 24 -7.96 6.69 8.66
N VAL A 25 -6.96 6.10 8.00
CA VAL A 25 -6.13 6.81 7.02
C VAL A 25 -6.85 7.00 5.68
N LEU A 26 -6.86 8.23 5.19
CA LEU A 26 -7.35 8.57 3.85
C LEU A 26 -6.30 8.23 2.78
N GLU A 27 -5.02 8.32 3.13
CA GLU A 27 -3.89 8.14 2.20
C GLU A 27 -2.59 7.77 2.94
N VAL A 28 -1.74 6.95 2.29
CA VAL A 28 -0.38 6.60 2.74
C VAL A 28 0.56 6.57 1.52
N ARG A 29 1.75 7.16 1.59
CA ARG A 29 2.74 7.18 0.48
C ARG A 29 4.17 6.97 0.98
N ALA A 30 4.95 6.21 0.22
CA ALA A 30 6.41 6.17 0.31
C ALA A 30 7.03 7.37 -0.43
N GLU A 31 8.00 8.01 0.22
CA GLU A 31 8.72 9.21 -0.24
C GLU A 31 10.24 9.08 0.01
N GLY A 32 11.00 10.15 -0.27
CA GLY A 32 12.46 10.20 -0.22
C GLY A 32 13.05 9.93 1.18
N GLY A 33 13.23 8.65 1.49
CA GLY A 33 13.77 8.12 2.75
C GLY A 33 12.76 8.03 3.91
N ALA A 34 11.45 8.11 3.65
CA ALA A 34 10.39 8.09 4.66
C ALA A 34 9.03 7.64 4.10
N VAL A 35 8.11 7.22 4.99
CA VAL A 35 6.67 7.13 4.70
C VAL A 35 5.94 8.36 5.26
N ARG A 36 4.90 8.83 4.56
CA ARG A 36 3.95 9.86 5.01
C ARG A 36 2.50 9.39 4.87
N VAL A 37 1.63 9.85 5.75
CA VAL A 37 0.23 9.39 5.88
C VAL A 37 -0.70 10.52 6.33
N THR A 38 -1.94 10.52 5.84
CA THR A 38 -2.99 11.50 6.17
C THR A 38 -4.24 10.82 6.73
N THR A 39 -4.76 11.30 7.85
CA THR A 39 -5.95 10.74 8.54
C THR A 39 -7.27 11.42 8.18
N LEU A 40 -8.37 10.74 8.51
CA LEU A 40 -9.75 11.26 8.50
C LEU A 40 -9.90 12.59 9.24
N PHE A 41 -9.10 12.79 10.28
CA PHE A 41 -9.06 13.97 11.15
C PHE A 41 -8.23 15.14 10.58
N ASP A 42 -7.79 15.01 9.32
CA ASP A 42 -6.94 15.96 8.56
C ASP A 42 -5.56 16.23 9.22
N GLU A 43 -5.02 15.23 9.92
CA GLU A 43 -3.67 15.25 10.50
C GLU A 43 -2.68 14.48 9.62
N GLU A 44 -1.45 15.00 9.46
CA GLU A 44 -0.34 14.30 8.81
C GLU A 44 0.59 13.61 9.82
N HIS A 45 1.09 12.44 9.43
CA HIS A 45 2.14 11.68 10.12
C HIS A 45 3.30 11.39 9.16
N ALA A 46 4.52 11.29 9.69
CA ALA A 46 5.74 11.04 8.92
C ALA A 46 6.71 10.11 9.69
N PHE A 47 7.31 9.17 8.98
CA PHE A 47 8.10 8.07 9.53
C PHE A 47 9.37 7.80 8.69
N PRO A 48 10.51 8.43 9.02
CA PRO A 48 11.79 8.20 8.35
C PRO A 48 12.28 6.76 8.48
N GLY A 49 12.96 6.27 7.44
CA GLY A 49 13.54 4.93 7.36
C GLY A 49 12.55 3.80 7.01
N LEU A 50 11.27 4.13 6.72
CA LEU A 50 10.24 3.17 6.30
C LEU A 50 9.92 3.23 4.80
N ALA A 51 9.28 2.18 4.32
CA ALA A 51 8.57 2.06 3.04
C ALA A 51 7.28 1.22 3.25
N ILE A 52 6.31 1.32 2.33
CA ILE A 52 5.07 0.53 2.39
C ILE A 52 5.37 -0.92 2.03
N GLY A 53 5.05 -1.87 2.92
CA GLY A 53 5.36 -3.29 2.79
C GLY A 53 4.19 -4.13 2.25
N ARG A 54 2.98 -3.95 2.79
CA ARG A 54 1.78 -4.71 2.38
C ARG A 54 0.50 -3.88 2.49
N VAL A 55 -0.50 -4.26 1.68
CA VAL A 55 -1.89 -3.79 1.75
C VAL A 55 -2.84 -4.99 1.64
N ASP A 56 -3.61 -5.22 2.70
CA ASP A 56 -4.57 -6.33 2.81
C ASP A 56 -6.00 -5.80 2.62
N LEU A 57 -6.51 -5.78 1.38
CA LEU A 57 -7.85 -5.27 1.07
C LEU A 57 -8.96 -6.14 1.67
N ARG A 58 -8.67 -7.42 1.94
CA ARG A 58 -9.53 -8.35 2.69
C ARG A 58 -9.71 -7.97 4.18
N SER A 59 -8.83 -7.13 4.74
CA SER A 59 -8.81 -6.76 6.17
C SER A 59 -8.87 -5.25 6.44
N GLY A 60 -8.57 -4.40 5.45
CA GLY A 60 -8.43 -2.95 5.62
C GLY A 60 -7.15 -2.55 6.37
N VAL A 61 -6.05 -3.30 6.19
CA VAL A 61 -4.79 -3.11 6.93
C VAL A 61 -3.63 -2.80 5.98
N ILE A 62 -2.87 -1.76 6.30
CA ILE A 62 -1.58 -1.39 5.68
C ILE A 62 -0.46 -1.71 6.66
N SER A 63 0.64 -2.30 6.18
CA SER A 63 1.83 -2.62 6.99
C SER A 63 3.08 -2.00 6.39
N LEU A 64 3.84 -1.26 7.21
CA LEU A 64 5.12 -0.65 6.82
C LEU A 64 6.32 -1.52 7.22
N ILE A 65 7.40 -1.42 6.45
CA ILE A 65 8.67 -2.13 6.63
C ILE A 65 9.87 -1.16 6.54
N GLU A 66 11.04 -1.54 7.05
CA GLU A 66 12.25 -0.71 6.94
C GLU A 66 12.78 -0.68 5.50
N GLU A 67 13.15 0.51 5.00
CA GLU A 67 13.61 0.73 3.61
C GLU A 67 15.04 0.22 3.32
N GLN A 68 15.76 -0.22 4.36
CA GLN A 68 17.06 -0.91 4.29
C GLN A 68 17.12 -2.02 5.36
N ASN A 69 18.00 -3.01 5.14
CA ASN A 69 18.10 -4.26 5.93
C ASN A 69 19.52 -4.51 6.47
N ARG A 70 20.22 -3.43 6.86
CA ARG A 70 21.58 -3.46 7.44
C ARG A 70 21.61 -4.14 8.83
N GLY B 1 -22.66 -5.73 -4.23
CA GLY B 1 -22.52 -4.25 -4.19
C GLY B 1 -21.21 -3.82 -3.53
N PRO B 2 -20.85 -2.51 -3.63
CA PRO B 2 -19.59 -1.97 -3.11
C PRO B 2 -19.54 -1.89 -1.58
N GLY B 3 -20.69 -1.76 -0.90
CA GLY B 3 -20.80 -1.70 0.56
C GLY B 3 -19.96 -0.58 1.21
N SER B 4 -19.52 -0.80 2.45
CA SER B 4 -18.56 0.08 3.14
C SER B 4 -17.13 -0.09 2.58
N MET B 5 -16.71 -1.32 2.30
CA MET B 5 -15.38 -1.69 1.81
C MET B 5 -15.45 -2.73 0.68
N CYS B 6 -14.53 -2.61 -0.27
CA CYS B 6 -14.41 -3.46 -1.47
C CYS B 6 -12.93 -3.61 -1.88
N MET B 7 -12.67 -4.47 -2.87
CA MET B 7 -11.35 -4.63 -3.49
C MET B 7 -10.87 -3.33 -4.18
N ALA B 8 -9.57 -3.06 -4.10
CA ALA B 8 -8.91 -1.95 -4.78
C ALA B 8 -8.55 -2.29 -6.25
N LYS B 9 -7.92 -1.33 -6.96
CA LYS B 9 -7.13 -1.60 -8.17
C LYS B 9 -5.65 -1.19 -7.98
N VAL B 10 -4.76 -1.87 -8.70
CA VAL B 10 -3.32 -1.52 -8.79
C VAL B 10 -3.03 -0.84 -10.13
N VAL B 11 -2.10 0.12 -10.13
CA VAL B 11 -1.51 0.76 -11.34
C VAL B 11 0.03 0.79 -11.23
N LEU B 12 0.70 0.51 -12.34
CA LEU B 12 2.17 0.50 -12.47
C LEU B 12 2.61 0.97 -13.86
N THR B 13 3.89 1.31 -14.00
CA THR B 13 4.55 1.62 -15.29
C THR B 13 5.73 0.69 -15.52
N LYS B 14 5.78 0.04 -16.70
CA LYS B 14 6.83 -0.91 -17.10
C LYS B 14 8.16 -0.22 -17.42
N ALA B 15 9.25 -0.99 -17.50
CA ALA B 15 10.55 -0.51 -18.00
C ALA B 15 10.50 -0.01 -19.46
N ASP B 16 9.53 -0.48 -20.26
CA ASP B 16 9.22 -0.02 -21.63
C ASP B 16 8.51 1.35 -21.68
N GLY B 17 8.11 1.91 -20.52
CA GLY B 17 7.41 3.18 -20.38
C GLY B 17 5.87 3.12 -20.52
N GLY B 18 5.31 1.95 -20.86
CA GLY B 18 3.86 1.71 -20.92
C GLY B 18 3.25 1.37 -19.56
N ARG B 19 2.05 1.87 -19.26
CA ARG B 19 1.30 1.56 -18.02
C ARG B 19 0.55 0.23 -18.09
N VAL B 20 0.27 -0.34 -16.91
CA VAL B 20 -0.59 -1.51 -16.68
C VAL B 20 -1.50 -1.24 -15.48
N GLU B 21 -2.75 -1.70 -15.55
CA GLU B 21 -3.72 -1.64 -14.44
C GLU B 21 -4.35 -3.02 -14.16
N ILE B 22 -4.60 -3.30 -12.88
CA ILE B 22 -5.09 -4.60 -12.37
C ILE B 22 -6.29 -4.36 -11.46
N GLY B 23 -7.50 -4.69 -11.92
CA GLY B 23 -8.74 -4.50 -11.17
C GLY B 23 -9.00 -5.55 -10.08
N ASP B 24 -9.78 -5.16 -9.07
CA ASP B 24 -10.36 -6.03 -8.04
C ASP B 24 -9.35 -6.93 -7.30
N VAL B 25 -8.29 -6.31 -6.75
CA VAL B 25 -7.25 -6.98 -5.97
C VAL B 25 -7.68 -7.27 -4.52
N LEU B 26 -7.41 -8.49 -4.06
CA LEU B 26 -7.58 -8.93 -2.67
C LEU B 26 -6.40 -8.52 -1.78
N GLU B 27 -5.18 -8.50 -2.32
CA GLU B 27 -3.95 -8.31 -1.53
C GLU B 27 -2.78 -7.84 -2.40
N VAL B 28 -1.92 -6.98 -1.86
CA VAL B 28 -0.73 -6.43 -2.53
C VAL B 28 0.46 -6.42 -1.57
N ARG B 29 1.66 -6.77 -2.04
CA ARG B 29 2.89 -6.85 -1.21
C ARG B 29 4.13 -6.38 -1.96
N ALA B 30 4.95 -5.54 -1.35
CA ALA B 30 6.33 -5.29 -1.77
C ALA B 30 7.28 -6.22 -0.98
N GLU B 31 7.72 -7.31 -1.61
CA GLU B 31 8.59 -8.33 -1.01
C GLU B 31 9.41 -9.13 -2.06
N GLY B 32 10.61 -9.58 -1.68
CA GLY B 32 11.51 -10.35 -2.55
C GLY B 32 12.12 -9.57 -3.73
N GLY B 33 12.24 -8.24 -3.61
CA GLY B 33 12.69 -7.33 -4.68
C GLY B 33 11.65 -7.07 -5.77
N ALA B 34 10.38 -7.35 -5.49
CA ALA B 34 9.24 -7.31 -6.42
C ALA B 34 7.96 -6.82 -5.74
N VAL B 35 6.93 -6.51 -6.53
CA VAL B 35 5.55 -6.45 -6.03
C VAL B 35 4.76 -7.69 -6.44
N ARG B 36 4.07 -8.30 -5.48
CA ARG B 36 3.06 -9.35 -5.67
C ARG B 36 1.65 -8.77 -5.57
N VAL B 37 0.72 -9.35 -6.33
CA VAL B 37 -0.73 -9.03 -6.29
C VAL B 37 -1.55 -10.31 -6.36
N THR B 38 -2.64 -10.38 -5.58
CA THR B 38 -3.67 -11.43 -5.67
C THR B 38 -5.01 -10.82 -6.09
N THR B 39 -5.68 -11.38 -7.11
CA THR B 39 -7.01 -10.94 -7.58
C THR B 39 -8.14 -11.80 -7.02
N LEU B 40 -9.39 -11.35 -7.18
CA LEU B 40 -10.61 -12.04 -6.74
C LEU B 40 -10.80 -13.46 -7.31
N PHE B 41 -10.08 -13.83 -8.37
CA PHE B 41 -10.06 -15.17 -8.97
C PHE B 41 -9.10 -16.14 -8.25
N ASP B 42 -8.47 -15.71 -7.15
CA ASP B 42 -7.36 -16.37 -6.45
C ASP B 42 -6.07 -16.52 -7.30
N GLU B 43 -5.99 -15.82 -8.43
CA GLU B 43 -4.78 -15.76 -9.27
C GLU B 43 -3.73 -14.79 -8.70
N GLU B 44 -2.46 -15.20 -8.76
CA GLU B 44 -1.31 -14.38 -8.38
C GLU B 44 -0.58 -13.78 -9.60
N HIS B 45 0.01 -12.60 -9.39
CA HIS B 45 0.83 -11.84 -10.34
C HIS B 45 2.07 -11.29 -9.64
N ALA B 46 3.19 -11.14 -10.34
CA ALA B 46 4.45 -10.64 -9.79
C ALA B 46 5.18 -9.69 -10.75
N PHE B 47 5.79 -8.64 -10.18
CA PHE B 47 6.38 -7.51 -10.90
C PHE B 47 7.75 -7.13 -10.30
N PRO B 48 8.85 -7.75 -10.75
CA PRO B 48 10.19 -7.50 -10.21
C PRO B 48 10.69 -6.07 -10.50
N GLY B 49 11.44 -5.52 -9.54
CA GLY B 49 11.98 -4.16 -9.57
C GLY B 49 11.02 -3.06 -9.06
N LEU B 50 9.80 -3.42 -8.64
CA LEU B 50 8.82 -2.50 -8.05
C LEU B 50 8.75 -2.58 -6.51
N ALA B 51 8.18 -1.52 -5.92
CA ALA B 51 7.67 -1.42 -4.55
C ALA B 51 6.36 -0.60 -4.52
N ILE B 52 5.59 -0.68 -3.43
CA ILE B 52 4.35 0.10 -3.27
C ILE B 52 4.71 1.57 -3.02
N GLY B 53 4.22 2.47 -3.88
CA GLY B 53 4.52 3.90 -3.84
C GLY B 53 3.47 4.74 -3.12
N ARG B 54 2.18 4.49 -3.39
CA ARG B 54 1.04 5.23 -2.82
C ARG B 54 -0.20 4.35 -2.70
N VAL B 55 -0.98 4.57 -1.65
CA VAL B 55 -2.24 3.88 -1.34
C VAL B 55 -3.30 4.93 -1.01
N ASP B 56 -4.41 4.94 -1.77
CA ASP B 56 -5.45 5.97 -1.72
C ASP B 56 -6.80 5.34 -1.33
N LEU B 57 -7.13 5.47 -0.04
CA LEU B 57 -8.27 4.80 0.60
C LEU B 57 -9.60 5.53 0.38
N ARG B 58 -9.61 6.69 -0.28
CA ARG B 58 -10.84 7.41 -0.65
C ARG B 58 -11.68 6.62 -1.68
N SER B 59 -11.00 5.93 -2.59
CA SER B 59 -11.60 5.19 -3.71
C SER B 59 -11.02 3.78 -3.93
N GLY B 60 -9.97 3.39 -3.20
CA GLY B 60 -9.32 2.07 -3.33
C GLY B 60 -8.41 1.98 -4.56
N VAL B 61 -7.32 2.77 -4.56
CA VAL B 61 -6.30 2.76 -5.63
C VAL B 61 -4.89 2.61 -5.04
N ILE B 62 -4.06 1.77 -5.68
CA ILE B 62 -2.68 1.47 -5.27
C ILE B 62 -1.74 1.77 -6.44
N SER B 63 -0.78 2.67 -6.25
CA SER B 63 0.24 3.04 -7.25
C SER B 63 1.60 2.43 -6.90
N LEU B 64 2.24 1.77 -7.86
CA LEU B 64 3.58 1.18 -7.70
C LEU B 64 4.67 2.09 -8.32
N ILE B 65 5.89 1.98 -7.79
CA ILE B 65 7.10 2.73 -8.17
C ILE B 65 8.32 1.81 -8.23
N GLU B 66 9.37 2.21 -8.95
CA GLU B 66 10.64 1.47 -9.02
C GLU B 66 11.37 1.48 -7.66
N GLU B 67 11.80 0.31 -7.18
CA GLU B 67 12.42 0.15 -5.86
C GLU B 67 13.90 0.57 -5.78
N GLN B 68 14.52 0.90 -6.92
CA GLN B 68 15.90 1.41 -7.03
C GLN B 68 15.94 2.63 -7.95
N ASN B 69 16.59 3.71 -7.48
CA ASN B 69 16.59 5.04 -8.12
C ASN B 69 17.97 5.73 -8.07
N ARG B 70 19.05 4.94 -7.98
CA ARG B 70 20.47 5.36 -7.90
C ARG B 70 21.32 4.69 -8.99
N GLY A 1 -17.25 10.92 -4.82
CA GLY A 1 -17.06 11.83 -3.67
C GLY A 1 -16.83 11.07 -2.37
N PRO A 2 -16.70 11.78 -1.23
CA PRO A 2 -16.53 11.18 0.09
C PRO A 2 -17.79 10.46 0.59
N GLY A 3 -17.63 9.62 1.63
CA GLY A 3 -18.70 8.81 2.23
C GLY A 3 -19.00 7.51 1.47
N SER A 4 -19.92 6.70 2.02
CA SER A 4 -20.33 5.36 1.53
C SER A 4 -19.18 4.34 1.39
N MET A 5 -18.06 4.59 2.08
CA MET A 5 -16.78 3.82 2.02
C MET A 5 -16.07 3.85 3.38
N CYS A 6 -15.09 2.97 3.58
CA CYS A 6 -14.31 2.85 4.82
C CYS A 6 -12.79 2.94 4.53
N MET A 7 -12.07 3.69 5.38
CA MET A 7 -10.63 3.97 5.24
C MET A 7 -9.75 2.87 5.85
N ALA A 8 -8.48 2.84 5.44
CA ALA A 8 -7.51 1.85 5.89
C ALA A 8 -6.97 2.14 7.30
N LYS A 9 -6.28 1.16 7.88
CA LYS A 9 -5.39 1.33 9.04
C LYS A 9 -3.94 0.99 8.68
N VAL A 10 -3.00 1.83 9.08
CA VAL A 10 -1.54 1.64 8.88
C VAL A 10 -0.92 1.11 10.17
N VAL A 11 0.05 0.19 10.07
CA VAL A 11 0.73 -0.46 11.20
C VAL A 11 2.23 -0.67 10.96
N LEU A 12 3.03 -0.49 12.00
CA LEU A 12 4.49 -0.61 12.01
C LEU A 12 5.05 -1.05 13.38
N THR A 13 6.24 -1.64 13.37
CA THR A 13 7.04 -1.96 14.57
C THR A 13 8.26 -1.04 14.65
N LYS A 14 8.47 -0.41 15.81
CA LYS A 14 9.58 0.53 16.07
C LYS A 14 10.89 -0.20 16.38
N ALA A 15 12.01 0.53 16.28
CA ALA A 15 13.33 0.12 16.81
C ALA A 15 13.33 -0.07 18.34
N ASP A 16 12.37 0.52 19.06
CA ASP A 16 12.11 0.32 20.50
C ASP A 16 11.55 -1.08 20.85
N GLY A 17 11.13 -1.86 19.83
CA GLY A 17 10.40 -3.13 19.97
C GLY A 17 8.88 -2.97 20.19
N GLY A 18 8.40 -1.74 20.45
CA GLY A 18 6.98 -1.39 20.51
C GLY A 18 6.33 -1.25 19.12
N ARG A 19 5.00 -1.10 19.09
CA ARG A 19 4.20 -0.97 17.85
C ARG A 19 3.29 0.25 17.84
N VAL A 20 2.97 0.72 16.63
CA VAL A 20 2.11 1.88 16.36
C VAL A 20 1.04 1.50 15.32
N GLU A 21 -0.21 1.88 15.60
CA GLU A 21 -1.37 1.67 14.72
C GLU A 21 -2.13 2.99 14.49
N ILE A 22 -2.55 3.26 13.25
CA ILE A 22 -3.19 4.52 12.84
C ILE A 22 -4.42 4.20 11.98
N GLY A 23 -5.63 4.43 12.49
CA GLY A 23 -6.89 4.24 11.75
C GLY A 23 -7.32 5.48 10.96
N ASP A 24 -8.41 5.35 10.19
CA ASP A 24 -9.03 6.44 9.39
C ASP A 24 -8.06 7.11 8.40
N VAL A 25 -7.07 6.35 7.90
CA VAL A 25 -6.07 6.81 6.94
C VAL A 25 -6.71 6.97 5.56
N LEU A 26 -6.76 8.22 5.09
CA LEU A 26 -7.34 8.59 3.80
C LEU A 26 -6.30 8.48 2.66
N GLU A 27 -5.01 8.63 2.98
CA GLU A 27 -3.89 8.49 2.03
C GLU A 27 -2.57 8.12 2.73
N VAL A 28 -1.69 7.38 2.05
CA VAL A 28 -0.33 7.03 2.50
C VAL A 28 0.65 7.04 1.32
N ARG A 29 1.89 7.47 1.54
CA ARG A 29 2.97 7.56 0.54
C ARG A 29 4.29 7.02 1.08
N ALA A 30 5.06 6.37 0.21
CA ALA A 30 6.49 6.16 0.40
C ALA A 30 7.26 7.38 -0.13
N GLU A 31 7.75 8.20 0.80
CA GLU A 31 8.57 9.39 0.56
C GLU A 31 10.05 9.02 0.34
N GLY A 32 10.92 10.04 0.17
CA GLY A 32 12.39 9.88 0.05
C GLY A 32 13.03 9.41 1.37
N GLY A 33 12.97 8.10 1.63
CA GLY A 33 13.53 7.45 2.82
C GLY A 33 12.59 7.41 4.04
N ALA A 34 11.29 7.55 3.85
CA ALA A 34 10.27 7.49 4.91
C ALA A 34 8.92 7.00 4.38
N VAL A 35 8.03 6.54 5.27
CA VAL A 35 6.58 6.50 5.01
C VAL A 35 5.90 7.73 5.62
N ARG A 36 4.86 8.23 4.96
CA ARG A 36 4.07 9.41 5.38
C ARG A 36 2.57 9.15 5.17
N VAL A 37 1.76 9.42 6.19
CA VAL A 37 0.30 9.18 6.19
C VAL A 37 -0.49 10.47 6.36
N THR A 38 -1.72 10.49 5.83
CA THR A 38 -2.70 11.58 5.98
C THR A 38 -4.05 10.99 6.40
N THR A 39 -4.57 11.44 7.55
CA THR A 39 -5.92 11.08 8.01
C THR A 39 -6.99 12.00 7.39
N LEU A 40 -8.25 11.56 7.40
CA LEU A 40 -9.40 12.41 7.02
C LEU A 40 -9.65 13.61 7.97
N PHE A 41 -8.98 13.67 9.13
CA PHE A 41 -8.97 14.83 10.03
C PHE A 41 -7.97 15.94 9.60
N ASP A 42 -7.31 15.76 8.46
CA ASP A 42 -6.19 16.58 7.93
C ASP A 42 -4.91 16.56 8.80
N GLU A 43 -4.84 15.64 9.79
CA GLU A 43 -3.63 15.36 10.56
C GLU A 43 -2.69 14.39 9.79
N GLU A 44 -1.38 14.63 9.89
CA GLU A 44 -0.33 13.83 9.25
C GLU A 44 0.68 13.27 10.25
N HIS A 45 1.29 12.13 9.90
CA HIS A 45 2.42 11.52 10.62
C HIS A 45 3.46 10.99 9.61
N ALA A 46 4.72 10.89 10.04
CA ALA A 46 5.83 10.44 9.19
C ALA A 46 6.83 9.55 9.97
N PHE A 47 7.39 8.56 9.28
CA PHE A 47 8.20 7.48 9.86
C PHE A 47 9.42 7.18 8.96
N PRO A 48 10.58 7.82 9.24
CA PRO A 48 11.82 7.59 8.51
C PRO A 48 12.33 6.14 8.62
N GLY A 49 12.98 5.67 7.55
CA GLY A 49 13.57 4.34 7.45
C GLY A 49 12.58 3.22 7.06
N LEU A 50 11.31 3.57 6.78
CA LEU A 50 10.28 2.63 6.34
C LEU A 50 9.90 2.80 4.85
N ALA A 51 9.25 1.77 4.31
CA ALA A 51 8.52 1.75 3.03
C ALA A 51 7.19 0.97 3.20
N ILE A 52 6.23 1.18 2.28
CA ILE A 52 4.97 0.41 2.27
C ILE A 52 5.27 -1.04 1.88
N GLY A 53 4.99 -1.99 2.78
CA GLY A 53 5.39 -3.40 2.64
C GLY A 53 4.30 -4.31 2.07
N ARG A 54 3.09 -4.23 2.61
CA ARG A 54 1.97 -5.12 2.27
C ARG A 54 0.63 -4.42 2.49
N VAL A 55 -0.34 -4.63 1.59
CA VAL A 55 -1.74 -4.20 1.77
C VAL A 55 -2.65 -5.43 1.74
N ASP A 56 -3.59 -5.54 2.67
CA ASP A 56 -4.47 -6.69 2.86
C ASP A 56 -5.94 -6.24 2.99
N LEU A 57 -6.64 -6.23 1.85
CA LEU A 57 -7.95 -5.59 1.69
C LEU A 57 -9.10 -6.35 2.38
N ARG A 58 -8.87 -7.61 2.76
CA ARG A 58 -9.82 -8.43 3.55
C ARG A 58 -10.00 -7.89 4.98
N SER A 59 -9.00 -7.16 5.49
CA SER A 59 -9.00 -6.53 6.82
C SER A 59 -8.76 -5.00 6.80
N GLY A 60 -8.42 -4.43 5.64
CA GLY A 60 -8.13 -3.00 5.45
C GLY A 60 -6.77 -2.56 6.02
N VAL A 61 -5.83 -3.49 6.20
CA VAL A 61 -4.54 -3.26 6.85
C VAL A 61 -3.45 -2.91 5.85
N ILE A 62 -2.62 -1.91 6.19
CA ILE A 62 -1.41 -1.47 5.46
C ILE A 62 -0.20 -1.68 6.39
N SER A 63 0.56 -2.75 6.17
CA SER A 63 1.76 -3.10 6.95
C SER A 63 3.01 -2.44 6.34
N LEU A 64 3.78 -1.73 7.16
CA LEU A 64 5.05 -1.12 6.76
C LEU A 64 6.25 -2.04 7.07
N ILE A 65 7.33 -1.87 6.30
CA ILE A 65 8.60 -2.61 6.43
C ILE A 65 9.80 -1.67 6.36
N GLU A 66 10.97 -2.09 6.83
CA GLU A 66 12.20 -1.28 6.77
C GLU A 66 12.74 -1.18 5.33
N GLU A 67 13.14 0.03 4.90
CA GLU A 67 13.66 0.28 3.55
C GLU A 67 15.09 -0.23 3.35
N GLN A 68 15.84 -0.43 4.43
CA GLN A 68 17.12 -1.16 4.47
C GLN A 68 16.92 -2.61 4.93
N ASN A 69 17.60 -3.57 4.30
CA ASN A 69 17.45 -5.01 4.52
C ASN A 69 18.77 -5.74 4.86
N ARG A 70 19.86 -5.00 5.11
CA ARG A 70 21.19 -5.51 5.50
C ARG A 70 21.99 -4.51 6.37
N GLY B 1 -23.51 -15.59 -9.22
CA GLY B 1 -22.39 -15.98 -10.11
C GLY B 1 -21.03 -15.48 -9.59
N PRO B 2 -19.93 -15.79 -10.31
CA PRO B 2 -18.58 -15.34 -9.97
C PRO B 2 -18.38 -13.82 -10.13
N GLY B 3 -17.31 -13.29 -9.54
CA GLY B 3 -16.96 -11.86 -9.62
C GLY B 3 -17.76 -10.93 -8.70
N SER B 4 -18.43 -11.48 -7.68
CA SER B 4 -19.14 -10.72 -6.65
C SER B 4 -18.18 -9.93 -5.74
N MET B 5 -18.66 -8.82 -5.19
CA MET B 5 -17.94 -7.80 -4.38
C MET B 5 -16.69 -7.17 -5.05
N CYS B 6 -16.12 -6.16 -4.39
CA CYS B 6 -14.97 -5.36 -4.87
C CYS B 6 -14.11 -4.86 -3.69
N MET B 7 -12.81 -4.69 -3.91
CA MET B 7 -11.82 -4.29 -2.89
C MET B 7 -11.00 -3.06 -3.30
N ALA B 8 -9.93 -3.25 -4.10
CA ALA B 8 -9.01 -2.19 -4.54
C ALA B 8 -8.37 -2.51 -5.90
N LYS B 9 -7.88 -1.47 -6.58
CA LYS B 9 -7.09 -1.56 -7.82
C LYS B 9 -5.60 -1.37 -7.53
N VAL B 10 -4.75 -2.21 -8.12
CA VAL B 10 -3.30 -2.01 -8.22
C VAL B 10 -2.94 -1.48 -9.63
N VAL B 11 -2.02 -0.52 -9.72
CA VAL B 11 -1.58 0.10 -10.98
C VAL B 11 -0.07 0.34 -11.02
N LEU B 12 0.56 0.11 -12.19
CA LEU B 12 2.00 0.29 -12.44
C LEU B 12 2.29 0.84 -13.85
N THR B 13 3.46 1.48 -14.01
CA THR B 13 3.98 1.95 -15.30
C THR B 13 5.15 1.07 -15.77
N LYS B 14 5.11 0.63 -17.03
CA LYS B 14 6.11 -0.20 -17.71
C LYS B 14 7.33 0.61 -18.20
N ALA B 15 8.43 -0.08 -18.50
CA ALA B 15 9.63 0.50 -19.08
C ALA B 15 9.42 1.07 -20.51
N ASP B 16 8.42 0.57 -21.25
CA ASP B 16 8.03 1.06 -22.58
C ASP B 16 7.13 2.34 -22.54
N GLY B 17 6.81 2.84 -21.33
CA GLY B 17 5.97 4.03 -21.11
C GLY B 17 4.46 3.74 -21.03
N GLY B 18 4.01 2.51 -21.31
CA GLY B 18 2.63 2.06 -21.09
C GLY B 18 2.30 1.80 -19.61
N ARG B 19 1.04 1.49 -19.30
CA ARG B 19 0.54 1.17 -17.94
C ARG B 19 -0.29 -0.12 -17.90
N VAL B 20 -0.28 -0.76 -16.73
CA VAL B 20 -0.99 -2.01 -16.42
C VAL B 20 -1.81 -1.84 -15.15
N GLU B 21 -3.03 -2.37 -15.15
CA GLU B 21 -4.00 -2.26 -14.04
C GLU B 21 -4.56 -3.64 -13.66
N ILE B 22 -4.76 -3.87 -12.36
CA ILE B 22 -5.26 -5.12 -11.77
C ILE B 22 -6.37 -4.76 -10.77
N GLY B 23 -7.62 -5.10 -11.08
CA GLY B 23 -8.79 -4.87 -10.21
C GLY B 23 -9.02 -5.98 -9.17
N ASP B 24 -9.90 -5.70 -8.21
CA ASP B 24 -10.41 -6.64 -7.20
C ASP B 24 -9.30 -7.38 -6.40
N VAL B 25 -8.27 -6.62 -5.99
CA VAL B 25 -7.11 -7.14 -5.26
C VAL B 25 -7.48 -7.54 -3.82
N LEU B 26 -7.11 -8.76 -3.39
CA LEU B 26 -7.21 -9.23 -2.00
C LEU B 26 -5.93 -8.90 -1.20
N GLU B 27 -4.76 -9.04 -1.81
CA GLU B 27 -3.46 -8.83 -1.17
C GLU B 27 -2.39 -8.37 -2.19
N VAL B 28 -1.51 -7.48 -1.76
CA VAL B 28 -0.33 -7.01 -2.53
C VAL B 28 0.87 -6.80 -1.60
N ARG B 29 2.08 -7.09 -2.09
CA ARG B 29 3.34 -6.94 -1.35
C ARG B 29 4.45 -6.34 -2.20
N ALA B 30 5.31 -5.53 -1.59
CA ALA B 30 6.69 -5.33 -2.02
C ALA B 30 7.57 -6.36 -1.27
N GLU B 31 8.10 -7.35 -1.99
CA GLU B 31 8.84 -8.49 -1.41
C GLU B 31 9.86 -9.06 -2.41
N GLY B 32 11.11 -9.24 -1.98
CA GLY B 32 12.16 -9.91 -2.77
C GLY B 32 12.68 -9.10 -3.98
N GLY B 33 12.65 -7.76 -3.90
CA GLY B 33 13.04 -6.87 -5.00
C GLY B 33 12.02 -6.77 -6.13
N ALA B 34 10.76 -7.12 -5.84
CA ALA B 34 9.64 -7.15 -6.77
C ALA B 34 8.31 -6.81 -6.06
N VAL B 35 7.26 -6.54 -6.83
CA VAL B 35 5.88 -6.55 -6.32
C VAL B 35 5.18 -7.86 -6.69
N ARG B 36 4.45 -8.45 -5.74
CA ARG B 36 3.57 -9.61 -5.90
C ARG B 36 2.13 -9.23 -5.52
N VAL B 37 1.12 -9.77 -6.22
CA VAL B 37 -0.30 -9.40 -6.04
C VAL B 37 -1.25 -10.59 -6.30
N THR B 38 -2.36 -10.62 -5.55
CA THR B 38 -3.39 -11.68 -5.55
C THR B 38 -4.79 -11.09 -5.71
N THR B 39 -5.60 -11.65 -6.61
CA THR B 39 -6.95 -11.15 -6.94
C THR B 39 -8.09 -11.99 -6.36
N LEU B 40 -9.32 -11.44 -6.41
CA LEU B 40 -10.60 -12.09 -6.11
C LEU B 40 -10.78 -13.48 -6.73
N PHE B 41 -10.25 -13.67 -7.95
CA PHE B 41 -10.36 -14.90 -8.75
C PHE B 41 -9.31 -15.97 -8.41
N ASP B 42 -8.51 -15.76 -7.36
CA ASP B 42 -7.32 -16.53 -6.97
C ASP B 42 -6.19 -16.53 -8.02
N GLU B 43 -6.26 -15.68 -9.04
CA GLU B 43 -5.17 -15.42 -9.98
C GLU B 43 -4.11 -14.51 -9.31
N GLU B 44 -2.83 -14.78 -9.60
CA GLU B 44 -1.67 -14.05 -9.06
C GLU B 44 -0.77 -13.48 -10.16
N HIS B 45 -0.08 -12.37 -9.86
CA HIS B 45 0.85 -11.68 -10.75
C HIS B 45 2.11 -11.21 -10.00
N ALA B 46 3.22 -11.00 -10.73
CA ALA B 46 4.50 -10.58 -10.16
C ALA B 46 5.27 -9.65 -11.13
N PHE B 47 5.97 -8.65 -10.56
CA PHE B 47 6.61 -7.54 -11.28
C PHE B 47 7.96 -7.15 -10.66
N PRO B 48 9.10 -7.68 -11.18
CA PRO B 48 10.45 -7.35 -10.70
C PRO B 48 10.81 -5.86 -10.83
N GLY B 49 11.61 -5.37 -9.88
CA GLY B 49 12.11 -3.98 -9.86
C GLY B 49 11.12 -2.94 -9.32
N LEU B 50 9.94 -3.36 -8.84
CA LEU B 50 8.92 -2.49 -8.25
C LEU B 50 8.82 -2.60 -6.72
N ALA B 51 8.21 -1.58 -6.11
CA ALA B 51 7.71 -1.51 -4.74
C ALA B 51 6.39 -0.71 -4.68
N ILE B 52 5.62 -0.83 -3.59
CA ILE B 52 4.40 -0.05 -3.40
C ILE B 52 4.77 1.40 -3.05
N GLY B 53 4.26 2.37 -3.82
CA GLY B 53 4.62 3.80 -3.71
C GLY B 53 3.57 4.67 -3.00
N ARG B 54 2.28 4.39 -3.19
CA ARG B 54 1.17 5.21 -2.64
C ARG B 54 -0.12 4.38 -2.53
N VAL B 55 -0.96 4.68 -1.54
CA VAL B 55 -2.35 4.16 -1.46
C VAL B 55 -3.31 5.32 -1.18
N ASP B 56 -4.41 5.40 -1.93
CA ASP B 56 -5.39 6.48 -1.89
C ASP B 56 -6.80 5.93 -1.65
N LEU B 57 -7.26 6.05 -0.39
CA LEU B 57 -8.50 5.44 0.10
C LEU B 57 -9.75 6.25 -0.25
N ARG B 58 -9.60 7.44 -0.87
CA ARG B 58 -10.70 8.19 -1.51
C ARG B 58 -11.29 7.44 -2.71
N SER B 59 -10.49 6.58 -3.35
CA SER B 59 -10.83 5.85 -4.59
C SER B 59 -10.52 4.35 -4.54
N GLY B 60 -9.75 3.88 -3.55
CA GLY B 60 -9.34 2.48 -3.40
C GLY B 60 -8.24 2.06 -4.39
N VAL B 61 -7.25 2.93 -4.62
CA VAL B 61 -6.17 2.72 -5.61
C VAL B 61 -4.79 2.63 -4.95
N ILE B 62 -4.02 1.64 -5.38
CA ILE B 62 -2.66 1.30 -4.93
C ILE B 62 -1.69 1.50 -6.10
N SER B 63 -0.78 2.46 -5.99
CA SER B 63 0.17 2.84 -7.04
C SER B 63 1.59 2.33 -6.77
N LEU B 64 2.22 1.72 -7.78
CA LEU B 64 3.54 1.10 -7.70
C LEU B 64 4.62 1.99 -8.35
N ILE B 65 5.84 1.91 -7.83
CA ILE B 65 7.02 2.70 -8.23
C ILE B 65 8.27 1.82 -8.34
N GLU B 66 9.29 2.27 -9.08
CA GLU B 66 10.57 1.58 -9.23
C GLU B 66 11.41 1.59 -7.93
N GLU B 67 11.84 0.41 -7.47
CA GLU B 67 12.49 0.21 -6.16
C GLU B 67 13.96 0.70 -6.09
N GLN B 68 14.58 0.98 -7.25
CA GLN B 68 15.86 1.67 -7.39
C GLN B 68 15.83 2.62 -8.60
N ASN B 69 16.52 3.77 -8.49
CA ASN B 69 16.31 4.93 -9.38
C ASN B 69 17.60 5.49 -10.02
N ARG B 70 18.71 4.73 -9.96
CA ARG B 70 20.03 5.06 -10.52
C ARG B 70 20.80 3.80 -10.97
N GLY A 1 -15.83 -13.01 2.89
CA GLY A 1 -15.15 -12.07 1.98
C GLY A 1 -14.62 -10.84 2.72
N PRO A 2 -14.19 -9.79 1.99
CA PRO A 2 -13.67 -8.55 2.56
C PRO A 2 -14.65 -7.80 3.48
N GLY A 3 -14.12 -7.11 4.49
CA GLY A 3 -14.88 -6.25 5.41
C GLY A 3 -14.00 -5.66 6.53
N SER A 4 -14.23 -4.40 6.89
CA SER A 4 -13.51 -3.68 7.96
C SER A 4 -14.32 -2.55 8.57
N MET A 5 -14.03 -2.21 9.82
CA MET A 5 -14.65 -1.12 10.60
C MET A 5 -14.13 0.29 10.27
N CYS A 6 -13.12 0.39 9.40
CA CYS A 6 -12.49 1.63 8.95
C CYS A 6 -12.06 1.58 7.47
N MET A 7 -11.71 2.73 6.90
CA MET A 7 -11.25 2.89 5.50
C MET A 7 -9.95 2.12 5.25
N ALA A 8 -8.96 2.33 6.12
CA ALA A 8 -7.75 1.50 6.27
C ALA A 8 -7.12 1.76 7.65
N LYS A 9 -6.15 0.92 8.02
CA LYS A 9 -5.32 1.06 9.24
C LYS A 9 -3.86 0.73 8.94
N VAL A 10 -2.94 1.54 9.44
CA VAL A 10 -1.47 1.38 9.27
C VAL A 10 -0.85 0.79 10.54
N VAL A 11 0.15 -0.08 10.39
CA VAL A 11 0.98 -0.64 11.47
C VAL A 11 2.46 -0.65 11.09
N LEU A 12 3.31 -0.32 12.07
CA LEU A 12 4.77 -0.20 11.93
C LEU A 12 5.49 -0.50 13.24
N THR A 13 6.81 -0.75 13.16
CA THR A 13 7.72 -0.88 14.32
C THR A 13 8.90 0.10 14.19
N LYS A 14 9.16 0.88 15.26
CA LYS A 14 10.23 1.88 15.34
C LYS A 14 11.61 1.24 15.51
N ALA A 15 12.68 2.03 15.32
CA ALA A 15 14.06 1.60 15.57
C ALA A 15 14.34 1.21 17.04
N ASP A 16 13.56 1.75 17.97
CA ASP A 16 13.58 1.39 19.41
C ASP A 16 12.85 0.06 19.74
N GLY A 17 12.25 -0.59 18.75
CA GLY A 17 11.52 -1.86 18.89
C GLY A 17 10.04 -1.74 19.33
N GLY A 18 9.56 -0.53 19.61
CA GLY A 18 8.15 -0.26 19.95
C GLY A 18 7.28 -0.08 18.70
N ARG A 19 6.04 -0.59 18.71
CA ARG A 19 5.09 -0.44 17.59
C ARG A 19 4.32 0.89 17.63
N VAL A 20 3.76 1.26 16.47
CA VAL A 20 2.74 2.32 16.32
C VAL A 20 1.62 1.82 15.40
N GLU A 21 0.38 2.18 15.70
CA GLU A 21 -0.83 1.86 14.93
C GLU A 21 -1.68 3.12 14.70
N ILE A 22 -2.28 3.24 13.50
CA ILE A 22 -3.12 4.39 13.09
C ILE A 22 -4.39 3.87 12.40
N GLY A 23 -5.56 4.26 12.92
CA GLY A 23 -6.87 3.96 12.33
C GLY A 23 -7.43 5.10 11.46
N ASP A 24 -8.55 4.83 10.77
CA ASP A 24 -9.29 5.82 9.96
C ASP A 24 -8.43 6.52 8.88
N VAL A 25 -7.56 5.75 8.23
CA VAL A 25 -6.59 6.22 7.22
C VAL A 25 -7.25 6.46 5.85
N LEU A 26 -7.03 7.64 5.28
CA LEU A 26 -7.43 8.01 3.92
C LEU A 26 -6.32 7.74 2.88
N GLU A 27 -5.03 7.90 3.25
CA GLU A 27 -3.91 7.88 2.30
C GLU A 27 -2.59 7.53 2.98
N VAL A 28 -1.70 6.85 2.24
CA VAL A 28 -0.34 6.49 2.66
C VAL A 28 0.64 6.71 1.50
N ARG A 29 1.85 7.24 1.78
CA ARG A 29 2.91 7.47 0.78
C ARG A 29 4.29 7.07 1.30
N ALA A 30 4.91 6.06 0.68
CA ALA A 30 6.31 5.67 0.87
C ALA A 30 7.20 6.39 -0.17
N GLU A 31 7.85 7.49 0.24
CA GLU A 31 8.65 8.36 -0.65
C GLU A 31 9.64 9.25 0.12
N GLY A 32 10.73 9.65 -0.53
CA GLY A 32 11.75 10.54 0.06
C GLY A 32 12.47 9.97 1.29
N GLY A 33 12.53 8.64 1.43
CA GLY A 33 13.12 7.95 2.59
C GLY A 33 12.23 7.87 3.83
N ALA A 34 10.92 8.12 3.70
CA ALA A 34 9.94 8.08 4.80
C ALA A 34 8.56 7.58 4.33
N VAL A 35 7.76 7.06 5.26
CA VAL A 35 6.30 6.84 5.06
C VAL A 35 5.50 7.98 5.71
N ARG A 36 4.49 8.48 5.00
CA ARG A 36 3.50 9.46 5.49
C ARG A 36 2.11 8.85 5.49
N VAL A 37 1.23 9.29 6.40
CA VAL A 37 -0.16 8.82 6.56
C VAL A 37 -1.10 10.00 6.78
N THR A 38 -2.29 9.95 6.18
CA THR A 38 -3.35 10.99 6.32
C THR A 38 -4.66 10.36 6.83
N THR A 39 -5.43 11.08 7.64
CA THR A 39 -6.69 10.61 8.27
C THR A 39 -7.84 11.60 8.08
N LEU A 40 -9.08 11.14 8.31
CA LEU A 40 -10.30 11.96 8.16
C LEU A 40 -10.45 13.11 9.18
N PHE A 41 -9.56 13.21 10.17
CA PHE A 41 -9.45 14.36 11.09
C PHE A 41 -8.73 15.57 10.46
N ASP A 42 -8.31 15.46 9.19
CA ASP A 42 -7.35 16.33 8.50
C ASP A 42 -5.94 16.35 9.14
N GLU A 43 -5.68 15.40 10.04
CA GLU A 43 -4.35 15.16 10.64
C GLU A 43 -3.46 14.28 9.74
N GLU A 44 -2.15 14.44 9.93
CA GLU A 44 -1.09 13.75 9.20
C GLU A 44 0.04 13.26 10.12
N HIS A 45 0.69 12.17 9.71
CA HIS A 45 1.79 11.50 10.43
C HIS A 45 2.94 11.21 9.47
N ALA A 46 4.18 11.11 9.99
CA ALA A 46 5.38 10.83 9.20
C ALA A 46 6.42 9.99 9.98
N PHE A 47 7.05 9.04 9.27
CA PHE A 47 7.93 8.01 9.84
C PHE A 47 9.15 7.75 8.92
N PRO A 48 10.31 8.39 9.17
CA PRO A 48 11.55 8.16 8.43
C PRO A 48 12.06 6.71 8.53
N GLY A 49 12.74 6.26 7.47
CA GLY A 49 13.39 4.94 7.39
C GLY A 49 12.45 3.78 7.06
N LEU A 50 11.19 4.04 6.68
CA LEU A 50 10.19 3.03 6.32
C LEU A 50 9.80 3.03 4.83
N ALA A 51 9.21 1.91 4.41
CA ALA A 51 8.48 1.72 3.16
C ALA A 51 7.30 0.73 3.37
N ILE A 52 6.33 0.70 2.45
CA ILE A 52 5.19 -0.24 2.52
C ILE A 52 5.66 -1.65 2.14
N GLY A 53 5.44 -2.62 3.04
CA GLY A 53 5.75 -4.04 2.84
C GLY A 53 4.62 -4.83 2.17
N ARG A 54 3.38 -4.62 2.64
CA ARG A 54 2.16 -5.19 2.03
C ARG A 54 0.90 -4.39 2.37
N VAL A 55 -0.15 -4.62 1.58
CA VAL A 55 -1.51 -4.11 1.84
C VAL A 55 -2.51 -5.26 1.67
N ASP A 56 -3.31 -5.51 2.71
CA ASP A 56 -4.31 -6.59 2.78
C ASP A 56 -5.73 -6.01 2.75
N LEU A 57 -6.30 -5.90 1.54
CA LEU A 57 -7.57 -5.21 1.28
C LEU A 57 -8.79 -5.94 1.89
N ARG A 58 -8.64 -7.21 2.26
CA ARG A 58 -9.68 -7.99 2.98
C ARG A 58 -10.04 -7.39 4.36
N SER A 59 -9.10 -6.67 4.98
CA SER A 59 -9.29 -6.00 6.29
C SER A 59 -8.77 -4.55 6.33
N GLY A 60 -8.31 -4.01 5.20
CA GLY A 60 -7.76 -2.65 5.07
C GLY A 60 -6.41 -2.43 5.79
N VAL A 61 -5.67 -3.49 6.11
CA VAL A 61 -4.40 -3.41 6.86
C VAL A 61 -3.24 -3.05 5.94
N ILE A 62 -2.52 -1.98 6.26
CA ILE A 62 -1.30 -1.51 5.60
C ILE A 62 -0.11 -1.79 6.54
N SER A 63 0.82 -2.66 6.11
CA SER A 63 1.99 -3.06 6.89
C SER A 63 3.26 -2.37 6.39
N LEU A 64 3.99 -1.69 7.26
CA LEU A 64 5.25 -1.01 6.94
C LEU A 64 6.47 -1.80 7.43
N ILE A 65 7.58 -1.68 6.69
CA ILE A 65 8.88 -2.33 6.91
C ILE A 65 10.02 -1.32 6.78
N GLU A 66 11.20 -1.63 7.30
CA GLU A 66 12.39 -0.76 7.16
C GLU A 66 12.91 -0.73 5.71
N GLU A 67 13.11 0.47 5.16
CA GLU A 67 13.50 0.67 3.75
C GLU A 67 14.95 0.25 3.44
N GLN A 68 15.78 0.06 4.47
CA GLN A 68 17.06 -0.65 4.40
C GLN A 68 17.08 -1.73 5.50
N ASN A 69 17.19 -3.00 5.08
CA ASN A 69 17.05 -4.17 5.95
C ASN A 69 18.02 -5.33 5.62
N ARG A 70 18.91 -5.15 4.63
CA ARG A 70 19.92 -6.15 4.19
C ARG A 70 21.10 -6.25 5.16
N GLY B 1 -25.04 -14.96 3.04
CA GLY B 1 -24.79 -13.64 3.66
C GLY B 1 -24.89 -12.50 2.63
N PRO B 2 -25.03 -11.25 3.10
CA PRO B 2 -25.13 -10.07 2.22
C PRO B 2 -23.80 -9.77 1.49
N GLY B 3 -23.91 -9.18 0.30
CA GLY B 3 -22.75 -8.78 -0.52
C GLY B 3 -22.00 -7.57 0.06
N SER B 4 -20.67 -7.64 0.08
CA SER B 4 -19.77 -6.55 0.50
C SER B 4 -18.36 -6.73 -0.08
N MET B 5 -17.62 -5.63 -0.25
CA MET B 5 -16.28 -5.60 -0.85
C MET B 5 -15.46 -4.37 -0.41
N CYS B 6 -14.15 -4.56 -0.26
CA CYS B 6 -13.18 -3.53 0.15
C CYS B 6 -11.92 -3.48 -0.74
N MET B 7 -11.95 -4.16 -1.88
CA MET B 7 -10.83 -4.33 -2.81
C MET B 7 -10.43 -3.02 -3.53
N ALA B 8 -9.14 -2.93 -3.88
CA ALA B 8 -8.55 -1.81 -4.60
C ALA B 8 -8.32 -2.14 -6.10
N LYS B 9 -7.78 -1.18 -6.86
CA LYS B 9 -7.09 -1.40 -8.13
C LYS B 9 -5.63 -0.91 -8.08
N VAL B 10 -4.73 -1.65 -8.71
CA VAL B 10 -3.28 -1.38 -8.77
C VAL B 10 -2.93 -0.71 -10.11
N VAL B 11 -1.96 0.21 -10.11
CA VAL B 11 -1.37 0.83 -11.31
C VAL B 11 0.16 0.88 -11.24
N LEU B 12 0.81 0.63 -12.37
CA LEU B 12 2.27 0.56 -12.53
C LEU B 12 2.74 1.00 -13.93
N THR B 13 4.00 1.45 -14.02
CA THR B 13 4.65 1.88 -15.28
C THR B 13 5.83 0.96 -15.62
N LYS B 14 5.91 0.52 -16.88
CA LYS B 14 6.96 -0.36 -17.45
C LYS B 14 8.19 0.43 -17.91
N ALA B 15 9.33 -0.25 -18.06
CA ALA B 15 10.58 0.35 -18.55
C ALA B 15 10.48 0.87 -20.00
N ASP B 16 9.56 0.33 -20.81
CA ASP B 16 9.24 0.79 -22.18
C ASP B 16 8.35 2.06 -22.21
N GLY B 17 7.95 2.59 -21.05
CA GLY B 17 7.11 3.78 -20.90
C GLY B 17 5.58 3.52 -20.95
N GLY B 18 5.16 2.27 -21.21
CA GLY B 18 3.75 1.86 -21.13
C GLY B 18 3.26 1.67 -19.69
N ARG B 19 1.94 1.56 -19.50
CA ARG B 19 1.29 1.36 -18.19
C ARG B 19 0.33 0.18 -18.15
N VAL B 20 0.16 -0.39 -16.96
CA VAL B 20 -0.72 -1.55 -16.67
C VAL B 20 -1.58 -1.25 -15.44
N GLU B 21 -2.85 -1.70 -15.48
CA GLU B 21 -3.82 -1.56 -14.39
C GLU B 21 -4.51 -2.91 -14.07
N ILE B 22 -4.76 -3.18 -12.78
CA ILE B 22 -5.21 -4.49 -12.27
C ILE B 22 -6.30 -4.27 -11.21
N GLY B 23 -7.54 -4.65 -11.52
CA GLY B 23 -8.71 -4.44 -10.67
C GLY B 23 -8.99 -5.56 -9.64
N ASP B 24 -9.80 -5.24 -8.64
CA ASP B 24 -10.39 -6.17 -7.65
C ASP B 24 -9.33 -7.01 -6.88
N VAL B 25 -8.26 -6.33 -6.44
CA VAL B 25 -7.15 -6.94 -5.71
C VAL B 25 -7.50 -7.16 -4.24
N LEU B 26 -7.30 -8.39 -3.74
CA LEU B 26 -7.46 -8.77 -2.32
C LEU B 26 -6.21 -8.46 -1.49
N GLU B 27 -5.03 -8.57 -2.08
CA GLU B 27 -3.74 -8.33 -1.41
C GLU B 27 -2.62 -7.96 -2.41
N VAL B 28 -1.73 -7.06 -2.02
CA VAL B 28 -0.45 -6.76 -2.70
C VAL B 28 0.72 -6.91 -1.72
N ARG B 29 1.87 -7.38 -2.19
CA ARG B 29 3.10 -7.58 -1.40
C ARG B 29 4.35 -7.13 -2.18
N ALA B 30 5.28 -6.46 -1.52
CA ALA B 30 6.64 -6.25 -2.00
C ALA B 30 7.54 -7.37 -1.47
N GLU B 31 8.16 -8.14 -2.36
CA GLU B 31 8.86 -9.39 -2.02
C GLU B 31 9.93 -9.76 -3.06
N GLY B 32 11.15 -10.08 -2.60
CA GLY B 32 12.22 -10.61 -3.46
C GLY B 32 12.73 -9.66 -4.55
N GLY B 33 12.61 -8.33 -4.35
CA GLY B 33 12.93 -7.32 -5.38
C GLY B 33 11.85 -7.15 -6.46
N ALA B 34 10.61 -7.54 -6.17
CA ALA B 34 9.45 -7.48 -7.05
C ALA B 34 8.17 -7.11 -6.28
N VAL B 35 7.08 -6.79 -6.98
CA VAL B 35 5.72 -6.79 -6.41
C VAL B 35 4.90 -7.97 -6.91
N ARG B 36 4.10 -8.55 -6.01
CA ARG B 36 3.09 -9.59 -6.28
C ARG B 36 1.70 -9.07 -5.91
N VAL B 37 0.69 -9.45 -6.69
CA VAL B 37 -0.71 -9.01 -6.52
C VAL B 37 -1.67 -10.18 -6.72
N THR B 38 -2.74 -10.27 -5.91
CA THR B 38 -3.69 -11.41 -5.88
C THR B 38 -5.14 -10.93 -5.88
N THR B 39 -5.99 -11.51 -6.73
CA THR B 39 -7.40 -11.08 -6.94
C THR B 39 -8.43 -12.11 -6.48
N LEU B 40 -9.71 -11.72 -6.44
CA LEU B 40 -10.85 -12.55 -6.01
C LEU B 40 -11.11 -13.81 -6.84
N PHE B 41 -10.52 -13.92 -8.03
CA PHE B 41 -10.58 -15.11 -8.90
C PHE B 41 -9.57 -16.21 -8.50
N ASP B 42 -8.84 -16.03 -7.40
CA ASP B 42 -7.65 -16.81 -7.01
C ASP B 42 -6.47 -16.71 -8.00
N GLU B 43 -6.53 -15.74 -8.93
CA GLU B 43 -5.43 -15.40 -9.83
C GLU B 43 -4.36 -14.53 -9.15
N GLU B 44 -3.15 -14.60 -9.67
CA GLU B 44 -1.96 -13.94 -9.15
C GLU B 44 -1.04 -13.47 -10.30
N HIS B 45 -0.43 -12.29 -10.13
CA HIS B 45 0.52 -11.67 -11.08
C HIS B 45 1.74 -11.13 -10.34
N ALA B 46 2.89 -11.04 -11.03
CA ALA B 46 4.17 -10.62 -10.45
C ALA B 46 4.97 -9.70 -11.40
N PHE B 47 5.64 -8.70 -10.82
CA PHE B 47 6.27 -7.58 -11.54
C PHE B 47 7.66 -7.26 -10.94
N PRO B 48 8.76 -7.78 -11.51
CA PRO B 48 10.13 -7.53 -11.05
C PRO B 48 10.55 -6.06 -11.10
N GLY B 49 11.40 -5.65 -10.16
CA GLY B 49 11.98 -4.30 -10.07
C GLY B 49 11.08 -3.27 -9.39
N LEU B 50 9.89 -3.66 -8.89
CA LEU B 50 8.93 -2.77 -8.23
C LEU B 50 8.85 -2.97 -6.70
N ALA B 51 8.31 -1.95 -6.03
CA ALA B 51 7.86 -1.92 -4.64
C ALA B 51 6.58 -1.07 -4.52
N ILE B 52 5.81 -1.22 -3.44
CA ILE B 52 4.57 -0.47 -3.21
C ILE B 52 4.91 0.99 -2.82
N GLY B 53 4.40 1.96 -3.57
CA GLY B 53 4.73 3.39 -3.42
C GLY B 53 3.66 4.21 -2.69
N ARG B 54 2.39 4.09 -3.08
CA ARG B 54 1.26 4.84 -2.49
C ARG B 54 -0.02 4.02 -2.38
N VAL B 55 -0.90 4.44 -1.47
CA VAL B 55 -2.27 3.92 -1.27
C VAL B 55 -3.21 5.11 -1.06
N ASP B 56 -4.35 5.15 -1.77
CA ASP B 56 -5.42 6.13 -1.60
C ASP B 56 -6.77 5.42 -1.48
N LEU B 57 -7.38 5.47 -0.29
CA LEU B 57 -8.63 4.77 0.02
C LEU B 57 -9.88 5.51 -0.47
N ARG B 58 -9.76 6.80 -0.83
CA ARG B 58 -10.85 7.61 -1.41
C ARG B 58 -11.20 7.14 -2.83
N SER B 59 -10.18 6.92 -3.66
CA SER B 59 -10.31 6.33 -5.01
C SER B 59 -10.24 4.79 -5.02
N GLY B 60 -9.69 4.18 -3.97
CA GLY B 60 -9.39 2.75 -3.91
C GLY B 60 -8.18 2.35 -4.78
N VAL B 61 -7.15 3.19 -4.85
CA VAL B 61 -6.00 3.06 -5.76
C VAL B 61 -4.71 2.68 -5.00
N ILE B 62 -3.91 1.79 -5.59
CA ILE B 62 -2.55 1.43 -5.16
C ILE B 62 -1.59 1.76 -6.31
N SER B 63 -0.51 2.50 -6.04
CA SER B 63 0.50 2.89 -7.02
C SER B 63 1.85 2.25 -6.71
N LEU B 64 2.46 1.59 -7.70
CA LEU B 64 3.78 0.99 -7.59
C LEU B 64 4.90 1.91 -8.11
N ILE B 65 6.11 1.73 -7.55
CA ILE B 65 7.33 2.49 -7.87
C ILE B 65 8.54 1.55 -8.00
N GLU B 66 9.65 2.01 -8.58
CA GLU B 66 10.88 1.20 -8.72
C GLU B 66 11.57 0.96 -7.36
N GLU B 67 11.94 -0.29 -7.07
CA GLU B 67 12.55 -0.69 -5.78
C GLU B 67 14.01 -0.22 -5.59
N GLN B 68 14.72 0.05 -6.69
CA GLN B 68 16.05 0.68 -6.73
C GLN B 68 16.17 1.62 -7.94
N ASN B 69 17.00 2.66 -7.82
CA ASN B 69 17.18 3.71 -8.83
C ASN B 69 18.65 3.86 -9.33
N ARG B 70 19.54 2.94 -8.94
CA ARG B 70 20.96 2.93 -9.30
C ARG B 70 21.19 2.58 -10.78
N GLY A 1 -26.29 2.05 3.21
CA GLY A 1 -27.12 3.21 3.59
C GLY A 1 -26.27 4.40 4.03
N PRO A 2 -26.84 5.36 4.80
CA PRO A 2 -26.11 6.50 5.33
C PRO A 2 -25.05 6.07 6.37
N GLY A 3 -23.86 6.69 6.32
CA GLY A 3 -22.75 6.42 7.23
C GLY A 3 -22.05 5.06 7.05
N SER A 4 -22.38 4.30 6.00
CA SER A 4 -21.86 2.95 5.73
C SER A 4 -20.43 2.92 5.16
N MET A 5 -19.92 4.05 4.67
CA MET A 5 -18.55 4.18 4.13
C MET A 5 -17.46 4.03 5.22
N CYS A 6 -16.30 3.51 4.84
CA CYS A 6 -15.15 3.28 5.72
C CYS A 6 -13.81 3.26 4.93
N MET A 7 -12.70 3.31 5.66
CA MET A 7 -11.32 3.33 5.13
C MET A 7 -10.43 2.29 5.84
N ALA A 8 -9.21 2.11 5.34
CA ALA A 8 -8.19 1.23 5.90
C ALA A 8 -7.61 1.74 7.25
N LYS A 9 -6.67 0.97 7.78
CA LYS A 9 -5.82 1.31 8.95
C LYS A 9 -4.36 0.92 8.69
N VAL A 10 -3.40 1.72 9.15
CA VAL A 10 -1.95 1.48 9.00
C VAL A 10 -1.38 0.85 10.27
N VAL A 11 -0.41 -0.06 10.15
CA VAL A 11 0.43 -0.59 11.24
C VAL A 11 1.91 -0.62 10.82
N LEU A 12 2.80 -0.37 11.78
CA LEU A 12 4.25 -0.32 11.58
C LEU A 12 5.06 -0.70 12.83
N THR A 13 6.30 -1.14 12.61
CA THR A 13 7.34 -1.26 13.64
C THR A 13 8.46 -0.26 13.36
N LYS A 14 8.76 0.60 14.34
CA LYS A 14 9.78 1.65 14.29
C LYS A 14 11.20 1.09 14.45
N ALA A 15 12.21 1.89 14.11
CA ALA A 15 13.63 1.50 14.18
C ALA A 15 14.14 1.18 15.61
N ASP A 16 13.47 1.69 16.65
CA ASP A 16 13.72 1.38 18.06
C ASP A 16 12.99 0.12 18.58
N GLY A 17 12.22 -0.56 17.70
CA GLY A 17 11.42 -1.75 18.02
C GLY A 17 10.03 -1.47 18.61
N GLY A 18 9.63 -0.21 18.78
CA GLY A 18 8.27 0.17 19.16
C GLY A 18 7.26 -0.01 18.01
N ARG A 19 5.97 -0.11 18.32
CA ARG A 19 4.88 -0.27 17.33
C ARG A 19 3.84 0.83 17.41
N VAL A 20 3.25 1.16 16.25
CA VAL A 20 2.29 2.25 16.06
C VAL A 20 1.17 1.81 15.11
N GLU A 21 -0.06 2.24 15.39
CA GLU A 21 -1.26 2.01 14.55
C GLU A 21 -2.00 3.34 14.30
N ILE A 22 -2.57 3.50 13.09
CA ILE A 22 -3.29 4.70 12.64
C ILE A 22 -4.61 4.28 11.97
N GLY A 23 -5.74 4.60 12.58
CA GLY A 23 -7.09 4.36 12.02
C GLY A 23 -7.61 5.50 11.14
N ASP A 24 -8.62 5.19 10.32
CA ASP A 24 -9.36 6.13 9.45
C ASP A 24 -8.44 6.98 8.53
N VAL A 25 -7.44 6.32 7.93
CA VAL A 25 -6.48 6.94 7.01
C VAL A 25 -7.13 7.26 5.65
N LEU A 26 -6.87 8.45 5.10
CA LEU A 26 -7.33 8.86 3.76
C LEU A 26 -6.28 8.60 2.68
N GLU A 27 -5.00 8.77 3.02
CA GLU A 27 -3.88 8.65 2.07
C GLU A 27 -2.56 8.28 2.76
N VAL A 28 -1.74 7.47 2.09
CA VAL A 28 -0.38 7.06 2.51
C VAL A 28 0.59 7.18 1.32
N ARG A 29 1.82 7.64 1.55
CA ARG A 29 2.91 7.73 0.56
C ARG A 29 4.23 7.20 1.11
N ALA A 30 5.04 6.59 0.27
CA ALA A 30 6.38 6.08 0.60
C ALA A 30 7.45 6.73 -0.29
N GLU A 31 8.51 7.21 0.34
CA GLU A 31 9.72 7.76 -0.29
C GLU A 31 10.97 7.13 0.38
N GLY A 32 12.12 7.11 -0.31
CA GLY A 32 13.33 6.43 0.19
C GLY A 32 13.84 6.91 1.57
N GLY A 33 13.53 8.15 1.96
CA GLY A 33 13.81 8.69 3.30
C GLY A 33 12.77 8.31 4.36
N ALA A 34 11.48 8.29 4.04
CA ALA A 34 10.38 8.13 5.00
C ALA A 34 9.02 7.75 4.35
N VAL A 35 8.16 7.11 5.13
CA VAL A 35 6.70 7.02 4.87
C VAL A 35 5.97 8.21 5.49
N ARG A 36 4.88 8.65 4.84
CA ARG A 36 4.00 9.75 5.27
C ARG A 36 2.52 9.35 5.13
N VAL A 37 1.66 9.76 6.05
CA VAL A 37 0.23 9.36 6.10
C VAL A 37 -0.67 10.45 6.68
N THR A 38 -1.91 10.55 6.17
CA THR A 38 -2.90 11.58 6.58
C THR A 38 -4.29 11.00 6.85
N THR A 39 -4.90 11.38 7.96
CA THR A 39 -6.24 10.92 8.42
C THR A 39 -7.35 11.94 8.18
N LEU A 40 -8.62 11.52 8.30
CA LEU A 40 -9.78 12.43 8.30
C LEU A 40 -9.87 13.36 9.53
N PHE A 41 -9.05 13.14 10.56
CA PHE A 41 -8.90 14.04 11.71
C PHE A 41 -8.02 15.27 11.39
N ASP A 42 -7.55 15.40 10.15
CA ASP A 42 -6.48 16.28 9.64
C ASP A 42 -5.11 16.10 10.34
N GLU A 43 -4.96 15.05 11.16
CA GLU A 43 -3.69 14.66 11.76
C GLU A 43 -2.77 13.99 10.72
N GLU A 44 -1.53 14.48 10.64
CA GLU A 44 -0.46 13.93 9.79
C GLU A 44 0.53 13.09 10.61
N HIS A 45 1.11 12.07 9.96
CA HIS A 45 2.09 11.14 10.53
C HIS A 45 3.25 10.93 9.55
N ALA A 46 4.47 10.77 10.06
CA ALA A 46 5.68 10.53 9.25
C ALA A 46 6.69 9.63 10.00
N PHE A 47 7.35 8.73 9.26
CA PHE A 47 8.20 7.67 9.81
C PHE A 47 9.45 7.42 8.93
N PRO A 48 10.63 7.94 9.31
CA PRO A 48 11.88 7.70 8.58
C PRO A 48 12.29 6.23 8.52
N GLY A 49 12.96 5.85 7.43
CA GLY A 49 13.53 4.50 7.19
C GLY A 49 12.54 3.40 6.80
N LEU A 50 11.25 3.74 6.62
CA LEU A 50 10.19 2.81 6.20
C LEU A 50 9.84 2.92 4.71
N ALA A 51 9.16 1.89 4.21
CA ALA A 51 8.41 1.83 2.95
C ALA A 51 7.12 1.01 3.17
N ILE A 52 6.10 1.15 2.31
CA ILE A 52 4.88 0.33 2.38
C ILE A 52 5.22 -1.10 1.94
N GLY A 53 4.94 -2.08 2.81
CA GLY A 53 5.30 -3.49 2.62
C GLY A 53 4.14 -4.37 2.11
N ARG A 54 2.91 -4.08 2.53
CA ARG A 54 1.73 -4.91 2.25
C ARG A 54 0.43 -4.11 2.36
N VAL A 55 -0.56 -4.47 1.55
CA VAL A 55 -1.96 -4.10 1.79
C VAL A 55 -2.84 -5.34 1.66
N ASP A 56 -3.66 -5.64 2.67
CA ASP A 56 -4.64 -6.72 2.67
C ASP A 56 -6.05 -6.13 2.81
N LEU A 57 -6.84 -6.24 1.74
CA LEU A 57 -8.16 -5.61 1.60
C LEU A 57 -9.27 -6.43 2.28
N ARG A 58 -9.02 -7.70 2.64
CA ARG A 58 -9.96 -8.56 3.38
C ARG A 58 -10.10 -8.09 4.84
N SER A 59 -9.01 -7.60 5.43
CA SER A 59 -8.94 -7.04 6.79
C SER A 59 -8.84 -5.51 6.83
N GLY A 60 -8.59 -4.85 5.69
CA GLY A 60 -8.43 -3.40 5.57
C GLY A 60 -7.12 -2.87 6.18
N VAL A 61 -6.04 -3.67 6.17
CA VAL A 61 -4.76 -3.36 6.80
C VAL A 61 -3.69 -2.96 5.77
N ILE A 62 -3.07 -1.80 5.98
CA ILE A 62 -1.80 -1.36 5.36
C ILE A 62 -0.67 -1.67 6.37
N SER A 63 0.44 -2.25 5.92
CA SER A 63 1.59 -2.59 6.77
C SER A 63 2.90 -2.03 6.20
N LEU A 64 3.71 -1.39 7.04
CA LEU A 64 5.03 -0.82 6.68
C LEU A 64 6.19 -1.76 7.06
N ILE A 65 7.30 -1.66 6.32
CA ILE A 65 8.55 -2.42 6.49
C ILE A 65 9.77 -1.50 6.37
N GLU A 66 10.92 -1.92 6.89
CA GLU A 66 12.18 -1.16 6.75
C GLU A 66 12.67 -1.14 5.28
N GLU A 67 13.01 0.02 4.75
CA GLU A 67 13.24 0.24 3.30
C GLU A 67 14.52 -0.41 2.76
N GLN A 68 15.47 -0.77 3.64
CA GLN A 68 16.59 -1.66 3.33
C GLN A 68 16.86 -2.62 4.51
N ASN A 69 17.38 -3.83 4.19
CA ASN A 69 17.53 -4.94 5.14
C ASN A 69 18.98 -5.49 5.21
N ARG A 70 19.96 -4.69 4.76
CA ARG A 70 21.41 -5.02 4.72
C ARG A 70 21.99 -5.25 6.13
N GLY B 1 -25.83 -15.53 3.30
CA GLY B 1 -24.35 -15.54 3.41
C GLY B 1 -23.80 -14.18 3.84
N PRO B 2 -22.54 -14.12 4.31
CA PRO B 2 -21.90 -12.87 4.75
C PRO B 2 -21.67 -11.88 3.59
N GLY B 3 -21.74 -10.58 3.89
CA GLY B 3 -21.48 -9.49 2.94
C GLY B 3 -19.98 -9.28 2.62
N SER B 4 -19.68 -8.88 1.39
CA SER B 4 -18.32 -8.56 0.94
C SER B 4 -17.84 -7.18 1.43
N MET B 5 -16.52 -7.00 1.51
CA MET B 5 -15.84 -5.77 1.98
C MET B 5 -15.28 -4.90 0.83
N CYS B 6 -15.54 -5.27 -0.43
CA CYS B 6 -14.93 -4.71 -1.66
C CYS B 6 -13.39 -4.89 -1.74
N MET B 7 -12.81 -4.54 -2.90
CA MET B 7 -11.41 -4.79 -3.25
C MET B 7 -10.78 -3.58 -3.97
N ALA B 8 -9.47 -3.41 -3.82
CA ALA B 8 -8.71 -2.29 -4.40
C ALA B 8 -8.24 -2.57 -5.85
N LYS B 9 -7.87 -1.48 -6.53
CA LYS B 9 -7.10 -1.46 -7.79
C LYS B 9 -5.61 -1.24 -7.51
N VAL B 10 -4.73 -1.91 -8.26
CA VAL B 10 -3.28 -1.67 -8.29
C VAL B 10 -2.87 -1.15 -9.66
N VAL B 11 -1.93 -0.20 -9.71
CA VAL B 11 -1.38 0.40 -10.94
C VAL B 11 0.13 0.61 -10.87
N LEU B 12 0.82 0.41 -11.99
CA LEU B 12 2.27 0.56 -12.16
C LEU B 12 2.61 1.11 -13.56
N THR B 13 3.75 1.78 -13.69
CA THR B 13 4.31 2.24 -14.97
C THR B 13 5.68 1.60 -15.21
N LYS B 14 5.84 0.88 -16.32
CA LYS B 14 7.11 0.22 -16.72
C LYS B 14 8.17 1.24 -17.18
N ALA B 15 9.43 0.81 -17.23
CA ALA B 15 10.56 1.66 -17.61
C ALA B 15 10.46 2.24 -19.05
N ASP B 16 9.76 1.53 -19.95
CA ASP B 16 9.44 1.97 -21.32
C ASP B 16 8.24 2.96 -21.40
N GLY B 17 7.69 3.36 -20.25
CA GLY B 17 6.53 4.26 -20.13
C GLY B 17 5.16 3.57 -20.27
N GLY B 18 5.11 2.26 -20.47
CA GLY B 18 3.87 1.48 -20.59
C GLY B 18 3.21 1.21 -19.24
N ARG B 19 2.02 1.76 -19.01
CA ARG B 19 1.22 1.54 -17.80
C ARG B 19 0.49 0.19 -17.79
N VAL B 20 0.38 -0.42 -16.61
CA VAL B 20 -0.34 -1.67 -16.35
C VAL B 20 -1.25 -1.50 -15.13
N GLU B 21 -2.49 -1.97 -15.23
CA GLU B 21 -3.57 -1.77 -14.23
C GLU B 21 -4.27 -3.10 -13.92
N ILE B 22 -4.56 -3.34 -12.63
CA ILE B 22 -5.08 -4.62 -12.10
C ILE B 22 -6.22 -4.31 -11.12
N GLY B 23 -7.46 -4.67 -11.49
CA GLY B 23 -8.63 -4.53 -10.63
C GLY B 23 -8.82 -5.70 -9.64
N ASP B 24 -9.57 -5.43 -8.57
CA ASP B 24 -10.10 -6.43 -7.63
C ASP B 24 -9.03 -7.33 -6.98
N VAL B 25 -7.95 -6.74 -6.43
CA VAL B 25 -7.00 -7.47 -5.58
C VAL B 25 -7.55 -7.69 -4.17
N LEU B 26 -7.40 -8.92 -3.66
CA LEU B 26 -7.60 -9.26 -2.25
C LEU B 26 -6.38 -8.79 -1.42
N GLU B 27 -5.18 -8.86 -2.00
CA GLU B 27 -3.91 -8.61 -1.31
C GLU B 27 -2.81 -8.18 -2.29
N VAL B 28 -1.87 -7.36 -1.80
CA VAL B 28 -0.64 -6.94 -2.50
C VAL B 28 0.53 -6.90 -1.51
N ARG B 29 1.72 -7.31 -1.94
CA ARG B 29 2.96 -7.41 -1.13
C ARG B 29 4.17 -6.90 -1.91
N ALA B 30 4.98 -6.04 -1.30
CA ALA B 30 6.34 -5.75 -1.73
C ALA B 30 7.31 -6.69 -0.98
N GLU B 31 7.98 -7.60 -1.70
CA GLU B 31 8.84 -8.65 -1.14
C GLU B 31 9.88 -9.15 -2.17
N GLY B 32 11.08 -9.50 -1.71
CA GLY B 32 12.15 -10.07 -2.54
C GLY B 32 12.69 -9.16 -3.65
N GLY B 33 12.54 -7.83 -3.52
CA GLY B 33 12.88 -6.85 -4.57
C GLY B 33 11.84 -6.74 -5.70
N ALA B 34 10.60 -7.17 -5.44
CA ALA B 34 9.49 -7.22 -6.40
C ALA B 34 8.15 -6.87 -5.71
N VAL B 35 7.10 -6.66 -6.49
CA VAL B 35 5.70 -6.66 -5.98
C VAL B 35 4.95 -7.89 -6.50
N ARG B 36 4.10 -8.47 -5.67
CA ARG B 36 3.13 -9.53 -6.03
C ARG B 36 1.72 -9.14 -5.61
N VAL B 37 0.74 -9.68 -6.32
CA VAL B 37 -0.71 -9.46 -6.10
C VAL B 37 -1.50 -10.77 -6.11
N THR B 38 -2.64 -10.78 -5.41
CA THR B 38 -3.60 -11.90 -5.37
C THR B 38 -5.01 -11.38 -5.66
N THR B 39 -5.76 -12.01 -6.56
CA THR B 39 -7.09 -11.56 -7.01
C THR B 39 -8.23 -12.48 -6.55
N LEU B 40 -9.46 -12.01 -6.71
CA LEU B 40 -10.71 -12.76 -6.44
C LEU B 40 -10.85 -14.11 -7.19
N PHE B 41 -10.09 -14.31 -8.27
CA PHE B 41 -10.06 -15.57 -9.05
C PHE B 41 -9.12 -16.63 -8.43
N ASP B 42 -8.50 -16.36 -7.29
CA ASP B 42 -7.36 -17.10 -6.72
C ASP B 42 -6.10 -17.11 -7.62
N GLU B 43 -6.05 -16.24 -8.63
CA GLU B 43 -4.84 -15.99 -9.43
C GLU B 43 -3.82 -15.12 -8.68
N GLU B 44 -2.55 -15.29 -9.05
CA GLU B 44 -1.45 -14.46 -8.58
C GLU B 44 -0.55 -13.99 -9.73
N HIS B 45 0.00 -12.78 -9.58
CA HIS B 45 0.86 -12.10 -10.57
C HIS B 45 2.04 -11.41 -9.87
N ALA B 46 3.15 -11.21 -10.60
CA ALA B 46 4.42 -10.74 -10.04
C ALA B 46 5.16 -9.74 -10.96
N PHE B 47 5.83 -8.74 -10.37
CA PHE B 47 6.43 -7.59 -11.04
C PHE B 47 7.77 -7.22 -10.38
N PRO B 48 8.90 -7.73 -10.91
CA PRO B 48 10.25 -7.45 -10.38
C PRO B 48 10.65 -5.97 -10.47
N GLY B 49 11.49 -5.54 -9.51
CA GLY B 49 12.06 -4.19 -9.44
C GLY B 49 11.12 -3.13 -8.84
N LEU B 50 9.93 -3.51 -8.36
CA LEU B 50 8.93 -2.62 -7.77
C LEU B 50 8.80 -2.74 -6.25
N ALA B 51 8.23 -1.70 -5.64
CA ALA B 51 7.71 -1.64 -4.27
C ALA B 51 6.39 -0.81 -4.25
N ILE B 52 5.59 -0.93 -3.20
CA ILE B 52 4.36 -0.14 -3.05
C ILE B 52 4.73 1.30 -2.69
N GLY B 53 4.24 2.28 -3.47
CA GLY B 53 4.65 3.68 -3.39
C GLY B 53 3.61 4.64 -2.80
N ARG B 54 2.31 4.40 -3.05
CA ARG B 54 1.22 5.26 -2.59
C ARG B 54 -0.11 4.49 -2.51
N VAL B 55 -0.98 4.87 -1.58
CA VAL B 55 -2.33 4.31 -1.39
C VAL B 55 -3.33 5.43 -1.11
N ASP B 56 -4.37 5.55 -1.94
CA ASP B 56 -5.47 6.53 -1.79
C ASP B 56 -6.77 5.82 -1.38
N LEU B 57 -7.13 5.89 -0.10
CA LEU B 57 -8.34 5.24 0.42
C LEU B 57 -9.63 5.97 0.03
N ARG B 58 -9.53 7.24 -0.40
CA ARG B 58 -10.63 8.02 -1.00
C ARG B 58 -11.09 7.47 -2.36
N SER B 59 -10.23 6.71 -3.06
CA SER B 59 -10.48 6.14 -4.40
C SER B 59 -10.33 4.61 -4.47
N GLY B 60 -9.66 3.97 -3.50
CA GLY B 60 -9.38 2.54 -3.49
C GLY B 60 -8.27 2.12 -4.46
N VAL B 61 -7.30 2.99 -4.72
CA VAL B 61 -6.21 2.78 -5.72
C VAL B 61 -4.83 2.76 -5.04
N ILE B 62 -4.01 1.80 -5.45
CA ILE B 62 -2.66 1.49 -4.95
C ILE B 62 -1.66 1.69 -6.09
N SER B 63 -0.70 2.62 -5.95
CA SER B 63 0.33 2.92 -6.94
C SER B 63 1.68 2.31 -6.57
N LEU B 64 2.33 1.63 -7.50
CA LEU B 64 3.67 1.05 -7.35
C LEU B 64 4.77 1.99 -7.91
N ILE B 65 5.98 1.87 -7.38
CA ILE B 65 7.19 2.63 -7.75
C ILE B 65 8.41 1.70 -7.86
N GLU B 66 9.47 2.14 -8.54
CA GLU B 66 10.74 1.37 -8.63
C GLU B 66 11.46 1.33 -7.27
N GLU B 67 11.90 0.14 -6.84
CA GLU B 67 12.31 -0.14 -5.45
C GLU B 67 13.64 0.51 -5.02
N GLN B 68 14.52 0.85 -5.96
CA GLN B 68 15.74 1.62 -5.75
C GLN B 68 15.94 2.64 -6.90
N ASN B 69 16.45 3.82 -6.55
CA ASN B 69 16.53 5.01 -7.42
C ASN B 69 17.89 5.75 -7.26
N ARG B 70 18.97 4.98 -7.03
CA ARG B 70 20.34 5.45 -6.75
C ARG B 70 20.95 6.21 -7.94
N GLY A 1 -18.18 6.61 -9.45
CA GLY A 1 -17.77 5.20 -9.55
C GLY A 1 -18.17 4.42 -8.30
N PRO A 2 -17.42 3.36 -7.93
CA PRO A 2 -17.68 2.52 -6.75
C PRO A 2 -17.63 3.29 -5.42
N GLY A 3 -18.28 2.72 -4.39
CA GLY A 3 -18.34 3.27 -3.03
C GLY A 3 -18.33 2.19 -1.91
N SER A 4 -18.00 0.94 -2.24
CA SER A 4 -17.94 -0.20 -1.31
C SER A 4 -16.71 -0.18 -0.38
N MET A 5 -15.65 0.50 -0.80
CA MET A 5 -14.41 0.73 -0.05
C MET A 5 -14.62 1.62 1.19
N CYS A 6 -13.63 1.57 2.09
CA CYS A 6 -13.53 2.37 3.31
C CYS A 6 -12.04 2.59 3.68
N MET A 7 -11.75 3.51 4.59
CA MET A 7 -10.39 3.79 5.08
C MET A 7 -9.73 2.56 5.74
N ALA A 8 -8.43 2.40 5.50
CA ALA A 8 -7.59 1.35 6.07
C ALA A 8 -7.13 1.66 7.51
N LYS A 9 -6.38 0.71 8.11
CA LYS A 9 -5.55 0.90 9.31
C LYS A 9 -4.10 0.49 9.04
N VAL A 10 -3.15 1.32 9.45
CA VAL A 10 -1.70 1.11 9.27
C VAL A 10 -1.06 0.59 10.56
N VAL A 11 -0.07 -0.30 10.46
CA VAL A 11 0.78 -0.75 11.58
C VAL A 11 2.26 -0.73 11.20
N LEU A 12 3.12 -0.37 12.16
CA LEU A 12 4.58 -0.26 12.00
C LEU A 12 5.34 -0.55 13.30
N THR A 13 6.63 -0.91 13.16
CA THR A 13 7.59 -1.07 14.27
C THR A 13 8.65 0.03 14.21
N LYS A 14 8.89 0.69 15.35
CA LYS A 14 9.88 1.78 15.50
C LYS A 14 11.31 1.24 15.68
N ALA A 15 12.30 2.11 15.50
CA ALA A 15 13.70 1.85 15.88
C ALA A 15 13.87 1.64 17.41
N ASP A 16 12.93 2.13 18.22
CA ASP A 16 12.84 1.86 19.67
C ASP A 16 12.47 0.41 20.03
N GLY A 17 12.04 -0.40 19.04
CA GLY A 17 11.49 -1.74 19.21
C GLY A 17 10.00 -1.77 19.59
N GLY A 18 9.40 -0.62 19.93
CA GLY A 18 7.95 -0.46 20.13
C GLY A 18 7.16 -0.42 18.82
N ARG A 19 5.82 -0.50 18.91
CA ARG A 19 4.91 -0.51 17.75
C ARG A 19 3.84 0.58 17.82
N VAL A 20 3.35 1.00 16.65
CA VAL A 20 2.38 2.09 16.45
C VAL A 20 1.30 1.63 15.47
N GLU A 21 0.05 1.99 15.75
CA GLU A 21 -1.14 1.73 14.93
C GLU A 21 -1.91 3.02 14.63
N ILE A 22 -2.42 3.17 13.39
CA ILE A 22 -3.05 4.39 12.89
C ILE A 22 -4.34 4.05 12.12
N GLY A 23 -5.49 4.41 12.68
CA GLY A 23 -6.82 4.16 12.09
C GLY A 23 -7.32 5.27 11.16
N ASP A 24 -8.31 4.94 10.34
CA ASP A 24 -9.05 5.85 9.43
C ASP A 24 -8.14 6.65 8.47
N VAL A 25 -7.12 6.01 7.91
CA VAL A 25 -6.18 6.64 6.95
C VAL A 25 -6.85 6.88 5.59
N LEU A 26 -6.81 8.12 5.09
CA LEU A 26 -7.27 8.50 3.75
C LEU A 26 -6.19 8.23 2.68
N GLU A 27 -4.92 8.41 3.04
CA GLU A 27 -3.76 8.19 2.15
C GLU A 27 -2.49 7.83 2.93
N VAL A 28 -1.69 6.93 2.37
CA VAL A 28 -0.34 6.58 2.81
C VAL A 28 0.61 6.56 1.61
N ARG A 29 1.88 6.95 1.81
CA ARG A 29 2.91 6.99 0.76
C ARG A 29 4.32 6.83 1.32
N ALA A 30 5.21 6.20 0.56
CA ALA A 30 6.65 6.16 0.80
C ALA A 30 7.34 7.25 -0.03
N GLU A 31 7.89 8.26 0.63
CA GLU A 31 8.42 9.47 -0.02
C GLU A 31 9.54 10.15 0.79
N GLY A 32 10.67 10.47 0.14
CA GLY A 32 11.76 11.25 0.74
C GLY A 32 12.45 10.58 1.93
N GLY A 33 12.60 9.25 1.90
CA GLY A 33 13.22 8.46 2.98
C GLY A 33 12.33 8.22 4.21
N ALA A 34 11.00 8.38 4.08
CA ALA A 34 10.02 8.16 5.14
C ALA A 34 8.68 7.63 4.57
N VAL A 35 7.91 6.90 5.37
CA VAL A 35 6.46 6.73 5.09
C VAL A 35 5.67 7.85 5.76
N ARG A 36 4.65 8.37 5.06
CA ARG A 36 3.84 9.53 5.44
C ARG A 36 2.36 9.18 5.29
N VAL A 37 1.51 9.65 6.20
CA VAL A 37 0.07 9.34 6.26
C VAL A 37 -0.78 10.59 6.44
N THR A 38 -2.00 10.55 5.92
CA THR A 38 -3.07 11.55 6.11
C THR A 38 -4.34 10.86 6.60
N THR A 39 -4.89 11.29 7.74
CA THR A 39 -6.08 10.68 8.38
C THR A 39 -7.38 11.41 8.06
N LEU A 40 -8.51 10.76 8.38
CA LEU A 40 -9.88 11.28 8.31
C LEU A 40 -10.05 12.64 8.99
N PHE A 41 -9.26 12.91 10.03
CA PHE A 41 -9.30 14.13 10.84
C PHE A 41 -8.48 15.30 10.26
N ASP A 42 -7.96 15.15 9.04
CA ASP A 42 -6.97 16.02 8.37
C ASP A 42 -5.62 16.14 9.11
N GLU A 43 -5.37 15.28 10.11
CA GLU A 43 -4.07 15.16 10.78
C GLU A 43 -3.08 14.30 9.96
N GLU A 44 -1.80 14.62 10.04
CA GLU A 44 -0.72 13.98 9.28
C GLU A 44 0.46 13.56 10.19
N HIS A 45 1.12 12.45 9.82
CA HIS A 45 2.31 11.91 10.51
C HIS A 45 3.34 11.39 9.51
N ALA A 46 4.61 11.28 9.93
CA ALA A 46 5.72 10.76 9.13
C ALA A 46 6.71 9.90 9.96
N PHE A 47 7.27 8.88 9.31
CA PHE A 47 8.05 7.79 9.92
C PHE A 47 9.28 7.46 9.07
N PRO A 48 10.47 8.04 9.39
CA PRO A 48 11.69 7.84 8.63
C PRO A 48 12.19 6.39 8.59
N GLY A 49 12.84 6.02 7.48
CA GLY A 49 13.46 4.70 7.27
C GLY A 49 12.49 3.59 6.85
N LEU A 50 11.19 3.88 6.70
CA LEU A 50 10.17 2.91 6.31
C LEU A 50 9.83 2.91 4.80
N ALA A 51 9.19 1.83 4.35
CA ALA A 51 8.45 1.69 3.10
C ALA A 51 7.16 0.87 3.32
N ILE A 52 6.20 0.96 2.38
CA ILE A 52 4.96 0.16 2.41
C ILE A 52 5.29 -1.29 2.04
N GLY A 53 4.99 -2.23 2.94
CA GLY A 53 5.35 -3.65 2.78
C GLY A 53 4.22 -4.53 2.26
N ARG A 54 3.02 -4.40 2.84
CA ARG A 54 1.83 -5.22 2.51
C ARG A 54 0.53 -4.43 2.66
N VAL A 55 -0.44 -4.76 1.81
CA VAL A 55 -1.80 -4.20 1.78
C VAL A 55 -2.80 -5.36 1.63
N ASP A 56 -3.74 -5.48 2.57
CA ASP A 56 -4.65 -6.62 2.71
C ASP A 56 -6.11 -6.15 2.70
N LEU A 57 -6.73 -6.19 1.51
CA LEU A 57 -8.05 -5.63 1.21
C LEU A 57 -9.20 -6.48 1.79
N ARG A 58 -8.92 -7.68 2.32
CA ARG A 58 -9.89 -8.54 3.01
C ARG A 58 -10.42 -7.92 4.31
N SER A 59 -9.63 -7.00 4.91
CA SER A 59 -9.95 -6.25 6.14
C SER A 59 -9.59 -4.76 6.06
N GLY A 60 -8.68 -4.36 5.15
CA GLY A 60 -8.13 -3.01 5.07
C GLY A 60 -6.94 -2.79 6.00
N VAL A 61 -6.08 -3.80 6.17
CA VAL A 61 -4.82 -3.69 6.93
C VAL A 61 -3.68 -3.26 6.00
N ILE A 62 -2.83 -2.35 6.46
CA ILE A 62 -1.59 -1.91 5.81
C ILE A 62 -0.42 -2.12 6.77
N SER A 63 0.66 -2.76 6.31
CA SER A 63 1.83 -3.10 7.12
C SER A 63 3.09 -2.49 6.51
N LEU A 64 3.87 -1.76 7.33
CA LEU A 64 5.13 -1.13 6.91
C LEU A 64 6.35 -2.01 7.21
N ILE A 65 7.41 -1.83 6.43
CA ILE A 65 8.73 -2.46 6.55
C ILE A 65 9.82 -1.39 6.68
N GLU A 66 11.02 -1.75 7.12
CA GLU A 66 12.20 -0.91 6.86
C GLU A 66 12.52 -0.95 5.35
N GLU A 67 12.81 0.20 4.73
CA GLU A 67 13.11 0.26 3.28
C GLU A 67 14.45 -0.41 2.93
N GLN A 68 15.37 -0.50 3.89
CA GLN A 68 16.64 -1.23 3.83
C GLN A 68 16.97 -1.86 5.21
N ASN A 69 17.70 -2.99 5.21
CA ASN A 69 18.08 -3.74 6.43
C ASN A 69 19.61 -3.97 6.56
N ARG A 70 20.42 -3.32 5.71
CA ARG A 70 21.90 -3.35 5.76
C ARG A 70 22.46 -2.54 6.94
N GLY B 1 -26.16 -11.97 2.93
CA GLY B 1 -26.34 -10.56 2.54
C GLY B 1 -25.74 -10.28 1.15
N PRO B 2 -25.52 -9.01 0.80
CA PRO B 2 -24.96 -8.59 -0.50
C PRO B 2 -23.56 -9.15 -0.79
N GLY B 3 -23.20 -9.23 -2.08
CA GLY B 3 -21.85 -9.56 -2.56
C GLY B 3 -20.83 -8.42 -2.38
N SER B 4 -19.61 -8.63 -2.90
CA SER B 4 -18.51 -7.64 -2.83
C SER B 4 -17.61 -7.69 -4.08
N MET B 5 -17.19 -6.51 -4.55
CA MET B 5 -16.31 -6.27 -5.69
C MET B 5 -15.70 -4.85 -5.60
N CYS B 6 -14.73 -4.54 -6.47
CA CYS B 6 -14.11 -3.21 -6.60
C CYS B 6 -13.39 -2.67 -5.36
N MET B 7 -12.99 -3.54 -4.43
CA MET B 7 -12.35 -3.22 -3.13
C MET B 7 -11.16 -2.26 -3.29
N ALA B 8 -10.27 -2.56 -4.23
CA ALA B 8 -9.18 -1.71 -4.70
C ALA B 8 -8.68 -2.17 -6.08
N LYS B 9 -7.81 -1.37 -6.70
CA LYS B 9 -7.02 -1.72 -7.90
C LYS B 9 -5.55 -1.30 -7.77
N VAL B 10 -4.67 -2.00 -8.47
CA VAL B 10 -3.24 -1.67 -8.61
C VAL B 10 -2.99 -0.95 -9.94
N VAL B 11 -2.03 -0.01 -9.97
CA VAL B 11 -1.52 0.65 -11.17
C VAL B 11 0.00 0.78 -11.14
N LEU B 12 0.64 0.56 -12.28
CA LEU B 12 2.10 0.56 -12.46
C LEU B 12 2.53 1.06 -13.86
N THR B 13 3.78 1.51 -13.97
CA THR B 13 4.43 1.92 -15.23
C THR B 13 5.57 0.95 -15.58
N LYS B 14 5.59 0.46 -16.82
CA LYS B 14 6.61 -0.47 -17.35
C LYS B 14 7.90 0.25 -17.77
N ALA B 15 8.98 -0.52 -17.95
CA ALA B 15 10.21 -0.08 -18.62
C ALA B 15 9.98 0.29 -20.11
N ASP B 16 8.91 -0.22 -20.71
CA ASP B 16 8.44 0.16 -22.06
C ASP B 16 7.87 1.61 -22.15
N GLY B 17 7.63 2.27 -21.01
CA GLY B 17 6.95 3.56 -20.90
C GLY B 17 5.41 3.49 -20.91
N GLY B 18 4.84 2.31 -21.21
CA GLY B 18 3.40 2.02 -21.07
C GLY B 18 2.98 1.74 -19.62
N ARG B 19 1.66 1.64 -19.38
CA ARG B 19 1.07 1.40 -18.05
C ARG B 19 0.14 0.19 -18.02
N VAL B 20 0.03 -0.43 -16.84
CA VAL B 20 -0.74 -1.66 -16.57
C VAL B 20 -1.53 -1.48 -15.26
N GLU B 21 -2.73 -2.08 -15.20
CA GLU B 21 -3.64 -2.04 -14.05
C GLU B 21 -4.21 -3.43 -13.72
N ILE B 22 -4.49 -3.71 -12.44
CA ILE B 22 -5.09 -4.96 -11.94
C ILE B 22 -6.26 -4.63 -11.00
N GLY B 23 -7.49 -4.98 -11.40
CA GLY B 23 -8.71 -4.72 -10.63
C GLY B 23 -9.07 -5.81 -9.62
N ASP B 24 -9.96 -5.48 -8.68
CA ASP B 24 -10.52 -6.38 -7.67
C ASP B 24 -9.46 -7.14 -6.84
N VAL B 25 -8.42 -6.45 -6.37
CA VAL B 25 -7.34 -7.10 -5.60
C VAL B 25 -7.77 -7.42 -4.18
N LEU B 26 -7.39 -8.61 -3.70
CA LEU B 26 -7.51 -9.03 -2.29
C LEU B 26 -6.25 -8.72 -1.48
N GLU B 27 -5.08 -8.72 -2.13
CA GLU B 27 -3.78 -8.48 -1.48
C GLU B 27 -2.72 -7.97 -2.46
N VAL B 28 -1.82 -7.11 -1.96
CA VAL B 28 -0.64 -6.59 -2.67
C VAL B 28 0.52 -6.49 -1.68
N ARG B 29 1.73 -6.92 -2.05
CA ARG B 29 2.92 -6.87 -1.19
C ARG B 29 4.22 -6.61 -1.98
N ALA B 30 5.13 -5.86 -1.37
CA ALA B 30 6.51 -5.69 -1.82
C ALA B 30 7.39 -6.79 -1.19
N GLU B 31 8.01 -7.63 -2.01
CA GLU B 31 8.64 -8.89 -1.58
C GLU B 31 9.74 -9.34 -2.56
N GLY B 32 10.94 -9.61 -2.04
CA GLY B 32 12.06 -10.18 -2.82
C GLY B 32 12.60 -9.30 -3.96
N GLY B 33 12.47 -7.97 -3.84
CA GLY B 33 12.82 -7.02 -4.91
C GLY B 33 11.78 -6.91 -6.04
N ALA B 34 10.55 -7.35 -5.78
CA ALA B 34 9.42 -7.31 -6.70
C ALA B 34 8.13 -6.88 -5.96
N VAL B 35 7.05 -6.61 -6.71
CA VAL B 35 5.68 -6.59 -6.15
C VAL B 35 4.93 -7.86 -6.55
N ARG B 36 4.15 -8.43 -5.64
CA ARG B 36 3.28 -9.61 -5.82
C ARG B 36 1.86 -9.29 -5.36
N VAL B 37 0.86 -9.80 -6.08
CA VAL B 37 -0.55 -9.38 -5.92
C VAL B 37 -1.53 -10.51 -6.29
N THR B 38 -2.66 -10.56 -5.58
CA THR B 38 -3.71 -11.60 -5.69
C THR B 38 -5.09 -10.96 -5.92
N THR B 39 -5.92 -11.54 -6.80
CA THR B 39 -7.24 -11.01 -7.17
C THR B 39 -8.42 -11.77 -6.56
N LEU B 40 -9.62 -11.18 -6.64
CA LEU B 40 -10.93 -11.74 -6.30
C LEU B 40 -11.20 -13.10 -6.96
N PHE B 41 -10.65 -13.32 -8.15
CA PHE B 41 -10.80 -14.54 -8.95
C PHE B 41 -9.74 -15.61 -8.62
N ASP B 42 -8.95 -15.39 -7.56
CA ASP B 42 -7.83 -16.23 -7.09
C ASP B 42 -6.68 -16.37 -8.11
N GLU B 43 -6.53 -15.41 -9.02
CA GLU B 43 -5.37 -15.28 -9.91
C GLU B 43 -4.24 -14.50 -9.20
N GLU B 44 -2.99 -14.79 -9.56
CA GLU B 44 -1.78 -14.16 -9.02
C GLU B 44 -0.93 -13.49 -10.12
N HIS B 45 -0.31 -12.37 -9.76
CA HIS B 45 0.58 -11.56 -10.63
C HIS B 45 1.84 -11.17 -9.88
N ALA B 46 2.94 -10.96 -10.61
CA ALA B 46 4.24 -10.56 -10.09
C ALA B 46 4.99 -9.60 -11.02
N PHE B 47 5.70 -8.62 -10.44
CA PHE B 47 6.32 -7.50 -11.14
C PHE B 47 7.71 -7.19 -10.55
N PRO B 48 8.79 -7.79 -11.08
CA PRO B 48 10.16 -7.55 -10.63
C PRO B 48 10.60 -6.10 -10.81
N GLY B 49 11.42 -5.62 -9.86
CA GLY B 49 11.98 -4.26 -9.86
C GLY B 49 11.03 -3.17 -9.33
N LEU B 50 9.85 -3.54 -8.82
CA LEU B 50 8.89 -2.62 -8.20
C LEU B 50 8.85 -2.71 -6.66
N ALA B 51 8.26 -1.68 -6.04
CA ALA B 51 7.80 -1.61 -4.65
C ALA B 51 6.49 -0.78 -4.58
N ILE B 52 5.73 -0.91 -3.50
CA ILE B 52 4.50 -0.13 -3.28
C ILE B 52 4.88 1.31 -2.90
N GLY B 53 4.42 2.30 -3.68
CA GLY B 53 4.77 3.71 -3.53
C GLY B 53 3.73 4.54 -2.76
N ARG B 54 2.43 4.26 -2.98
CA ARG B 54 1.31 5.04 -2.42
C ARG B 54 0.02 4.20 -2.39
N VAL B 55 -0.81 4.39 -1.35
CA VAL B 55 -2.19 3.87 -1.32
C VAL B 55 -3.16 5.02 -1.02
N ASP B 56 -4.18 5.16 -1.86
CA ASP B 56 -5.21 6.22 -1.81
C ASP B 56 -6.58 5.60 -1.53
N LEU B 57 -6.96 5.60 -0.24
CA LEU B 57 -8.15 4.93 0.27
C LEU B 57 -9.45 5.68 -0.05
N ARG B 58 -9.36 6.93 -0.53
CA ARG B 58 -10.49 7.73 -1.03
C ARG B 58 -11.12 7.12 -2.29
N SER B 59 -10.28 6.49 -3.12
CA SER B 59 -10.65 5.91 -4.43
C SER B 59 -10.26 4.42 -4.60
N GLY B 60 -9.58 3.82 -3.63
CA GLY B 60 -9.13 2.43 -3.66
C GLY B 60 -8.00 2.17 -4.66
N VAL B 61 -7.02 3.07 -4.77
CA VAL B 61 -5.91 2.96 -5.75
C VAL B 61 -4.57 2.69 -5.05
N ILE B 62 -3.89 1.64 -5.50
CA ILE B 62 -2.54 1.22 -5.07
C ILE B 62 -1.55 1.52 -6.20
N SER B 63 -0.66 2.49 -5.99
CA SER B 63 0.34 2.93 -6.98
C SER B 63 1.70 2.32 -6.70
N LEU B 64 2.29 1.65 -7.69
CA LEU B 64 3.63 1.06 -7.61
C LEU B 64 4.71 2.01 -8.20
N ILE B 65 5.93 1.89 -7.71
CA ILE B 65 7.13 2.64 -8.13
C ILE B 65 8.32 1.68 -8.32
N GLU B 66 9.34 2.09 -9.07
CA GLU B 66 10.56 1.27 -9.22
C GLU B 66 11.43 1.32 -7.94
N GLU B 67 11.95 0.17 -7.52
CA GLU B 67 12.84 0.03 -6.34
C GLU B 67 14.26 0.59 -6.59
N GLN B 68 14.66 0.72 -7.86
CA GLN B 68 15.89 1.41 -8.31
C GLN B 68 15.64 2.88 -8.66
N ASN B 69 16.67 3.71 -8.47
CA ASN B 69 16.70 5.14 -8.86
C ASN B 69 17.88 5.43 -9.83
N ARG B 70 18.12 4.50 -10.77
CA ARG B 70 19.18 4.53 -11.80
C ARG B 70 19.09 5.76 -12.73
N GLY A 1 -20.76 15.91 -0.69
CA GLY A 1 -19.95 14.77 -0.17
C GLY A 1 -20.23 13.48 -0.95
N PRO A 2 -19.34 12.46 -0.84
CA PRO A 2 -19.48 11.18 -1.53
C PRO A 2 -20.69 10.36 -1.02
N GLY A 3 -21.29 9.55 -1.89
CA GLY A 3 -22.42 8.67 -1.53
C GLY A 3 -22.00 7.46 -0.68
N SER A 4 -20.75 6.99 -0.82
CA SER A 4 -20.15 5.92 -0.02
C SER A 4 -18.61 5.98 -0.08
N MET A 5 -17.94 5.63 1.01
CA MET A 5 -16.47 5.55 1.13
C MET A 5 -16.03 4.58 2.24
N CYS A 6 -14.77 4.16 2.22
CA CYS A 6 -14.11 3.38 3.28
C CYS A 6 -12.64 3.79 3.44
N MET A 7 -12.00 3.39 4.55
CA MET A 7 -10.65 3.81 4.95
C MET A 7 -9.81 2.65 5.48
N ALA A 8 -8.49 2.83 5.47
CA ALA A 8 -7.51 1.88 5.96
C ALA A 8 -7.18 2.04 7.46
N LYS A 9 -6.32 1.15 7.96
CA LYS A 9 -5.63 1.25 9.25
C LYS A 9 -4.16 0.84 9.08
N VAL A 10 -3.24 1.66 9.59
CA VAL A 10 -1.78 1.48 9.41
C VAL A 10 -1.15 0.87 10.67
N VAL A 11 -0.18 -0.03 10.48
CA VAL A 11 0.64 -0.63 11.54
C VAL A 11 2.12 -0.71 11.15
N LEU A 12 3.01 -0.52 12.12
CA LEU A 12 4.47 -0.59 11.99
C LEU A 12 5.16 -1.02 13.29
N THR A 13 6.40 -1.49 13.18
CA THR A 13 7.30 -1.79 14.31
C THR A 13 8.50 -0.86 14.28
N LYS A 14 8.79 -0.19 15.42
CA LYS A 14 9.89 0.77 15.59
C LYS A 14 11.25 0.09 15.80
N ALA A 15 12.33 0.84 15.60
CA ALA A 15 13.69 0.46 16.02
C ALA A 15 13.83 0.30 17.55
N ASP A 16 12.92 0.92 18.32
CA ASP A 16 12.77 0.72 19.78
C ASP A 16 12.26 -0.68 20.18
N GLY A 17 11.78 -1.48 19.20
CA GLY A 17 11.12 -2.78 19.41
C GLY A 17 9.62 -2.68 19.75
N GLY A 18 9.10 -1.47 20.02
CA GLY A 18 7.67 -1.20 20.20
C GLY A 18 6.88 -1.11 18.89
N ARG A 19 5.55 -1.05 18.97
CA ARG A 19 4.64 -0.97 17.82
C ARG A 19 3.68 0.23 17.90
N VAL A 20 3.22 0.66 16.72
CA VAL A 20 2.34 1.83 16.50
C VAL A 20 1.17 1.41 15.59
N GLU A 21 -0.02 1.94 15.86
CA GLU A 21 -1.23 1.71 15.06
C GLU A 21 -2.03 3.01 14.85
N ILE A 22 -2.67 3.17 13.68
CA ILE A 22 -3.42 4.38 13.29
C ILE A 22 -4.75 3.98 12.64
N GLY A 23 -5.88 4.46 13.17
CA GLY A 23 -7.23 4.24 12.60
C GLY A 23 -7.70 5.37 11.68
N ASP A 24 -8.72 5.09 10.85
CA ASP A 24 -9.32 6.02 9.88
C ASP A 24 -8.27 6.69 8.96
N VAL A 25 -7.35 5.88 8.43
CA VAL A 25 -6.31 6.33 7.48
C VAL A 25 -6.92 6.57 6.11
N LEU A 26 -6.79 7.81 5.64
CA LEU A 26 -7.38 8.31 4.39
C LEU A 26 -6.37 8.30 3.23
N GLU A 27 -5.05 8.33 3.51
CA GLU A 27 -4.00 8.19 2.48
C GLU A 27 -2.65 7.79 3.10
N VAL A 28 -1.80 7.08 2.36
CA VAL A 28 -0.36 6.88 2.67
C VAL A 28 0.52 7.11 1.45
N ARG A 29 1.76 7.57 1.67
CA ARG A 29 2.79 7.81 0.65
C ARG A 29 4.18 7.38 1.14
N ALA A 30 4.97 6.75 0.26
CA ALA A 30 6.39 6.52 0.45
C ALA A 30 7.21 7.71 -0.11
N GLU A 31 8.25 8.10 0.60
CA GLU A 31 9.27 9.08 0.21
C GLU A 31 10.68 8.43 0.21
N GLY A 32 11.68 9.17 -0.26
CA GLY A 32 13.09 8.76 -0.37
C GLY A 32 13.85 8.61 0.96
N GLY A 33 13.23 7.94 1.95
CA GLY A 33 13.75 7.71 3.29
C GLY A 33 12.69 7.54 4.40
N ALA A 34 11.40 7.64 4.10
CA ALA A 34 10.30 7.63 5.09
C ALA A 34 8.95 7.20 4.49
N VAL A 35 8.01 6.82 5.37
CA VAL A 35 6.56 6.76 5.05
C VAL A 35 5.82 7.93 5.70
N ARG A 36 4.81 8.47 5.02
CA ARG A 36 3.83 9.45 5.51
C ARG A 36 2.41 8.88 5.48
N VAL A 37 1.58 9.32 6.43
CA VAL A 37 0.18 8.92 6.61
C VAL A 37 -0.69 10.17 6.80
N THR A 38 -1.88 10.18 6.23
CA THR A 38 -2.91 11.21 6.44
C THR A 38 -4.20 10.57 6.97
N THR A 39 -4.69 11.04 8.11
CA THR A 39 -5.95 10.57 8.72
C THR A 39 -7.18 11.32 8.21
N LEU A 40 -8.37 10.80 8.53
CA LEU A 40 -9.67 11.44 8.38
C LEU A 40 -9.72 12.88 8.95
N PHE A 41 -8.97 13.13 10.04
CA PHE A 41 -8.96 14.38 10.80
C PHE A 41 -8.03 15.46 10.21
N ASP A 42 -7.46 15.22 9.02
CA ASP A 42 -6.39 16.00 8.38
C ASP A 42 -5.06 16.08 9.18
N GLU A 43 -4.92 15.27 10.23
CA GLU A 43 -3.65 15.08 10.95
C GLU A 43 -2.71 14.15 10.15
N GLU A 44 -1.45 14.56 10.00
CA GLU A 44 -0.39 13.75 9.38
C GLU A 44 0.51 13.06 10.42
N HIS A 45 1.03 11.88 10.05
CA HIS A 45 2.06 11.12 10.79
C HIS A 45 3.19 10.71 9.83
N ALA A 46 4.41 10.56 10.37
CA ALA A 46 5.61 10.24 9.58
C ALA A 46 6.53 9.24 10.30
N PHE A 47 7.14 8.34 9.52
CA PHE A 47 7.94 7.22 10.01
C PHE A 47 9.21 7.04 9.14
N PRO A 48 10.35 7.68 9.52
CA PRO A 48 11.61 7.55 8.80
C PRO A 48 12.20 6.13 8.94
N GLY A 49 12.88 5.69 7.88
CA GLY A 49 13.51 4.37 7.76
C GLY A 49 12.54 3.26 7.29
N LEU A 50 11.28 3.58 7.00
CA LEU A 50 10.27 2.64 6.49
C LEU A 50 9.91 2.86 5.01
N ALA A 51 9.25 1.86 4.43
CA ALA A 51 8.50 1.89 3.17
C ALA A 51 7.17 1.11 3.34
N ILE A 52 6.18 1.34 2.47
CA ILE A 52 4.92 0.57 2.45
C ILE A 52 5.22 -0.87 2.01
N GLY A 53 4.90 -1.86 2.86
CA GLY A 53 5.35 -3.25 2.72
C GLY A 53 4.26 -4.24 2.29
N ARG A 54 3.04 -4.11 2.83
CA ARG A 54 1.90 -4.98 2.53
C ARG A 54 0.56 -4.26 2.70
N VAL A 55 -0.44 -4.62 1.90
CA VAL A 55 -1.82 -4.13 1.98
C VAL A 55 -2.80 -5.30 1.91
N ASP A 56 -3.75 -5.39 2.84
CA ASP A 56 -4.85 -6.36 2.84
C ASP A 56 -6.20 -5.65 2.65
N LEU A 57 -6.80 -5.78 1.47
CA LEU A 57 -8.11 -5.19 1.15
C LEU A 57 -9.28 -6.00 1.71
N ARG A 58 -8.99 -7.20 2.23
CA ARG A 58 -9.91 -8.06 3.01
C ARG A 58 -10.28 -7.46 4.39
N SER A 59 -9.44 -6.57 4.93
CA SER A 59 -9.54 -6.04 6.30
C SER A 59 -9.18 -4.55 6.44
N GLY A 60 -8.63 -3.91 5.40
CA GLY A 60 -8.19 -2.51 5.40
C GLY A 60 -6.80 -2.27 6.00
N VAL A 61 -6.05 -3.32 6.36
CA VAL A 61 -4.72 -3.21 6.97
C VAL A 61 -3.66 -2.78 5.96
N ILE A 62 -2.84 -1.79 6.33
CA ILE A 62 -1.61 -1.37 5.68
C ILE A 62 -0.45 -1.64 6.66
N SER A 63 0.55 -2.38 6.23
CA SER A 63 1.73 -2.75 7.03
C SER A 63 3.01 -2.21 6.42
N LEU A 64 3.85 -1.58 7.25
CA LEU A 64 5.10 -0.94 6.83
C LEU A 64 6.32 -1.82 7.17
N ILE A 65 7.36 -1.75 6.35
CA ILE A 65 8.63 -2.53 6.49
C ILE A 65 9.85 -1.61 6.42
N GLU A 66 10.99 -2.04 6.96
CA GLU A 66 12.24 -1.25 6.98
C GLU A 66 12.87 -1.14 5.57
N GLU A 67 13.11 0.08 5.11
CA GLU A 67 13.85 0.34 3.86
C GLU A 67 15.37 0.25 4.03
N GLN A 68 15.88 0.47 5.25
CA GLN A 68 17.27 0.23 5.65
C GLN A 68 17.49 -1.25 6.04
N ASN A 69 18.58 -1.85 5.54
CA ASN A 69 18.90 -3.28 5.69
C ASN A 69 20.40 -3.52 5.97
N ARG A 70 21.06 -2.55 6.64
CA ARG A 70 22.48 -2.56 7.04
C ARG A 70 22.73 -1.85 8.39
N GLY B 1 -16.35 -7.48 9.71
CA GLY B 1 -16.45 -8.34 8.51
C GLY B 1 -16.13 -7.58 7.22
N PRO B 2 -16.18 -8.25 6.06
CA PRO B 2 -15.82 -7.68 4.75
C PRO B 2 -16.88 -6.73 4.15
N GLY B 3 -18.08 -6.66 4.72
CA GLY B 3 -19.14 -5.72 4.32
C GLY B 3 -18.83 -4.25 4.64
N SER B 4 -19.58 -3.33 4.04
CA SER B 4 -19.44 -1.86 4.18
C SER B 4 -18.07 -1.29 3.74
N MET B 5 -17.32 -2.04 2.91
CA MET B 5 -16.05 -1.65 2.28
C MET B 5 -15.87 -2.39 0.94
N CYS B 6 -14.86 -2.00 0.16
CA CYS B 6 -14.59 -2.54 -1.18
C CYS B 6 -13.08 -2.71 -1.47
N MET B 7 -12.76 -3.52 -2.48
CA MET B 7 -11.39 -3.77 -2.95
C MET B 7 -10.78 -2.57 -3.67
N ALA B 8 -9.45 -2.45 -3.61
CA ALA B 8 -8.67 -1.47 -4.38
C ALA B 8 -8.37 -1.98 -5.81
N LYS B 9 -7.78 -1.11 -6.62
CA LYS B 9 -7.12 -1.45 -7.89
C LYS B 9 -5.65 -1.02 -7.89
N VAL B 10 -4.79 -1.80 -8.52
CA VAL B 10 -3.35 -1.55 -8.65
C VAL B 10 -3.04 -0.97 -10.03
N VAL B 11 -2.08 -0.04 -10.11
CA VAL B 11 -1.55 0.53 -11.37
C VAL B 11 -0.02 0.61 -11.35
N LEU B 12 0.61 0.32 -12.50
CA LEU B 12 2.08 0.28 -12.68
C LEU B 12 2.50 0.66 -14.11
N THR B 13 3.76 1.10 -14.27
CA THR B 13 4.37 1.45 -15.57
C THR B 13 5.47 0.46 -15.95
N LYS B 14 5.48 -0.02 -17.19
CA LYS B 14 6.47 -0.95 -17.75
C LYS B 14 7.72 -0.23 -18.26
N ALA B 15 8.82 -0.97 -18.43
CA ALA B 15 10.04 -0.48 -19.10
C ALA B 15 9.82 -0.10 -20.59
N ASP B 16 8.76 -0.64 -21.20
CA ASP B 16 8.29 -0.27 -22.56
C ASP B 16 7.66 1.15 -22.64
N GLY B 17 7.40 1.80 -21.50
CA GLY B 17 6.68 3.08 -21.39
C GLY B 17 5.15 2.94 -21.36
N GLY B 18 4.61 1.75 -21.61
CA GLY B 18 3.19 1.42 -21.42
C GLY B 18 2.81 1.22 -19.95
N ARG B 19 1.50 1.10 -19.67
CA ARG B 19 0.95 0.91 -18.32
C ARG B 19 0.01 -0.30 -18.22
N VAL B 20 -0.08 -0.84 -17.01
CA VAL B 20 -0.85 -2.05 -16.65
C VAL B 20 -1.66 -1.77 -15.38
N GLU B 21 -2.87 -2.34 -15.30
CA GLU B 21 -3.77 -2.24 -14.15
C GLU B 21 -4.32 -3.62 -13.74
N ILE B 22 -4.60 -3.80 -12.44
CA ILE B 22 -5.26 -5.00 -11.88
C ILE B 22 -6.43 -4.55 -10.99
N GLY B 23 -7.65 -4.97 -11.33
CA GLY B 23 -8.86 -4.76 -10.53
C GLY B 23 -9.19 -5.94 -9.60
N ASP B 24 -10.17 -5.76 -8.71
CA ASP B 24 -10.65 -6.79 -7.76
C ASP B 24 -9.52 -7.41 -6.89
N VAL B 25 -8.62 -6.54 -6.41
CA VAL B 25 -7.42 -6.90 -5.64
C VAL B 25 -7.74 -7.16 -4.17
N LEU B 26 -7.43 -8.37 -3.69
CA LEU B 26 -7.52 -8.76 -2.28
C LEU B 26 -6.28 -8.36 -1.46
N GLU B 27 -5.09 -8.35 -2.07
CA GLU B 27 -3.83 -8.14 -1.34
C GLU B 27 -2.71 -7.62 -2.25
N VAL B 28 -1.78 -6.83 -1.70
CA VAL B 28 -0.53 -6.40 -2.35
C VAL B 28 0.65 -6.60 -1.39
N ARG B 29 1.81 -7.03 -1.90
CA ARG B 29 3.04 -7.29 -1.14
C ARG B 29 4.24 -6.68 -1.86
N ALA B 30 5.16 -6.01 -1.15
CA ALA B 30 6.35 -5.38 -1.73
C ALA B 30 7.63 -6.06 -1.21
N GLU B 31 8.57 -6.28 -2.14
CA GLU B 31 9.90 -6.82 -1.90
C GLU B 31 10.90 -6.20 -2.88
N GLY B 32 12.20 -6.14 -2.55
CA GLY B 32 13.24 -5.56 -3.40
C GLY B 32 13.39 -6.24 -4.77
N GLY B 33 13.01 -7.52 -4.88
CA GLY B 33 12.93 -8.26 -6.14
C GLY B 33 11.70 -7.89 -6.99
N ALA B 34 10.50 -7.94 -6.42
CA ALA B 34 9.23 -7.76 -7.12
C ALA B 34 8.07 -7.41 -6.19
N VAL B 35 7.11 -6.61 -6.68
CA VAL B 35 5.78 -6.46 -6.04
C VAL B 35 4.88 -7.61 -6.49
N ARG B 36 4.09 -8.18 -5.56
CA ARG B 36 3.08 -9.20 -5.83
C ARG B 36 1.68 -8.67 -5.54
N VAL B 37 0.67 -9.21 -6.24
CA VAL B 37 -0.75 -8.84 -6.11
C VAL B 37 -1.62 -10.10 -6.10
N THR B 38 -2.67 -10.13 -5.28
CA THR B 38 -3.63 -11.26 -5.19
C THR B 38 -5.04 -10.81 -5.59
N THR B 39 -5.77 -11.64 -6.34
CA THR B 39 -7.13 -11.35 -6.84
C THR B 39 -8.12 -12.47 -6.53
N LEU B 40 -9.42 -12.15 -6.45
CA LEU B 40 -10.48 -13.08 -5.99
C LEU B 40 -10.73 -14.32 -6.86
N PHE B 41 -10.06 -14.45 -8.00
CA PHE B 41 -9.99 -15.67 -8.82
C PHE B 41 -9.06 -16.75 -8.21
N ASP B 42 -8.52 -16.51 -7.01
CA ASP B 42 -7.39 -17.22 -6.38
C ASP B 42 -6.09 -17.16 -7.23
N GLU B 43 -5.96 -16.12 -8.05
CA GLU B 43 -4.74 -15.84 -8.83
C GLU B 43 -3.77 -14.93 -8.07
N GLU B 44 -2.50 -15.05 -8.44
CA GLU B 44 -1.40 -14.21 -7.94
C GLU B 44 -0.54 -13.71 -9.10
N HIS B 45 -0.21 -12.42 -9.06
CA HIS B 45 0.54 -11.67 -10.08
C HIS B 45 1.87 -11.21 -9.49
N ALA B 46 2.89 -11.00 -10.31
CA ALA B 46 4.22 -10.55 -9.87
C ALA B 46 4.89 -9.61 -10.89
N PHE B 47 5.52 -8.54 -10.38
CA PHE B 47 6.05 -7.42 -11.17
C PHE B 47 7.45 -7.00 -10.66
N PRO B 48 8.54 -7.49 -11.30
CA PRO B 48 9.91 -7.19 -10.89
C PRO B 48 10.31 -5.70 -10.95
N GLY B 49 11.21 -5.29 -10.06
CA GLY B 49 11.81 -3.95 -10.05
C GLY B 49 10.88 -2.81 -9.60
N LEU B 50 9.78 -3.12 -8.90
CA LEU B 50 8.82 -2.15 -8.36
C LEU B 50 8.84 -2.10 -6.81
N ALA B 51 8.19 -1.06 -6.27
CA ALA B 51 7.77 -0.91 -4.89
C ALA B 51 6.45 -0.10 -4.82
N ILE B 52 5.70 -0.19 -3.72
CA ILE B 52 4.47 0.61 -3.51
C ILE B 52 4.86 2.08 -3.26
N GLY B 53 4.39 2.99 -4.12
CA GLY B 53 4.64 4.43 -4.01
C GLY B 53 3.62 5.16 -3.13
N ARG B 54 2.34 4.81 -3.25
CA ARG B 54 1.20 5.41 -2.51
C ARG B 54 -0.04 4.52 -2.51
N VAL B 55 -0.90 4.70 -1.50
CA VAL B 55 -2.22 4.08 -1.41
C VAL B 55 -3.24 5.16 -1.02
N ASP B 56 -4.17 5.44 -1.94
CA ASP B 56 -5.07 6.59 -1.87
C ASP B 56 -6.51 6.14 -1.62
N LEU B 57 -6.91 6.01 -0.33
CA LEU B 57 -8.24 5.51 0.05
C LEU B 57 -9.38 6.48 -0.33
N ARG B 58 -9.04 7.73 -0.67
CA ARG B 58 -9.91 8.72 -1.34
C ARG B 58 -10.42 8.27 -2.72
N SER B 59 -9.72 7.33 -3.37
CA SER B 59 -10.00 6.86 -4.74
C SER B 59 -10.00 5.33 -4.89
N GLY B 60 -9.36 4.60 -3.96
CA GLY B 60 -9.21 3.14 -4.01
C GLY B 60 -8.04 2.67 -4.90
N VAL B 61 -7.02 3.52 -5.10
CA VAL B 61 -5.87 3.25 -5.98
C VAL B 61 -4.60 2.95 -5.19
N ILE B 62 -3.94 1.84 -5.54
CA ILE B 62 -2.58 1.47 -5.15
C ILE B 62 -1.66 1.76 -6.35
N SER B 63 -0.69 2.67 -6.17
CA SER B 63 0.24 3.07 -7.23
C SER B 63 1.62 2.48 -6.99
N LEU B 64 2.18 1.78 -7.97
CA LEU B 64 3.54 1.22 -7.93
C LEU B 64 4.54 2.10 -8.70
N ILE B 65 5.77 2.15 -8.22
CA ILE B 65 6.89 2.93 -8.78
C ILE B 65 8.17 2.07 -8.84
N GLU B 66 9.11 2.42 -9.71
CA GLU B 66 10.37 1.69 -9.90
C GLU B 66 11.33 1.87 -8.70
N GLU B 67 11.86 0.77 -8.15
CA GLU B 67 12.79 0.81 -7.00
C GLU B 67 14.25 1.06 -7.40
N GLN B 68 14.60 0.94 -8.69
CA GLN B 68 15.87 1.37 -9.31
C GLN B 68 15.62 2.18 -10.61
N ASN B 69 16.43 3.21 -10.84
CA ASN B 69 16.33 4.12 -12.00
C ASN B 69 17.17 3.67 -13.22
N ARG B 70 17.79 2.48 -13.14
CA ARG B 70 18.73 1.90 -14.14
C ARG B 70 18.06 1.62 -15.49
N GLY A 1 -22.42 3.31 -3.64
CA GLY A 1 -22.62 4.58 -2.89
C GLY A 1 -21.46 4.86 -1.93
N PRO A 2 -21.57 5.91 -1.09
CA PRO A 2 -20.51 6.30 -0.15
C PRO A 2 -20.31 5.28 0.99
N GLY A 3 -21.36 4.56 1.39
CA GLY A 3 -21.29 3.47 2.38
C GLY A 3 -20.66 2.17 1.87
N SER A 4 -20.46 2.03 0.54
CA SER A 4 -19.90 0.84 -0.11
C SER A 4 -18.37 0.71 0.03
N MET A 5 -17.72 1.68 0.69
CA MET A 5 -16.27 1.72 0.96
C MET A 5 -15.98 2.25 2.38
N CYS A 6 -14.74 2.07 2.82
CA CYS A 6 -14.22 2.54 4.11
C CYS A 6 -12.69 2.77 4.06
N MET A 7 -12.18 3.66 4.91
CA MET A 7 -10.75 3.91 5.08
C MET A 7 -9.98 2.69 5.62
N ALA A 8 -8.68 2.62 5.30
CA ALA A 8 -7.72 1.65 5.83
C ALA A 8 -7.18 2.08 7.21
N LYS A 9 -6.33 1.23 7.80
CA LYS A 9 -5.42 1.59 8.90
C LYS A 9 -3.96 1.25 8.57
N VAL A 10 -3.01 2.02 9.11
CA VAL A 10 -1.56 1.79 8.99
C VAL A 10 -1.03 1.14 10.27
N VAL A 11 -0.05 0.24 10.16
CA VAL A 11 0.68 -0.38 11.28
C VAL A 11 2.19 -0.42 11.03
N LEU A 12 2.98 -0.16 12.09
CA LEU A 12 4.44 -0.15 12.08
C LEU A 12 5.03 -0.68 13.40
N THR A 13 6.27 -1.19 13.36
CA THR A 13 6.99 -1.76 14.53
C THR A 13 8.20 -0.90 14.91
N LYS A 14 8.35 -0.63 16.21
CA LYS A 14 9.41 0.19 16.83
C LYS A 14 10.67 -0.62 17.17
N ALA A 15 11.79 0.06 17.37
CA ALA A 15 13.09 -0.53 17.71
C ALA A 15 13.12 -1.26 19.07
N ASP A 16 12.24 -0.89 20.01
CA ASP A 16 12.04 -1.59 21.30
C ASP A 16 11.13 -2.83 21.21
N GLY A 17 10.63 -3.16 20.02
CA GLY A 17 9.72 -4.30 19.76
C GLY A 17 8.22 -3.99 19.97
N GLY A 18 7.87 -2.76 20.37
CA GLY A 18 6.48 -2.29 20.41
C GLY A 18 5.90 -1.99 19.03
N ARG A 19 4.59 -1.75 18.95
CA ARG A 19 3.88 -1.39 17.69
C ARG A 19 3.00 -0.16 17.86
N VAL A 20 2.80 0.54 16.74
CA VAL A 20 1.98 1.76 16.59
C VAL A 20 1.02 1.59 15.43
N GLU A 21 -0.21 2.07 15.60
CA GLU A 21 -1.29 2.00 14.59
C GLU A 21 -1.93 3.38 14.38
N ILE A 22 -2.35 3.67 13.14
CA ILE A 22 -3.08 4.89 12.75
C ILE A 22 -4.36 4.45 12.01
N GLY A 23 -5.52 4.66 12.64
CA GLY A 23 -6.82 4.31 12.09
C GLY A 23 -7.41 5.36 11.15
N ASP A 24 -8.40 4.97 10.35
CA ASP A 24 -9.21 5.84 9.49
C ASP A 24 -8.37 6.71 8.52
N VAL A 25 -7.40 6.07 7.85
CA VAL A 25 -6.45 6.67 6.92
C VAL A 25 -7.06 6.90 5.53
N LEU A 26 -6.96 8.15 5.04
CA LEU A 26 -7.34 8.54 3.68
C LEU A 26 -6.25 8.20 2.65
N GLU A 27 -4.97 8.33 3.00
CA GLU A 27 -3.86 8.13 2.06
C GLU A 27 -2.52 7.82 2.73
N VAL A 28 -1.68 7.05 2.04
CA VAL A 28 -0.29 6.73 2.41
C VAL A 28 0.63 6.89 1.19
N ARG A 29 1.84 7.40 1.38
CA ARG A 29 2.90 7.53 0.35
C ARG A 29 4.27 7.15 0.90
N ALA A 30 5.13 6.58 0.07
CA ALA A 30 6.51 6.21 0.38
C ALA A 30 7.49 7.01 -0.51
N GLU A 31 8.37 7.79 0.11
CA GLU A 31 9.21 8.80 -0.57
C GLU A 31 10.45 9.17 0.25
N GLY A 32 11.62 9.20 -0.39
CA GLY A 32 12.88 9.68 0.21
C GLY A 32 13.41 8.84 1.38
N GLY A 33 13.08 7.55 1.44
CA GLY A 33 13.42 6.66 2.57
C GLY A 33 12.53 6.88 3.81
N ALA A 34 11.30 7.36 3.62
CA ALA A 34 10.31 7.62 4.65
C ALA A 34 8.89 7.31 4.17
N VAL A 35 7.95 7.09 5.10
CA VAL A 35 6.51 6.96 4.81
C VAL A 35 5.73 8.15 5.39
N ARG A 36 4.71 8.61 4.66
CA ARG A 36 3.82 9.72 5.02
C ARG A 36 2.36 9.25 4.97
N VAL A 37 1.52 9.74 5.86
CA VAL A 37 0.11 9.31 6.05
C VAL A 37 -0.82 10.50 6.25
N THR A 38 -2.07 10.43 5.75
CA THR A 38 -3.14 11.42 6.01
C THR A 38 -4.38 10.74 6.58
N THR A 39 -4.92 11.25 7.70
CA THR A 39 -6.15 10.76 8.35
C THR A 39 -7.41 11.53 7.92
N LEU A 40 -8.59 11.03 8.30
CA LEU A 40 -9.89 11.69 8.06
C LEU A 40 -10.03 13.11 8.65
N PHE A 41 -9.17 13.49 9.60
CA PHE A 41 -9.11 14.83 10.19
C PHE A 41 -8.34 15.84 9.31
N ASP A 42 -7.82 15.41 8.15
CA ASP A 42 -6.78 16.09 7.36
C ASP A 42 -5.43 16.25 8.11
N GLU A 43 -5.25 15.58 9.26
CA GLU A 43 -3.99 15.53 10.00
C GLU A 43 -2.97 14.63 9.32
N GLU A 44 -1.75 15.12 9.12
CA GLU A 44 -0.64 14.39 8.53
C GLU A 44 0.30 13.77 9.58
N HIS A 45 0.90 12.63 9.24
CA HIS A 45 1.95 11.94 10.00
C HIS A 45 3.11 11.54 9.08
N ALA A 46 4.31 11.40 9.63
CA ALA A 46 5.50 10.95 8.90
C ALA A 46 6.39 10.02 9.74
N PHE A 47 7.02 9.06 9.06
CA PHE A 47 7.76 7.94 9.66
C PHE A 47 9.07 7.68 8.87
N PRO A 48 10.18 8.36 9.23
CA PRO A 48 11.47 8.19 8.55
C PRO A 48 12.10 6.82 8.81
N GLY A 49 12.82 6.31 7.80
CA GLY A 49 13.46 4.99 7.81
C GLY A 49 12.55 3.82 7.42
N LEU A 50 11.28 4.09 7.06
CA LEU A 50 10.30 3.08 6.63
C LEU A 50 10.00 3.12 5.12
N ALA A 51 9.41 2.02 4.64
CA ALA A 51 8.75 1.85 3.35
C ALA A 51 7.49 0.97 3.52
N ILE A 52 6.56 1.01 2.56
CA ILE A 52 5.36 0.14 2.57
C ILE A 52 5.78 -1.30 2.23
N GLY A 53 5.50 -2.25 3.13
CA GLY A 53 5.84 -3.67 2.99
C GLY A 53 4.75 -4.50 2.30
N ARG A 54 3.49 -4.35 2.74
CA ARG A 54 2.31 -4.96 2.10
C ARG A 54 1.02 -4.19 2.40
N VAL A 55 -0.03 -4.45 1.62
CA VAL A 55 -1.41 -4.03 1.93
C VAL A 55 -2.32 -5.26 1.85
N ASP A 56 -3.11 -5.48 2.90
CA ASP A 56 -4.00 -6.64 3.07
C ASP A 56 -5.47 -6.18 3.06
N LEU A 57 -6.08 -6.11 1.88
CA LEU A 57 -7.41 -5.58 1.63
C LEU A 57 -8.53 -6.49 2.21
N ARG A 58 -8.19 -7.72 2.64
CA ARG A 58 -9.08 -8.61 3.42
C ARG A 58 -9.49 -8.00 4.75
N SER A 59 -8.66 -7.11 5.32
CA SER A 59 -8.85 -6.46 6.62
C SER A 59 -8.56 -4.95 6.61
N GLY A 60 -8.18 -4.37 5.45
CA GLY A 60 -7.87 -2.94 5.28
C GLY A 60 -6.58 -2.49 5.98
N VAL A 61 -5.57 -3.36 6.08
CA VAL A 61 -4.32 -3.10 6.80
C VAL A 61 -3.17 -2.75 5.86
N ILE A 62 -2.56 -1.59 6.05
CA ILE A 62 -1.30 -1.15 5.40
C ILE A 62 -0.14 -1.42 6.37
N SER A 63 0.74 -2.36 6.03
CA SER A 63 1.88 -2.76 6.87
C SER A 63 3.19 -2.12 6.40
N LEU A 64 3.89 -1.43 7.29
CA LEU A 64 5.18 -0.78 7.02
C LEU A 64 6.36 -1.62 7.52
N ILE A 65 7.50 -1.51 6.83
CA ILE A 65 8.78 -2.19 7.12
C ILE A 65 9.95 -1.21 7.03
N GLU A 66 11.11 -1.54 7.61
CA GLU A 66 12.31 -0.69 7.52
C GLU A 66 12.92 -0.69 6.11
N GLU A 67 13.25 0.49 5.58
CA GLU A 67 13.82 0.65 4.23
C GLU A 67 15.31 0.22 4.14
N GLN A 68 15.98 0.06 5.29
CA GLN A 68 17.28 -0.62 5.42
C GLN A 68 17.19 -2.15 5.58
N ASN A 69 15.97 -2.66 5.51
CA ASN A 69 15.55 -4.08 5.55
C ASN A 69 16.21 -4.88 6.69
N ARG A 70 16.33 -4.27 7.89
CA ARG A 70 16.95 -4.86 9.08
C ARG A 70 16.19 -6.07 9.63
N GLY B 1 -28.35 -1.64 5.48
CA GLY B 1 -27.73 -1.59 6.82
C GLY B 1 -26.47 -0.71 6.83
N PRO B 2 -25.56 -0.92 7.81
CA PRO B 2 -24.31 -0.15 7.95
C PRO B 2 -23.35 -0.29 6.77
N GLY B 3 -22.44 0.68 6.60
CA GLY B 3 -21.37 0.66 5.60
C GLY B 3 -20.25 -0.35 5.90
N SER B 4 -19.40 -0.62 4.91
CA SER B 4 -18.30 -1.61 5.00
C SER B 4 -17.15 -1.31 4.02
N MET B 5 -15.96 -1.87 4.27
CA MET B 5 -14.79 -1.77 3.38
C MET B 5 -14.96 -2.59 2.09
N CYS B 6 -14.07 -2.35 1.12
CA CYS B 6 -14.02 -3.03 -0.18
C CYS B 6 -12.58 -3.20 -0.69
N MET B 7 -12.37 -4.05 -1.69
CA MET B 7 -11.08 -4.24 -2.36
C MET B 7 -10.64 -3.00 -3.14
N ALA B 8 -9.33 -2.74 -3.16
CA ALA B 8 -8.70 -1.71 -3.99
C ALA B 8 -8.48 -2.21 -5.44
N LYS B 9 -7.84 -1.37 -6.27
CA LYS B 9 -7.23 -1.74 -7.56
C LYS B 9 -5.79 -1.25 -7.64
N VAL B 10 -4.93 -2.03 -8.30
CA VAL B 10 -3.50 -1.75 -8.48
C VAL B 10 -3.25 -1.19 -9.89
N VAL B 11 -2.34 -0.22 -10.01
CA VAL B 11 -1.80 0.30 -11.27
C VAL B 11 -0.27 0.41 -11.21
N LEU B 12 0.39 0.13 -12.33
CA LEU B 12 1.85 0.25 -12.51
C LEU B 12 2.18 0.87 -13.88
N THR B 13 3.32 1.56 -13.96
CA THR B 13 3.83 2.16 -15.22
C THR B 13 5.08 1.44 -15.69
N LYS B 14 5.10 1.03 -16.96
CA LYS B 14 6.21 0.34 -17.64
C LYS B 14 7.31 1.29 -18.11
N ALA B 15 8.48 0.74 -18.45
CA ALA B 15 9.61 1.48 -19.03
C ALA B 15 9.31 2.07 -20.42
N ASP B 16 8.37 1.50 -21.18
CA ASP B 16 7.91 2.01 -22.49
C ASP B 16 6.89 3.18 -22.37
N GLY B 17 6.53 3.58 -21.16
CA GLY B 17 5.57 4.66 -20.86
C GLY B 17 4.10 4.24 -20.80
N GLY B 18 3.76 2.99 -21.14
CA GLY B 18 2.43 2.41 -20.97
C GLY B 18 2.12 2.00 -19.52
N ARG B 19 0.87 1.63 -19.25
CA ARG B 19 0.38 1.23 -17.91
C ARG B 19 -0.38 -0.11 -17.93
N VAL B 20 -0.37 -0.79 -16.78
CA VAL B 20 -1.02 -2.09 -16.54
C VAL B 20 -1.79 -2.04 -15.21
N GLU B 21 -2.95 -2.69 -15.13
CA GLU B 21 -3.84 -2.66 -13.95
C GLU B 21 -4.28 -4.07 -13.50
N ILE B 22 -4.54 -4.20 -12.19
CA ILE B 22 -5.11 -5.40 -11.55
C ILE B 22 -6.24 -4.97 -10.62
N GLY B 23 -7.49 -5.24 -11.01
CA GLY B 23 -8.69 -4.88 -10.24
C GLY B 23 -9.02 -5.86 -9.11
N ASP B 24 -9.76 -5.38 -8.11
CA ASP B 24 -10.30 -6.15 -6.97
C ASP B 24 -9.22 -6.97 -6.21
N VAL B 25 -8.09 -6.32 -5.92
CA VAL B 25 -6.95 -6.93 -5.21
C VAL B 25 -7.29 -7.26 -3.75
N LEU B 26 -7.01 -8.49 -3.32
CA LEU B 26 -7.12 -8.94 -1.93
C LEU B 26 -5.84 -8.66 -1.12
N GLU B 27 -4.67 -8.71 -1.78
CA GLU B 27 -3.37 -8.44 -1.17
C GLU B 27 -2.33 -8.00 -2.19
N VAL B 28 -1.45 -7.06 -1.80
CA VAL B 28 -0.27 -6.62 -2.55
C VAL B 28 0.95 -6.62 -1.63
N ARG B 29 2.11 -7.08 -2.12
CA ARG B 29 3.32 -7.34 -1.32
C ARG B 29 4.56 -6.81 -2.04
N ALA B 30 5.40 -6.01 -1.37
CA ALA B 30 6.69 -5.55 -1.88
C ALA B 30 7.82 -6.32 -1.14
N GLU B 31 8.49 -7.23 -1.84
CA GLU B 31 9.48 -8.15 -1.26
C GLU B 31 10.45 -8.70 -2.32
N GLY B 32 11.70 -8.95 -1.95
CA GLY B 32 12.71 -9.57 -2.82
C GLY B 32 13.13 -8.76 -4.05
N GLY B 33 12.95 -7.43 -4.03
CA GLY B 33 13.16 -6.55 -5.18
C GLY B 33 12.03 -6.58 -6.22
N ALA B 34 10.83 -7.04 -5.83
CA ALA B 34 9.66 -7.20 -6.70
C ALA B 34 8.34 -6.82 -5.98
N VAL B 35 7.26 -6.68 -6.75
CA VAL B 35 5.89 -6.65 -6.21
C VAL B 35 5.07 -7.85 -6.67
N ARG B 36 4.30 -8.44 -5.75
CA ARG B 36 3.27 -9.46 -6.02
C ARG B 36 1.87 -8.94 -5.70
N VAL B 37 0.86 -9.46 -6.39
CA VAL B 37 -0.58 -9.15 -6.18
C VAL B 37 -1.43 -10.42 -6.21
N THR B 38 -2.54 -10.42 -5.46
CA THR B 38 -3.49 -11.56 -5.32
C THR B 38 -4.94 -11.08 -5.48
N THR B 39 -5.77 -11.80 -6.24
CA THR B 39 -7.17 -11.41 -6.52
C THR B 39 -8.19 -12.45 -6.04
N LEU B 40 -9.47 -12.07 -5.99
CA LEU B 40 -10.61 -12.94 -5.66
C LEU B 40 -10.87 -14.08 -6.68
N PHE B 41 -10.20 -14.07 -7.83
CA PHE B 41 -10.22 -15.14 -8.84
C PHE B 41 -9.22 -16.28 -8.53
N ASP B 42 -8.63 -16.29 -7.33
CA ASP B 42 -7.51 -17.15 -6.90
C ASP B 42 -6.20 -16.97 -7.71
N GLU B 43 -6.12 -15.93 -8.53
CA GLU B 43 -4.96 -15.61 -9.38
C GLU B 43 -3.91 -14.78 -8.63
N GLU B 44 -2.63 -14.96 -9.00
CA GLU B 44 -1.52 -14.08 -8.60
C GLU B 44 -0.70 -13.62 -9.80
N HIS B 45 -0.09 -12.43 -9.68
CA HIS B 45 0.87 -11.87 -10.64
C HIS B 45 2.12 -11.36 -9.92
N ALA B 46 3.24 -11.26 -10.64
CA ALA B 46 4.53 -10.80 -10.11
C ALA B 46 5.22 -9.81 -11.08
N PHE B 47 5.87 -8.80 -10.51
CA PHE B 47 6.46 -7.66 -11.23
C PHE B 47 7.83 -7.29 -10.61
N PRO B 48 8.94 -7.88 -11.09
CA PRO B 48 10.28 -7.56 -10.62
C PRO B 48 10.70 -6.12 -10.97
N GLY B 49 11.49 -5.51 -10.08
CA GLY B 49 11.97 -4.13 -10.17
C GLY B 49 10.98 -3.05 -9.68
N LEU B 50 9.80 -3.44 -9.17
CA LEU B 50 8.81 -2.51 -8.59
C LEU B 50 8.86 -2.44 -7.05
N ALA B 51 8.24 -1.40 -6.51
CA ALA B 51 7.84 -1.22 -5.10
C ALA B 51 6.50 -0.45 -5.00
N ILE B 52 5.80 -0.55 -3.88
CA ILE B 52 4.56 0.23 -3.62
C ILE B 52 4.95 1.70 -3.34
N GLY B 53 4.43 2.66 -4.12
CA GLY B 53 4.74 4.09 -4.00
C GLY B 53 3.66 4.91 -3.29
N ARG B 54 2.38 4.57 -3.49
CA ARG B 54 1.20 5.31 -2.99
C ARG B 54 0.01 4.38 -2.82
N VAL B 55 -0.81 4.64 -1.80
CA VAL B 55 -2.07 3.95 -1.50
C VAL B 55 -3.11 5.01 -1.12
N ASP B 56 -4.05 5.30 -2.02
CA ASP B 56 -5.04 6.38 -1.86
C ASP B 56 -6.45 5.79 -1.72
N LEU B 57 -6.94 5.74 -0.47
CA LEU B 57 -8.19 5.10 -0.09
C LEU B 57 -9.44 5.92 -0.50
N ARG B 58 -9.28 7.22 -0.82
CA ARG B 58 -10.36 8.05 -1.38
C ARG B 58 -10.78 7.56 -2.76
N SER B 59 -9.79 7.16 -3.58
CA SER B 59 -9.99 6.56 -4.91
C SER B 59 -10.02 5.03 -4.89
N GLY B 60 -9.49 4.39 -3.84
CA GLY B 60 -9.29 2.93 -3.75
C GLY B 60 -8.14 2.43 -4.64
N VAL B 61 -7.10 3.24 -4.85
CA VAL B 61 -6.01 2.99 -5.81
C VAL B 61 -4.66 2.78 -5.13
N ILE B 62 -3.97 1.71 -5.52
CA ILE B 62 -2.57 1.40 -5.18
C ILE B 62 -1.70 1.70 -6.42
N SER B 63 -0.73 2.60 -6.31
CA SER B 63 0.23 2.92 -7.36
C SER B 63 1.60 2.30 -7.08
N LEU B 64 2.08 1.46 -7.99
CA LEU B 64 3.43 0.92 -7.99
C LEU B 64 4.39 1.81 -8.80
N ILE B 65 5.66 1.83 -8.38
CA ILE B 65 6.76 2.59 -9.00
C ILE B 65 8.00 1.70 -9.16
N GLU B 66 8.92 2.06 -10.07
CA GLU B 66 10.21 1.38 -10.21
C GLU B 66 11.12 1.69 -9.01
N GLU B 67 11.70 0.67 -8.40
CA GLU B 67 12.35 0.78 -7.08
C GLU B 67 13.64 1.61 -7.09
N GLN B 68 14.42 1.57 -8.19
CA GLN B 68 15.55 2.46 -8.48
C GLN B 68 15.74 2.67 -10.00
N ASN B 69 16.26 3.84 -10.37
CA ASN B 69 16.81 4.18 -11.69
C ASN B 69 18.12 5.03 -11.56
N ARG B 70 18.86 4.81 -10.46
CA ARG B 70 20.08 5.56 -10.10
C ARG B 70 21.25 5.32 -11.05
N GLY A 1 -22.11 -1.32 22.11
CA GLY A 1 -20.91 -0.47 22.08
C GLY A 1 -20.59 0.03 20.68
N PRO A 2 -19.34 0.50 20.42
CA PRO A 2 -18.90 1.01 19.12
C PRO A 2 -18.99 -0.01 17.97
N GLY A 3 -19.14 0.50 16.74
CA GLY A 3 -19.21 -0.31 15.50
C GLY A 3 -17.85 -0.72 14.93
N SER A 4 -16.74 -0.15 15.43
CA SER A 4 -15.35 -0.41 14.99
C SER A 4 -15.09 -0.19 13.48
N MET A 5 -15.88 0.67 12.83
CA MET A 5 -15.78 1.01 11.41
C MET A 5 -14.51 1.85 11.10
N CYS A 6 -13.82 1.52 10.01
CA CYS A 6 -12.67 2.28 9.48
C CYS A 6 -12.49 2.07 7.96
N MET A 7 -11.85 3.04 7.28
CA MET A 7 -11.49 2.96 5.85
C MET A 7 -10.24 2.08 5.65
N ALA A 8 -9.18 2.33 6.42
CA ALA A 8 -8.01 1.49 6.58
C ALA A 8 -7.32 1.76 7.93
N LYS A 9 -6.36 0.90 8.28
CA LYS A 9 -5.53 0.98 9.50
C LYS A 9 -4.08 0.60 9.21
N VAL A 10 -3.15 1.46 9.62
CA VAL A 10 -1.69 1.30 9.44
C VAL A 10 -1.03 0.76 10.70
N VAL A 11 -0.01 -0.08 10.54
CA VAL A 11 0.84 -0.63 11.61
C VAL A 11 2.32 -0.60 11.21
N LEU A 12 3.18 -0.25 12.17
CA LEU A 12 4.63 -0.12 12.01
C LEU A 12 5.38 -0.34 13.33
N THR A 13 6.69 -0.59 13.22
CA THR A 13 7.63 -0.60 14.36
C THR A 13 8.76 0.40 14.11
N LYS A 14 8.98 1.32 15.06
CA LYS A 14 10.03 2.35 15.02
C LYS A 14 11.43 1.77 15.21
N ALA A 15 12.46 2.55 14.86
CA ALA A 15 13.87 2.20 15.07
C ALA A 15 14.26 2.06 16.56
N ASP A 16 13.53 2.70 17.49
CA ASP A 16 13.68 2.55 18.94
C ASP A 16 13.02 1.27 19.51
N GLY A 17 12.41 0.44 18.65
CA GLY A 17 11.72 -0.81 18.97
C GLY A 17 10.23 -0.65 19.35
N GLY A 18 9.69 0.57 19.41
CA GLY A 18 8.30 0.85 19.76
C GLY A 18 7.32 0.52 18.63
N ARG A 19 6.32 -0.32 18.91
CA ARG A 19 5.17 -0.58 18.05
C ARG A 19 4.19 0.59 18.03
N VAL A 20 3.62 0.87 16.86
CA VAL A 20 2.70 2.00 16.59
C VAL A 20 1.59 1.57 15.64
N GLU A 21 0.36 2.01 15.92
CA GLU A 21 -0.83 1.81 15.07
C GLU A 21 -1.56 3.14 14.81
N ILE A 22 -2.17 3.28 13.62
CA ILE A 22 -2.92 4.46 13.19
C ILE A 22 -4.26 4.01 12.59
N GLY A 23 -5.38 4.42 13.17
CA GLY A 23 -6.74 4.15 12.68
C GLY A 23 -7.29 5.23 11.75
N ASP A 24 -8.41 4.91 11.08
CA ASP A 24 -9.18 5.83 10.21
C ASP A 24 -8.34 6.49 9.10
N VAL A 25 -7.47 5.71 8.47
CA VAL A 25 -6.52 6.13 7.42
C VAL A 25 -7.22 6.41 6.10
N LEU A 26 -6.93 7.57 5.50
CA LEU A 26 -7.40 7.99 4.16
C LEU A 26 -6.37 7.75 3.05
N GLU A 27 -5.08 7.92 3.35
CA GLU A 27 -4.00 7.91 2.37
C GLU A 27 -2.64 7.57 3.01
N VAL A 28 -1.79 6.83 2.29
CA VAL A 28 -0.41 6.48 2.67
C VAL A 28 0.51 6.63 1.44
N ARG A 29 1.71 7.19 1.61
CA ARG A 29 2.71 7.43 0.55
C ARG A 29 4.11 6.99 0.98
N ALA A 30 4.92 6.50 0.06
CA ALA A 30 6.33 6.16 0.26
C ALA A 30 7.22 6.95 -0.71
N GLU A 31 8.35 7.46 -0.24
CA GLU A 31 9.28 8.28 -1.03
C GLU A 31 10.73 8.10 -0.58
N GLY A 32 11.61 7.64 -1.47
CA GLY A 32 13.02 7.37 -1.21
C GLY A 32 13.26 6.22 -0.22
N GLY A 33 13.18 6.55 1.07
CA GLY A 33 13.30 5.64 2.21
C GLY A 33 12.47 6.06 3.43
N ALA A 34 11.33 6.73 3.22
CA ALA A 34 10.42 7.21 4.25
C ALA A 34 8.94 7.00 3.84
N VAL A 35 8.05 6.91 4.84
CA VAL A 35 6.58 6.80 4.65
C VAL A 35 5.83 7.94 5.34
N ARG A 36 4.80 8.46 4.67
CA ARG A 36 3.86 9.49 5.16
C ARG A 36 2.43 8.92 5.14
N VAL A 37 1.57 9.34 6.08
CA VAL A 37 0.17 8.87 6.17
C VAL A 37 -0.77 9.93 6.75
N THR A 38 -2.00 9.99 6.23
CA THR A 38 -3.04 10.98 6.57
C THR A 38 -4.36 10.31 6.97
N THR A 39 -5.10 10.92 7.91
CA THR A 39 -6.27 10.33 8.58
C THR A 39 -7.53 11.20 8.48
N LEU A 40 -8.69 10.60 8.82
CA LEU A 40 -10.01 11.22 8.96
C LEU A 40 -10.03 12.45 9.89
N PHE A 41 -9.15 12.48 10.90
CA PHE A 41 -9.02 13.57 11.87
C PHE A 41 -8.33 14.84 11.31
N ASP A 42 -7.98 14.83 10.01
CA ASP A 42 -7.10 15.81 9.35
C ASP A 42 -5.67 15.86 9.94
N GLU A 43 -5.30 14.81 10.67
CA GLU A 43 -3.94 14.61 11.22
C GLU A 43 -3.05 13.87 10.20
N GLU A 44 -1.77 14.22 10.17
CA GLU A 44 -0.78 13.71 9.21
C GLU A 44 0.55 13.37 9.91
N HIS A 45 1.14 12.23 9.53
CA HIS A 45 2.28 11.59 10.19
C HIS A 45 3.39 11.24 9.20
N ALA A 46 4.63 11.20 9.66
CA ALA A 46 5.82 10.83 8.87
C ALA A 46 6.76 9.90 9.66
N PHE A 47 7.34 8.91 8.96
CA PHE A 47 8.16 7.84 9.52
C PHE A 47 9.36 7.55 8.59
N PRO A 48 10.52 8.19 8.80
CA PRO A 48 11.73 7.90 8.04
C PRO A 48 12.31 6.51 8.39
N GLY A 49 12.96 5.89 7.40
CA GLY A 49 13.51 4.52 7.48
C GLY A 49 12.53 3.42 7.08
N LEU A 50 11.27 3.75 6.76
CA LEU A 50 10.22 2.79 6.36
C LEU A 50 9.92 2.80 4.86
N ALA A 51 9.27 1.73 4.41
CA ALA A 51 8.58 1.58 3.12
C ALA A 51 7.24 0.85 3.33
N ILE A 52 6.29 1.00 2.40
CA ILE A 52 5.01 0.26 2.44
C ILE A 52 5.29 -1.21 2.06
N GLY A 53 5.08 -2.12 3.01
CA GLY A 53 5.41 -3.54 2.90
C GLY A 53 4.29 -4.41 2.33
N ARG A 54 3.08 -4.31 2.90
CA ARG A 54 1.93 -5.17 2.58
C ARG A 54 0.60 -4.44 2.80
N VAL A 55 -0.39 -4.76 1.96
CA VAL A 55 -1.73 -4.17 1.97
C VAL A 55 -2.76 -5.28 1.72
N ASP A 56 -3.63 -5.53 2.71
CA ASP A 56 -4.70 -6.53 2.63
C ASP A 56 -6.07 -5.85 2.49
N LEU A 57 -6.62 -5.82 1.26
CA LEU A 57 -7.95 -5.26 0.98
C LEU A 57 -9.08 -6.11 1.60
N ARG A 58 -8.77 -7.35 2.00
CA ARG A 58 -9.61 -8.26 2.79
C ARG A 58 -9.93 -7.75 4.22
N SER A 59 -9.13 -6.82 4.76
CA SER A 59 -9.25 -6.32 6.14
C SER A 59 -8.98 -4.80 6.30
N GLY A 60 -8.43 -4.14 5.28
CA GLY A 60 -8.01 -2.73 5.33
C GLY A 60 -6.69 -2.51 6.08
N VAL A 61 -5.90 -3.57 6.33
CA VAL A 61 -4.61 -3.48 7.03
C VAL A 61 -3.49 -3.07 6.08
N ILE A 62 -2.69 -2.10 6.50
CA ILE A 62 -1.48 -1.61 5.81
C ILE A 62 -0.27 -1.80 6.75
N SER A 63 0.60 -2.75 6.43
CA SER A 63 1.83 -3.05 7.18
C SER A 63 3.03 -2.32 6.56
N LEU A 64 3.70 -1.47 7.34
CA LEU A 64 4.97 -0.86 6.95
C LEU A 64 6.16 -1.71 7.44
N ILE A 65 7.28 -1.64 6.72
CA ILE A 65 8.52 -2.37 7.00
C ILE A 65 9.73 -1.45 6.91
N GLU A 66 10.82 -1.78 7.62
CA GLU A 66 12.10 -1.08 7.53
C GLU A 66 12.71 -1.27 6.12
N GLU A 67 13.02 -0.16 5.44
CA GLU A 67 13.17 -0.11 3.97
C GLU A 67 14.34 -0.94 3.42
N GLN A 68 15.42 -1.09 4.19
CA GLN A 68 16.54 -2.01 3.93
C GLN A 68 16.98 -2.71 5.24
N ASN A 69 17.48 -3.94 5.13
CA ASN A 69 17.76 -4.84 6.27
C ASN A 69 19.20 -5.40 6.24
N ARG A 70 20.14 -4.67 5.60
CA ARG A 70 21.54 -5.06 5.35
C ARG A 70 22.36 -5.23 6.64
N GLY B 1 -28.20 -0.20 -5.06
CA GLY B 1 -28.81 -1.48 -5.52
C GLY B 1 -27.82 -2.64 -5.47
N PRO B 2 -28.13 -3.78 -6.12
CA PRO B 2 -27.29 -4.98 -6.12
C PRO B 2 -25.90 -4.78 -6.76
N GLY B 3 -24.90 -5.51 -6.26
CA GLY B 3 -23.53 -5.51 -6.75
C GLY B 3 -22.55 -6.19 -5.77
N SER B 4 -21.45 -6.76 -6.30
CA SER B 4 -20.42 -7.40 -5.48
C SER B 4 -19.58 -6.37 -4.69
N MET B 5 -19.20 -5.26 -5.35
CA MET B 5 -18.48 -4.11 -4.80
C MET B 5 -17.15 -4.47 -4.09
N CYS B 6 -16.64 -3.57 -3.24
CA CYS B 6 -15.38 -3.69 -2.48
C CYS B 6 -14.11 -3.83 -3.36
N MET B 7 -12.96 -4.04 -2.71
CA MET B 7 -11.60 -4.12 -3.28
C MET B 7 -11.09 -2.85 -3.99
N ALA B 8 -9.76 -2.73 -4.08
CA ALA B 8 -9.04 -1.67 -4.78
C ALA B 8 -8.61 -2.11 -6.21
N LYS B 9 -7.95 -1.21 -6.95
CA LYS B 9 -7.14 -1.54 -8.13
C LYS B 9 -5.66 -1.16 -7.94
N VAL B 10 -4.76 -1.89 -8.59
CA VAL B 10 -3.31 -1.57 -8.69
C VAL B 10 -3.01 -0.91 -10.03
N VAL B 11 -2.07 0.04 -10.06
CA VAL B 11 -1.47 0.61 -11.29
C VAL B 11 0.07 0.67 -11.19
N LEU B 12 0.75 0.42 -12.31
CA LEU B 12 2.22 0.42 -12.44
C LEU B 12 2.70 0.86 -13.83
N THR B 13 3.97 1.27 -13.93
CA THR B 13 4.64 1.64 -15.18
C THR B 13 5.82 0.68 -15.46
N LYS B 14 5.89 0.15 -16.68
CA LYS B 14 6.94 -0.76 -17.18
C LYS B 14 8.23 -0.01 -17.56
N ALA B 15 9.34 -0.74 -17.71
CA ALA B 15 10.62 -0.19 -18.17
C ALA B 15 10.59 0.41 -19.60
N ASP B 16 9.66 -0.06 -20.44
CA ASP B 16 9.39 0.49 -21.79
C ASP B 16 8.53 1.78 -21.77
N GLY B 17 8.10 2.24 -20.59
CA GLY B 17 7.28 3.44 -20.41
C GLY B 17 5.75 3.24 -20.55
N GLY B 18 5.30 2.04 -20.92
CA GLY B 18 3.87 1.67 -20.96
C GLY B 18 3.32 1.40 -19.55
N ARG B 19 2.01 1.59 -19.36
CA ARG B 19 1.32 1.40 -18.07
C ARG B 19 0.37 0.19 -18.06
N VAL B 20 0.17 -0.38 -16.88
CA VAL B 20 -0.65 -1.58 -16.62
C VAL B 20 -1.53 -1.36 -15.39
N GLU B 21 -2.77 -1.85 -15.44
CA GLU B 21 -3.73 -1.82 -14.33
C GLU B 21 -4.28 -3.22 -14.01
N ILE B 22 -4.55 -3.47 -12.72
CA ILE B 22 -5.12 -4.74 -12.22
C ILE B 22 -6.31 -4.40 -11.31
N GLY B 23 -7.53 -4.72 -11.76
CA GLY B 23 -8.77 -4.44 -11.02
C GLY B 23 -9.11 -5.49 -9.95
N ASP B 24 -9.87 -5.08 -8.93
CA ASP B 24 -10.47 -5.92 -7.87
C ASP B 24 -9.45 -6.83 -7.15
N VAL B 25 -8.38 -6.22 -6.62
CA VAL B 25 -7.32 -6.92 -5.88
C VAL B 25 -7.74 -7.22 -4.44
N LEU B 26 -7.44 -8.44 -3.98
CA LEU B 26 -7.55 -8.87 -2.59
C LEU B 26 -6.33 -8.45 -1.76
N GLU B 27 -5.12 -8.45 -2.35
CA GLU B 27 -3.88 -8.28 -1.59
C GLU B 27 -2.73 -7.80 -2.47
N VAL B 28 -1.87 -6.92 -1.95
CA VAL B 28 -0.71 -6.33 -2.64
C VAL B 28 0.47 -6.23 -1.66
N ARG B 29 1.69 -6.62 -2.06
CA ARG B 29 2.86 -6.60 -1.16
C ARG B 29 4.20 -6.53 -1.89
N ALA B 30 5.14 -5.78 -1.32
CA ALA B 30 6.52 -5.67 -1.76
C ALA B 30 7.42 -6.63 -0.95
N GLU B 31 8.12 -7.52 -1.64
CA GLU B 31 8.93 -8.60 -1.05
C GLU B 31 10.06 -9.02 -2.01
N GLY B 32 11.29 -9.17 -1.49
CA GLY B 32 12.43 -9.69 -2.26
C GLY B 32 12.90 -8.81 -3.42
N GLY B 33 12.62 -7.50 -3.37
CA GLY B 33 12.91 -6.55 -4.48
C GLY B 33 11.90 -6.61 -5.63
N ALA B 34 10.69 -7.13 -5.39
CA ALA B 34 9.59 -7.23 -6.33
C ALA B 34 8.24 -6.92 -5.65
N VAL B 35 7.18 -6.68 -6.43
CA VAL B 35 5.78 -6.65 -5.93
C VAL B 35 5.00 -7.87 -6.40
N ARG B 36 4.16 -8.42 -5.51
CA ARG B 36 3.14 -9.43 -5.80
C ARG B 36 1.73 -8.87 -5.58
N VAL B 37 0.78 -9.36 -6.36
CA VAL B 37 -0.64 -8.95 -6.37
C VAL B 37 -1.53 -10.20 -6.43
N THR B 38 -2.65 -10.21 -5.70
CA THR B 38 -3.67 -11.27 -5.73
C THR B 38 -5.04 -10.68 -6.10
N THR B 39 -5.76 -11.30 -7.02
CA THR B 39 -7.11 -10.89 -7.47
C THR B 39 -8.22 -11.77 -6.88
N LEU B 40 -9.47 -11.31 -6.98
CA LEU B 40 -10.66 -12.06 -6.55
C LEU B 40 -10.87 -13.42 -7.24
N PHE B 41 -10.21 -13.66 -8.38
CA PHE B 41 -10.22 -14.93 -9.12
C PHE B 41 -9.25 -15.98 -8.53
N ASP B 42 -8.52 -15.63 -7.45
CA ASP B 42 -7.35 -16.36 -6.94
C ASP B 42 -6.18 -16.47 -7.94
N GLU B 43 -6.18 -15.63 -8.99
CA GLU B 43 -5.05 -15.40 -9.89
C GLU B 43 -4.06 -14.41 -9.24
N GLU B 44 -2.76 -14.70 -9.33
CA GLU B 44 -1.69 -13.80 -8.87
C GLU B 44 -0.84 -13.25 -10.02
N HIS B 45 -0.25 -12.08 -9.78
CA HIS B 45 0.68 -11.37 -10.68
C HIS B 45 1.93 -10.94 -9.91
N ALA B 46 3.08 -10.84 -10.59
CA ALA B 46 4.37 -10.53 -9.98
C ALA B 46 5.26 -9.65 -10.89
N PHE B 47 5.95 -8.69 -10.27
CA PHE B 47 6.66 -7.60 -10.95
C PHE B 47 8.00 -7.27 -10.27
N PRO B 48 9.12 -7.83 -10.77
CA PRO B 48 10.48 -7.51 -10.29
C PRO B 48 10.85 -6.04 -10.46
N GLY B 49 11.60 -5.50 -9.50
CA GLY B 49 12.11 -4.12 -9.49
C GLY B 49 11.12 -3.07 -8.98
N LEU B 50 9.91 -3.46 -8.57
CA LEU B 50 8.90 -2.56 -7.99
C LEU B 50 8.83 -2.61 -6.46
N ALA B 51 8.23 -1.57 -5.88
CA ALA B 51 7.73 -1.46 -4.51
C ALA B 51 6.42 -0.63 -4.49
N ILE B 52 5.61 -0.74 -3.44
CA ILE B 52 4.38 0.06 -3.30
C ILE B 52 4.75 1.52 -3.00
N GLY B 53 4.28 2.44 -3.83
CA GLY B 53 4.54 3.88 -3.75
C GLY B 53 3.42 4.69 -3.08
N ARG B 54 2.14 4.31 -3.29
CA ARG B 54 0.97 5.00 -2.73
C ARG B 54 -0.23 4.06 -2.54
N VAL B 55 -1.03 4.36 -1.51
CA VAL B 55 -2.31 3.72 -1.19
C VAL B 55 -3.34 4.82 -0.89
N ASP B 56 -4.51 4.77 -1.52
CA ASP B 56 -5.53 5.81 -1.49
C ASP B 56 -6.94 5.22 -1.31
N LEU B 57 -7.49 5.33 -0.10
CA LEU B 57 -8.79 4.80 0.27
C LEU B 57 -9.98 5.68 -0.16
N ARG B 58 -9.73 6.95 -0.52
CA ARG B 58 -10.77 7.89 -1.00
C ARG B 58 -11.21 7.58 -2.43
N SER B 59 -10.35 6.92 -3.22
CA SER B 59 -10.62 6.48 -4.60
C SER B 59 -10.49 4.96 -4.83
N GLY B 60 -9.95 4.21 -3.88
CA GLY B 60 -9.74 2.75 -3.98
C GLY B 60 -8.57 2.35 -4.90
N VAL B 61 -7.44 3.06 -4.81
CA VAL B 61 -6.30 2.95 -5.73
C VAL B 61 -5.00 2.66 -4.98
N ILE B 62 -4.20 1.74 -5.53
CA ILE B 62 -2.82 1.43 -5.13
C ILE B 62 -1.89 1.70 -6.32
N SER B 63 -0.74 2.33 -6.09
CA SER B 63 0.23 2.69 -7.14
C SER B 63 1.62 2.20 -6.81
N LEU B 64 2.31 1.58 -7.77
CA LEU B 64 3.66 1.04 -7.63
C LEU B 64 4.73 1.96 -8.27
N ILE B 65 5.94 1.91 -7.72
CA ILE B 65 7.13 2.67 -8.15
C ILE B 65 8.34 1.75 -8.25
N GLU B 66 9.36 2.13 -9.03
CA GLU B 66 10.62 1.38 -9.12
C GLU B 66 11.45 1.53 -7.83
N GLU B 67 11.93 0.42 -7.27
CA GLU B 67 12.56 0.36 -5.94
C GLU B 67 14.03 0.83 -5.90
N GLN B 68 14.61 1.18 -7.05
CA GLN B 68 15.98 1.69 -7.23
C GLN B 68 16.13 3.22 -7.05
N ASN B 69 15.05 3.88 -6.63
CA ASN B 69 14.94 5.32 -6.40
C ASN B 69 15.30 5.78 -4.96
N ARG B 70 15.97 4.93 -4.18
CA ARG B 70 16.38 5.17 -2.77
C ARG B 70 17.41 6.30 -2.63
N GLY A 1 -19.65 12.83 9.59
CA GLY A 1 -19.27 11.41 9.38
C GLY A 1 -19.25 11.05 7.90
N PRO A 2 -18.61 9.93 7.53
CA PRO A 2 -18.54 9.45 6.14
C PRO A 2 -19.90 9.00 5.60
N GLY A 3 -20.04 8.95 4.27
CA GLY A 3 -21.24 8.50 3.56
C GLY A 3 -21.41 6.98 3.56
N SER A 4 -21.66 6.38 4.74
CA SER A 4 -21.80 4.93 5.01
C SER A 4 -20.59 4.02 4.70
N MET A 5 -19.55 4.52 4.03
CA MET A 5 -18.26 3.85 3.81
C MET A 5 -17.39 3.87 5.08
N CYS A 6 -16.30 3.10 5.07
CA CYS A 6 -15.33 3.04 6.18
C CYS A 6 -13.89 2.91 5.68
N MET A 7 -12.94 3.41 6.49
CA MET A 7 -11.51 3.52 6.16
C MET A 7 -10.67 2.34 6.67
N ALA A 8 -9.49 2.17 6.06
CA ALA A 8 -8.46 1.18 6.45
C ALA A 8 -7.75 1.54 7.77
N LYS A 9 -6.73 0.77 8.14
CA LYS A 9 -5.75 1.06 9.20
C LYS A 9 -4.31 0.78 8.76
N VAL A 10 -3.37 1.60 9.18
CA VAL A 10 -1.91 1.45 8.98
C VAL A 10 -1.27 0.86 10.26
N VAL A 11 -0.28 -0.01 10.09
CA VAL A 11 0.54 -0.58 11.18
C VAL A 11 2.02 -0.67 10.78
N LEU A 12 2.92 -0.35 11.71
CA LEU A 12 4.38 -0.36 11.52
C LEU A 12 5.13 -0.85 12.76
N THR A 13 6.39 -1.25 12.56
CA THR A 13 7.38 -1.49 13.62
C THR A 13 8.57 -0.53 13.44
N LYS A 14 8.90 0.22 14.50
CA LYS A 14 10.02 1.18 14.52
C LYS A 14 11.38 0.48 14.60
N ALA A 15 12.46 1.23 14.35
CA ALA A 15 13.85 0.74 14.49
C ALA A 15 14.19 0.34 15.95
N ASP A 16 13.49 0.91 16.94
CA ASP A 16 13.58 0.54 18.37
C ASP A 16 12.83 -0.77 18.73
N GLY A 17 12.10 -1.37 17.79
CA GLY A 17 11.31 -2.60 17.96
C GLY A 17 9.88 -2.40 18.51
N GLY A 18 9.50 -1.16 18.87
CA GLY A 18 8.14 -0.80 19.29
C GLY A 18 7.21 -0.60 18.08
N ARG A 19 5.93 -0.96 18.21
CA ARG A 19 4.92 -0.83 17.13
C ARG A 19 4.01 0.39 17.28
N VAL A 20 3.47 0.87 16.17
CA VAL A 20 2.52 2.00 16.08
C VAL A 20 1.36 1.63 15.13
N GLU A 21 0.14 2.05 15.47
CA GLU A 21 -1.08 1.83 14.68
C GLU A 21 -1.85 3.15 14.46
N ILE A 22 -2.35 3.35 13.23
CA ILE A 22 -3.10 4.55 12.79
C ILE A 22 -4.37 4.09 12.05
N GLY A 23 -5.51 4.16 12.73
CA GLY A 23 -6.83 3.98 12.11
C GLY A 23 -7.31 5.25 11.39
N ASP A 24 -8.48 5.17 10.74
CA ASP A 24 -9.18 6.32 10.13
C ASP A 24 -8.35 7.07 9.05
N VAL A 25 -7.47 6.32 8.37
CA VAL A 25 -6.54 6.82 7.34
C VAL A 25 -7.21 7.01 5.98
N LEU A 26 -6.94 8.15 5.34
CA LEU A 26 -7.38 8.49 3.98
C LEU A 26 -6.29 8.24 2.92
N GLU A 27 -5.01 8.41 3.26
CA GLU A 27 -3.90 8.30 2.30
C GLU A 27 -2.57 7.95 2.96
N VAL A 28 -1.72 7.19 2.27
CA VAL A 28 -0.39 6.73 2.70
C VAL A 28 0.60 6.86 1.55
N ARG A 29 1.84 7.31 1.83
CA ARG A 29 2.91 7.47 0.81
C ARG A 29 4.28 7.04 1.33
N ALA A 30 5.04 6.29 0.53
CA ALA A 30 6.48 6.09 0.70
C ALA A 30 7.24 7.07 -0.20
N GLU A 31 7.98 8.01 0.38
CA GLU A 31 8.57 9.15 -0.33
C GLU A 31 9.78 9.74 0.42
N GLY A 32 10.89 10.01 -0.28
CA GLY A 32 12.06 10.72 0.29
C GLY A 32 12.78 9.98 1.44
N GLY A 33 12.69 8.64 1.50
CA GLY A 33 13.25 7.81 2.57
C GLY A 33 12.40 7.70 3.83
N ALA A 34 11.10 8.04 3.77
CA ALA A 34 10.15 7.95 4.87
C ALA A 34 8.76 7.51 4.38
N VAL A 35 7.95 6.92 5.27
CA VAL A 35 6.49 6.76 5.04
C VAL A 35 5.71 7.85 5.77
N ARG A 36 4.68 8.39 5.11
CA ARG A 36 3.74 9.39 5.65
C ARG A 36 2.31 8.91 5.56
N VAL A 37 1.47 9.37 6.49
CA VAL A 37 0.08 8.92 6.68
C VAL A 37 -0.83 10.12 6.95
N THR A 38 -2.00 10.18 6.32
CA THR A 38 -2.98 11.28 6.48
C THR A 38 -4.34 10.74 6.92
N THR A 39 -4.89 11.27 8.02
CA THR A 39 -6.18 10.83 8.59
C THR A 39 -7.35 11.74 8.19
N LEU A 40 -8.59 11.28 8.41
CA LEU A 40 -9.81 12.08 8.21
C LEU A 40 -9.94 13.28 9.18
N PHE A 41 -9.14 13.32 10.25
CA PHE A 41 -9.06 14.45 11.17
C PHE A 41 -8.20 15.62 10.63
N ASP A 42 -7.65 15.49 9.41
CA ASP A 42 -6.60 16.33 8.81
C ASP A 42 -5.27 16.31 9.58
N GLU A 43 -5.10 15.39 10.54
CA GLU A 43 -3.84 15.12 11.21
C GLU A 43 -2.93 14.22 10.34
N GLU A 44 -1.63 14.49 10.36
CA GLU A 44 -0.61 13.80 9.56
C GLU A 44 0.50 13.18 10.45
N HIS A 45 1.06 12.07 9.97
CA HIS A 45 2.12 11.30 10.63
C HIS A 45 3.27 11.00 9.66
N ALA A 46 4.50 10.84 10.18
CA ALA A 46 5.70 10.62 9.38
C ALA A 46 6.73 9.73 10.10
N PHE A 47 7.34 8.81 9.36
CA PHE A 47 8.20 7.74 9.87
C PHE A 47 9.40 7.47 8.93
N PRO A 48 10.58 8.04 9.21
CA PRO A 48 11.82 7.77 8.46
C PRO A 48 12.28 6.31 8.48
N GLY A 49 12.92 5.88 7.40
CA GLY A 49 13.50 4.53 7.25
C GLY A 49 12.49 3.42 6.88
N LEU A 50 11.23 3.76 6.65
CA LEU A 50 10.17 2.83 6.23
C LEU A 50 9.87 2.88 4.72
N ALA A 51 9.20 1.84 4.25
CA ALA A 51 8.46 1.75 2.98
C ALA A 51 7.14 0.97 3.21
N ILE A 52 6.15 1.12 2.33
CA ILE A 52 4.90 0.38 2.43
C ILE A 52 5.14 -1.09 2.02
N GLY A 53 4.78 -2.03 2.90
CA GLY A 53 5.05 -3.46 2.76
C GLY A 53 3.88 -4.29 2.24
N ARG A 54 2.64 -3.97 2.63
CA ARG A 54 1.41 -4.65 2.16
C ARG A 54 0.21 -3.71 2.08
N VAL A 55 -0.77 -4.11 1.27
CA VAL A 55 -2.17 -3.65 1.33
C VAL A 55 -3.08 -4.88 1.29
N ASP A 56 -3.90 -5.07 2.32
CA ASP A 56 -4.61 -6.33 2.59
C ASP A 56 -6.13 -6.10 2.66
N LEU A 57 -6.78 -6.11 1.49
CA LEU A 57 -8.18 -5.74 1.28
C LEU A 57 -9.16 -6.75 1.88
N ARG A 58 -8.69 -7.96 2.24
CA ARG A 58 -9.41 -8.99 3.00
C ARG A 58 -9.79 -8.53 4.42
N SER A 59 -9.07 -7.55 4.98
CA SER A 59 -9.26 -7.04 6.36
C SER A 59 -9.16 -5.51 6.49
N GLY A 60 -8.74 -4.79 5.44
CA GLY A 60 -8.56 -3.34 5.46
C GLY A 60 -7.28 -2.89 6.20
N VAL A 61 -6.21 -3.68 6.16
CA VAL A 61 -4.93 -3.42 6.84
C VAL A 61 -3.84 -3.03 5.83
N ILE A 62 -3.02 -2.04 6.19
CA ILE A 62 -1.84 -1.59 5.45
C ILE A 62 -0.61 -1.80 6.35
N SER A 63 0.30 -2.70 5.96
CA SER A 63 1.52 -3.00 6.72
C SER A 63 2.71 -2.22 6.16
N LEU A 64 3.53 -1.63 7.03
CA LEU A 64 4.78 -0.94 6.71
C LEU A 64 5.99 -1.76 7.17
N ILE A 65 7.12 -1.64 6.46
CA ILE A 65 8.37 -2.38 6.67
C ILE A 65 9.59 -1.45 6.55
N GLU A 66 10.75 -1.87 7.07
CA GLU A 66 12.01 -1.12 6.93
C GLU A 66 12.52 -1.15 5.48
N GLU A 67 12.92 0.02 4.95
CA GLU A 67 13.31 0.17 3.54
C GLU A 67 14.69 -0.43 3.18
N GLN A 68 15.42 -0.94 4.18
CA GLN A 68 16.69 -1.66 4.03
C GLN A 68 16.71 -2.97 4.83
N ASN A 69 17.44 -3.97 4.35
CA ASN A 69 17.54 -5.32 4.93
C ASN A 69 19.02 -5.71 5.16
N ARG A 70 19.83 -4.79 5.72
CA ARG A 70 21.28 -4.92 5.96
C ARG A 70 21.68 -4.53 7.39
N GLY B 1 -25.35 10.19 -2.70
CA GLY B 1 -25.30 8.72 -2.52
C GLY B 1 -24.12 8.29 -1.66
N PRO B 2 -24.15 7.07 -1.10
CA PRO B 2 -23.08 6.54 -0.25
C PRO B 2 -21.77 6.26 -1.02
N GLY B 3 -20.65 6.23 -0.30
CA GLY B 3 -19.33 5.85 -0.81
C GLY B 3 -19.14 4.34 -0.96
N SER B 4 -18.18 3.93 -1.80
CA SER B 4 -17.85 2.52 -2.04
C SER B 4 -17.05 1.89 -0.88
N MET B 5 -17.16 0.56 -0.75
CA MET B 5 -16.37 -0.30 0.15
C MET B 5 -15.71 -1.50 -0.58
N CYS B 6 -15.74 -1.50 -1.92
CA CYS B 6 -15.20 -2.57 -2.77
C CYS B 6 -13.67 -2.68 -2.72
N MET B 7 -13.14 -3.79 -3.26
CA MET B 7 -11.69 -4.05 -3.39
C MET B 7 -10.97 -3.00 -4.25
N ALA B 8 -9.68 -2.79 -3.95
CA ALA B 8 -8.83 -1.78 -4.56
C ALA B 8 -8.45 -2.07 -6.03
N LYS B 9 -7.75 -1.12 -6.65
CA LYS B 9 -7.18 -1.19 -8.00
C LYS B 9 -5.70 -0.77 -8.02
N VAL B 10 -4.85 -1.62 -8.59
CA VAL B 10 -3.39 -1.45 -8.64
C VAL B 10 -2.96 -0.89 -10.00
N VAL B 11 -1.92 -0.05 -10.03
CA VAL B 11 -1.33 0.48 -11.29
C VAL B 11 0.20 0.54 -11.22
N LEU B 12 0.86 0.26 -12.35
CA LEU B 12 2.31 0.24 -12.51
C LEU B 12 2.77 0.59 -13.94
N THR B 13 4.03 1.04 -14.07
CA THR B 13 4.65 1.39 -15.36
C THR B 13 5.78 0.41 -15.70
N LYS B 14 5.79 -0.09 -16.94
CA LYS B 14 6.79 -1.00 -17.52
C LYS B 14 8.07 -0.29 -17.96
N ALA B 15 9.15 -1.05 -18.15
CA ALA B 15 10.42 -0.55 -18.70
C ALA B 15 10.32 -0.04 -20.16
N ASP B 16 9.35 -0.53 -20.93
CA ASP B 16 9.07 -0.07 -22.31
C ASP B 16 8.24 1.23 -22.36
N GLY B 17 7.84 1.79 -21.21
CA GLY B 17 7.06 3.03 -21.07
C GLY B 17 5.53 2.87 -21.07
N GLY B 18 5.02 1.66 -21.35
CA GLY B 18 3.60 1.30 -21.22
C GLY B 18 3.17 1.10 -19.76
N ARG B 19 1.87 0.94 -19.52
CA ARG B 19 1.28 0.77 -18.17
C ARG B 19 0.34 -0.44 -18.09
N VAL B 20 0.20 -0.97 -16.88
CA VAL B 20 -0.62 -2.14 -16.52
C VAL B 20 -1.47 -1.81 -15.29
N GLU B 21 -2.71 -2.29 -15.28
CA GLU B 21 -3.68 -2.11 -14.20
C GLU B 21 -4.33 -3.44 -13.78
N ILE B 22 -4.58 -3.62 -12.47
CA ILE B 22 -5.17 -4.83 -11.87
C ILE B 22 -6.26 -4.44 -10.87
N GLY B 23 -7.53 -4.64 -11.23
CA GLY B 23 -8.67 -4.46 -10.33
C GLY B 23 -8.96 -5.68 -9.44
N ASP B 24 -9.93 -5.54 -8.54
CA ASP B 24 -10.52 -6.64 -7.76
C ASP B 24 -9.51 -7.44 -6.89
N VAL B 25 -8.47 -6.77 -6.39
CA VAL B 25 -7.39 -7.41 -5.61
C VAL B 25 -7.80 -7.72 -4.16
N LEU B 26 -7.44 -8.92 -3.69
CA LEU B 26 -7.55 -9.32 -2.28
C LEU B 26 -6.36 -8.82 -1.45
N GLU B 27 -5.15 -8.82 -2.04
CA GLU B 27 -3.92 -8.44 -1.35
C GLU B 27 -2.81 -8.06 -2.34
N VAL B 28 -1.95 -7.14 -1.92
CA VAL B 28 -0.71 -6.70 -2.58
C VAL B 28 0.43 -6.71 -1.55
N ARG B 29 1.62 -7.19 -1.93
CA ARG B 29 2.81 -7.31 -1.06
C ARG B 29 4.07 -6.85 -1.80
N ALA B 30 4.89 -6.02 -1.15
CA ALA B 30 6.28 -5.77 -1.52
C ALA B 30 7.22 -6.81 -0.88
N GLU B 31 8.31 -7.14 -1.56
CA GLU B 31 9.39 -8.03 -1.09
C GLU B 31 10.77 -7.53 -1.57
N GLY B 32 11.83 -8.32 -1.35
CA GLY B 32 13.22 -7.99 -1.69
C GLY B 32 13.46 -7.87 -3.20
N GLY B 33 13.17 -6.68 -3.74
CA GLY B 33 13.34 -6.30 -5.14
C GLY B 33 12.17 -6.62 -6.06
N ALA B 34 10.94 -6.79 -5.54
CA ALA B 34 9.73 -7.01 -6.35
C ALA B 34 8.43 -6.67 -5.62
N VAL B 35 7.32 -6.56 -6.37
CA VAL B 35 5.93 -6.55 -5.85
C VAL B 35 5.14 -7.74 -6.39
N ARG B 36 4.24 -8.30 -5.57
CA ARG B 36 3.34 -9.43 -5.86
C ARG B 36 1.89 -9.07 -5.47
N VAL B 37 0.90 -9.60 -6.18
CA VAL B 37 -0.52 -9.23 -6.02
C VAL B 37 -1.47 -10.36 -6.45
N THR B 38 -2.61 -10.50 -5.77
CA THR B 38 -3.60 -11.59 -5.98
C THR B 38 -5.03 -11.06 -6.08
N THR B 39 -5.81 -11.54 -7.06
CA THR B 39 -7.23 -11.17 -7.29
C THR B 39 -8.23 -12.08 -6.59
N LEU B 40 -9.49 -11.63 -6.47
CA LEU B 40 -10.61 -12.43 -5.94
C LEU B 40 -11.00 -13.63 -6.82
N PHE B 41 -10.56 -13.64 -8.08
CA PHE B 41 -10.66 -14.79 -9.00
C PHE B 41 -9.39 -15.66 -9.00
N ASP B 42 -8.58 -15.56 -7.95
CA ASP B 42 -7.38 -16.36 -7.64
C ASP B 42 -6.22 -16.24 -8.66
N GLU B 43 -6.20 -15.20 -9.49
CA GLU B 43 -5.08 -14.93 -10.41
C GLU B 43 -3.94 -14.21 -9.67
N GLU B 44 -2.73 -14.75 -9.75
CA GLU B 44 -1.50 -14.17 -9.17
C GLU B 44 -0.69 -13.41 -10.22
N HIS B 45 -0.09 -12.30 -9.81
CA HIS B 45 0.78 -11.46 -10.64
C HIS B 45 2.05 -11.05 -9.87
N ALA B 46 3.16 -10.81 -10.57
CA ALA B 46 4.45 -10.45 -9.97
C ALA B 46 5.26 -9.51 -10.89
N PHE B 47 5.96 -8.54 -10.28
CA PHE B 47 6.63 -7.43 -10.96
C PHE B 47 7.98 -7.09 -10.27
N PRO B 48 9.11 -7.62 -10.78
CA PRO B 48 10.44 -7.29 -10.27
C PRO B 48 10.82 -5.82 -10.50
N GLY B 49 11.63 -5.29 -9.59
CA GLY B 49 12.15 -3.92 -9.61
C GLY B 49 11.22 -2.85 -9.02
N LEU B 50 10.03 -3.25 -8.55
CA LEU B 50 9.03 -2.36 -7.93
C LEU B 50 8.99 -2.41 -6.39
N ALA B 51 8.34 -1.40 -5.82
CA ALA B 51 7.85 -1.30 -4.44
C ALA B 51 6.50 -0.54 -4.41
N ILE B 52 5.73 -0.68 -3.34
CA ILE B 52 4.47 0.07 -3.17
C ILE B 52 4.78 1.54 -2.82
N GLY B 53 4.32 2.47 -3.65
CA GLY B 53 4.64 3.91 -3.57
C GLY B 53 3.59 4.76 -2.85
N ARG B 54 2.31 4.54 -3.15
CA ARG B 54 1.17 5.29 -2.60
C ARG B 54 -0.08 4.42 -2.49
N VAL B 55 -0.86 4.62 -1.43
CA VAL B 55 -2.13 3.92 -1.17
C VAL B 55 -3.20 4.95 -0.80
N ASP B 56 -4.33 4.93 -1.51
CA ASP B 56 -5.36 5.96 -1.51
C ASP B 56 -6.73 5.35 -1.18
N LEU B 57 -7.23 5.58 0.04
CA LEU B 57 -8.50 5.04 0.52
C LEU B 57 -9.72 5.85 0.05
N ARG B 58 -9.51 7.04 -0.53
CA ARG B 58 -10.56 7.90 -1.10
C ARG B 58 -10.96 7.43 -2.50
N SER B 59 -9.97 7.09 -3.34
CA SER B 59 -10.15 6.59 -4.71
C SER B 59 -10.05 5.06 -4.85
N GLY B 60 -9.45 4.38 -3.87
CA GLY B 60 -9.19 2.93 -3.89
C GLY B 60 -7.94 2.53 -4.69
N VAL B 61 -7.03 3.47 -4.98
CA VAL B 61 -5.83 3.27 -5.81
C VAL B 61 -4.63 2.78 -5.01
N ILE B 62 -3.87 1.85 -5.59
CA ILE B 62 -2.56 1.38 -5.13
C ILE B 62 -1.53 1.65 -6.25
N SER B 63 -0.69 2.67 -6.06
CA SER B 63 0.34 3.07 -7.03
C SER B 63 1.67 2.37 -6.72
N LEU B 64 2.19 1.58 -7.65
CA LEU B 64 3.53 0.99 -7.58
C LEU B 64 4.57 1.90 -8.26
N ILE B 65 5.79 1.90 -7.73
CA ILE B 65 6.94 2.69 -8.19
C ILE B 65 8.21 1.81 -8.25
N GLU B 66 9.24 2.22 -8.98
CA GLU B 66 10.52 1.50 -9.00
C GLU B 66 11.28 1.65 -7.67
N GLU B 67 11.88 0.57 -7.16
CA GLU B 67 12.93 0.63 -6.12
C GLU B 67 14.36 0.69 -6.72
N GLN B 68 14.48 0.40 -8.03
CA GLN B 68 15.70 0.57 -8.83
C GLN B 68 16.00 2.05 -9.19
N ASN B 69 17.12 2.29 -9.89
CA ASN B 69 17.48 3.56 -10.53
C ASN B 69 17.60 4.78 -9.58
N ARG B 70 17.94 4.54 -8.30
CA ARG B 70 18.32 5.57 -7.31
C ARG B 70 19.69 6.18 -7.60
N GLY A 1 -21.94 6.20 0.21
CA GLY A 1 -22.28 6.12 1.66
C GLY A 1 -21.60 4.94 2.33
N PRO A 2 -22.18 4.40 3.42
CA PRO A 2 -21.64 3.25 4.16
C PRO A 2 -21.75 1.92 3.37
N GLY A 3 -20.94 0.93 3.77
CA GLY A 3 -20.88 -0.40 3.16
C GLY A 3 -20.05 -0.48 1.87
N SER A 4 -19.69 -1.71 1.47
CA SER A 4 -18.89 -2.10 0.29
C SER A 4 -17.44 -1.57 0.19
N MET A 5 -17.09 -0.52 0.93
CA MET A 5 -15.76 0.11 1.00
C MET A 5 -15.54 0.80 2.35
N CYS A 6 -14.27 1.02 2.72
CA CYS A 6 -13.85 1.73 3.93
C CYS A 6 -12.40 2.28 3.80
N MET A 7 -12.01 3.19 4.69
CA MET A 7 -10.63 3.63 4.84
C MET A 7 -9.74 2.52 5.44
N ALA A 8 -8.46 2.50 5.06
CA ALA A 8 -7.47 1.56 5.57
C ALA A 8 -7.02 1.89 7.01
N LYS A 9 -6.23 0.98 7.60
CA LYS A 9 -5.49 1.18 8.85
C LYS A 9 -4.03 0.75 8.69
N VAL A 10 -3.10 1.57 9.18
CA VAL A 10 -1.64 1.40 9.04
C VAL A 10 -1.06 0.79 10.31
N VAL A 11 -0.04 -0.07 10.19
CA VAL A 11 0.73 -0.65 11.30
C VAL A 11 2.23 -0.70 10.99
N LEU A 12 3.05 -0.42 12.00
CA LEU A 12 4.51 -0.41 11.95
C LEU A 12 5.12 -0.79 13.31
N THR A 13 6.41 -1.14 13.33
CA THR A 13 7.16 -1.49 14.55
C THR A 13 8.46 -0.68 14.66
N LYS A 14 8.66 -0.06 15.83
CA LYS A 14 9.84 0.78 16.15
C LYS A 14 11.10 -0.05 16.40
N ALA A 15 12.26 0.60 16.40
CA ALA A 15 13.56 -0.02 16.75
C ALA A 15 13.63 -0.55 18.20
N ASP A 16 12.82 0.01 19.11
CA ASP A 16 12.62 -0.45 20.49
C ASP A 16 11.70 -1.70 20.60
N GLY A 17 11.15 -2.20 19.49
CA GLY A 17 10.26 -3.37 19.43
C GLY A 17 8.78 -3.10 19.71
N GLY A 18 8.42 -1.86 20.08
CA GLY A 18 7.02 -1.44 20.28
C GLY A 18 6.32 -1.07 18.98
N ARG A 19 5.06 -1.47 18.81
CA ARG A 19 4.26 -1.13 17.62
C ARG A 19 3.61 0.26 17.70
N VAL A 20 3.21 0.77 16.54
CA VAL A 20 2.33 1.93 16.36
C VAL A 20 1.26 1.59 15.31
N GLU A 21 0.03 2.04 15.52
CA GLU A 21 -1.11 1.87 14.61
C GLU A 21 -1.86 3.20 14.36
N ILE A 22 -2.40 3.37 13.15
CA ILE A 22 -3.15 4.56 12.72
C ILE A 22 -4.43 4.11 12.00
N GLY A 23 -5.59 4.48 12.53
CA GLY A 23 -6.89 4.13 11.95
C GLY A 23 -7.40 5.14 10.91
N ASP A 24 -8.26 4.66 10.01
CA ASP A 24 -9.08 5.45 9.07
C ASP A 24 -8.26 6.43 8.19
N VAL A 25 -7.17 5.94 7.60
CA VAL A 25 -6.29 6.76 6.73
C VAL A 25 -6.92 7.00 5.34
N LEU A 26 -6.79 8.22 4.84
CA LEU A 26 -7.16 8.60 3.46
C LEU A 26 -6.03 8.32 2.47
N GLU A 27 -4.76 8.45 2.88
CA GLU A 27 -3.62 8.35 1.96
C GLU A 27 -2.33 7.91 2.68
N VAL A 28 -1.49 7.14 1.98
CA VAL A 28 -0.16 6.70 2.43
C VAL A 28 0.84 6.84 1.26
N ARG A 29 2.05 7.35 1.54
CA ARG A 29 3.13 7.58 0.57
C ARG A 29 4.46 7.02 1.07
N ALA A 30 5.16 6.23 0.26
CA ALA A 30 6.58 5.92 0.45
C ALA A 30 7.43 6.95 -0.32
N GLU A 31 8.12 7.84 0.39
CA GLU A 31 8.68 9.08 -0.16
C GLU A 31 9.84 9.63 0.70
N GLY A 32 10.94 10.05 0.06
CA GLY A 32 12.07 10.72 0.71
C GLY A 32 12.86 9.88 1.72
N GLY A 33 12.87 8.55 1.57
CA GLY A 33 13.45 7.61 2.54
C GLY A 33 12.61 7.40 3.81
N ALA A 34 11.30 7.67 3.72
CA ALA A 34 10.32 7.59 4.80
C ALA A 34 8.97 7.08 4.30
N VAL A 35 8.06 6.77 5.23
CA VAL A 35 6.60 6.68 4.95
C VAL A 35 5.86 7.85 5.59
N ARG A 36 4.90 8.44 4.86
CA ARG A 36 4.00 9.50 5.33
C ARG A 36 2.53 9.10 5.14
N VAL A 37 1.65 9.60 6.03
CA VAL A 37 0.23 9.21 6.13
C VAL A 37 -0.66 10.44 6.36
N THR A 38 -1.88 10.42 5.81
CA THR A 38 -2.94 11.41 6.06
C THR A 38 -4.23 10.72 6.53
N THR A 39 -4.84 11.24 7.61
CA THR A 39 -6.11 10.74 8.18
C THR A 39 -7.33 11.55 7.73
N LEU A 40 -8.54 11.02 8.00
CA LEU A 40 -9.81 11.70 7.74
C LEU A 40 -10.02 13.02 8.54
N PHE A 41 -9.23 13.24 9.59
CA PHE A 41 -9.21 14.47 10.39
C PHE A 41 -8.34 15.61 9.76
N ASP A 42 -7.72 15.35 8.61
CA ASP A 42 -6.62 16.14 8.01
C ASP A 42 -5.35 16.21 8.89
N GLU A 43 -5.25 15.37 9.92
CA GLU A 43 -4.01 15.14 10.68
C GLU A 43 -3.05 14.23 9.89
N GLU A 44 -1.75 14.45 10.05
CA GLU A 44 -0.69 13.79 9.27
C GLU A 44 0.41 13.19 10.17
N HIS A 45 1.04 12.12 9.67
CA HIS A 45 2.10 11.35 10.35
C HIS A 45 3.28 11.07 9.40
N ALA A 46 4.49 10.88 9.95
CA ALA A 46 5.71 10.63 9.20
C ALA A 46 6.70 9.73 9.96
N PHE A 47 7.35 8.81 9.26
CA PHE A 47 8.19 7.74 9.80
C PHE A 47 9.42 7.48 8.90
N PRO A 48 10.59 8.09 9.18
CA PRO A 48 11.83 7.85 8.47
C PRO A 48 12.33 6.40 8.58
N GLY A 49 12.97 5.91 7.52
CA GLY A 49 13.58 4.57 7.44
C GLY A 49 12.59 3.43 7.13
N LEU A 50 11.30 3.75 6.92
CA LEU A 50 10.27 2.77 6.54
C LEU A 50 9.99 2.78 5.03
N ALA A 51 9.38 1.68 4.56
CA ALA A 51 8.70 1.51 3.27
C ALA A 51 7.44 0.63 3.42
N ILE A 52 6.51 0.71 2.48
CA ILE A 52 5.28 -0.11 2.47
C ILE A 52 5.66 -1.54 2.07
N GLY A 53 5.39 -2.53 2.94
CA GLY A 53 5.78 -3.94 2.75
C GLY A 53 4.65 -4.84 2.26
N ARG A 54 3.42 -4.64 2.76
CA ARG A 54 2.23 -5.46 2.45
C ARG A 54 0.95 -4.64 2.60
N VAL A 55 -0.05 -4.94 1.77
CA VAL A 55 -1.42 -4.41 1.88
C VAL A 55 -2.42 -5.57 1.78
N ASP A 56 -3.22 -5.76 2.83
CA ASP A 56 -4.17 -6.87 2.97
C ASP A 56 -5.61 -6.34 3.01
N LEU A 57 -6.27 -6.35 1.86
CA LEU A 57 -7.57 -5.72 1.64
C LEU A 57 -8.75 -6.49 2.27
N ARG A 58 -8.50 -7.67 2.84
CA ARG A 58 -9.48 -8.43 3.64
C ARG A 58 -9.95 -7.68 4.89
N SER A 59 -9.09 -6.80 5.42
CA SER A 59 -9.39 -5.90 6.56
C SER A 59 -8.81 -4.48 6.38
N GLY A 60 -8.32 -4.15 5.17
CA GLY A 60 -7.72 -2.85 4.84
C GLY A 60 -6.42 -2.55 5.60
N VAL A 61 -5.61 -3.57 5.94
CA VAL A 61 -4.37 -3.40 6.72
C VAL A 61 -3.20 -3.05 5.81
N ILE A 62 -2.51 -1.94 6.10
CA ILE A 62 -1.26 -1.50 5.47
C ILE A 62 -0.10 -1.76 6.45
N SER A 63 0.75 -2.74 6.13
CA SER A 63 1.92 -3.09 6.94
C SER A 63 3.20 -2.43 6.42
N LEU A 64 3.86 -1.64 7.26
CA LEU A 64 5.16 -1.01 6.96
C LEU A 64 6.34 -1.84 7.50
N ILE A 65 7.49 -1.75 6.84
CA ILE A 65 8.74 -2.47 7.14
C ILE A 65 9.93 -1.51 7.02
N GLU A 66 11.07 -1.85 7.63
CA GLU A 66 12.32 -1.09 7.46
C GLU A 66 12.87 -1.25 6.02
N GLU A 67 13.22 -0.15 5.37
CA GLU A 67 13.56 -0.15 3.93
C GLU A 67 14.87 -0.88 3.57
N GLN A 68 15.78 -1.08 4.55
CA GLN A 68 17.05 -1.81 4.41
C GLN A 68 17.36 -2.65 5.68
N ASN A 69 17.99 -3.82 5.50
CA ASN A 69 18.30 -4.78 6.56
C ASN A 69 19.73 -4.61 7.14
N ARG A 70 20.15 -3.35 7.36
CA ARG A 70 21.48 -2.96 7.87
C ARG A 70 21.71 -3.37 9.33
N GLY B 1 -11.61 -16.74 -4.28
CA GLY B 1 -12.94 -16.84 -4.90
C GLY B 1 -13.80 -17.87 -4.19
N PRO B 2 -14.80 -17.46 -3.37
CA PRO B 2 -15.17 -16.07 -3.05
C PRO B 2 -14.11 -15.32 -2.21
N GLY B 3 -14.36 -14.05 -1.89
CA GLY B 3 -13.46 -13.20 -1.10
C GLY B 3 -14.17 -11.99 -0.47
N SER B 4 -13.43 -11.23 0.34
CA SER B 4 -13.92 -10.08 1.10
C SER B 4 -14.37 -8.90 0.23
N MET B 5 -15.18 -8.00 0.79
CA MET B 5 -15.46 -6.66 0.24
C MET B 5 -14.24 -5.72 0.37
N CYS B 6 -14.42 -4.44 0.03
CA CYS B 6 -13.45 -3.35 0.28
C CYS B 6 -12.10 -3.46 -0.46
N MET B 7 -12.06 -4.26 -1.52
CA MET B 7 -10.86 -4.47 -2.35
C MET B 7 -10.36 -3.21 -3.06
N ALA B 8 -9.06 -3.18 -3.33
CA ALA B 8 -8.39 -2.12 -4.07
C ALA B 8 -8.35 -2.39 -5.58
N LYS B 9 -7.78 -1.45 -6.34
CA LYS B 9 -7.28 -1.63 -7.70
C LYS B 9 -5.82 -1.16 -7.80
N VAL B 10 -4.98 -1.95 -8.46
CA VAL B 10 -3.53 -1.67 -8.63
C VAL B 10 -3.27 -1.08 -10.01
N VAL B 11 -2.34 -0.12 -10.10
CA VAL B 11 -1.86 0.50 -11.35
C VAL B 11 -0.33 0.67 -11.35
N LEU B 12 0.29 0.47 -12.52
CA LEU B 12 1.74 0.56 -12.74
C LEU B 12 2.10 0.96 -14.17
N THR B 13 3.31 1.50 -14.34
CA THR B 13 3.96 1.76 -15.63
C THR B 13 5.15 0.83 -15.82
N LYS B 14 5.23 0.17 -16.98
CA LYS B 14 6.31 -0.76 -17.36
C LYS B 14 7.55 -0.04 -17.92
N ALA B 15 8.68 -0.73 -17.96
CA ALA B 15 9.93 -0.23 -18.55
C ALA B 15 9.81 0.08 -20.07
N ASP B 16 8.87 -0.57 -20.76
CA ASP B 16 8.51 -0.31 -22.17
C ASP B 16 7.68 0.99 -22.38
N GLY B 17 7.29 1.67 -21.30
CA GLY B 17 6.44 2.87 -21.32
C GLY B 17 4.92 2.61 -21.36
N GLY B 18 4.50 1.34 -21.50
CA GLY B 18 3.10 0.91 -21.39
C GLY B 18 2.61 0.88 -19.94
N ARG B 19 1.30 0.76 -19.74
CA ARG B 19 0.64 0.71 -18.42
C ARG B 19 -0.28 -0.49 -18.25
N VAL B 20 -0.45 -0.93 -16.99
CA VAL B 20 -1.24 -2.10 -16.59
C VAL B 20 -2.10 -1.74 -15.36
N GLU B 21 -3.34 -2.23 -15.36
CA GLU B 21 -4.31 -2.07 -14.26
C GLU B 21 -4.91 -3.42 -13.85
N ILE B 22 -5.22 -3.59 -12.55
CA ILE B 22 -5.74 -4.84 -11.96
C ILE B 22 -6.91 -4.50 -11.03
N GLY B 23 -8.11 -5.04 -11.31
CA GLY B 23 -9.32 -4.86 -10.50
C GLY B 23 -9.54 -5.97 -9.45
N ASP B 24 -10.37 -5.69 -8.43
CA ASP B 24 -10.72 -6.60 -7.32
C ASP B 24 -9.48 -7.21 -6.64
N VAL B 25 -8.48 -6.36 -6.35
CA VAL B 25 -7.23 -6.75 -5.69
C VAL B 25 -7.47 -7.02 -4.21
N LEU B 26 -7.21 -8.26 -3.80
CA LEU B 26 -7.44 -8.75 -2.45
C LEU B 26 -6.17 -8.73 -1.59
N GLU B 27 -4.97 -8.73 -2.18
CA GLU B 27 -3.69 -8.60 -1.46
C GLU B 27 -2.55 -8.08 -2.36
N VAL B 28 -1.62 -7.31 -1.79
CA VAL B 28 -0.38 -6.82 -2.44
C VAL B 28 0.81 -6.99 -1.50
N ARG B 29 1.99 -7.35 -2.03
CA ARG B 29 3.26 -7.51 -1.27
C ARG B 29 4.43 -6.90 -2.05
N ALA B 30 5.41 -6.32 -1.35
CA ALA B 30 6.63 -5.75 -1.93
C ALA B 30 7.88 -6.25 -1.18
N GLU B 31 8.84 -6.83 -1.90
CA GLU B 31 10.07 -7.43 -1.36
C GLU B 31 11.17 -7.53 -2.43
N GLY B 32 12.44 -7.27 -2.07
CA GLY B 32 13.59 -7.53 -2.94
C GLY B 32 13.61 -6.78 -4.29
N GLY B 33 12.87 -5.66 -4.39
CA GLY B 33 12.69 -4.91 -5.64
C GLY B 33 11.66 -5.51 -6.61
N ALA B 34 10.72 -6.33 -6.12
CA ALA B 34 9.62 -6.90 -6.90
C ALA B 34 8.28 -6.86 -6.13
N VAL B 35 7.22 -6.46 -6.83
CA VAL B 35 5.85 -6.41 -6.28
C VAL B 35 5.02 -7.60 -6.75
N ARG B 36 4.24 -8.19 -5.85
CA ARG B 36 3.29 -9.29 -6.10
C ARG B 36 1.86 -8.85 -5.76
N VAL B 37 0.87 -9.37 -6.49
CA VAL B 37 -0.56 -9.05 -6.33
C VAL B 37 -1.40 -10.34 -6.41
N THR B 38 -2.44 -10.44 -5.57
CA THR B 38 -3.44 -11.52 -5.61
C THR B 38 -4.85 -10.94 -5.75
N THR B 39 -5.60 -11.42 -6.74
CA THR B 39 -6.99 -10.98 -7.02
C THR B 39 -8.03 -11.78 -6.23
N LEU B 40 -9.26 -11.28 -6.22
CA LEU B 40 -10.50 -11.97 -5.81
C LEU B 40 -10.64 -13.38 -6.41
N PHE B 41 -10.18 -13.55 -7.66
CA PHE B 41 -10.29 -14.78 -8.45
C PHE B 41 -9.19 -15.82 -8.14
N ASP B 42 -8.35 -15.56 -7.14
CA ASP B 42 -7.14 -16.31 -6.78
C ASP B 42 -6.07 -16.35 -7.89
N GLU B 43 -6.21 -15.51 -8.94
CA GLU B 43 -5.16 -15.26 -9.93
C GLU B 43 -4.04 -14.37 -9.33
N GLU B 44 -2.79 -14.76 -9.54
CA GLU B 44 -1.60 -14.05 -9.05
C GLU B 44 -0.82 -13.35 -10.17
N HIS B 45 -0.22 -12.22 -9.85
CA HIS B 45 0.64 -11.41 -10.73
C HIS B 45 1.91 -10.96 -10.01
N ALA B 46 3.00 -10.74 -10.77
CA ALA B 46 4.31 -10.33 -10.25
C ALA B 46 5.02 -9.37 -11.21
N PHE B 47 5.70 -8.37 -10.64
CA PHE B 47 6.29 -7.23 -11.35
C PHE B 47 7.68 -6.87 -10.78
N PRO B 48 8.76 -7.49 -11.28
CA PRO B 48 10.13 -7.14 -10.89
C PRO B 48 10.52 -5.74 -11.39
N GLY B 49 11.33 -5.04 -10.59
CA GLY B 49 11.77 -3.65 -10.82
C GLY B 49 10.84 -2.58 -10.21
N LEU B 50 9.80 -2.98 -9.47
CA LEU B 50 8.84 -2.09 -8.81
C LEU B 50 8.90 -2.14 -7.28
N ALA B 51 8.30 -1.13 -6.66
CA ALA B 51 7.91 -1.05 -5.25
C ALA B 51 6.56 -0.32 -5.13
N ILE B 52 5.85 -0.48 -4.00
CA ILE B 52 4.61 0.29 -3.73
C ILE B 52 4.98 1.74 -3.44
N GLY B 53 4.47 2.69 -4.24
CA GLY B 53 4.77 4.11 -4.11
C GLY B 53 3.73 4.88 -3.30
N ARG B 54 2.43 4.64 -3.56
CA ARG B 54 1.31 5.37 -2.96
C ARG B 54 0.06 4.50 -2.83
N VAL B 55 -0.73 4.75 -1.79
CA VAL B 55 -2.06 4.16 -1.57
C VAL B 55 -3.05 5.28 -1.28
N ASP B 56 -4.19 5.30 -1.96
CA ASP B 56 -5.20 6.38 -1.90
C ASP B 56 -6.61 5.79 -1.73
N LEU B 57 -7.09 5.83 -0.49
CA LEU B 57 -8.29 5.14 -0.03
C LEU B 57 -9.59 5.88 -0.36
N ARG B 58 -9.49 7.13 -0.85
CA ARG B 58 -10.61 7.92 -1.38
C ARG B 58 -11.13 7.35 -2.71
N SER B 59 -10.29 6.61 -3.42
CA SER B 59 -10.56 5.95 -4.71
C SER B 59 -10.22 4.44 -4.74
N GLY B 60 -9.69 3.89 -3.64
CA GLY B 60 -9.24 2.48 -3.54
C GLY B 60 -8.02 2.15 -4.39
N VAL B 61 -7.18 3.13 -4.73
CA VAL B 61 -6.05 2.98 -5.66
C VAL B 61 -4.75 2.60 -4.93
N ILE B 62 -4.02 1.63 -5.47
CA ILE B 62 -2.64 1.30 -5.12
C ILE B 62 -1.77 1.62 -6.36
N SER B 63 -0.77 2.50 -6.21
CA SER B 63 0.10 2.95 -7.31
C SER B 63 1.55 2.49 -7.08
N LEU B 64 2.10 1.76 -8.05
CA LEU B 64 3.48 1.25 -8.03
C LEU B 64 4.45 2.19 -8.75
N ILE B 65 5.70 2.22 -8.28
CA ILE B 65 6.80 3.04 -8.81
C ILE B 65 8.05 2.18 -9.05
N GLU B 66 8.98 2.64 -9.90
CA GLU B 66 10.23 1.94 -10.18
C GLU B 66 11.19 1.99 -8.97
N GLU B 67 11.72 0.83 -8.56
CA GLU B 67 12.56 0.69 -7.36
C GLU B 67 14.00 1.24 -7.51
N GLN B 68 14.45 1.41 -8.76
CA GLN B 68 15.72 2.06 -9.13
C GLN B 68 15.58 2.90 -10.41
N ASN B 69 16.43 3.92 -10.55
CA ASN B 69 16.54 4.81 -11.71
C ASN B 69 17.92 4.75 -12.41
N ARG B 70 18.70 3.70 -12.13
CA ARG B 70 20.05 3.44 -12.67
C ARG B 70 20.05 3.17 -14.17
N GLY A 1 -19.13 9.61 -3.22
CA GLY A 1 -18.06 8.74 -2.69
C GLY A 1 -18.59 7.66 -1.77
N PRO A 2 -17.73 7.07 -0.90
CA PRO A 2 -18.14 6.06 0.08
C PRO A 2 -19.02 6.63 1.21
N GLY A 3 -19.85 5.77 1.81
CA GLY A 3 -20.71 6.08 2.95
C GLY A 3 -19.98 6.03 4.31
N SER A 4 -20.70 5.57 5.35
CA SER A 4 -20.17 5.35 6.70
C SER A 4 -19.07 4.26 6.73
N MET A 5 -18.22 4.27 7.75
CA MET A 5 -17.01 3.45 7.86
C MET A 5 -16.05 3.67 6.67
N CYS A 6 -15.59 2.62 6.00
CA CYS A 6 -14.56 2.62 4.95
C CYS A 6 -13.18 3.15 5.43
N MET A 7 -12.25 3.33 4.48
CA MET A 7 -10.81 3.59 4.67
C MET A 7 -10.03 2.45 5.36
N ALA A 8 -8.73 2.38 5.05
CA ALA A 8 -7.77 1.43 5.63
C ALA A 8 -7.22 1.93 6.98
N LYS A 9 -6.33 1.12 7.59
CA LYS A 9 -5.48 1.50 8.72
C LYS A 9 -4.02 1.10 8.47
N VAL A 10 -3.08 1.94 8.91
CA VAL A 10 -1.62 1.71 8.75
C VAL A 10 -1.04 1.16 10.04
N VAL A 11 -0.08 0.23 9.96
CA VAL A 11 0.59 -0.36 11.14
C VAL A 11 2.09 -0.58 10.91
N LEU A 12 2.90 -0.36 11.93
CA LEU A 12 4.37 -0.38 11.87
C LEU A 12 5.02 -0.78 13.21
N THR A 13 6.28 -1.22 13.12
CA THR A 13 7.16 -1.50 14.27
C THR A 13 8.34 -0.54 14.29
N LYS A 14 8.62 0.08 15.44
CA LYS A 14 9.72 1.03 15.66
C LYS A 14 11.05 0.34 15.97
N ALA A 15 12.15 1.06 15.83
CA ALA A 15 13.50 0.60 16.22
C ALA A 15 13.64 0.35 17.75
N ASP A 16 12.78 0.97 18.57
CA ASP A 16 12.67 0.74 20.01
C ASP A 16 11.99 -0.60 20.38
N GLY A 17 11.44 -1.33 19.40
CA GLY A 17 10.69 -2.58 19.57
C GLY A 17 9.19 -2.39 19.87
N GLY A 18 8.74 -1.16 20.07
CA GLY A 18 7.31 -0.80 20.18
C GLY A 18 6.59 -0.77 18.82
N ARG A 19 5.26 -0.65 18.82
CA ARG A 19 4.40 -0.57 17.62
C ARG A 19 3.48 0.65 17.63
N VAL A 20 3.08 1.09 16.43
CA VAL A 20 2.17 2.22 16.19
C VAL A 20 1.12 1.81 15.15
N GLU A 21 -0.13 2.20 15.36
CA GLU A 21 -1.29 1.80 14.55
C GLU A 21 -2.25 3.00 14.36
N ILE A 22 -2.63 3.30 13.11
CA ILE A 22 -3.30 4.56 12.73
C ILE A 22 -4.52 4.25 11.85
N GLY A 23 -5.71 4.48 12.40
CA GLY A 23 -6.99 4.19 11.75
C GLY A 23 -7.46 5.25 10.74
N ASP A 24 -8.35 4.83 9.85
CA ASP A 24 -9.14 5.69 8.93
C ASP A 24 -8.26 6.61 8.03
N VAL A 25 -7.18 6.06 7.46
CA VAL A 25 -6.23 6.80 6.62
C VAL A 25 -6.86 7.14 5.26
N LEU A 26 -6.72 8.39 4.81
CA LEU A 26 -7.17 8.84 3.48
C LEU A 26 -6.11 8.56 2.41
N GLU A 27 -4.83 8.80 2.74
CA GLU A 27 -3.70 8.56 1.84
C GLU A 27 -2.41 8.29 2.64
N VAL A 28 -1.57 7.40 2.13
CA VAL A 28 -0.25 7.03 2.66
C VAL A 28 0.77 6.98 1.53
N ARG A 29 1.98 7.51 1.76
CA ARG A 29 3.05 7.68 0.76
C ARG A 29 4.41 7.25 1.31
N ALA A 30 5.20 6.53 0.52
CA ALA A 30 6.62 6.27 0.75
C ALA A 30 7.43 7.38 0.04
N GLU A 31 8.18 8.16 0.81
CA GLU A 31 8.71 9.46 0.38
C GLU A 31 9.93 9.90 1.22
N GLY A 32 11.05 10.24 0.56
CA GLY A 32 12.25 10.77 1.22
C GLY A 32 12.93 9.82 2.21
N GLY A 33 12.79 8.50 2.03
CA GLY A 33 13.28 7.49 2.97
C GLY A 33 12.39 7.31 4.22
N ALA A 34 11.15 7.78 4.17
CA ALA A 34 10.15 7.68 5.22
C ALA A 34 8.79 7.21 4.68
N VAL A 35 7.86 6.83 5.57
CA VAL A 35 6.42 6.77 5.24
C VAL A 35 5.67 7.92 5.89
N ARG A 36 4.72 8.52 5.16
CA ARG A 36 3.91 9.68 5.55
C ARG A 36 2.42 9.36 5.38
N VAL A 37 1.56 9.82 6.29
CA VAL A 37 0.11 9.51 6.33
C VAL A 37 -0.76 10.76 6.56
N THR A 38 -2.00 10.72 6.06
CA THR A 38 -3.04 11.75 6.27
C THR A 38 -4.38 11.09 6.63
N THR A 39 -5.10 11.60 7.64
CA THR A 39 -6.39 11.05 8.11
C THR A 39 -7.55 12.03 7.95
N LEU A 40 -8.79 11.54 8.07
CA LEU A 40 -10.02 12.36 8.02
C LEU A 40 -10.19 13.34 9.20
N PHE A 41 -9.35 13.24 10.23
CA PHE A 41 -9.27 14.21 11.33
C PHE A 41 -8.42 15.45 10.99
N ASP A 42 -7.96 15.57 9.74
CA ASP A 42 -6.99 16.56 9.22
C ASP A 42 -5.58 16.46 9.88
N GLU A 43 -5.28 15.36 10.57
CA GLU A 43 -3.94 15.07 11.08
C GLU A 43 -3.00 14.55 9.99
N GLU A 44 -1.71 14.82 10.18
CA GLU A 44 -0.60 14.29 9.37
C GLU A 44 0.55 13.83 10.28
N HIS A 45 1.16 12.71 9.91
CA HIS A 45 2.27 12.05 10.64
C HIS A 45 3.31 11.44 9.69
N ALA A 46 4.54 11.28 10.16
CA ALA A 46 5.66 10.71 9.40
C ALA A 46 6.54 9.78 10.25
N PHE A 47 7.09 8.74 9.59
CA PHE A 47 7.85 7.65 10.20
C PHE A 47 9.09 7.33 9.34
N PRO A 48 10.26 7.91 9.65
CA PRO A 48 11.48 7.70 8.88
C PRO A 48 12.07 6.29 9.03
N GLY A 49 12.75 5.83 7.98
CA GLY A 49 13.35 4.49 7.87
C GLY A 49 12.39 3.40 7.38
N LEU A 50 11.17 3.75 6.96
CA LEU A 50 10.14 2.81 6.50
C LEU A 50 9.80 2.95 5.00
N ALA A 51 9.18 1.89 4.47
CA ALA A 51 8.50 1.81 3.18
C ALA A 51 7.24 0.93 3.32
N ILE A 52 6.29 1.05 2.39
CA ILE A 52 5.05 0.23 2.39
C ILE A 52 5.40 -1.21 1.95
N GLY A 53 5.11 -2.19 2.81
CA GLY A 53 5.48 -3.60 2.62
C GLY A 53 4.39 -4.45 1.99
N ARG A 54 3.16 -4.39 2.53
CA ARG A 54 1.99 -5.14 2.02
C ARG A 54 0.68 -4.38 2.26
N VAL A 55 -0.39 -4.76 1.56
CA VAL A 55 -1.77 -4.39 1.91
C VAL A 55 -2.68 -5.63 1.92
N ASP A 56 -3.37 -5.86 3.03
CA ASP A 56 -4.43 -6.86 3.19
C ASP A 56 -5.80 -6.21 2.95
N LEU A 57 -6.30 -6.23 1.70
CA LEU A 57 -7.66 -5.74 1.39
C LEU A 57 -8.75 -6.65 1.98
N ARG A 58 -8.38 -7.84 2.48
CA ARG A 58 -9.19 -8.75 3.31
C ARG A 58 -9.66 -8.11 4.64
N SER A 59 -8.89 -7.17 5.18
CA SER A 59 -9.09 -6.58 6.52
C SER A 59 -8.84 -5.07 6.59
N GLY A 60 -8.33 -4.45 5.51
CA GLY A 60 -7.99 -3.03 5.45
C GLY A 60 -6.64 -2.66 6.10
N VAL A 61 -5.76 -3.63 6.37
CA VAL A 61 -4.44 -3.37 7.00
C VAL A 61 -3.36 -3.07 5.96
N ILE A 62 -2.75 -1.89 6.08
CA ILE A 62 -1.53 -1.47 5.35
C ILE A 62 -0.33 -1.72 6.29
N SER A 63 0.55 -2.65 5.91
CA SER A 63 1.71 -3.07 6.70
C SER A 63 2.99 -2.41 6.21
N LEU A 64 3.70 -1.67 7.08
CA LEU A 64 4.99 -1.05 6.79
C LEU A 64 6.18 -1.93 7.19
N ILE A 65 7.30 -1.76 6.48
CA ILE A 65 8.57 -2.49 6.67
C ILE A 65 9.77 -1.53 6.58
N GLU A 66 10.94 -1.93 7.08
CA GLU A 66 12.16 -1.12 7.03
C GLU A 66 12.68 -0.97 5.60
N GLU A 67 13.03 0.26 5.18
CA GLU A 67 13.43 0.57 3.79
C GLU A 67 14.81 0.02 3.37
N GLN A 68 15.65 -0.36 4.33
CA GLN A 68 16.91 -1.11 4.14
C GLN A 68 17.11 -2.15 5.26
N ASN A 69 17.78 -3.26 4.93
CA ASN A 69 18.05 -4.38 5.85
C ASN A 69 19.55 -4.75 5.98
N ARG A 70 20.43 -4.07 5.25
CA ARG A 70 21.90 -4.23 5.29
C ARG A 70 22.54 -3.57 6.51
N GLY B 1 -27.88 5.40 -3.17
CA GLY B 1 -27.14 6.15 -2.13
C GLY B 1 -25.64 6.15 -2.39
N PRO B 2 -24.80 6.41 -1.36
CA PRO B 2 -23.34 6.39 -1.46
C PRO B 2 -22.77 4.97 -1.66
N GLY B 3 -21.50 4.90 -2.07
CA GLY B 3 -20.76 3.64 -2.29
C GLY B 3 -20.22 3.00 -1.00
N SER B 4 -19.46 1.91 -1.15
CA SER B 4 -18.75 1.22 -0.08
C SER B 4 -17.51 0.50 -0.62
N MET B 5 -16.38 0.57 0.11
CA MET B 5 -15.11 -0.04 -0.29
C MET B 5 -15.10 -1.57 -0.10
N CYS B 6 -14.68 -2.30 -1.14
CA CYS B 6 -14.35 -3.72 -1.09
C CYS B 6 -13.36 -4.05 -2.22
N MET B 7 -12.25 -4.74 -1.89
CA MET B 7 -11.02 -4.80 -2.69
C MET B 7 -10.46 -3.41 -3.07
N ALA B 8 -9.38 -3.37 -3.85
CA ALA B 8 -8.74 -2.17 -4.40
C ALA B 8 -8.30 -2.40 -5.86
N LYS B 9 -7.65 -1.42 -6.50
CA LYS B 9 -6.93 -1.61 -7.77
C LYS B 9 -5.47 -1.15 -7.70
N VAL B 10 -4.58 -1.89 -8.37
CA VAL B 10 -3.14 -1.61 -8.50
C VAL B 10 -2.84 -0.95 -9.85
N VAL B 11 -1.91 0.00 -9.89
CA VAL B 11 -1.44 0.67 -11.11
C VAL B 11 0.10 0.77 -11.15
N LEU B 12 0.68 0.53 -12.33
CA LEU B 12 2.14 0.46 -12.55
C LEU B 12 2.54 0.90 -13.97
N THR B 13 3.81 1.27 -14.13
CA THR B 13 4.44 1.63 -15.42
C THR B 13 5.43 0.55 -15.87
N LYS B 14 5.34 0.12 -17.13
CA LYS B 14 6.22 -0.89 -17.76
C LYS B 14 7.56 -0.31 -18.22
N ALA B 15 8.53 -1.19 -18.47
CA ALA B 15 9.76 -0.87 -19.20
C ALA B 15 9.52 -0.39 -20.65
N ASP B 16 8.35 -0.75 -21.22
CA ASP B 16 7.86 -0.27 -22.52
C ASP B 16 7.45 1.23 -22.50
N GLY B 17 7.36 1.85 -21.32
CA GLY B 17 6.83 3.21 -21.10
C GLY B 17 5.29 3.31 -21.03
N GLY B 18 4.57 2.23 -21.38
CA GLY B 18 3.12 2.11 -21.18
C GLY B 18 2.74 1.82 -19.73
N ARG B 19 1.45 1.88 -19.41
CA ARG B 19 0.90 1.63 -18.06
C ARG B 19 -0.15 0.51 -18.04
N VAL B 20 -0.27 -0.13 -16.88
CA VAL B 20 -1.15 -1.27 -16.60
C VAL B 20 -1.94 -1.02 -15.31
N GLU B 21 -3.24 -1.34 -15.34
CA GLU B 21 -4.12 -1.36 -14.16
C GLU B 21 -4.65 -2.78 -13.90
N ILE B 22 -4.78 -3.14 -12.62
CA ILE B 22 -5.19 -4.47 -12.14
C ILE B 22 -6.34 -4.28 -11.14
N GLY B 23 -7.56 -4.65 -11.53
CA GLY B 23 -8.77 -4.52 -10.70
C GLY B 23 -8.99 -5.67 -9.70
N ASP B 24 -9.88 -5.43 -8.74
CA ASP B 24 -10.35 -6.42 -7.74
C ASP B 24 -9.23 -7.11 -6.95
N VAL B 25 -8.19 -6.33 -6.60
CA VAL B 25 -7.02 -6.78 -5.83
C VAL B 25 -7.41 -7.02 -4.37
N LEU B 26 -7.10 -8.23 -3.90
CA LEU B 26 -7.43 -8.75 -2.57
C LEU B 26 -6.21 -8.79 -1.62
N GLU B 27 -4.99 -8.84 -2.16
CA GLU B 27 -3.72 -8.62 -1.43
C GLU B 27 -2.61 -8.12 -2.38
N VAL B 28 -1.67 -7.31 -1.89
CA VAL B 28 -0.48 -6.85 -2.64
C VAL B 28 0.75 -6.83 -1.72
N ARG B 29 1.93 -7.13 -2.28
CA ARG B 29 3.19 -7.38 -1.53
C ARG B 29 4.41 -6.83 -2.27
N ALA B 30 5.20 -5.95 -1.65
CA ALA B 30 6.56 -5.64 -2.07
C ALA B 30 7.52 -6.68 -1.43
N GLU B 31 7.94 -7.67 -2.22
CA GLU B 31 8.56 -8.91 -1.73
C GLU B 31 9.46 -9.57 -2.82
N GLY B 32 10.66 -10.01 -2.43
CA GLY B 32 11.56 -10.79 -3.30
C GLY B 32 12.15 -10.02 -4.49
N GLY B 33 12.35 -8.70 -4.36
CA GLY B 33 12.84 -7.82 -5.43
C GLY B 33 11.79 -7.48 -6.51
N ALA B 34 10.51 -7.64 -6.17
CA ALA B 34 9.36 -7.47 -7.05
C ALA B 34 8.14 -6.96 -6.28
N VAL B 35 7.08 -6.57 -6.98
CA VAL B 35 5.71 -6.60 -6.42
C VAL B 35 5.00 -7.86 -6.87
N ARG B 36 4.35 -8.54 -5.94
CA ARG B 36 3.40 -9.64 -6.17
C ARG B 36 2.00 -9.19 -5.74
N VAL B 37 0.97 -9.66 -6.44
CA VAL B 37 -0.42 -9.21 -6.25
C VAL B 37 -1.42 -10.36 -6.47
N THR B 38 -2.49 -10.38 -5.67
CA THR B 38 -3.50 -11.45 -5.57
C THR B 38 -4.89 -10.90 -5.81
N THR B 39 -5.72 -11.63 -6.56
CA THR B 39 -7.14 -11.33 -6.77
C THR B 39 -8.05 -12.34 -6.04
N LEU B 40 -9.34 -12.00 -5.88
CA LEU B 40 -10.36 -12.90 -5.30
C LEU B 40 -10.64 -14.17 -6.13
N PHE B 41 -10.16 -14.24 -7.38
CA PHE B 41 -10.22 -15.45 -8.22
C PHE B 41 -9.15 -16.51 -7.84
N ASP B 42 -8.34 -16.24 -6.81
CA ASP B 42 -7.12 -16.98 -6.41
C ASP B 42 -6.02 -16.98 -7.50
N GLU B 43 -6.10 -16.05 -8.46
CA GLU B 43 -5.06 -15.76 -9.45
C GLU B 43 -4.05 -14.74 -8.89
N GLU B 44 -2.76 -14.94 -9.20
CA GLU B 44 -1.66 -14.04 -8.80
C GLU B 44 -0.79 -13.58 -9.99
N HIS B 45 -0.19 -12.41 -9.85
CA HIS B 45 0.71 -11.77 -10.82
C HIS B 45 1.98 -11.25 -10.14
N ALA B 46 3.06 -11.06 -10.90
CA ALA B 46 4.38 -10.64 -10.42
C ALA B 46 5.07 -9.64 -11.36
N PHE B 47 5.74 -8.64 -10.77
CA PHE B 47 6.37 -7.51 -11.47
C PHE B 47 7.73 -7.15 -10.85
N PRO B 48 8.85 -7.71 -11.35
CA PRO B 48 10.20 -7.43 -10.85
C PRO B 48 10.62 -5.96 -10.94
N GLY B 49 11.43 -5.52 -9.97
CA GLY B 49 11.96 -4.16 -9.90
C GLY B 49 10.99 -3.10 -9.37
N LEU B 50 9.79 -3.49 -8.91
CA LEU B 50 8.82 -2.60 -8.28
C LEU B 50 8.78 -2.72 -6.74
N ALA B 51 8.20 -1.70 -6.10
CA ALA B 51 7.74 -1.65 -4.72
C ALA B 51 6.44 -0.82 -4.62
N ILE B 52 5.68 -0.96 -3.52
CA ILE B 52 4.47 -0.15 -3.27
C ILE B 52 4.89 1.27 -2.88
N GLY B 53 4.46 2.28 -3.66
CA GLY B 53 4.82 3.69 -3.45
C GLY B 53 3.78 4.51 -2.69
N ARG B 54 2.48 4.20 -2.88
CA ARG B 54 1.34 4.96 -2.34
C ARG B 54 0.08 4.10 -2.26
N VAL B 55 -0.76 4.36 -1.25
CA VAL B 55 -2.16 3.88 -1.20
C VAL B 55 -3.09 5.07 -0.96
N ASP B 56 -4.15 5.19 -1.76
CA ASP B 56 -5.07 6.33 -1.83
C ASP B 56 -6.52 5.84 -1.71
N LEU B 57 -7.05 5.90 -0.49
CA LEU B 57 -8.28 5.24 -0.09
C LEU B 57 -9.54 6.03 -0.49
N ARG B 58 -9.39 7.31 -0.84
CA ARG B 58 -10.46 8.14 -1.44
C ARG B 58 -10.87 7.67 -2.84
N SER B 59 -10.02 6.87 -3.51
CA SER B 59 -10.27 6.27 -4.83
C SER B 59 -10.04 4.74 -4.89
N GLY B 60 -9.54 4.13 -3.81
CA GLY B 60 -9.18 2.70 -3.75
C GLY B 60 -7.97 2.31 -4.62
N VAL B 61 -7.01 3.22 -4.79
CA VAL B 61 -5.86 3.04 -5.69
C VAL B 61 -4.57 2.70 -4.92
N ILE B 62 -3.80 1.75 -5.45
CA ILE B 62 -2.45 1.38 -5.01
C ILE B 62 -1.47 1.72 -6.15
N SER B 63 -0.63 2.74 -5.98
CA SER B 63 0.37 3.14 -6.98
C SER B 63 1.73 2.48 -6.68
N LEU B 64 2.24 1.69 -7.63
CA LEU B 64 3.58 1.11 -7.56
C LEU B 64 4.65 2.06 -8.15
N ILE B 65 5.88 1.92 -7.67
CA ILE B 65 7.08 2.68 -8.07
C ILE B 65 8.27 1.73 -8.32
N GLU B 66 9.24 2.18 -9.09
CA GLU B 66 10.51 1.48 -9.32
C GLU B 66 11.38 1.49 -8.05
N GLU B 67 11.84 0.33 -7.59
CA GLU B 67 12.48 0.17 -6.27
C GLU B 67 13.94 0.71 -6.20
N GLN B 68 14.64 0.80 -7.34
CA GLN B 68 15.94 1.46 -7.49
C GLN B 68 16.04 2.16 -8.86
N ASN B 69 16.31 3.47 -8.86
CA ASN B 69 16.35 4.32 -10.05
C ASN B 69 17.75 4.47 -10.68
N ARG B 70 18.78 3.82 -10.12
CA ARG B 70 20.19 3.87 -10.55
C ARG B 70 20.45 3.31 -11.96
N GLY A 1 -22.63 -5.28 14.25
CA GLY A 1 -23.64 -4.36 13.67
C GLY A 1 -22.98 -3.27 12.82
N PRO A 2 -23.49 -2.02 12.83
CA PRO A 2 -22.93 -0.90 12.07
C PRO A 2 -21.57 -0.44 12.62
N GLY A 3 -20.83 0.31 11.80
CA GLY A 3 -19.49 0.84 12.12
C GLY A 3 -18.96 1.80 11.04
N SER A 4 -17.75 2.33 11.26
CA SER A 4 -17.09 3.28 10.35
C SER A 4 -16.84 2.68 8.95
N MET A 5 -17.28 3.42 7.92
CA MET A 5 -17.16 3.02 6.51
C MET A 5 -15.82 3.42 5.87
N CYS A 6 -15.40 2.66 4.86
CA CYS A 6 -14.22 2.89 4.02
C CYS A 6 -12.88 2.95 4.80
N MET A 7 -11.79 3.29 4.10
CA MET A 7 -10.41 3.44 4.59
C MET A 7 -9.78 2.16 5.17
N ALA A 8 -8.54 2.30 5.61
CA ALA A 8 -7.69 1.27 6.22
C ALA A 8 -6.95 1.83 7.46
N LYS A 9 -6.27 0.96 8.21
CA LYS A 9 -5.26 1.35 9.19
C LYS A 9 -3.84 1.06 8.70
N VAL A 10 -2.89 1.93 9.03
CA VAL A 10 -1.45 1.74 8.82
C VAL A 10 -0.80 1.27 10.11
N VAL A 11 0.12 0.29 10.05
CA VAL A 11 0.84 -0.28 11.20
C VAL A 11 2.35 -0.38 10.94
N LEU A 12 3.16 -0.11 11.97
CA LEU A 12 4.63 -0.07 11.91
C LEU A 12 5.27 -0.50 13.23
N THR A 13 6.53 -0.96 13.15
CA THR A 13 7.35 -1.38 14.32
C THR A 13 8.51 -0.41 14.55
N LYS A 14 8.70 0.02 15.80
CA LYS A 14 9.77 0.93 16.24
C LYS A 14 11.09 0.21 16.50
N ALA A 15 12.19 0.95 16.53
CA ALA A 15 13.51 0.45 16.95
C ALA A 15 13.56 0.00 18.44
N ASP A 16 12.63 0.50 19.26
CA ASP A 16 12.39 0.08 20.65
C ASP A 16 11.74 -1.31 20.79
N GLY A 17 11.30 -1.93 19.68
CA GLY A 17 10.59 -3.22 19.63
C GLY A 17 9.07 -3.12 19.83
N GLY A 18 8.55 -1.94 20.18
CA GLY A 18 7.10 -1.64 20.25
C GLY A 18 6.48 -1.38 18.87
N ARG A 19 5.15 -1.29 18.82
CA ARG A 19 4.37 -1.04 17.59
C ARG A 19 3.42 0.16 17.72
N VAL A 20 3.13 0.79 16.57
CA VAL A 20 2.28 1.97 16.43
C VAL A 20 1.27 1.76 15.29
N GLU A 21 0.04 2.23 15.49
CA GLU A 21 -1.06 2.14 14.52
C GLU A 21 -1.70 3.52 14.26
N ILE A 22 -2.11 3.77 13.01
CA ILE A 22 -2.80 4.98 12.55
C ILE A 22 -4.04 4.55 11.77
N GLY A 23 -5.21 4.66 12.41
CA GLY A 23 -6.51 4.30 11.81
C GLY A 23 -7.09 5.39 10.89
N ASP A 24 -8.02 4.99 10.03
CA ASP A 24 -8.79 5.87 9.13
C ASP A 24 -7.90 6.80 8.28
N VAL A 25 -6.86 6.25 7.64
CA VAL A 25 -6.04 7.03 6.68
C VAL A 25 -6.84 7.29 5.40
N LEU A 26 -6.85 8.54 4.94
CA LEU A 26 -7.31 8.94 3.62
C LEU A 26 -6.26 8.61 2.53
N GLU A 27 -4.97 8.67 2.90
CA GLU A 27 -3.84 8.42 2.01
C GLU A 27 -2.57 8.03 2.81
N VAL A 28 -1.72 7.21 2.18
CA VAL A 28 -0.35 6.86 2.63
C VAL A 28 0.62 6.83 1.43
N ARG A 29 1.83 7.36 1.62
CA ARG A 29 2.88 7.47 0.57
C ARG A 29 4.25 7.08 1.11
N ALA A 30 5.03 6.34 0.33
CA ALA A 30 6.46 6.09 0.55
C ALA A 30 7.32 6.96 -0.40
N GLU A 31 8.16 7.83 0.16
CA GLU A 31 9.03 8.76 -0.59
C GLU A 31 10.23 9.23 0.25
N GLY A 32 11.35 9.56 -0.40
CA GLY A 32 12.54 10.13 0.23
C GLY A 32 13.21 9.24 1.31
N GLY A 33 12.97 7.92 1.28
CA GLY A 33 13.41 6.99 2.32
C GLY A 33 12.56 7.04 3.60
N ALA A 34 11.30 7.48 3.52
CA ALA A 34 10.35 7.61 4.62
C ALA A 34 8.92 7.26 4.17
N VAL A 35 8.00 7.08 5.13
CA VAL A 35 6.54 7.01 4.88
C VAL A 35 5.80 8.20 5.51
N ARG A 36 4.76 8.68 4.84
CA ARG A 36 3.87 9.76 5.30
C ARG A 36 2.41 9.35 5.18
N VAL A 37 1.57 9.78 6.13
CA VAL A 37 0.14 9.42 6.22
C VAL A 37 -0.71 10.65 6.54
N THR A 38 -1.98 10.66 6.08
CA THR A 38 -2.96 11.69 6.41
C THR A 38 -4.31 11.04 6.78
N THR A 39 -4.91 11.44 7.90
CA THR A 39 -6.11 10.81 8.47
C THR A 39 -7.42 11.52 8.11
N LEU A 40 -8.55 10.86 8.40
CA LEU A 40 -9.92 11.35 8.31
C LEU A 40 -10.14 12.73 8.97
N PHE A 41 -9.39 13.01 10.03
CA PHE A 41 -9.46 14.25 10.82
C PHE A 41 -8.53 15.37 10.32
N ASP A 42 -7.92 15.20 9.13
CA ASP A 42 -6.90 16.08 8.52
C ASP A 42 -5.59 16.19 9.32
N GLU A 43 -5.34 15.29 10.28
CA GLU A 43 -4.05 15.14 10.95
C GLU A 43 -3.06 14.38 10.05
N GLU A 44 -1.76 14.60 10.28
CA GLU A 44 -0.67 14.10 9.43
C GLU A 44 0.52 13.61 10.26
N HIS A 45 1.16 12.50 9.85
CA HIS A 45 2.33 11.91 10.50
C HIS A 45 3.38 11.48 9.46
N ALA A 46 4.65 11.39 9.88
CA ALA A 46 5.79 11.01 9.04
C ALA A 46 6.78 10.10 9.81
N PHE A 47 7.35 9.12 9.10
CA PHE A 47 8.12 8.01 9.66
C PHE A 47 9.37 7.71 8.80
N PRO A 48 10.53 8.32 9.10
CA PRO A 48 11.79 8.05 8.42
C PRO A 48 12.26 6.60 8.55
N GLY A 49 12.90 6.09 7.50
CA GLY A 49 13.49 4.74 7.44
C GLY A 49 12.50 3.63 7.02
N LEU A 50 11.24 3.99 6.70
CA LEU A 50 10.19 3.05 6.29
C LEU A 50 9.84 3.15 4.80
N ALA A 51 9.19 2.08 4.31
CA ALA A 51 8.48 1.97 3.03
C ALA A 51 7.21 1.11 3.22
N ILE A 52 6.22 1.20 2.31
CA ILE A 52 5.01 0.36 2.35
C ILE A 52 5.38 -1.09 1.95
N GLY A 53 5.11 -2.05 2.83
CA GLY A 53 5.48 -3.46 2.64
C GLY A 53 4.34 -4.37 2.20
N ARG A 54 3.12 -4.15 2.70
CA ARG A 54 1.96 -5.03 2.48
C ARG A 54 0.64 -4.25 2.56
N VAL A 55 -0.34 -4.65 1.74
CA VAL A 55 -1.70 -4.11 1.71
C VAL A 55 -2.68 -5.27 1.61
N ASP A 56 -3.58 -5.42 2.59
CA ASP A 56 -4.58 -6.49 2.65
C ASP A 56 -6.00 -5.90 2.71
N LEU A 57 -6.74 -6.03 1.60
CA LEU A 57 -8.05 -5.42 1.39
C LEU A 57 -9.20 -6.24 2.03
N ARG A 58 -8.94 -7.49 2.42
CA ARG A 58 -9.89 -8.34 3.16
C ARG A 58 -10.02 -7.87 4.62
N SER A 59 -8.88 -7.52 5.22
CA SER A 59 -8.76 -7.05 6.60
C SER A 59 -8.87 -5.51 6.73
N GLY A 60 -8.43 -4.76 5.71
CA GLY A 60 -8.35 -3.30 5.73
C GLY A 60 -7.08 -2.78 6.42
N VAL A 61 -5.93 -3.41 6.16
CA VAL A 61 -4.67 -3.18 6.87
C VAL A 61 -3.50 -2.94 5.90
N ILE A 62 -2.64 -1.99 6.25
CA ILE A 62 -1.43 -1.60 5.52
C ILE A 62 -0.23 -1.72 6.47
N SER A 63 0.73 -2.60 6.18
CA SER A 63 1.93 -2.82 7.00
C SER A 63 3.15 -2.14 6.38
N LEU A 64 3.87 -1.34 7.17
CA LEU A 64 5.14 -0.73 6.80
C LEU A 64 6.34 -1.63 7.18
N ILE A 65 7.43 -1.49 6.41
CA ILE A 65 8.69 -2.25 6.57
C ILE A 65 9.89 -1.30 6.48
N GLU A 66 11.06 -1.74 6.98
CA GLU A 66 12.32 -1.00 6.86
C GLU A 66 12.77 -0.87 5.40
N GLU A 67 13.03 0.36 4.94
CA GLU A 67 13.52 0.62 3.57
C GLU A 67 14.96 0.12 3.33
N GLN A 68 15.65 -0.27 4.41
CA GLN A 68 16.99 -0.88 4.42
C GLN A 68 17.01 -2.36 4.84
N ASN A 69 15.80 -2.92 4.95
CA ASN A 69 15.47 -4.31 5.29
C ASN A 69 16.14 -4.83 6.59
N ARG A 70 16.36 -3.93 7.57
CA ARG A 70 16.99 -4.19 8.88
C ARG A 70 16.13 -5.07 9.80
N GLY B 1 -25.30 -2.78 5.49
CA GLY B 1 -24.52 -4.05 5.52
C GLY B 1 -23.11 -3.84 6.06
N PRO B 2 -22.20 -4.81 5.85
CA PRO B 2 -20.80 -4.74 6.29
C PRO B 2 -20.03 -3.54 5.72
N GLY B 3 -19.10 -2.99 6.51
CA GLY B 3 -18.23 -1.89 6.07
C GLY B 3 -17.16 -2.31 5.05
N SER B 4 -16.74 -1.36 4.21
CA SER B 4 -15.68 -1.51 3.18
C SER B 4 -15.93 -2.69 2.24
N MET B 5 -17.14 -2.77 1.67
CA MET B 5 -17.65 -3.89 0.86
C MET B 5 -17.03 -4.04 -0.55
N CYS B 6 -16.07 -3.19 -0.91
CA CYS B 6 -15.42 -3.13 -2.22
C CYS B 6 -13.89 -3.22 -2.12
N MET B 7 -13.27 -3.95 -3.05
CA MET B 7 -11.81 -4.10 -3.18
C MET B 7 -11.13 -2.88 -3.84
N ALA B 8 -9.82 -2.75 -3.63
CA ALA B 8 -8.96 -1.78 -4.30
C ALA B 8 -8.64 -2.16 -5.76
N LYS B 9 -7.82 -1.32 -6.42
CA LYS B 9 -7.15 -1.60 -7.71
C LYS B 9 -5.66 -1.22 -7.66
N VAL B 10 -4.81 -1.91 -8.42
CA VAL B 10 -3.37 -1.64 -8.55
C VAL B 10 -3.05 -0.99 -9.90
N VAL B 11 -2.09 -0.07 -9.96
CA VAL B 11 -1.56 0.52 -11.21
C VAL B 11 -0.04 0.70 -11.18
N LEU B 12 0.60 0.51 -12.35
CA LEU B 12 2.04 0.66 -12.57
C LEU B 12 2.36 1.01 -14.05
N THR B 13 3.59 1.48 -14.29
CA THR B 13 4.15 1.68 -15.64
C THR B 13 5.37 0.77 -15.86
N LYS B 14 5.39 0.01 -16.96
CA LYS B 14 6.50 -0.90 -17.32
C LYS B 14 7.74 -0.15 -17.85
N ALA B 15 8.88 -0.86 -17.91
CA ALA B 15 10.06 -0.41 -18.66
C ALA B 15 9.81 -0.25 -20.18
N ASP B 16 8.76 -0.90 -20.71
CA ASP B 16 8.25 -0.71 -22.09
C ASP B 16 7.57 0.66 -22.31
N GLY B 17 7.32 1.43 -21.24
CA GLY B 17 6.55 2.68 -21.24
C GLY B 17 5.03 2.50 -21.21
N GLY B 18 4.52 1.27 -21.39
CA GLY B 18 3.10 0.94 -21.30
C GLY B 18 2.63 0.77 -19.85
N ARG B 19 1.40 1.21 -19.55
CA ARG B 19 0.78 1.05 -18.22
C ARG B 19 0.05 -0.29 -18.08
N VAL B 20 -0.05 -0.78 -16.85
CA VAL B 20 -0.75 -2.01 -16.45
C VAL B 20 -1.63 -1.73 -15.23
N GLU B 21 -2.84 -2.29 -15.22
CA GLU B 21 -3.85 -2.12 -14.16
C GLU B 21 -4.47 -3.46 -13.76
N ILE B 22 -4.75 -3.64 -12.46
CA ILE B 22 -5.39 -4.85 -11.89
C ILE B 22 -6.55 -4.43 -11.00
N GLY B 23 -7.78 -4.79 -11.37
CA GLY B 23 -8.99 -4.52 -10.59
C GLY B 23 -9.31 -5.58 -9.54
N ASP B 24 -10.09 -5.20 -8.52
CA ASP B 24 -10.68 -6.07 -7.49
C ASP B 24 -9.65 -6.96 -6.74
N VAL B 25 -8.53 -6.35 -6.34
CA VAL B 25 -7.41 -7.03 -5.65
C VAL B 25 -7.72 -7.34 -4.18
N LEU B 26 -7.35 -8.52 -3.70
CA LEU B 26 -7.47 -8.93 -2.29
C LEU B 26 -6.23 -8.61 -1.46
N GLU B 27 -5.03 -8.76 -2.04
CA GLU B 27 -3.75 -8.55 -1.36
C GLU B 27 -2.62 -8.12 -2.32
N VAL B 28 -1.73 -7.26 -1.84
CA VAL B 28 -0.50 -6.83 -2.52
C VAL B 28 0.67 -6.84 -1.54
N ARG B 29 1.86 -7.28 -1.98
CA ARG B 29 3.10 -7.36 -1.18
C ARG B 29 4.30 -6.83 -1.96
N ALA B 30 5.16 -6.04 -1.33
CA ALA B 30 6.52 -5.78 -1.79
C ALA B 30 7.45 -6.86 -1.18
N GLU B 31 8.15 -7.62 -2.01
CA GLU B 31 8.87 -8.85 -1.60
C GLU B 31 10.02 -9.18 -2.58
N GLY B 32 11.23 -9.39 -2.07
CA GLY B 32 12.38 -9.90 -2.85
C GLY B 32 12.84 -9.00 -4.00
N GLY B 33 12.64 -7.68 -3.92
CA GLY B 33 12.91 -6.73 -5.01
C GLY B 33 11.83 -6.69 -6.12
N ALA B 34 10.62 -7.17 -5.83
CA ALA B 34 9.47 -7.20 -6.72
C ALA B 34 8.18 -6.81 -5.97
N VAL B 35 7.11 -6.54 -6.72
CA VAL B 35 5.73 -6.50 -6.19
C VAL B 35 4.95 -7.73 -6.66
N ARG B 36 4.16 -8.32 -5.77
CA ARG B 36 3.33 -9.52 -6.00
C ARG B 36 1.91 -9.26 -5.50
N VAL B 37 0.90 -9.70 -6.26
CA VAL B 37 -0.52 -9.32 -6.05
C VAL B 37 -1.48 -10.46 -6.41
N THR B 38 -2.60 -10.57 -5.68
CA THR B 38 -3.62 -11.63 -5.84
C THR B 38 -5.05 -11.08 -5.92
N THR B 39 -5.80 -11.44 -6.96
CA THR B 39 -7.20 -11.03 -7.19
C THR B 39 -8.23 -11.96 -6.52
N LEU B 40 -9.51 -11.55 -6.52
CA LEU B 40 -10.65 -12.36 -6.06
C LEU B 40 -10.90 -13.66 -6.86
N PHE B 41 -10.31 -13.80 -8.06
CA PHE B 41 -10.36 -15.01 -8.88
C PHE B 41 -9.24 -16.02 -8.54
N ASP B 42 -8.42 -15.73 -7.51
CA ASP B 42 -7.16 -16.41 -7.17
C ASP B 42 -6.06 -16.30 -8.26
N GLU B 43 -6.25 -15.43 -9.25
CA GLU B 43 -5.21 -15.10 -10.25
C GLU B 43 -4.10 -14.25 -9.61
N GLU B 44 -2.85 -14.69 -9.77
CA GLU B 44 -1.65 -14.01 -9.25
C GLU B 44 -0.93 -13.20 -10.33
N HIS B 45 -0.29 -12.10 -9.91
CA HIS B 45 0.49 -11.18 -10.74
C HIS B 45 1.83 -10.83 -10.07
N ALA B 46 2.89 -10.61 -10.85
CA ALA B 46 4.24 -10.29 -10.35
C ALA B 46 4.98 -9.29 -11.24
N PHE B 47 5.69 -8.34 -10.60
CA PHE B 47 6.36 -7.21 -11.24
C PHE B 47 7.74 -6.95 -10.60
N PRO B 48 8.82 -7.57 -11.11
CA PRO B 48 10.17 -7.35 -10.62
C PRO B 48 10.68 -5.93 -10.88
N GLY B 49 11.47 -5.41 -9.94
CA GLY B 49 12.02 -4.05 -9.97
C GLY B 49 11.11 -2.97 -9.36
N LEU B 50 9.95 -3.34 -8.80
CA LEU B 50 9.02 -2.44 -8.13
C LEU B 50 8.96 -2.64 -6.60
N ALA B 51 8.42 -1.62 -5.91
CA ALA B 51 7.92 -1.62 -4.54
C ALA B 51 6.60 -0.82 -4.45
N ILE B 52 5.80 -1.00 -3.40
CA ILE B 52 4.55 -0.25 -3.20
C ILE B 52 4.89 1.20 -2.82
N GLY B 53 4.35 2.15 -3.58
CA GLY B 53 4.68 3.58 -3.48
C GLY B 53 3.59 4.44 -2.82
N ARG B 54 2.30 4.12 -3.03
CA ARG B 54 1.17 4.90 -2.50
C ARG B 54 -0.09 4.05 -2.36
N VAL B 55 -0.94 4.36 -1.36
CA VAL B 55 -2.34 3.92 -1.33
C VAL B 55 -3.24 5.11 -1.04
N ASP B 56 -4.26 5.33 -1.87
CA ASP B 56 -5.16 6.47 -1.84
C ASP B 56 -6.60 6.01 -1.59
N LEU B 57 -6.95 5.87 -0.31
CA LEU B 57 -8.19 5.24 0.16
C LEU B 57 -9.46 6.00 -0.27
N ARG B 58 -9.33 7.29 -0.60
CA ARG B 58 -10.41 8.13 -1.15
C ARG B 58 -10.92 7.63 -2.52
N SER B 59 -10.08 6.91 -3.27
CA SER B 59 -10.38 6.38 -4.62
C SER B 59 -10.11 4.87 -4.75
N GLY B 60 -9.52 4.22 -3.75
CA GLY B 60 -9.20 2.79 -3.72
C GLY B 60 -8.00 2.39 -4.60
N VAL B 61 -7.08 3.33 -4.89
CA VAL B 61 -5.94 3.08 -5.79
C VAL B 61 -4.65 2.77 -5.01
N ILE B 62 -4.02 1.65 -5.35
CA ILE B 62 -2.66 1.26 -4.98
C ILE B 62 -1.73 1.60 -6.16
N SER B 63 -0.64 2.32 -5.91
CA SER B 63 0.33 2.74 -6.93
C SER B 63 1.74 2.26 -6.58
N LEU B 64 2.48 1.80 -7.60
CA LEU B 64 3.82 1.20 -7.46
C LEU B 64 4.92 2.10 -8.03
N ILE B 65 6.13 1.98 -7.46
CA ILE B 65 7.34 2.76 -7.83
C ILE B 65 8.56 1.85 -7.99
N GLU B 66 9.59 2.30 -8.71
CA GLU B 66 10.82 1.53 -8.93
C GLU B 66 11.66 1.40 -7.65
N GLU B 67 12.06 0.18 -7.29
CA GLU B 67 12.85 -0.10 -6.07
C GLU B 67 14.37 0.13 -6.26
N GLN B 68 14.87 0.00 -7.49
CA GLN B 68 16.24 0.32 -7.93
C GLN B 68 16.25 0.85 -9.38
N ASN B 69 17.24 1.66 -9.72
CA ASN B 69 17.46 2.22 -11.07
C ASN B 69 18.55 1.46 -11.87
N ARG B 70 18.81 0.19 -11.51
CA ARG B 70 19.91 -0.67 -12.00
C ARG B 70 19.53 -2.16 -12.03
N GLY A 1 -22.27 0.55 4.63
CA GLY A 1 -23.65 0.84 5.08
C GLY A 1 -23.72 2.04 6.03
N PRO A 2 -24.79 2.17 6.82
CA PRO A 2 -24.99 3.26 7.79
C PRO A 2 -23.94 3.31 8.91
N GLY A 3 -23.78 4.48 9.53
CA GLY A 3 -22.84 4.72 10.64
C GLY A 3 -21.36 4.79 10.22
N SER A 4 -20.47 4.84 11.21
CA SER A 4 -19.03 4.95 11.03
C SER A 4 -18.39 3.70 10.39
N MET A 5 -17.31 3.89 9.64
CA MET A 5 -16.48 2.83 9.06
C MET A 5 -15.00 3.26 8.96
N CYS A 6 -14.08 2.29 8.96
CA CYS A 6 -12.65 2.54 8.78
C CYS A 6 -12.23 2.36 7.31
N MET A 7 -11.42 3.27 6.79
CA MET A 7 -10.91 3.24 5.41
C MET A 7 -9.66 2.36 5.29
N ALA A 8 -8.65 2.58 6.14
CA ALA A 8 -7.52 1.67 6.37
C ALA A 8 -6.84 1.89 7.73
N LYS A 9 -6.13 0.86 8.17
CA LYS A 9 -5.17 0.88 9.29
C LYS A 9 -3.74 0.80 8.75
N VAL A 10 -2.86 1.69 9.20
CA VAL A 10 -1.40 1.58 9.03
C VAL A 10 -0.77 1.04 10.30
N VAL A 11 0.20 0.13 10.18
CA VAL A 11 0.89 -0.52 11.32
C VAL A 11 2.40 -0.67 11.12
N LEU A 12 3.15 -0.42 12.20
CA LEU A 12 4.60 -0.57 12.33
C LEU A 12 4.97 -0.93 13.77
N THR A 13 6.21 -1.40 13.98
CA THR A 13 6.75 -1.74 15.32
C THR A 13 8.02 -0.93 15.64
N LYS A 14 8.09 -0.33 16.82
CA LYS A 14 9.21 0.51 17.28
C LYS A 14 10.41 -0.30 17.77
N ALA A 15 11.58 0.36 17.85
CA ALA A 15 12.75 -0.16 18.57
C ALA A 15 12.51 -0.35 20.09
N ASP A 16 11.48 0.29 20.65
CA ASP A 16 10.98 0.07 22.01
C ASP A 16 10.31 -1.32 22.22
N GLY A 17 10.05 -2.06 21.13
CA GLY A 17 9.31 -3.33 21.12
C GLY A 17 7.78 -3.19 21.10
N GLY A 18 7.26 -1.97 21.27
CA GLY A 18 5.82 -1.66 21.16
C GLY A 18 5.41 -1.32 19.73
N ARG A 19 4.15 -1.62 19.36
CA ARG A 19 3.56 -1.24 18.08
C ARG A 19 3.04 0.21 18.07
N VAL A 20 2.95 0.77 16.87
CA VAL A 20 2.15 1.96 16.55
C VAL A 20 1.09 1.56 15.53
N GLU A 21 -0.14 2.04 15.73
CA GLU A 21 -1.31 1.74 14.88
C GLU A 21 -2.11 3.01 14.62
N ILE A 22 -2.44 3.25 13.34
CA ILE A 22 -3.05 4.50 12.85
C ILE A 22 -4.30 4.14 12.05
N GLY A 23 -5.48 4.37 12.61
CA GLY A 23 -6.77 4.12 11.97
C GLY A 23 -7.31 5.28 11.12
N ASP A 24 -8.36 5.01 10.36
CA ASP A 24 -9.14 5.99 9.57
C ASP A 24 -8.28 6.76 8.53
N VAL A 25 -7.30 6.06 7.96
CA VAL A 25 -6.33 6.59 6.98
C VAL A 25 -6.97 6.79 5.60
N LEU A 26 -6.76 7.99 5.02
CA LEU A 26 -7.20 8.37 3.68
C LEU A 26 -6.09 8.26 2.61
N GLU A 27 -4.81 8.37 2.99
CA GLU A 27 -3.71 8.35 2.02
C GLU A 27 -2.39 7.93 2.69
N VAL A 28 -1.57 7.15 1.97
CA VAL A 28 -0.21 6.75 2.38
C VAL A 28 0.76 6.90 1.21
N ARG A 29 2.00 7.33 1.47
CA ARG A 29 3.10 7.47 0.50
C ARG A 29 4.40 6.89 1.04
N ALA A 30 5.20 6.26 0.21
CA ALA A 30 6.60 5.94 0.48
C ALA A 30 7.51 6.93 -0.28
N GLU A 31 8.23 7.80 0.43
CA GLU A 31 8.91 8.97 -0.15
C GLU A 31 10.08 9.46 0.72
N GLY A 32 11.26 9.65 0.11
CA GLY A 32 12.43 10.28 0.74
C GLY A 32 13.06 9.47 1.89
N GLY A 33 12.95 8.13 1.85
CA GLY A 33 13.39 7.24 2.93
C GLY A 33 12.44 7.22 4.15
N ALA A 34 11.19 7.63 3.97
CA ALA A 34 10.16 7.68 5.01
C ALA A 34 8.80 7.22 4.46
N VAL A 35 7.93 6.71 5.34
CA VAL A 35 6.49 6.54 5.03
C VAL A 35 5.70 7.70 5.62
N ARG A 36 4.69 8.19 4.89
CA ARG A 36 3.95 9.42 5.16
C ARG A 36 2.45 9.15 5.06
N VAL A 37 1.62 9.69 5.96
CA VAL A 37 0.20 9.29 6.13
C VAL A 37 -0.72 10.50 6.35
N THR A 38 -1.95 10.41 5.86
CA THR A 38 -3.03 11.40 6.09
C THR A 38 -4.34 10.69 6.50
N THR A 39 -5.10 11.31 7.42
CA THR A 39 -6.36 10.77 8.00
C THR A 39 -7.53 11.75 7.81
N LEU A 40 -8.77 11.29 8.05
CA LEU A 40 -9.98 12.13 7.97
C LEU A 40 -10.06 13.27 9.03
N PHE A 41 -9.14 13.31 9.99
CA PHE A 41 -8.97 14.43 10.93
C PHE A 41 -8.23 15.64 10.31
N ASP A 42 -7.88 15.56 9.02
CA ASP A 42 -7.02 16.51 8.28
C ASP A 42 -5.57 16.61 8.84
N GLU A 43 -5.16 15.63 9.66
CA GLU A 43 -3.79 15.50 10.17
C GLU A 43 -2.84 14.86 9.14
N GLU A 44 -1.55 15.12 9.34
CA GLU A 44 -0.44 14.61 8.54
C GLU A 44 0.68 14.05 9.44
N HIS A 45 1.24 12.92 9.03
CA HIS A 45 2.21 12.13 9.80
C HIS A 45 3.38 11.66 8.92
N ALA A 46 4.54 11.45 9.51
CA ALA A 46 5.74 10.94 8.83
C ALA A 46 6.60 10.05 9.73
N PHE A 47 7.18 9.00 9.14
CA PHE A 47 7.87 7.90 9.82
C PHE A 47 9.18 7.54 9.06
N PRO A 48 10.31 8.22 9.36
CA PRO A 48 11.58 7.98 8.68
C PRO A 48 12.17 6.60 9.01
N GLY A 49 12.84 6.02 8.01
CA GLY A 49 13.46 4.70 8.07
C GLY A 49 12.53 3.54 7.69
N LEU A 50 11.30 3.82 7.22
CA LEU A 50 10.31 2.84 6.79
C LEU A 50 10.00 2.89 5.28
N ALA A 51 9.44 1.78 4.79
CA ALA A 51 8.81 1.60 3.48
C ALA A 51 7.57 0.69 3.60
N ILE A 52 6.66 0.72 2.61
CA ILE A 52 5.49 -0.17 2.59
C ILE A 52 5.94 -1.60 2.27
N GLY A 53 5.59 -2.57 3.14
CA GLY A 53 5.89 -3.99 2.97
C GLY A 53 4.80 -4.74 2.22
N ARG A 54 3.55 -4.63 2.69
CA ARG A 54 2.36 -5.23 2.05
C ARG A 54 1.07 -4.46 2.36
N VAL A 55 0.04 -4.67 1.54
CA VAL A 55 -1.33 -4.19 1.78
C VAL A 55 -2.32 -5.34 1.63
N ASP A 56 -3.18 -5.54 2.62
CA ASP A 56 -4.11 -6.67 2.68
C ASP A 56 -5.56 -6.19 2.79
N LEU A 57 -6.30 -6.27 1.69
CA LEU A 57 -7.63 -5.70 1.52
C LEU A 57 -8.75 -6.56 2.11
N ARG A 58 -8.43 -7.77 2.61
CA ARG A 58 -9.34 -8.61 3.41
C ARG A 58 -9.55 -8.03 4.82
N SER A 59 -8.61 -7.22 5.30
CA SER A 59 -8.64 -6.57 6.61
C SER A 59 -8.48 -5.04 6.57
N GLY A 60 -8.08 -4.47 5.42
CA GLY A 60 -7.81 -3.04 5.25
C GLY A 60 -6.51 -2.58 5.90
N VAL A 61 -5.50 -3.47 6.00
CA VAL A 61 -4.23 -3.21 6.71
C VAL A 61 -3.09 -2.92 5.73
N ILE A 62 -2.40 -1.79 5.96
CA ILE A 62 -1.13 -1.39 5.36
C ILE A 62 -0.01 -1.70 6.36
N SER A 63 0.86 -2.66 6.04
CA SER A 63 1.96 -3.11 6.88
C SER A 63 3.29 -2.51 6.43
N LEU A 64 4.00 -1.83 7.33
CA LEU A 64 5.30 -1.19 7.05
C LEU A 64 6.50 -2.03 7.53
N ILE A 65 7.63 -1.86 6.86
CA ILE A 65 8.92 -2.53 7.12
C ILE A 65 10.08 -1.53 7.07
N GLU A 66 11.22 -1.84 7.67
CA GLU A 66 12.42 -0.99 7.67
C GLU A 66 13.06 -0.92 6.27
N GLU A 67 13.35 0.29 5.81
CA GLU A 67 13.90 0.54 4.46
C GLU A 67 15.43 0.30 4.34
N GLN A 68 16.12 0.18 5.49
CA GLN A 68 17.51 -0.29 5.61
C GLN A 68 17.70 -1.09 6.91
N ASN A 69 18.62 -2.07 6.89
CA ASN A 69 18.83 -3.05 7.95
C ASN A 69 19.90 -2.64 8.99
N ARG A 70 20.00 -1.34 9.29
CA ARG A 70 20.99 -0.74 10.21
C ARG A 70 20.44 0.47 10.99
N GLY B 1 -22.25 6.96 -2.37
CA GLY B 1 -21.22 5.94 -2.11
C GLY B 1 -19.87 6.59 -1.78
N PRO B 2 -19.18 6.19 -0.70
CA PRO B 2 -17.91 6.80 -0.27
C PRO B 2 -16.74 6.64 -1.25
N GLY B 3 -16.73 5.57 -2.07
CA GLY B 3 -15.65 5.24 -3.02
C GLY B 3 -14.42 4.58 -2.38
N SER B 4 -14.22 4.75 -1.08
CA SER B 4 -13.18 4.11 -0.26
C SER B 4 -13.51 2.67 0.18
N MET B 5 -14.77 2.24 0.02
CA MET B 5 -15.25 0.89 0.29
C MET B 5 -14.70 -0.17 -0.68
N CYS B 6 -14.82 -1.45 -0.30
CA CYS B 6 -14.44 -2.64 -1.09
C CYS B 6 -12.92 -2.74 -1.42
N MET B 7 -12.55 -3.76 -2.20
CA MET B 7 -11.17 -4.07 -2.61
C MET B 7 -10.49 -2.94 -3.41
N ALA B 8 -9.15 -2.98 -3.39
CA ALA B 8 -8.30 -2.03 -4.12
C ALA B 8 -8.29 -2.27 -5.64
N LYS B 9 -7.68 -1.32 -6.36
CA LYS B 9 -7.26 -1.44 -7.76
C LYS B 9 -5.82 -0.95 -7.94
N VAL B 10 -5.01 -1.71 -8.68
CA VAL B 10 -3.58 -1.42 -8.92
C VAL B 10 -3.38 -0.76 -10.28
N VAL B 11 -2.45 0.18 -10.38
CA VAL B 11 -1.97 0.80 -11.63
C VAL B 11 -0.43 0.88 -11.65
N LEU B 12 0.14 0.57 -12.81
CA LEU B 12 1.58 0.53 -13.06
C LEU B 12 1.93 0.83 -14.53
N THR B 13 3.22 1.05 -14.81
CA THR B 13 3.76 1.22 -16.17
C THR B 13 4.91 0.23 -16.40
N LYS B 14 4.87 -0.51 -17.51
CA LYS B 14 5.91 -1.47 -17.93
C LYS B 14 7.17 -0.76 -18.44
N ALA B 15 8.29 -1.48 -18.50
CA ALA B 15 9.56 -0.98 -19.05
C ALA B 15 9.46 -0.59 -20.55
N ASP B 16 8.50 -1.18 -21.29
CA ASP B 16 8.15 -0.80 -22.67
C ASP B 16 7.33 0.51 -22.79
N GLY B 17 6.96 1.13 -21.66
CA GLY B 17 6.12 2.34 -21.58
C GLY B 17 4.60 2.09 -21.60
N GLY B 18 4.16 0.84 -21.71
CA GLY B 18 2.74 0.46 -21.72
C GLY B 18 2.12 0.45 -20.31
N ARG B 19 0.91 1.02 -20.16
CA ARG B 19 0.12 1.00 -18.92
C ARG B 19 -0.55 -0.35 -18.68
N VAL B 20 -0.72 -0.69 -17.40
CA VAL B 20 -1.48 -1.86 -16.92
C VAL B 20 -2.31 -1.46 -15.70
N GLU B 21 -3.56 -1.93 -15.65
CA GLU B 21 -4.52 -1.72 -14.55
C GLU B 21 -5.19 -3.04 -14.14
N ILE B 22 -5.39 -3.25 -12.84
CA ILE B 22 -5.85 -4.53 -12.25
C ILE B 22 -6.94 -4.26 -11.20
N GLY B 23 -8.13 -4.83 -11.38
CA GLY B 23 -9.28 -4.69 -10.49
C GLY B 23 -9.45 -5.81 -9.45
N ASP B 24 -10.27 -5.57 -8.44
CA ASP B 24 -10.61 -6.51 -7.33
C ASP B 24 -9.35 -7.10 -6.67
N VAL B 25 -8.38 -6.24 -6.36
CA VAL B 25 -7.09 -6.62 -5.75
C VAL B 25 -7.30 -6.94 -4.26
N LEU B 26 -6.93 -8.16 -3.88
CA LEU B 26 -7.17 -8.76 -2.56
C LEU B 26 -5.95 -8.59 -1.62
N GLU B 27 -4.73 -8.58 -2.19
CA GLU B 27 -3.46 -8.33 -1.50
C GLU B 27 -2.38 -7.85 -2.50
N VAL B 28 -1.44 -6.99 -2.04
CA VAL B 28 -0.17 -6.69 -2.73
C VAL B 28 1.02 -6.78 -1.78
N ARG B 29 2.21 -7.10 -2.30
CA ARG B 29 3.48 -7.21 -1.55
C ARG B 29 4.65 -6.61 -2.34
N ALA B 30 5.56 -5.91 -1.67
CA ALA B 30 6.86 -5.52 -2.21
C ALA B 30 7.92 -6.53 -1.74
N GLU B 31 8.67 -7.12 -2.67
CA GLU B 31 9.57 -8.24 -2.40
C GLU B 31 10.70 -8.36 -3.43
N GLY B 32 11.96 -8.41 -2.98
CA GLY B 32 13.12 -8.76 -3.82
C GLY B 32 13.41 -7.81 -4.99
N GLY B 33 13.05 -6.52 -4.86
CA GLY B 33 13.14 -5.53 -5.95
C GLY B 33 12.02 -5.63 -6.99
N ALA B 34 10.88 -6.21 -6.62
CA ALA B 34 9.68 -6.39 -7.43
C ALA B 34 8.41 -6.14 -6.62
N VAL B 35 7.27 -6.01 -7.30
CA VAL B 35 5.93 -6.05 -6.67
C VAL B 35 5.16 -7.29 -7.13
N ARG B 36 4.45 -7.92 -6.19
CA ARG B 36 3.51 -9.02 -6.44
C ARG B 36 2.10 -8.62 -6.03
N VAL B 37 1.10 -9.08 -6.78
CA VAL B 37 -0.32 -8.74 -6.55
C VAL B 37 -1.21 -9.98 -6.69
N THR B 38 -2.24 -10.09 -5.86
CA THR B 38 -3.20 -11.21 -5.81
C THR B 38 -4.63 -10.69 -5.93
N THR B 39 -5.46 -11.31 -6.78
CA THR B 39 -6.84 -10.87 -7.05
C THR B 39 -7.89 -11.72 -6.33
N LEU B 40 -9.14 -11.22 -6.34
CA LEU B 40 -10.35 -11.91 -5.87
C LEU B 40 -10.52 -13.33 -6.46
N PHE B 41 -10.06 -13.52 -7.70
CA PHE B 41 -10.19 -14.77 -8.47
C PHE B 41 -9.12 -15.82 -8.12
N ASP B 42 -8.31 -15.56 -7.09
CA ASP B 42 -7.16 -16.38 -6.65
C ASP B 42 -6.04 -16.50 -7.72
N GLU B 43 -6.01 -15.57 -8.68
CA GLU B 43 -4.86 -15.37 -9.58
C GLU B 43 -3.80 -14.47 -8.92
N GLU B 44 -2.57 -14.60 -9.41
CA GLU B 44 -1.39 -13.89 -8.90
C GLU B 44 -0.47 -13.44 -10.03
N HIS B 45 0.08 -12.23 -9.92
CA HIS B 45 0.92 -11.58 -10.93
C HIS B 45 2.15 -10.94 -10.28
N ALA B 46 3.25 -10.79 -11.02
CA ALA B 46 4.52 -10.26 -10.54
C ALA B 46 5.17 -9.30 -11.55
N PHE B 47 5.78 -8.23 -11.04
CA PHE B 47 6.29 -7.10 -11.82
C PHE B 47 7.68 -6.67 -11.30
N PRO B 48 8.78 -7.20 -11.86
CA PRO B 48 10.15 -6.83 -11.51
C PRO B 48 10.47 -5.35 -11.75
N GLY B 49 11.33 -4.77 -10.89
CA GLY B 49 11.80 -3.39 -10.97
C GLY B 49 10.83 -2.35 -10.40
N LEU B 50 9.74 -2.77 -9.75
CA LEU B 50 8.76 -1.88 -9.11
C LEU B 50 8.82 -1.93 -7.57
N ALA B 51 8.23 -0.90 -6.95
CA ALA B 51 7.87 -0.80 -5.53
C ALA B 51 6.51 -0.08 -5.38
N ILE B 52 5.83 -0.28 -4.24
CA ILE B 52 4.59 0.45 -3.91
C ILE B 52 4.94 1.91 -3.60
N GLY B 53 4.51 2.85 -4.45
CA GLY B 53 4.80 4.28 -4.31
C GLY B 53 3.81 5.01 -3.40
N ARG B 54 2.51 4.75 -3.59
CA ARG B 54 1.40 5.33 -2.79
C ARG B 54 0.17 4.44 -2.77
N VAL B 55 -0.68 4.66 -1.77
CA VAL B 55 -2.01 4.08 -1.62
C VAL B 55 -3.01 5.21 -1.32
N ASP B 56 -3.95 5.46 -2.24
CA ASP B 56 -4.97 6.49 -2.12
C ASP B 56 -6.31 5.85 -1.71
N LEU B 57 -6.56 5.72 -0.41
CA LEU B 57 -7.71 4.99 0.16
C LEU B 57 -9.07 5.62 -0.18
N ARG B 58 -9.10 6.89 -0.60
CA ARG B 58 -10.32 7.59 -1.08
C ARG B 58 -10.99 6.92 -2.29
N SER B 59 -10.22 6.16 -3.08
CA SER B 59 -10.65 5.39 -4.25
C SER B 59 -10.07 3.95 -4.27
N GLY B 60 -9.26 3.60 -3.27
CA GLY B 60 -8.56 2.30 -3.19
C GLY B 60 -7.46 2.11 -4.24
N VAL B 61 -6.90 3.21 -4.76
CA VAL B 61 -5.87 3.16 -5.82
C VAL B 61 -4.48 2.88 -5.24
N ILE B 62 -3.88 1.76 -5.63
CA ILE B 62 -2.47 1.43 -5.37
C ILE B 62 -1.65 1.82 -6.61
N SER B 63 -0.68 2.72 -6.46
CA SER B 63 0.20 3.15 -7.56
C SER B 63 1.62 2.60 -7.37
N LEU B 64 2.13 1.89 -8.38
CA LEU B 64 3.48 1.33 -8.37
C LEU B 64 4.47 2.24 -9.13
N ILE B 65 5.70 2.34 -8.62
CA ILE B 65 6.79 3.18 -9.16
C ILE B 65 8.07 2.36 -9.36
N GLU B 66 8.97 2.82 -10.23
CA GLU B 66 10.25 2.19 -10.51
C GLU B 66 11.20 2.24 -9.30
N GLU B 67 11.60 1.08 -8.77
CA GLU B 67 12.44 0.97 -7.56
C GLU B 67 13.90 1.42 -7.80
N GLN B 68 14.33 1.39 -9.06
CA GLN B 68 15.63 1.90 -9.54
C GLN B 68 15.60 3.38 -9.98
N ASN B 69 14.43 3.99 -9.80
CA ASN B 69 14.10 5.41 -10.04
C ASN B 69 14.48 5.93 -11.46
N ARG B 70 14.42 5.05 -12.47
CA ARG B 70 14.81 5.32 -13.88
C ARG B 70 13.82 6.30 -14.57
N GLY A 1 -22.10 11.13 -4.97
CA GLY A 1 -21.14 10.72 -3.93
C GLY A 1 -21.35 9.26 -3.50
N PRO A 2 -20.30 8.59 -2.97
CA PRO A 2 -20.35 7.17 -2.59
C PRO A 2 -21.17 6.88 -1.30
N GLY A 3 -21.47 7.89 -0.49
CA GLY A 3 -22.09 7.75 0.83
C GLY A 3 -21.12 7.17 1.88
N SER A 4 -21.64 6.45 2.86
CA SER A 4 -20.85 5.79 3.91
C SER A 4 -19.94 4.69 3.34
N MET A 5 -18.66 4.67 3.75
CA MET A 5 -17.62 3.72 3.35
C MET A 5 -16.50 3.77 4.38
N CYS A 6 -15.87 2.62 4.66
CA CYS A 6 -14.87 2.49 5.72
C CYS A 6 -13.43 2.69 5.20
N MET A 7 -12.61 3.39 5.99
CA MET A 7 -11.17 3.63 5.74
C MET A 7 -10.30 2.45 6.21
N ALA A 8 -9.05 2.41 5.71
CA ALA A 8 -8.00 1.48 6.14
C ALA A 8 -7.44 1.81 7.54
N LYS A 9 -6.57 0.92 8.03
CA LYS A 9 -5.73 1.08 9.23
C LYS A 9 -4.26 0.74 8.94
N VAL A 10 -3.34 1.57 9.44
CA VAL A 10 -1.88 1.44 9.25
C VAL A 10 -1.24 0.81 10.49
N VAL A 11 -0.21 -0.01 10.29
CA VAL A 11 0.63 -0.59 11.34
C VAL A 11 2.11 -0.61 10.92
N LEU A 12 3.01 -0.37 11.90
CA LEU A 12 4.46 -0.37 11.71
C LEU A 12 5.20 -0.89 12.94
N THR A 13 6.43 -1.36 12.71
CA THR A 13 7.42 -1.68 13.75
C THR A 13 8.69 -0.85 13.53
N LYS A 14 9.15 -0.15 14.57
CA LYS A 14 10.38 0.67 14.55
C LYS A 14 11.63 -0.20 14.68
N ALA A 15 12.79 0.36 14.31
CA ALA A 15 14.11 -0.21 14.63
C ALA A 15 14.38 -0.31 16.16
N ASP A 16 13.64 0.45 16.98
CA ASP A 16 13.63 0.37 18.44
C ASP A 16 12.94 -0.91 18.99
N GLY A 17 12.24 -1.66 18.14
CA GLY A 17 11.39 -2.81 18.52
C GLY A 17 9.96 -2.43 18.96
N GLY A 18 9.67 -1.14 19.14
CA GLY A 18 8.33 -0.62 19.43
C GLY A 18 7.40 -0.61 18.22
N ARG A 19 6.08 -0.56 18.45
CA ARG A 19 5.02 -0.58 17.41
C ARG A 19 4.04 0.58 17.53
N VAL A 20 3.46 0.96 16.39
CA VAL A 20 2.48 2.06 16.26
C VAL A 20 1.34 1.64 15.33
N GLU A 21 0.10 2.04 15.65
CA GLU A 21 -1.11 1.76 14.86
C GLU A 21 -1.92 3.05 14.65
N ILE A 22 -2.50 3.24 13.45
CA ILE A 22 -3.18 4.48 13.03
C ILE A 22 -4.46 4.14 12.27
N GLY A 23 -5.61 4.50 12.82
CA GLY A 23 -6.94 4.25 12.23
C GLY A 23 -7.43 5.34 11.28
N ASP A 24 -8.46 5.02 10.50
CA ASP A 24 -9.23 5.95 9.65
C ASP A 24 -8.39 6.76 8.62
N VAL A 25 -7.39 6.12 8.04
CA VAL A 25 -6.48 6.73 7.06
C VAL A 25 -7.14 6.89 5.68
N LEU A 26 -7.00 8.06 5.05
CA LEU A 26 -7.45 8.34 3.68
C LEU A 26 -6.37 8.09 2.62
N GLU A 27 -5.09 8.25 2.98
CA GLU A 27 -3.96 8.13 2.05
C GLU A 27 -2.63 7.85 2.78
N VAL A 28 -1.76 7.06 2.16
CA VAL A 28 -0.35 6.89 2.56
C VAL A 28 0.58 6.96 1.33
N ARG A 29 1.81 7.47 1.51
CA ARG A 29 2.85 7.53 0.46
C ARG A 29 4.23 7.18 1.00
N ALA A 30 5.00 6.39 0.26
CA ALA A 30 6.41 6.07 0.53
C ALA A 30 7.30 6.96 -0.36
N GLU A 31 8.13 7.79 0.24
CA GLU A 31 8.81 8.92 -0.41
C GLU A 31 10.03 9.37 0.41
N GLY A 32 11.17 9.58 -0.25
CA GLY A 32 12.38 10.13 0.37
C GLY A 32 13.02 9.24 1.45
N GLY A 33 12.79 7.93 1.41
CA GLY A 33 13.23 6.97 2.43
C GLY A 33 12.36 6.98 3.71
N ALA A 34 11.13 7.48 3.63
CA ALA A 34 10.17 7.57 4.73
C ALA A 34 8.74 7.19 4.25
N VAL A 35 7.81 6.98 5.18
CA VAL A 35 6.35 6.90 4.87
C VAL A 35 5.57 8.03 5.55
N ARG A 36 4.72 8.71 4.78
CA ARG A 36 3.71 9.69 5.24
C ARG A 36 2.30 9.11 5.20
N VAL A 37 1.42 9.55 6.11
CA VAL A 37 0.01 9.12 6.22
C VAL A 37 -0.92 10.32 6.47
N THR A 38 -2.17 10.25 6.04
CA THR A 38 -3.19 11.32 6.15
C THR A 38 -4.54 10.78 6.63
N THR A 39 -5.14 11.39 7.64
CA THR A 39 -6.45 11.02 8.21
C THR A 39 -7.59 11.96 7.79
N LEU A 40 -8.84 11.54 8.03
CA LEU A 40 -10.04 12.37 7.81
C LEU A 40 -10.12 13.65 8.67
N PHE A 41 -9.28 13.78 9.71
CA PHE A 41 -9.17 14.98 10.54
C PHE A 41 -8.31 16.10 9.89
N ASP A 42 -7.84 15.89 8.64
CA ASP A 42 -6.79 16.66 7.95
C ASP A 42 -5.42 16.63 8.66
N GLU A 43 -5.24 15.76 9.66
CA GLU A 43 -3.97 15.52 10.34
C GLU A 43 -3.07 14.57 9.53
N GLU A 44 -1.75 14.82 9.57
CA GLU A 44 -0.73 13.97 8.96
C GLU A 44 0.37 13.55 9.96
N HIS A 45 0.97 12.39 9.69
CA HIS A 45 2.11 11.83 10.42
C HIS A 45 3.16 11.30 9.44
N ALA A 46 4.43 11.23 9.87
CA ALA A 46 5.57 10.83 9.04
C ALA A 46 6.57 9.97 9.83
N PHE A 47 7.14 8.95 9.15
CA PHE A 47 7.95 7.89 9.76
C PHE A 47 9.20 7.58 8.90
N PRO A 48 10.35 8.20 9.21
CA PRO A 48 11.61 7.95 8.52
C PRO A 48 12.12 6.51 8.66
N GLY A 49 12.76 6.00 7.61
CA GLY A 49 13.42 4.68 7.58
C GLY A 49 12.47 3.52 7.25
N LEU A 50 11.20 3.79 6.91
CA LEU A 50 10.18 2.82 6.53
C LEU A 50 9.84 2.85 5.03
N ALA A 51 9.22 1.76 4.58
CA ALA A 51 8.50 1.64 3.32
C ALA A 51 7.22 0.79 3.50
N ILE A 52 6.28 0.90 2.57
CA ILE A 52 5.05 0.08 2.56
C ILE A 52 5.43 -1.35 2.11
N GLY A 53 5.21 -2.35 2.98
CA GLY A 53 5.56 -3.75 2.73
C GLY A 53 4.41 -4.63 2.24
N ARG A 54 3.18 -4.39 2.70
CA ARG A 54 2.02 -5.24 2.40
C ARG A 54 0.71 -4.46 2.56
N VAL A 55 -0.27 -4.73 1.71
CA VAL A 55 -1.62 -4.15 1.76
C VAL A 55 -2.64 -5.27 1.60
N ASP A 56 -3.59 -5.39 2.54
CA ASP A 56 -4.49 -6.54 2.68
C ASP A 56 -5.94 -6.07 2.89
N LEU A 57 -6.70 -6.05 1.80
CA LEU A 57 -8.04 -5.44 1.71
C LEU A 57 -9.14 -6.28 2.38
N ARG A 58 -8.83 -7.50 2.83
CA ARG A 58 -9.74 -8.35 3.62
C ARG A 58 -10.09 -7.74 4.98
N SER A 59 -9.19 -6.93 5.54
CA SER A 59 -9.37 -6.18 6.80
C SER A 59 -8.96 -4.69 6.66
N GLY A 60 -8.59 -4.24 5.45
CA GLY A 60 -8.10 -2.88 5.18
C GLY A 60 -6.77 -2.56 5.88
N VAL A 61 -5.88 -3.55 6.03
CA VAL A 61 -4.59 -3.39 6.71
C VAL A 61 -3.51 -2.88 5.75
N ILE A 62 -2.79 -1.84 6.15
CA ILE A 62 -1.58 -1.32 5.51
C ILE A 62 -0.40 -1.57 6.46
N SER A 63 0.59 -2.36 6.04
CA SER A 63 1.72 -2.80 6.87
C SER A 63 3.06 -2.29 6.35
N LEU A 64 3.81 -1.59 7.20
CA LEU A 64 5.11 -0.98 6.90
C LEU A 64 6.26 -1.80 7.50
N ILE A 65 7.42 -1.75 6.84
CA ILE A 65 8.66 -2.42 7.25
C ILE A 65 9.87 -1.47 7.18
N GLU A 66 10.98 -1.85 7.81
CA GLU A 66 12.26 -1.12 7.72
C GLU A 66 12.83 -1.23 6.30
N GLU A 67 12.99 -0.11 5.60
CA GLU A 67 13.45 -0.09 4.20
C GLU A 67 14.97 -0.33 4.05
N GLN A 68 15.73 -0.08 5.11
CA GLN A 68 17.12 -0.51 5.32
C GLN A 68 17.41 -0.69 6.83
N ASN A 69 18.44 -1.48 7.17
CA ASN A 69 18.80 -1.82 8.56
C ASN A 69 20.32 -1.91 8.82
N ARG A 70 21.15 -1.46 7.86
CA ARG A 70 22.62 -1.41 7.98
C ARG A 70 23.10 -0.22 8.80
N GLY B 1 -26.36 -1.97 9.85
CA GLY B 1 -27.21 -2.79 8.97
C GLY B 1 -26.39 -3.69 8.05
N PRO B 2 -26.85 -3.95 6.82
CA PRO B 2 -26.13 -4.76 5.83
C PRO B 2 -24.74 -4.20 5.44
N GLY B 3 -23.89 -5.07 4.90
CA GLY B 3 -22.53 -4.73 4.43
C GLY B 3 -21.85 -5.88 3.67
N SER B 4 -20.72 -5.59 3.03
CA SER B 4 -19.92 -6.54 2.24
C SER B 4 -18.46 -6.10 2.10
N MET B 5 -17.57 -7.00 1.66
CA MET B 5 -16.15 -6.73 1.40
C MET B 5 -15.92 -5.76 0.23
N CYS B 6 -14.74 -5.14 0.19
CA CYS B 6 -14.32 -4.21 -0.87
C CYS B 6 -12.83 -4.43 -1.24
N MET B 7 -12.50 -4.32 -2.52
CA MET B 7 -11.18 -4.62 -3.11
C MET B 7 -10.56 -3.41 -3.81
N ALA B 8 -9.23 -3.37 -3.86
CA ALA B 8 -8.45 -2.31 -4.48
C ALA B 8 -8.34 -2.44 -6.01
N LYS B 9 -7.81 -1.39 -6.64
CA LYS B 9 -7.25 -1.42 -8.01
C LYS B 9 -5.78 -0.99 -8.00
N VAL B 10 -4.92 -1.79 -8.62
CA VAL B 10 -3.47 -1.55 -8.69
C VAL B 10 -3.08 -0.93 -10.04
N VAL B 11 -2.11 -0.02 -10.05
CA VAL B 11 -1.49 0.55 -11.25
C VAL B 11 0.03 0.59 -11.12
N LEU B 12 0.75 0.36 -12.23
CA LEU B 12 2.21 0.35 -12.31
C LEU B 12 2.71 0.84 -13.69
N THR B 13 3.96 1.32 -13.73
CA THR B 13 4.66 1.73 -14.95
C THR B 13 5.84 0.80 -15.25
N LYS B 14 5.94 0.33 -16.49
CA LYS B 14 7.02 -0.54 -17.00
C LYS B 14 8.30 0.26 -17.34
N ALA B 15 9.43 -0.45 -17.44
CA ALA B 15 10.67 0.10 -18.02
C ALA B 15 10.50 0.50 -19.51
N ASP B 16 9.50 -0.07 -20.21
CA ASP B 16 9.10 0.33 -21.58
C ASP B 16 8.43 1.73 -21.66
N GLY B 17 8.08 2.33 -20.53
CA GLY B 17 7.28 3.57 -20.43
C GLY B 17 5.76 3.37 -20.54
N GLY B 18 5.31 2.18 -20.91
CA GLY B 18 3.90 1.78 -20.87
C GLY B 18 3.39 1.51 -19.44
N ARG B 19 2.08 1.38 -19.26
CA ARG B 19 1.41 1.16 -17.96
C ARG B 19 0.46 -0.04 -17.97
N VAL B 20 0.28 -0.62 -16.79
CA VAL B 20 -0.54 -1.83 -16.54
C VAL B 20 -1.44 -1.60 -15.32
N GLU B 21 -2.68 -2.11 -15.36
CA GLU B 21 -3.68 -2.01 -14.30
C GLU B 21 -4.31 -3.37 -13.95
N ILE B 22 -4.71 -3.55 -12.69
CA ILE B 22 -5.30 -4.79 -12.15
C ILE B 22 -6.49 -4.44 -11.24
N GLY B 23 -7.68 -4.98 -11.55
CA GLY B 23 -8.90 -4.81 -10.76
C GLY B 23 -9.16 -5.93 -9.76
N ASP B 24 -10.12 -5.71 -8.84
CA ASP B 24 -10.63 -6.70 -7.87
C ASP B 24 -9.54 -7.33 -6.96
N VAL B 25 -8.55 -6.52 -6.59
CA VAL B 25 -7.36 -6.91 -5.80
C VAL B 25 -7.70 -7.11 -4.32
N LEU B 26 -7.50 -8.33 -3.82
CA LEU B 26 -7.56 -8.66 -2.39
C LEU B 26 -6.27 -8.27 -1.64
N GLU B 27 -5.09 -8.38 -2.27
CA GLU B 27 -3.81 -8.24 -1.56
C GLU B 27 -2.66 -7.82 -2.47
N VAL B 28 -1.71 -7.05 -1.93
CA VAL B 28 -0.46 -6.62 -2.58
C VAL B 28 0.72 -6.80 -1.60
N ARG B 29 1.86 -7.29 -2.09
CA ARG B 29 3.01 -7.70 -1.26
C ARG B 29 4.33 -7.28 -1.91
N ALA B 30 5.20 -6.59 -1.17
CA ALA B 30 6.57 -6.26 -1.59
C ALA B 30 7.58 -7.19 -0.91
N GLU B 31 8.37 -7.94 -1.69
CA GLU B 31 9.35 -8.91 -1.20
C GLU B 31 10.43 -9.24 -2.27
N GLY B 32 11.71 -9.32 -1.86
CA GLY B 32 12.80 -9.78 -2.73
C GLY B 32 13.14 -8.84 -3.90
N GLY B 33 12.86 -7.53 -3.76
CA GLY B 33 13.03 -6.54 -4.83
C GLY B 33 11.94 -6.60 -5.91
N ALA B 34 10.77 -7.15 -5.59
CA ALA B 34 9.62 -7.31 -6.49
C ALA B 34 8.29 -7.05 -5.75
N VAL B 35 7.24 -6.72 -6.49
CA VAL B 35 5.86 -6.67 -5.98
C VAL B 35 4.99 -7.77 -6.58
N ARG B 36 4.10 -8.35 -5.77
CA ARG B 36 3.15 -9.41 -6.13
C ARG B 36 1.73 -9.01 -5.74
N VAL B 37 0.74 -9.51 -6.48
CA VAL B 37 -0.68 -9.13 -6.35
C VAL B 37 -1.59 -10.35 -6.42
N THR B 38 -2.68 -10.36 -5.65
CA THR B 38 -3.70 -11.43 -5.65
C THR B 38 -5.13 -10.85 -5.76
N THR B 39 -5.97 -11.42 -6.62
CA THR B 39 -7.37 -11.04 -6.83
C THR B 39 -8.36 -12.04 -6.25
N LEU B 40 -9.65 -11.68 -6.15
CA LEU B 40 -10.71 -12.61 -5.70
C LEU B 40 -11.01 -13.77 -6.67
N PHE B 41 -10.44 -13.76 -7.88
CA PHE B 41 -10.45 -14.90 -8.81
C PHE B 41 -9.40 -15.98 -8.45
N ASP B 42 -8.64 -15.78 -7.37
CA ASP B 42 -7.44 -16.56 -7.00
C ASP B 42 -6.32 -16.52 -8.07
N GLU B 43 -6.34 -15.48 -8.91
CA GLU B 43 -5.28 -15.19 -9.89
C GLU B 43 -4.14 -14.39 -9.24
N GLU B 44 -2.90 -14.69 -9.62
CA GLU B 44 -1.68 -14.10 -9.06
C GLU B 44 -0.81 -13.41 -10.13
N HIS B 45 -0.08 -12.38 -9.70
CA HIS B 45 0.81 -11.57 -10.55
C HIS B 45 2.14 -11.29 -9.85
N ALA B 46 3.20 -11.01 -10.61
CA ALA B 46 4.53 -10.67 -10.12
C ALA B 46 5.24 -9.64 -11.03
N PHE B 47 5.91 -8.66 -10.41
CA PHE B 47 6.53 -7.51 -11.03
C PHE B 47 7.90 -7.19 -10.40
N PRO B 48 9.00 -7.76 -10.93
CA PRO B 48 10.34 -7.50 -10.43
C PRO B 48 10.79 -6.06 -10.71
N GLY B 49 11.58 -5.50 -9.80
CA GLY B 49 12.10 -4.12 -9.83
C GLY B 49 11.14 -3.06 -9.26
N LEU B 50 9.96 -3.45 -8.77
CA LEU B 50 8.98 -2.54 -8.14
C LEU B 50 9.00 -2.57 -6.59
N ALA B 51 8.42 -1.53 -6.01
CA ALA B 51 8.01 -1.40 -4.61
C ALA B 51 6.65 -0.68 -4.51
N ILE B 52 5.91 -0.87 -3.41
CA ILE B 52 4.63 -0.17 -3.18
C ILE B 52 4.90 1.31 -2.86
N GLY B 53 4.40 2.22 -3.70
CA GLY B 53 4.69 3.66 -3.61
C GLY B 53 3.61 4.48 -2.89
N ARG B 54 2.33 4.12 -3.07
CA ARG B 54 1.18 4.90 -2.56
C ARG B 54 -0.08 4.03 -2.42
N VAL B 55 -0.92 4.36 -1.44
CA VAL B 55 -2.30 3.86 -1.33
C VAL B 55 -3.25 5.04 -1.07
N ASP B 56 -4.34 5.12 -1.83
CA ASP B 56 -5.40 6.13 -1.69
C ASP B 56 -6.75 5.44 -1.47
N LEU B 57 -7.31 5.55 -0.27
CA LEU B 57 -8.54 4.87 0.15
C LEU B 57 -9.83 5.56 -0.33
N ARG B 58 -9.71 6.82 -0.78
CA ARG B 58 -10.82 7.62 -1.35
C ARG B 58 -11.28 7.04 -2.69
N SER B 59 -10.36 6.56 -3.53
CA SER B 59 -10.64 5.83 -4.79
C SER B 59 -10.38 4.31 -4.70
N GLY B 60 -9.70 3.83 -3.66
CA GLY B 60 -9.24 2.43 -3.54
C GLY B 60 -8.06 2.08 -4.44
N VAL B 61 -7.22 3.06 -4.76
CA VAL B 61 -6.05 2.95 -5.65
C VAL B 61 -4.80 2.51 -4.88
N ILE B 62 -4.02 1.61 -5.47
CA ILE B 62 -2.65 1.27 -5.08
C ILE B 62 -1.72 1.60 -6.27
N SER B 63 -0.68 2.40 -6.03
CA SER B 63 0.32 2.75 -7.05
C SER B 63 1.68 2.12 -6.72
N LEU B 64 2.25 1.41 -7.69
CA LEU B 64 3.60 0.83 -7.60
C LEU B 64 4.62 1.69 -8.36
N ILE B 65 5.85 1.73 -7.85
CA ILE B 65 6.98 2.53 -8.37
C ILE B 65 8.25 1.69 -8.47
N GLU B 66 9.19 2.07 -9.32
CA GLU B 66 10.49 1.39 -9.45
C GLU B 66 11.34 1.59 -8.17
N GLU B 67 11.89 0.50 -7.65
CA GLU B 67 12.43 0.43 -6.27
C GLU B 67 13.73 1.21 -6.01
N GLN B 68 14.32 1.82 -7.05
CA GLN B 68 15.48 2.73 -6.96
C GLN B 68 15.20 4.16 -7.46
N ASN B 69 13.94 4.46 -7.72
CA ASN B 69 13.41 5.75 -8.17
C ASN B 69 12.57 6.41 -7.07
N ARG B 70 13.11 6.37 -5.84
CA ARG B 70 12.45 6.78 -4.57
C ARG B 70 13.40 7.48 -3.60
N GLY A 1 -23.65 5.96 -4.47
CA GLY A 1 -23.49 4.50 -4.49
C GLY A 1 -24.15 3.85 -3.28
N PRO A 2 -25.08 2.89 -3.47
CA PRO A 2 -25.77 2.20 -2.36
C PRO A 2 -24.85 1.34 -1.48
N GLY A 3 -23.82 0.71 -2.07
CA GLY A 3 -22.80 -0.06 -1.35
C GLY A 3 -21.73 0.83 -0.69
N SER A 4 -21.17 0.39 0.44
CA SER A 4 -20.16 1.15 1.20
C SER A 4 -19.24 0.25 2.05
N MET A 5 -18.09 0.79 2.44
CA MET A 5 -17.10 0.15 3.33
C MET A 5 -16.22 1.21 4.04
N CYS A 6 -15.54 0.78 5.10
CA CYS A 6 -14.65 1.61 5.91
C CYS A 6 -13.25 1.76 5.27
N MET A 7 -12.57 2.88 5.55
CA MET A 7 -11.16 3.08 5.21
C MET A 7 -10.24 2.11 5.98
N ALA A 8 -9.00 1.96 5.48
CA ALA A 8 -7.95 1.13 6.09
C ALA A 8 -7.39 1.71 7.41
N LYS A 9 -6.42 1.00 8.00
CA LYS A 9 -5.49 1.48 9.04
C LYS A 9 -4.03 1.13 8.70
N VAL A 10 -3.08 1.97 9.12
CA VAL A 10 -1.63 1.73 8.96
C VAL A 10 -1.04 1.20 10.27
N VAL A 11 -0.04 0.31 10.21
CA VAL A 11 0.66 -0.26 11.38
C VAL A 11 2.18 -0.40 11.14
N LEU A 12 2.97 -0.13 12.18
CA LEU A 12 4.44 -0.16 12.18
C LEU A 12 5.03 -0.48 13.56
N THR A 13 6.27 -0.98 13.58
CA THR A 13 7.08 -1.22 14.78
C THR A 13 8.34 -0.34 14.77
N LYS A 14 8.63 0.31 15.91
CA LYS A 14 9.77 1.22 16.13
C LYS A 14 11.05 0.46 16.51
N ALA A 15 12.21 1.10 16.41
CA ALA A 15 13.51 0.51 16.75
C ALA A 15 13.65 0.11 18.24
N ASP A 16 12.90 0.76 19.14
CA ASP A 16 12.80 0.40 20.57
C ASP A 16 11.82 -0.77 20.86
N GLY A 17 11.18 -1.33 19.84
CA GLY A 17 10.20 -2.43 19.96
C GLY A 17 8.76 -2.01 20.30
N GLY A 18 8.49 -0.71 20.50
CA GLY A 18 7.15 -0.15 20.60
C GLY A 18 6.42 -0.13 19.24
N ARG A 19 5.10 0.02 19.25
CA ARG A 19 4.24 0.00 18.04
C ARG A 19 3.31 1.21 17.94
N VAL A 20 2.97 1.57 16.72
CA VAL A 20 2.11 2.72 16.37
C VAL A 20 1.08 2.29 15.31
N GLU A 21 -0.16 2.74 15.48
CA GLU A 21 -1.28 2.53 14.54
C GLU A 21 -1.91 3.86 14.13
N ILE A 22 -2.32 3.97 12.86
CA ILE A 22 -2.95 5.16 12.27
C ILE A 22 -4.27 4.75 11.60
N GLY A 23 -5.38 4.90 12.31
CA GLY A 23 -6.73 4.59 11.82
C GLY A 23 -7.35 5.70 10.95
N ASP A 24 -8.39 5.35 10.19
CA ASP A 24 -9.13 6.26 9.30
C ASP A 24 -8.21 7.01 8.30
N VAL A 25 -7.21 6.31 7.75
CA VAL A 25 -6.26 6.85 6.78
C VAL A 25 -6.92 7.11 5.42
N LEU A 26 -6.63 8.26 4.81
CA LEU A 26 -7.08 8.60 3.46
C LEU A 26 -6.00 8.40 2.39
N GLU A 27 -4.72 8.58 2.74
CA GLU A 27 -3.59 8.47 1.82
C GLU A 27 -2.28 8.09 2.54
N VAL A 28 -1.45 7.27 1.89
CA VAL A 28 -0.09 6.87 2.33
C VAL A 28 0.87 6.92 1.14
N ARG A 29 2.12 7.35 1.38
CA ARG A 29 3.23 7.36 0.39
C ARG A 29 4.52 6.84 1.01
N ALA A 30 5.27 6.04 0.27
CA ALA A 30 6.68 5.75 0.52
C ALA A 30 7.55 6.72 -0.30
N GLU A 31 8.58 7.29 0.35
CA GLU A 31 9.49 8.30 -0.19
C GLU A 31 10.96 7.91 0.03
N GLY A 32 11.91 8.72 -0.47
CA GLY A 32 13.35 8.41 -0.52
C GLY A 32 14.07 8.17 0.82
N GLY A 33 13.40 8.39 1.96
CA GLY A 33 13.91 8.07 3.30
C GLY A 33 12.85 7.90 4.40
N ALA A 34 11.55 7.83 4.05
CA ALA A 34 10.43 7.79 5.01
C ALA A 34 9.14 7.28 4.38
N VAL A 35 8.20 6.81 5.22
CA VAL A 35 6.76 6.76 4.90
C VAL A 35 6.07 8.03 5.43
N ARG A 36 5.10 8.56 4.67
CA ARG A 36 4.22 9.68 5.06
C ARG A 36 2.75 9.33 4.83
N VAL A 37 1.86 9.79 5.70
CA VAL A 37 0.44 9.37 5.76
C VAL A 37 -0.47 10.46 6.32
N THR A 38 -1.67 10.58 5.75
CA THR A 38 -2.69 11.60 6.11
C THR A 38 -4.05 10.97 6.42
N THR A 39 -4.73 11.48 7.45
CA THR A 39 -5.97 10.91 8.03
C THR A 39 -7.23 11.72 7.75
N LEU A 40 -8.40 11.11 8.02
CA LEU A 40 -9.73 11.71 8.02
C LEU A 40 -9.84 12.95 8.93
N PHE A 41 -9.03 13.01 10.00
CA PHE A 41 -8.99 14.12 10.96
C PHE A 41 -8.16 15.33 10.47
N ASP A 42 -7.70 15.30 9.21
CA ASP A 42 -6.75 16.24 8.59
C ASP A 42 -5.35 16.27 9.27
N GLU A 43 -5.05 15.30 10.15
CA GLU A 43 -3.72 15.11 10.75
C GLU A 43 -2.81 14.31 9.80
N GLU A 44 -1.50 14.61 9.82
CA GLU A 44 -0.48 14.06 8.92
C GLU A 44 0.78 13.67 9.69
N HIS A 45 1.34 12.50 9.36
CA HIS A 45 2.45 11.85 10.08
C HIS A 45 3.59 11.48 9.13
N ALA A 46 4.82 11.43 9.67
CA ALA A 46 6.02 10.93 8.99
C ALA A 46 6.79 9.91 9.84
N PHE A 47 7.28 8.85 9.20
CA PHE A 47 8.00 7.73 9.81
C PHE A 47 9.28 7.40 9.03
N PRO A 48 10.43 8.00 9.41
CA PRO A 48 11.71 7.82 8.70
C PRO A 48 12.26 6.38 8.79
N GLY A 49 12.95 5.96 7.73
CA GLY A 49 13.54 4.62 7.57
C GLY A 49 12.56 3.51 7.15
N LEU A 50 11.27 3.82 6.98
CA LEU A 50 10.24 2.86 6.54
C LEU A 50 9.94 2.89 5.03
N ALA A 51 9.32 1.82 4.54
CA ALA A 51 8.62 1.70 3.27
C ALA A 51 7.32 0.88 3.44
N ILE A 52 6.37 0.98 2.49
CA ILE A 52 5.13 0.19 2.51
C ILE A 52 5.47 -1.27 2.14
N GLY A 53 5.22 -2.21 3.06
CA GLY A 53 5.56 -3.63 2.90
C GLY A 53 4.44 -4.48 2.32
N ARG A 54 3.19 -4.27 2.78
CA ARG A 54 2.02 -5.08 2.43
C ARG A 54 0.71 -4.32 2.62
N VAL A 55 -0.28 -4.61 1.78
CA VAL A 55 -1.66 -4.08 1.84
C VAL A 55 -2.65 -5.24 1.72
N ASP A 56 -3.42 -5.49 2.79
CA ASP A 56 -4.51 -6.46 2.84
C ASP A 56 -5.86 -5.77 2.62
N LEU A 57 -6.48 -5.97 1.46
CA LEU A 57 -7.84 -5.46 1.19
C LEU A 57 -8.90 -6.34 1.87
N ARG A 58 -8.56 -7.59 2.22
CA ARG A 58 -9.41 -8.53 2.98
C ARG A 58 -9.69 -8.09 4.43
N SER A 59 -8.82 -7.25 5.00
CA SER A 59 -8.92 -6.78 6.40
C SER A 59 -8.74 -5.26 6.59
N GLY A 60 -8.34 -4.53 5.55
CA GLY A 60 -8.12 -3.08 5.58
C GLY A 60 -6.85 -2.67 6.35
N VAL A 61 -5.74 -3.38 6.16
CA VAL A 61 -4.47 -3.16 6.89
C VAL A 61 -3.32 -2.86 5.92
N ILE A 62 -2.65 -1.73 6.16
CA ILE A 62 -1.40 -1.31 5.51
C ILE A 62 -0.24 -1.54 6.50
N SER A 63 0.63 -2.53 6.21
CA SER A 63 1.78 -2.89 7.04
C SER A 63 3.07 -2.24 6.49
N LEU A 64 3.79 -1.50 7.34
CA LEU A 64 5.07 -0.88 7.00
C LEU A 64 6.26 -1.75 7.47
N ILE A 65 7.39 -1.66 6.76
CA ILE A 65 8.65 -2.38 7.03
C ILE A 65 9.84 -1.42 6.95
N GLU A 66 10.94 -1.73 7.63
CA GLU A 66 12.20 -0.99 7.52
C GLU A 66 12.81 -1.17 6.12
N GLU A 67 13.07 -0.08 5.42
CA GLU A 67 13.44 -0.09 4.00
C GLU A 67 14.86 -0.60 3.72
N GLN A 68 15.74 -0.64 4.74
CA GLN A 68 17.13 -1.10 4.66
C GLN A 68 17.32 -2.62 4.48
N ASN A 69 16.21 -3.33 4.30
CA ASN A 69 16.11 -4.74 3.93
C ASN A 69 16.11 -4.97 2.39
N ARG A 70 16.33 -3.92 1.59
CA ARG A 70 16.33 -3.92 0.11
C ARG A 70 17.58 -3.21 -0.44
N GLY B 1 -25.79 -4.67 -5.30
CA GLY B 1 -24.85 -5.80 -5.24
C GLY B 1 -24.69 -6.35 -3.83
N PRO B 2 -24.60 -7.68 -3.65
CA PRO B 2 -24.50 -8.31 -2.34
C PRO B 2 -23.18 -8.01 -1.61
N GLY B 3 -23.20 -8.09 -0.28
CA GLY B 3 -22.03 -7.90 0.60
C GLY B 3 -21.63 -6.44 0.89
N SER B 4 -22.11 -5.47 0.09
CA SER B 4 -21.87 -4.02 0.18
C SER B 4 -20.41 -3.54 -0.04
N MET B 5 -19.42 -4.30 0.44
CA MET B 5 -17.98 -4.06 0.29
C MET B 5 -17.53 -4.09 -1.18
N CYS B 6 -16.50 -3.30 -1.53
CA CYS B 6 -15.87 -3.31 -2.85
C CYS B 6 -14.34 -3.11 -2.75
N MET B 7 -13.59 -3.94 -3.47
CA MET B 7 -12.12 -3.97 -3.48
C MET B 7 -11.47 -2.74 -4.17
N ALA B 8 -10.20 -2.51 -3.85
CA ALA B 8 -9.32 -1.57 -4.55
C ALA B 8 -8.89 -2.07 -5.95
N LYS B 9 -7.95 -1.36 -6.56
CA LYS B 9 -7.20 -1.75 -7.78
C LYS B 9 -5.72 -1.35 -7.70
N VAL B 10 -4.84 -2.06 -8.40
CA VAL B 10 -3.39 -1.77 -8.49
C VAL B 10 -3.04 -1.16 -9.85
N VAL B 11 -2.05 -0.25 -9.89
CA VAL B 11 -1.48 0.35 -11.10
C VAL B 11 0.05 0.47 -11.04
N LEU B 12 0.71 0.29 -12.19
CA LEU B 12 2.12 0.58 -12.43
C LEU B 12 2.33 1.12 -13.86
N THR B 13 3.45 1.82 -14.10
CA THR B 13 3.82 2.36 -15.42
C THR B 13 5.19 1.84 -15.87
N LYS B 14 5.25 1.34 -17.11
CA LYS B 14 6.44 0.75 -17.75
C LYS B 14 7.39 1.81 -18.33
N ALA B 15 8.64 1.43 -18.58
CA ALA B 15 9.63 2.28 -19.26
C ALA B 15 9.23 2.68 -20.69
N ASP B 16 8.38 1.89 -21.36
CA ASP B 16 7.77 2.19 -22.66
C ASP B 16 6.65 3.25 -22.60
N GLY B 17 6.26 3.69 -21.40
CA GLY B 17 5.22 4.71 -21.15
C GLY B 17 3.78 4.18 -21.08
N GLY B 18 3.57 2.88 -21.31
CA GLY B 18 2.29 2.19 -21.12
C GLY B 18 2.09 1.73 -19.67
N ARG B 19 0.83 1.65 -19.22
CA ARG B 19 0.48 1.15 -17.86
C ARG B 19 0.09 -0.32 -17.85
N VAL B 20 0.16 -0.94 -16.67
CA VAL B 20 -0.45 -2.23 -16.33
C VAL B 20 -1.29 -2.06 -15.06
N GLU B 21 -2.51 -2.63 -15.06
CA GLU B 21 -3.52 -2.43 -14.02
C GLU B 21 -4.22 -3.74 -13.63
N ILE B 22 -4.57 -3.88 -12.34
CA ILE B 22 -5.18 -5.09 -11.77
C ILE B 22 -6.40 -4.72 -10.90
N GLY B 23 -7.61 -5.02 -11.38
CA GLY B 23 -8.85 -4.85 -10.62
C GLY B 23 -9.18 -6.03 -9.68
N ASP B 24 -10.15 -5.82 -8.78
CA ASP B 24 -10.68 -6.83 -7.86
C ASP B 24 -9.61 -7.51 -6.98
N VAL B 25 -8.60 -6.72 -6.56
CA VAL B 25 -7.45 -7.19 -5.76
C VAL B 25 -7.82 -7.44 -4.30
N LEU B 26 -7.38 -8.58 -3.75
CA LEU B 26 -7.55 -8.97 -2.35
C LEU B 26 -6.32 -8.64 -1.49
N GLU B 27 -5.12 -8.66 -2.09
CA GLU B 27 -3.84 -8.62 -1.37
C GLU B 27 -2.69 -8.15 -2.27
N VAL B 28 -1.79 -7.30 -1.76
CA VAL B 28 -0.57 -6.79 -2.44
C VAL B 28 0.60 -6.75 -1.46
N ARG B 29 1.80 -7.17 -1.88
CA ARG B 29 2.98 -7.33 -1.01
C ARG B 29 4.30 -7.18 -1.76
N ALA B 30 5.29 -6.54 -1.12
CA ALA B 30 6.64 -6.36 -1.63
C ALA B 30 7.58 -7.42 -1.05
N GLU B 31 8.31 -8.14 -1.91
CA GLU B 31 9.07 -9.33 -1.56
C GLU B 31 10.30 -9.52 -2.47
N GLY B 32 11.50 -9.64 -1.89
CA GLY B 32 12.73 -9.97 -2.63
C GLY B 32 13.15 -8.97 -3.72
N GLY B 33 12.73 -7.71 -3.63
CA GLY B 33 12.94 -6.67 -4.67
C GLY B 33 11.90 -6.69 -5.80
N ALA B 34 10.77 -7.36 -5.61
CA ALA B 34 9.61 -7.41 -6.49
C ALA B 34 8.31 -7.06 -5.76
N VAL B 35 7.22 -6.85 -6.49
CA VAL B 35 5.84 -6.79 -5.93
C VAL B 35 5.00 -7.95 -6.47
N ARG B 36 4.18 -8.56 -5.60
CA ARG B 36 3.17 -9.58 -5.91
C ARG B 36 1.77 -9.09 -5.54
N VAL B 37 0.76 -9.45 -6.32
CA VAL B 37 -0.64 -9.01 -6.16
C VAL B 37 -1.64 -10.10 -6.55
N THR B 38 -2.66 -10.34 -5.73
CA THR B 38 -3.56 -11.50 -5.83
C THR B 38 -5.04 -11.10 -5.89
N THR B 39 -5.82 -11.69 -6.79
CA THR B 39 -7.24 -11.36 -7.04
C THR B 39 -8.21 -12.43 -6.53
N LEU B 40 -9.52 -12.11 -6.47
CA LEU B 40 -10.59 -13.08 -6.14
C LEU B 40 -10.82 -14.18 -7.21
N PHE B 41 -10.17 -14.10 -8.36
CA PHE B 41 -10.14 -15.17 -9.38
C PHE B 41 -9.15 -16.30 -9.02
N ASP B 42 -8.45 -16.20 -7.88
CA ASP B 42 -7.27 -16.98 -7.50
C ASP B 42 -6.09 -16.83 -8.47
N GLU B 43 -6.10 -15.78 -9.29
CA GLU B 43 -5.01 -15.38 -10.17
C GLU B 43 -4.04 -14.44 -9.42
N GLU B 44 -2.73 -14.67 -9.58
CA GLU B 44 -1.65 -13.90 -8.93
C GLU B 44 -0.68 -13.33 -9.97
N HIS B 45 -0.33 -12.06 -9.82
CA HIS B 45 0.58 -11.28 -10.68
C HIS B 45 1.90 -11.00 -9.94
N ALA B 46 3.00 -10.87 -10.68
CA ALA B 46 4.33 -10.55 -10.14
C ALA B 46 5.08 -9.55 -11.04
N PHE B 47 5.75 -8.58 -10.41
CA PHE B 47 6.41 -7.45 -11.05
C PHE B 47 7.78 -7.18 -10.41
N PRO B 48 8.87 -7.76 -10.97
CA PRO B 48 10.22 -7.59 -10.45
C PRO B 48 10.77 -6.17 -10.67
N GLY B 49 11.58 -5.70 -9.72
CA GLY B 49 12.15 -4.34 -9.69
C GLY B 49 11.24 -3.25 -9.09
N LEU B 50 10.01 -3.60 -8.67
CA LEU B 50 9.06 -2.67 -8.04
C LEU B 50 9.05 -2.75 -6.51
N ALA B 51 8.45 -1.71 -5.90
CA ALA B 51 7.99 -1.61 -4.52
C ALA B 51 6.65 -0.86 -4.47
N ILE B 52 5.87 -1.03 -3.39
CA ILE B 52 4.60 -0.31 -3.20
C ILE B 52 4.94 1.16 -2.87
N GLY B 53 4.54 2.09 -3.75
CA GLY B 53 4.90 3.50 -3.69
C GLY B 53 3.88 4.42 -3.02
N ARG B 54 2.58 4.19 -3.28
CA ARG B 54 1.47 5.04 -2.80
C ARG B 54 0.16 4.27 -2.70
N VAL B 55 -0.72 4.67 -1.77
CA VAL B 55 -2.07 4.13 -1.59
C VAL B 55 -3.05 5.27 -1.28
N ASP B 56 -4.21 5.32 -1.94
CA ASP B 56 -5.29 6.28 -1.66
C ASP B 56 -6.62 5.55 -1.39
N LEU B 57 -7.14 5.65 -0.16
CA LEU B 57 -8.36 5.00 0.29
C LEU B 57 -9.64 5.74 -0.17
N ARG B 58 -9.52 7.05 -0.46
CA ARG B 58 -10.58 7.86 -1.07
C ARG B 58 -10.90 7.42 -2.51
N SER B 59 -9.87 7.10 -3.30
CA SER B 59 -10.00 6.60 -4.67
C SER B 59 -10.13 5.07 -4.77
N GLY B 60 -9.60 4.35 -3.75
CA GLY B 60 -9.52 2.89 -3.75
C GLY B 60 -8.43 2.35 -4.68
N VAL B 61 -7.21 2.90 -4.58
CA VAL B 61 -6.09 2.58 -5.51
C VAL B 61 -4.76 2.37 -4.78
N ILE B 62 -3.97 1.43 -5.31
CA ILE B 62 -2.59 1.11 -4.93
C ILE B 62 -1.69 1.41 -6.14
N SER B 63 -0.57 2.10 -5.93
CA SER B 63 0.36 2.54 -6.98
C SER B 63 1.79 2.07 -6.69
N LEU B 64 2.40 1.38 -7.66
CA LEU B 64 3.74 0.81 -7.57
C LEU B 64 4.79 1.70 -8.26
N ILE B 65 6.02 1.67 -7.75
CA ILE B 65 7.18 2.43 -8.25
C ILE B 65 8.41 1.52 -8.38
N GLU B 66 9.34 1.87 -9.27
CA GLU B 66 10.64 1.17 -9.38
C GLU B 66 11.51 1.47 -8.15
N GLU B 67 11.98 0.42 -7.46
CA GLU B 67 12.76 0.55 -6.22
C GLU B 67 14.21 1.04 -6.46
N GLN B 68 14.69 0.99 -7.72
CA GLN B 68 16.01 1.49 -8.15
C GLN B 68 16.16 3.02 -8.18
N ASN B 69 15.13 3.72 -7.69
CA ASN B 69 15.17 5.16 -7.38
C ASN B 69 15.85 5.48 -6.03
N ARG B 70 16.10 4.46 -5.21
CA ARG B 70 16.80 4.52 -3.91
C ARG B 70 18.33 4.57 -4.08
N GLY A 1 -27.03 2.88 0.90
CA GLY A 1 -26.42 4.21 1.08
C GLY A 1 -25.12 4.36 0.29
N PRO A 2 -24.50 5.56 0.31
CA PRO A 2 -23.25 5.85 -0.39
C PRO A 2 -22.04 5.11 0.21
N GLY A 3 -21.01 4.87 -0.60
CA GLY A 3 -19.79 4.15 -0.21
C GLY A 3 -18.60 4.33 -1.16
N SER A 4 -18.55 5.44 -1.90
CA SER A 4 -17.61 5.71 -3.01
C SER A 4 -16.13 5.88 -2.61
N MET A 5 -15.83 5.97 -1.31
CA MET A 5 -14.49 6.16 -0.73
C MET A 5 -14.32 5.33 0.56
N CYS A 6 -13.08 5.07 0.96
CA CYS A 6 -12.73 4.25 2.12
C CYS A 6 -11.49 4.81 2.86
N MET A 7 -11.16 4.21 4.01
CA MET A 7 -9.94 4.48 4.80
C MET A 7 -9.32 3.17 5.31
N ALA A 8 -7.99 3.16 5.46
CA ALA A 8 -7.22 2.02 5.97
C ALA A 8 -6.80 2.18 7.45
N LYS A 9 -6.45 1.05 8.07
CA LYS A 9 -5.57 1.00 9.24
C LYS A 9 -4.13 0.83 8.77
N VAL A 10 -3.21 1.68 9.22
CA VAL A 10 -1.75 1.52 9.00
C VAL A 10 -1.07 1.03 10.29
N VAL A 11 -0.12 0.08 10.18
CA VAL A 11 0.64 -0.47 11.31
C VAL A 11 2.13 -0.56 10.99
N LEU A 12 2.98 -0.23 11.97
CA LEU A 12 4.44 -0.26 11.90
C LEU A 12 5.07 -0.64 13.25
N THR A 13 6.34 -1.03 13.24
CA THR A 13 7.16 -1.24 14.44
C THR A 13 8.42 -0.36 14.42
N LYS A 14 8.66 0.36 15.52
CA LYS A 14 9.81 1.29 15.69
C LYS A 14 11.13 0.54 15.92
N ALA A 15 12.25 1.25 15.80
CA ALA A 15 13.59 0.71 16.06
C ALA A 15 13.80 0.25 17.53
N ASP A 16 13.03 0.80 18.47
CA ASP A 16 12.97 0.37 19.88
C ASP A 16 12.12 -0.90 20.12
N GLY A 17 11.48 -1.45 19.08
CA GLY A 17 10.66 -2.66 19.13
C GLY A 17 9.18 -2.44 19.53
N GLY A 18 8.77 -1.20 19.82
CA GLY A 18 7.38 -0.84 20.11
C GLY A 18 6.57 -0.55 18.84
N ARG A 19 5.31 -1.00 18.76
CA ARG A 19 4.42 -0.73 17.62
C ARG A 19 3.78 0.65 17.66
N VAL A 20 3.35 1.12 16.48
CA VAL A 20 2.44 2.25 16.28
C VAL A 20 1.33 1.81 15.31
N GLU A 21 0.08 2.12 15.64
CA GLU A 21 -1.13 1.74 14.88
C GLU A 21 -2.03 2.96 14.67
N ILE A 22 -2.47 3.19 13.43
CA ILE A 22 -3.13 4.43 12.98
C ILE A 22 -4.40 4.09 12.19
N GLY A 23 -5.57 4.37 12.77
CA GLY A 23 -6.88 4.17 12.13
C GLY A 23 -7.29 5.33 11.20
N ASP A 24 -8.27 5.07 10.34
CA ASP A 24 -8.94 6.05 9.47
C ASP A 24 -7.99 6.85 8.55
N VAL A 25 -6.95 6.20 8.01
CA VAL A 25 -6.02 6.79 7.03
C VAL A 25 -6.67 6.89 5.64
N LEU A 26 -6.80 8.11 5.11
CA LEU A 26 -7.32 8.39 3.76
C LEU A 26 -6.30 8.05 2.66
N GLU A 27 -5.03 8.32 2.92
CA GLU A 27 -3.91 8.08 1.99
C GLU A 27 -2.59 7.86 2.74
N VAL A 28 -1.74 6.98 2.21
CA VAL A 28 -0.38 6.67 2.70
C VAL A 28 0.61 6.65 1.54
N ARG A 29 1.80 7.23 1.72
CA ARG A 29 2.85 7.39 0.69
C ARG A 29 4.23 6.99 1.23
N ALA A 30 5.02 6.28 0.44
CA ALA A 30 6.46 6.13 0.65
C ALA A 30 7.18 7.25 -0.11
N GLU A 31 7.81 8.18 0.61
CA GLU A 31 8.30 9.46 0.05
C GLU A 31 9.52 10.01 0.81
N GLY A 32 10.64 10.24 0.11
CA GLY A 32 11.85 10.87 0.65
C GLY A 32 12.54 10.08 1.76
N GLY A 33 12.49 8.75 1.71
CA GLY A 33 13.07 7.85 2.72
C GLY A 33 12.22 7.68 4.00
N ALA A 34 10.94 8.05 3.96
CA ALA A 34 9.98 7.91 5.04
C ALA A 34 8.60 7.46 4.52
N VAL A 35 7.81 6.76 5.33
CA VAL A 35 6.36 6.60 5.06
C VAL A 35 5.56 7.70 5.74
N ARG A 36 4.57 8.26 5.04
CA ARG A 36 3.79 9.45 5.43
C ARG A 36 2.29 9.17 5.28
N VAL A 37 1.47 9.64 6.21
CA VAL A 37 0.01 9.36 6.26
C VAL A 37 -0.82 10.62 6.45
N THR A 38 -2.05 10.61 5.92
CA THR A 38 -3.10 11.61 6.19
C THR A 38 -4.37 10.93 6.69
N THR A 39 -4.89 11.37 7.84
CA THR A 39 -6.10 10.79 8.48
C THR A 39 -7.39 11.56 8.14
N LEU A 40 -8.53 10.90 8.32
CA LEU A 40 -9.88 11.49 8.35
C LEU A 40 -10.02 12.68 9.31
N PHE A 41 -9.24 12.70 10.40
CA PHE A 41 -9.17 13.78 11.39
C PHE A 41 -8.37 15.01 10.94
N ASP A 42 -7.90 15.03 9.68
CA ASP A 42 -6.99 15.99 9.04
C ASP A 42 -5.60 16.12 9.70
N GLU A 43 -5.26 15.21 10.62
CA GLU A 43 -3.93 15.05 11.20
C GLU A 43 -3.01 14.26 10.24
N GLU A 44 -1.72 14.62 10.22
CA GLU A 44 -0.67 13.98 9.40
C GLU A 44 0.53 13.54 10.25
N HIS A 45 1.19 12.46 9.82
CA HIS A 45 2.37 11.87 10.47
C HIS A 45 3.37 11.36 9.43
N ALA A 46 4.65 11.22 9.84
CA ALA A 46 5.74 10.71 9.01
C ALA A 46 6.73 9.85 9.82
N PHE A 47 7.28 8.80 9.21
CA PHE A 47 8.04 7.73 9.84
C PHE A 47 9.28 7.36 9.00
N PRO A 48 10.47 7.94 9.30
CA PRO A 48 11.70 7.69 8.57
C PRO A 48 12.18 6.23 8.61
N GLY A 49 12.82 5.80 7.52
CA GLY A 49 13.43 4.48 7.37
C GLY A 49 12.46 3.36 6.98
N LEU A 50 11.19 3.69 6.72
CA LEU A 50 10.15 2.74 6.30
C LEU A 50 9.83 2.82 4.80
N ALA A 51 9.18 1.77 4.31
CA ALA A 51 8.49 1.65 3.03
C ALA A 51 7.18 0.85 3.20
N ILE A 52 6.21 1.02 2.30
CA ILE A 52 4.93 0.28 2.35
C ILE A 52 5.18 -1.19 2.02
N GLY A 53 4.89 -2.08 2.98
CA GLY A 53 5.22 -3.51 2.92
C GLY A 53 4.14 -4.36 2.26
N ARG A 54 2.93 -4.38 2.84
CA ARG A 54 1.78 -5.13 2.31
C ARG A 54 0.43 -4.48 2.59
N VAL A 55 -0.55 -4.84 1.77
CA VAL A 55 -1.94 -4.37 1.80
C VAL A 55 -2.88 -5.59 1.80
N ASP A 56 -3.81 -5.63 2.76
CA ASP A 56 -4.78 -6.71 2.94
C ASP A 56 -6.22 -6.19 2.92
N LEU A 57 -6.85 -6.18 1.75
CA LEU A 57 -8.21 -5.64 1.55
C LEU A 57 -9.30 -6.53 2.20
N ARG A 58 -8.93 -7.74 2.66
CA ARG A 58 -9.74 -8.62 3.53
C ARG A 58 -10.10 -7.99 4.88
N SER A 59 -9.26 -7.05 5.36
CA SER A 59 -9.40 -6.39 6.67
C SER A 59 -9.17 -4.86 6.62
N GLY A 60 -8.74 -4.32 5.47
CA GLY A 60 -8.40 -2.89 5.32
C GLY A 60 -7.10 -2.47 6.01
N VAL A 61 -6.19 -3.42 6.30
CA VAL A 61 -4.92 -3.18 6.99
C VAL A 61 -3.76 -3.00 6.00
N ILE A 62 -2.89 -2.05 6.29
CA ILE A 62 -1.63 -1.74 5.59
C ILE A 62 -0.47 -1.91 6.58
N SER A 63 0.46 -2.81 6.28
CA SER A 63 1.66 -3.05 7.10
C SER A 63 2.90 -2.40 6.48
N LEU A 64 3.66 -1.66 7.29
CA LEU A 64 4.91 -1.02 6.91
C LEU A 64 6.12 -1.85 7.37
N ILE A 65 7.21 -1.77 6.59
CA ILE A 65 8.48 -2.50 6.80
C ILE A 65 9.67 -1.55 6.59
N GLU A 66 10.86 -1.94 7.06
CA GLU A 66 12.10 -1.16 6.86
C GLU A 66 12.47 -1.11 5.37
N GLU A 67 12.89 0.07 4.88
CA GLU A 67 13.20 0.29 3.46
C GLU A 67 14.48 -0.42 2.95
N GLN A 68 15.28 -0.97 3.87
CA GLN A 68 16.36 -1.93 3.60
C GLN A 68 16.33 -3.07 4.64
N ASN A 69 16.63 -4.29 4.20
CA ASN A 69 16.32 -5.54 4.93
C ASN A 69 17.53 -6.49 5.12
N ARG A 70 18.76 -5.99 4.95
CA ARG A 70 20.04 -6.72 5.06
C ARG A 70 21.09 -5.93 5.87
N GLY B 1 -14.31 8.23 -15.44
CA GLY B 1 -13.96 6.88 -14.99
C GLY B 1 -15.10 5.89 -15.18
N PRO B 2 -14.83 4.57 -15.09
CA PRO B 2 -15.82 3.51 -15.25
C PRO B 2 -16.85 3.48 -14.10
N GLY B 3 -18.03 2.90 -14.36
CA GLY B 3 -19.08 2.69 -13.36
C GLY B 3 -18.75 1.55 -12.37
N SER B 4 -19.31 1.64 -11.16
CA SER B 4 -19.04 0.72 -10.02
C SER B 4 -17.55 0.73 -9.55
N MET B 5 -17.24 -0.07 -8.52
CA MET B 5 -15.92 -0.16 -7.87
C MET B 5 -15.65 -1.54 -7.25
N CYS B 6 -14.42 -1.77 -6.79
CA CYS B 6 -13.94 -3.01 -6.18
C CYS B 6 -13.00 -2.72 -4.99
N MET B 7 -12.57 -3.79 -4.27
CA MET B 7 -11.79 -3.71 -3.04
C MET B 7 -10.51 -2.88 -3.18
N ALA B 8 -9.73 -3.09 -4.25
CA ALA B 8 -8.66 -2.21 -4.70
C ALA B 8 -8.35 -2.40 -6.18
N LYS B 9 -7.60 -1.45 -6.76
CA LYS B 9 -7.01 -1.56 -8.11
C LYS B 9 -5.55 -1.10 -8.12
N VAL B 10 -4.69 -1.91 -8.75
CA VAL B 10 -3.24 -1.66 -8.87
C VAL B 10 -2.90 -1.03 -10.21
N VAL B 11 -1.90 -0.16 -10.25
CA VAL B 11 -1.34 0.46 -11.46
C VAL B 11 0.20 0.53 -11.41
N LEU B 12 0.84 0.28 -12.55
CA LEU B 12 2.31 0.36 -12.73
C LEU B 12 2.70 0.79 -14.15
N THR B 13 3.93 1.26 -14.32
CA THR B 13 4.53 1.68 -15.61
C THR B 13 5.70 0.76 -15.99
N LYS B 14 5.71 0.27 -17.23
CA LYS B 14 6.74 -0.60 -17.81
C LYS B 14 7.98 0.18 -18.28
N ALA B 15 9.09 -0.53 -18.51
CA ALA B 15 10.33 0.03 -19.04
C ALA B 15 10.21 0.58 -20.48
N ASP B 16 9.26 0.07 -21.27
CA ASP B 16 8.93 0.58 -22.62
C ASP B 16 8.05 1.85 -22.63
N GLY B 17 7.68 2.37 -21.46
CA GLY B 17 6.83 3.56 -21.28
C GLY B 17 5.31 3.28 -21.31
N GLY B 18 4.88 2.06 -21.61
CA GLY B 18 3.48 1.61 -21.49
C GLY B 18 3.04 1.38 -20.04
N ARG B 19 1.74 1.22 -19.81
CA ARG B 19 1.14 1.04 -18.47
C ARG B 19 0.23 -0.19 -18.37
N VAL B 20 0.14 -0.74 -17.16
CA VAL B 20 -0.59 -1.96 -16.80
C VAL B 20 -1.50 -1.67 -15.59
N GLU B 21 -2.66 -2.34 -15.52
CA GLU B 21 -3.62 -2.21 -14.42
C GLU B 21 -4.23 -3.56 -14.03
N ILE B 22 -4.56 -3.75 -12.74
CA ILE B 22 -5.22 -4.94 -12.19
C ILE B 22 -6.41 -4.52 -11.31
N GLY B 23 -7.62 -4.99 -11.61
CA GLY B 23 -8.84 -4.79 -10.80
C GLY B 23 -9.18 -6.00 -9.91
N ASP B 24 -10.20 -5.85 -9.05
CA ASP B 24 -10.69 -6.89 -8.12
C ASP B 24 -9.58 -7.42 -7.17
N VAL B 25 -8.64 -6.54 -6.81
CA VAL B 25 -7.45 -6.85 -6.00
C VAL B 25 -7.83 -7.09 -4.53
N LEU B 26 -7.28 -8.15 -3.94
CA LEU B 26 -7.55 -8.57 -2.55
C LEU B 26 -6.30 -8.53 -1.66
N GLU B 27 -5.11 -8.61 -2.26
CA GLU B 27 -3.81 -8.56 -1.58
C GLU B 27 -2.71 -7.98 -2.49
N VAL B 28 -1.80 -7.16 -1.94
CA VAL B 28 -0.59 -6.66 -2.62
C VAL B 28 0.58 -6.59 -1.62
N ARG B 29 1.80 -6.90 -2.04
CA ARG B 29 3.02 -6.81 -1.21
C ARG B 29 4.30 -6.56 -1.98
N ALA B 30 5.20 -5.78 -1.40
CA ALA B 30 6.57 -5.59 -1.85
C ALA B 30 7.44 -6.68 -1.21
N GLU B 31 8.19 -7.43 -2.03
CA GLU B 31 8.85 -8.67 -1.64
C GLU B 31 10.02 -8.99 -2.58
N GLY B 32 11.21 -9.26 -2.02
CA GLY B 32 12.37 -9.77 -2.78
C GLY B 32 12.90 -8.82 -3.88
N GLY B 33 12.68 -7.51 -3.74
CA GLY B 33 13.02 -6.51 -4.77
C GLY B 33 12.01 -6.43 -5.93
N ALA B 34 10.78 -6.90 -5.71
CA ALA B 34 9.66 -6.91 -6.65
C ALA B 34 8.33 -6.58 -5.94
N VAL B 35 7.22 -6.48 -6.69
CA VAL B 35 5.85 -6.48 -6.14
C VAL B 35 5.06 -7.71 -6.60
N ARG B 36 4.30 -8.31 -5.68
CA ARG B 36 3.31 -9.36 -5.92
C ARG B 36 1.91 -8.83 -5.61
N VAL B 37 0.91 -9.25 -6.38
CA VAL B 37 -0.50 -8.85 -6.24
C VAL B 37 -1.44 -9.99 -6.62
N THR B 38 -2.51 -10.19 -5.85
CA THR B 38 -3.48 -11.29 -6.02
C THR B 38 -4.91 -10.75 -5.99
N THR B 39 -5.74 -11.20 -6.95
CA THR B 39 -7.18 -10.90 -7.00
C THR B 39 -8.00 -11.78 -6.06
N LEU B 40 -9.26 -11.42 -5.83
CA LEU B 40 -10.22 -12.26 -5.09
C LEU B 40 -10.62 -13.56 -5.82
N PHE B 41 -10.25 -13.72 -7.09
CA PHE B 41 -10.35 -14.97 -7.84
C PHE B 41 -9.12 -15.90 -7.64
N ASP B 42 -8.21 -15.53 -6.74
CA ASP B 42 -6.91 -16.18 -6.50
C ASP B 42 -5.94 -16.16 -7.69
N GLU B 43 -6.17 -15.29 -8.69
CA GLU B 43 -5.23 -15.06 -9.79
C GLU B 43 -4.10 -14.12 -9.34
N GLU B 44 -2.84 -14.55 -9.52
CA GLU B 44 -1.66 -13.84 -9.00
C GLU B 44 -0.77 -13.26 -10.13
N HIS B 45 -0.29 -12.04 -9.93
CA HIS B 45 0.59 -11.27 -10.82
C HIS B 45 1.85 -10.81 -10.07
N ALA B 46 2.95 -10.63 -10.78
CA ALA B 46 4.23 -10.19 -10.21
C ALA B 46 5.02 -9.26 -11.15
N PHE B 47 5.73 -8.29 -10.56
CA PHE B 47 6.40 -7.19 -11.26
C PHE B 47 7.79 -6.91 -10.63
N PRO B 48 8.88 -7.46 -11.22
CA PRO B 48 10.24 -7.26 -10.75
C PRO B 48 10.71 -5.79 -10.78
N GLY B 49 11.57 -5.44 -9.81
CA GLY B 49 12.17 -4.11 -9.68
C GLY B 49 11.25 -3.03 -9.09
N LEU B 50 9.98 -3.34 -8.81
CA LEU B 50 9.02 -2.40 -8.22
C LEU B 50 8.98 -2.44 -6.69
N ALA B 51 8.40 -1.39 -6.11
CA ALA B 51 7.91 -1.28 -4.74
C ALA B 51 6.58 -0.48 -4.71
N ILE B 52 5.79 -0.61 -3.63
CA ILE B 52 4.54 0.15 -3.46
C ILE B 52 4.88 1.63 -3.16
N GLY B 53 4.44 2.54 -4.02
CA GLY B 53 4.71 3.99 -3.90
C GLY B 53 3.70 4.72 -3.02
N ARG B 54 2.41 4.43 -3.19
CA ARG B 54 1.32 4.97 -2.36
C ARG B 54 0.05 4.10 -2.42
N VAL B 55 -0.77 4.20 -1.37
CA VAL B 55 -2.12 3.62 -1.32
C VAL B 55 -3.11 4.72 -0.97
N ASP B 56 -4.14 4.89 -1.80
CA ASP B 56 -5.04 6.03 -1.82
C ASP B 56 -6.51 5.56 -1.73
N LEU B 57 -6.95 5.32 -0.50
CA LEU B 57 -8.22 4.66 -0.17
C LEU B 57 -9.44 5.52 -0.53
N ARG B 58 -9.24 6.82 -0.78
CA ARG B 58 -10.22 7.76 -1.38
C ARG B 58 -10.73 7.30 -2.75
N SER B 59 -9.93 6.51 -3.47
CA SER B 59 -10.23 5.96 -4.81
C SER B 59 -9.90 4.45 -4.95
N GLY B 60 -9.46 3.79 -3.88
CA GLY B 60 -9.03 2.38 -3.87
C GLY B 60 -7.76 2.07 -4.68
N VAL B 61 -6.96 3.10 -5.00
CA VAL B 61 -5.78 2.98 -5.88
C VAL B 61 -4.54 2.53 -5.11
N ILE B 62 -3.80 1.57 -5.66
CA ILE B 62 -2.47 1.13 -5.22
C ILE B 62 -1.48 1.43 -6.36
N SER B 63 -0.62 2.43 -6.17
CA SER B 63 0.36 2.86 -7.18
C SER B 63 1.74 2.25 -6.93
N LEU B 64 2.35 1.62 -7.95
CA LEU B 64 3.69 1.03 -7.87
C LEU B 64 4.72 1.84 -8.66
N ILE B 65 5.96 1.87 -8.16
CA ILE B 65 7.11 2.60 -8.75
C ILE B 65 8.38 1.75 -8.66
N GLU B 66 9.42 2.07 -9.44
CA GLU B 66 10.72 1.39 -9.36
C GLU B 66 11.40 1.65 -8.00
N GLU B 67 11.96 0.61 -7.39
CA GLU B 67 12.57 0.68 -6.05
C GLU B 67 13.95 1.41 -6.04
N GLN B 68 14.48 1.76 -7.21
CA GLN B 68 15.73 2.51 -7.41
C GLN B 68 15.63 4.04 -7.20
N ASN B 69 14.47 4.51 -6.77
CA ASN B 69 14.15 5.91 -6.45
C ASN B 69 14.60 6.34 -5.03
N ARG B 70 15.71 5.77 -4.54
CA ARG B 70 16.29 6.00 -3.19
C ARG B 70 17.06 7.33 -3.09
#